data_4E4G
#
_entry.id   4E4G
#
_cell.length_a   197.442
_cell.length_b   171.285
_cell.length_c   159.690
_cell.angle_alpha   90.000
_cell.angle_beta   124.030
_cell.angle_gamma   90.000
#
_symmetry.space_group_name_H-M   'C 1 2 1'
#
loop_
_entity.id
_entity.type
_entity.pdbx_description
1 polymer 'Methylmalonate-semialdehyde dehydrogenase'
2 water water
#
_entity_poly.entity_id   1
_entity_poly.type   'polypeptide(L)'
_entity_poly.pdbx_seq_one_letter_code
;(MSE)HHHHHHSSGVDLGTENLYFQS(MSE)(MSE)YELGHFIDGKRVAGTSGRVSNIFNPATGEVQGTVALASDADLAA
AVESAKAAQPKWAATNPQRRARVF(MSE)KFVQLLNDN(MSE)NELAE(MSE)LSREHGKTIDDAKGDIVRGLEVCEFVI
GIPHLQKSEFTEGAGPGID(MSE)YSIRQPVGIGAGITPFNFPG(MSE)IP(MSE)W(MSE)FAPAIACGNAFILKPSER
DPSVPIRLAEL(MSE)IEAGLPAGILNVVNGDKGAVDAILTHPDIAAVSFVGSTPIARYVYGTAA(MSE)NGKRAQCFGG
AKNH(MSE)II(MSE)PDADLDQAANALIGAGYGSAGERC(MSE)AISVAVPVGEETANRLIDKLVP(MSE)VESLRIGP
YTDEKAD(MSE)GPVVTKEAEQRIRSLIDSGIEQGAKLVVDGRDFKLQGYENGHFIGGCLFDDVTPD(MSE)DIYKTEIF
GPVLSVVRARNYEEALSLP(MSE)KHEYGNGVAIYTRDGDAARDFASRINIG(MSE)VGVNVPIPVPLAYHSFGGWKSSS
FGDLNQHGTDSIKFWTRTKTITSRWPSGIKDGAEFSIPT(MSE)R
;
_entity_poly.pdbx_strand_id   A,B,C,D,E,F,G,H
#
# COMPACT_ATOMS: atom_id res chain seq x y z
N MSE A 24 52.14 37.37 -57.24
CA MSE A 24 51.65 38.63 -56.62
C MSE A 24 50.14 38.62 -56.48
O MSE A 24 49.45 38.11 -57.35
CB MSE A 24 52.01 39.84 -57.47
CG MSE A 24 52.14 41.10 -56.63
SE MSE A 24 54.00 41.31 -56.00
CE MSE A 24 53.87 43.18 -55.39
N TYR A 25 49.64 39.20 -55.38
CA TYR A 25 48.20 39.36 -55.17
C TYR A 25 47.86 40.66 -54.45
N GLU A 26 46.59 41.03 -54.55
CA GLU A 26 46.09 42.23 -53.92
C GLU A 26 44.86 41.88 -53.12
N LEU A 27 44.90 42.20 -51.83
CA LEU A 27 43.73 42.01 -50.97
C LEU A 27 43.24 43.36 -50.50
N GLY A 28 41.93 43.54 -50.51
CA GLY A 28 41.28 44.70 -49.91
C GLY A 28 40.55 44.26 -48.66
N HIS A 29 39.23 44.37 -48.70
CA HIS A 29 38.42 44.10 -47.53
C HIS A 29 37.30 43.19 -47.85
N PHE A 30 36.73 42.64 -46.79
CA PHE A 30 35.48 41.92 -46.88
C PHE A 30 34.41 42.78 -46.23
N ILE A 31 33.44 43.17 -47.01
CA ILE A 31 32.33 43.96 -46.58
C ILE A 31 31.12 43.45 -47.28
N ASP A 32 30.09 43.16 -46.54
CA ASP A 32 28.82 42.71 -47.06
C ASP A 32 28.86 41.54 -47.95
N GLY A 33 29.59 40.54 -47.56
CA GLY A 33 29.56 39.22 -48.13
C GLY A 33 30.53 39.00 -49.22
N LYS A 34 31.33 40.01 -49.47
CA LYS A 34 32.14 40.06 -50.68
C LYS A 34 33.56 40.49 -50.38
N ARG A 35 34.48 39.98 -51.18
CA ARG A 35 35.78 40.59 -51.31
C ARG A 35 35.56 41.89 -52.10
N VAL A 36 36.10 42.98 -51.58
CA VAL A 36 35.89 44.31 -52.13
C VAL A 36 37.17 45.17 -52.06
N ALA A 37 37.45 45.94 -53.12
CA ALA A 37 38.58 46.86 -53.17
C ALA A 37 38.32 48.09 -52.30
N GLY A 38 39.40 48.70 -51.81
CA GLY A 38 39.28 49.91 -50.99
C GLY A 38 39.22 51.15 -51.85
N THR A 39 38.33 52.08 -51.52
CA THR A 39 38.21 53.32 -52.29
C THR A 39 39.43 54.23 -52.04
N SER A 40 40.18 53.90 -50.99
CA SER A 40 41.34 54.70 -50.57
C SER A 40 42.49 54.65 -51.57
N GLY A 41 43.35 55.66 -51.55
CA GLY A 41 44.55 55.63 -52.37
C GLY A 41 45.55 54.59 -51.87
N ARG A 42 45.80 54.64 -50.56
CA ARG A 42 46.88 53.90 -49.88
C ARG A 42 46.84 52.37 -49.91
N VAL A 43 48.03 51.77 -49.99
CA VAL A 43 48.21 50.31 -50.00
C VAL A 43 49.46 49.97 -49.17
N SER A 44 49.60 48.73 -48.73
CA SER A 44 50.73 48.31 -47.89
C SER A 44 51.31 46.94 -48.30
N ASN A 45 52.63 46.77 -48.16
CA ASN A 45 53.33 45.54 -48.61
C ASN A 45 53.24 44.27 -47.74
N ILE A 46 53.01 43.12 -48.39
CA ILE A 46 53.06 41.83 -47.73
C ILE A 46 54.34 41.11 -48.19
N PHE A 47 55.18 40.75 -47.23
CA PHE A 47 56.46 40.07 -47.49
C PHE A 47 56.33 38.55 -47.25
N ASN A 48 57.23 37.76 -47.83
CA ASN A 48 57.44 36.38 -47.41
C ASN A 48 58.69 36.34 -46.52
N PRO A 49 58.49 36.19 -45.20
CA PRO A 49 59.59 36.24 -44.25
C PRO A 49 60.67 35.20 -44.47
N ALA A 50 60.37 34.11 -45.17
CA ALA A 50 61.40 33.11 -45.49
C ALA A 50 62.40 33.65 -46.49
N THR A 51 61.93 34.40 -47.48
CA THR A 51 62.79 34.89 -48.56
C THR A 51 63.00 36.40 -48.55
N GLY A 52 62.13 37.13 -47.86
CA GLY A 52 62.19 38.59 -47.89
C GLY A 52 61.63 39.24 -49.15
N GLU A 53 61.07 38.44 -50.06
CA GLU A 53 60.34 38.95 -51.23
C GLU A 53 59.02 39.63 -50.80
N VAL A 54 58.45 40.42 -51.73
CA VAL A 54 57.10 40.96 -51.54
C VAL A 54 56.17 40.08 -52.37
N GLN A 55 55.23 39.45 -51.69
CA GLN A 55 54.31 38.55 -52.38
C GLN A 55 53.08 39.29 -52.82
N GLY A 56 52.75 40.38 -52.15
CA GLY A 56 51.44 40.99 -52.35
C GLY A 56 51.25 42.22 -51.52
N THR A 57 50.05 42.80 -51.63
CA THR A 57 49.75 44.08 -50.97
C THR A 57 48.33 44.14 -50.38
N VAL A 58 48.18 44.57 -49.12
CA VAL A 58 46.86 44.86 -48.54
C VAL A 58 46.44 46.29 -48.86
N ALA A 59 45.16 46.50 -49.12
CA ALA A 59 44.66 47.88 -49.19
C ALA A 59 44.57 48.43 -47.75
N LEU A 60 44.83 49.72 -47.58
CA LEU A 60 44.71 50.32 -46.26
C LEU A 60 43.43 51.09 -46.25
N ALA A 61 42.62 50.90 -45.23
CA ALA A 61 41.30 51.51 -45.25
C ALA A 61 41.32 52.98 -44.91
N SER A 62 40.52 53.73 -45.67
CA SER A 62 40.22 55.09 -45.35
C SER A 62 38.93 55.05 -44.57
N ASP A 63 38.55 56.19 -43.99
CA ASP A 63 37.35 56.32 -43.16
C ASP A 63 36.04 56.10 -43.88
N ALA A 64 36.01 56.37 -45.19
CA ALA A 64 34.84 56.01 -46.03
C ALA A 64 34.76 54.50 -46.26
N ASP A 65 35.90 53.83 -46.28
CA ASP A 65 35.90 52.38 -46.35
C ASP A 65 35.31 51.77 -45.06
N LEU A 66 35.69 52.32 -43.91
CA LEU A 66 35.24 51.80 -42.63
C LEU A 66 33.77 52.09 -42.42
N ALA A 67 33.38 53.33 -42.65
CA ALA A 67 31.98 53.76 -42.60
C ALA A 67 31.06 52.81 -43.40
N ALA A 68 31.43 52.48 -44.63
CA ALA A 68 30.65 51.52 -45.43
C ALA A 68 30.45 50.21 -44.66
N ALA A 69 31.52 49.71 -44.05
CA ALA A 69 31.49 48.49 -43.25
C ALA A 69 30.54 48.58 -42.08
N VAL A 70 30.52 49.73 -41.43
CA VAL A 70 29.65 49.96 -40.26
C VAL A 70 28.16 50.01 -40.64
N GLU A 71 27.83 50.68 -41.75
CA GLU A 71 26.46 50.73 -42.28
C GLU A 71 25.99 49.34 -42.74
N SER A 72 26.94 48.53 -43.20
CA SER A 72 26.69 47.19 -43.60
C SER A 72 26.24 46.37 -42.37
N ALA A 73 27.01 46.46 -41.30
CA ALA A 73 26.71 45.81 -40.06
C ALA A 73 25.41 46.35 -39.51
N LYS A 74 25.23 47.67 -39.57
CA LYS A 74 24.03 48.33 -39.04
C LYS A 74 22.80 47.76 -39.71
N ALA A 75 22.84 47.54 -41.01
CA ALA A 75 21.69 47.01 -41.71
C ALA A 75 21.48 45.53 -41.36
N ALA A 76 22.57 44.76 -41.33
CA ALA A 76 22.48 43.32 -41.12
C ALA A 76 22.19 42.83 -39.70
N GLN A 77 22.45 43.66 -38.70
CA GLN A 77 22.43 43.19 -37.30
C GLN A 77 21.04 42.89 -36.72
N PRO A 78 20.04 43.78 -36.98
CA PRO A 78 18.80 43.49 -36.30
C PRO A 78 18.30 42.07 -36.61
N LYS A 79 18.29 41.71 -37.90
CA LYS A 79 17.66 40.47 -38.30
C LYS A 79 18.41 39.28 -37.70
N TRP A 80 19.73 39.40 -37.63
CA TRP A 80 20.56 38.38 -37.00
C TRP A 80 20.24 38.24 -35.53
N ALA A 81 20.26 39.35 -34.79
CA ALA A 81 19.79 39.35 -33.40
C ALA A 81 18.39 38.75 -33.28
N ALA A 82 17.57 38.86 -34.32
CA ALA A 82 16.22 38.29 -34.31
C ALA A 82 16.18 36.78 -34.61
N THR A 83 17.29 36.19 -35.08
CA THR A 83 17.42 34.73 -35.23
C THR A 83 17.66 34.08 -33.87
N ASN A 84 17.03 32.94 -33.60
CA ASN A 84 17.11 32.31 -32.27
C ASN A 84 18.44 31.62 -32.01
N PRO A 85 18.89 31.57 -30.73
CA PRO A 85 20.21 31.08 -30.29
C PRO A 85 20.64 29.77 -30.92
N GLN A 86 19.69 28.85 -31.01
CA GLN A 86 19.91 27.53 -31.60
C GLN A 86 20.32 27.63 -33.06
N ARG A 87 19.66 28.55 -33.76
CA ARG A 87 19.86 28.77 -35.19
C ARG A 87 21.25 29.41 -35.46
N ARG A 88 21.70 30.28 -34.56
CA ARG A 88 23.01 30.90 -34.65
C ARG A 88 24.09 29.86 -34.36
N ALA A 89 23.96 29.19 -33.22
CA ALA A 89 24.89 28.11 -32.83
C ALA A 89 25.15 27.19 -33.99
N ARG A 90 24.10 26.92 -34.75
CA ARG A 90 24.12 26.04 -35.91
C ARG A 90 25.08 26.53 -36.98
N VAL A 91 25.13 27.85 -37.16
CA VAL A 91 26.04 28.44 -38.14
C VAL A 91 27.47 28.12 -37.74
N PHE A 92 27.83 28.43 -36.50
CA PHE A 92 29.13 28.08 -35.89
C PHE A 92 29.45 26.61 -35.94
N MSE A 93 28.46 25.74 -35.74
CA MSE A 93 28.63 24.30 -35.93
C MSE A 93 29.10 23.99 -37.33
O MSE A 93 30.01 23.18 -37.52
CB MSE A 93 27.29 23.61 -35.77
CG MSE A 93 27.35 22.49 -34.77
SE MSE A 93 25.49 21.90 -34.46
CE MSE A 93 24.55 23.43 -33.64
N LYS A 94 28.47 24.62 -38.32
CA LYS A 94 28.86 24.49 -39.72
C LYS A 94 30.27 25.05 -39.95
N PHE A 95 30.51 26.23 -39.40
CA PHE A 95 31.83 26.85 -39.50
C PHE A 95 32.91 25.90 -39.07
N VAL A 96 32.72 25.24 -37.94
CA VAL A 96 33.70 24.29 -37.47
C VAL A 96 33.99 23.20 -38.50
N GLN A 97 32.97 22.61 -39.10
CA GLN A 97 33.24 21.63 -40.17
C GLN A 97 34.03 22.26 -41.32
N LEU A 98 33.71 23.50 -41.67
CA LEU A 98 34.43 24.22 -42.74
C LEU A 98 35.92 24.49 -42.42
N LEU A 99 36.24 24.67 -41.15
CA LEU A 99 37.62 24.84 -40.72
C LEU A 99 38.41 23.53 -40.91
N ASN A 100 37.86 22.41 -40.44
CA ASN A 100 38.49 21.11 -40.63
C ASN A 100 38.58 20.78 -42.11
N ASP A 101 37.59 21.22 -42.89
CA ASP A 101 37.63 21.05 -44.34
C ASP A 101 38.75 21.80 -45.06
N ASN A 102 39.07 23.00 -44.58
CA ASN A 102 40.01 23.85 -45.28
C ASN A 102 41.26 24.11 -44.48
N MSE A 103 41.46 23.27 -43.47
CA MSE A 103 42.61 23.35 -42.57
C MSE A 103 43.95 23.56 -43.22
O MSE A 103 44.80 24.26 -42.68
CB MSE A 103 42.69 22.02 -41.84
CG MSE A 103 42.24 22.16 -40.40
SE MSE A 103 43.63 23.09 -39.37
CE MSE A 103 43.49 24.92 -40.07
N ASN A 104 44.14 22.93 -44.39
CA ASN A 104 45.44 22.89 -45.04
C ASN A 104 45.70 24.12 -45.89
N GLU A 105 44.72 24.51 -46.71
CA GLU A 105 44.81 25.76 -47.47
C GLU A 105 45.07 26.92 -46.52
N LEU A 106 44.35 26.92 -45.39
CA LEU A 106 44.42 27.98 -44.38
C LEU A 106 45.76 28.09 -43.69
N ALA A 107 46.32 26.95 -43.29
CA ALA A 107 47.63 26.94 -42.66
C ALA A 107 48.73 27.39 -43.63
N GLU A 108 48.63 26.96 -44.90
CA GLU A 108 49.57 27.38 -45.96
C GLU A 108 49.63 28.90 -46.07
N MSE A 109 48.46 29.52 -46.28
CA MSE A 109 48.29 30.94 -46.39
C MSE A 109 48.79 31.69 -45.18
O MSE A 109 49.41 32.75 -45.31
CB MSE A 109 46.78 30.98 -46.34
CG MSE A 109 46.08 32.08 -47.11
SE MSE A 109 44.19 31.80 -46.63
CE MSE A 109 43.56 31.27 -48.44
N LEU A 110 48.52 31.13 -44.01
CA LEU A 110 48.96 31.75 -42.75
C LEU A 110 50.48 31.69 -42.68
N SER A 111 51.03 30.48 -42.85
CA SER A 111 52.43 30.26 -42.65
C SER A 111 53.27 31.01 -43.69
N ARG A 112 52.73 31.13 -44.90
CA ARG A 112 53.42 31.83 -45.97
C ARG A 112 53.66 33.29 -45.59
N GLU A 113 52.62 33.97 -45.16
CA GLU A 113 52.70 35.39 -44.75
C GLU A 113 53.45 35.64 -43.45
N HIS A 114 53.08 34.92 -42.39
CA HIS A 114 53.67 35.08 -41.06
C HIS A 114 55.04 34.47 -40.95
N GLY A 115 55.18 33.18 -41.31
CA GLY A 115 56.48 32.51 -41.28
C GLY A 115 56.70 31.31 -40.34
N LYS A 116 55.73 31.00 -39.50
CA LYS A 116 55.86 29.84 -38.61
C LYS A 116 55.62 28.54 -39.34
N THR A 117 55.86 27.40 -38.69
CA THR A 117 55.57 26.09 -39.32
C THR A 117 54.11 25.97 -39.78
N ILE A 118 53.86 25.09 -40.74
CA ILE A 118 52.51 24.69 -41.08
C ILE A 118 51.89 24.05 -39.84
N ASP A 119 52.73 23.36 -39.09
CA ASP A 119 52.31 22.68 -37.88
C ASP A 119 51.83 23.65 -36.81
N ASP A 120 52.59 24.73 -36.62
CA ASP A 120 52.27 25.79 -35.67
C ASP A 120 51.04 26.60 -36.11
N ALA A 121 50.83 26.69 -37.42
CA ALA A 121 49.65 27.36 -37.98
C ALA A 121 48.39 26.55 -37.74
N LYS A 122 48.51 25.23 -37.89
CA LYS A 122 47.45 24.33 -37.51
C LYS A 122 46.97 24.57 -36.08
N GLY A 123 47.90 24.74 -35.15
CA GLY A 123 47.56 25.18 -33.82
C GLY A 123 46.71 26.44 -33.81
N ASP A 124 47.21 27.50 -34.46
CA ASP A 124 46.50 28.78 -34.62
C ASP A 124 45.00 28.56 -34.87
N ILE A 125 44.71 27.88 -35.96
CA ILE A 125 43.34 27.68 -36.38
C ILE A 125 42.57 26.85 -35.36
N VAL A 126 43.16 25.74 -34.94
CA VAL A 126 42.53 24.85 -33.95
C VAL A 126 42.26 25.56 -32.60
N ARG A 127 43.17 26.42 -32.16
CA ARG A 127 42.96 27.10 -30.88
C ARG A 127 41.81 28.10 -30.98
N GLY A 128 41.48 28.54 -32.19
CA GLY A 128 40.37 29.45 -32.44
C GLY A 128 39.11 28.67 -32.74
N LEU A 129 39.27 27.57 -33.48
CA LEU A 129 38.16 26.71 -33.85
C LEU A 129 37.46 26.19 -32.58
N GLU A 130 38.23 26.08 -31.51
CA GLU A 130 37.70 25.63 -30.25
C GLU A 130 36.95 26.73 -29.54
N VAL A 131 37.23 27.99 -29.83
CA VAL A 131 36.32 29.06 -29.37
C VAL A 131 35.02 28.87 -30.13
N CYS A 132 35.09 28.60 -31.42
CA CYS A 132 33.89 28.34 -32.20
C CYS A 132 33.06 27.17 -31.65
N GLU A 133 33.72 26.12 -31.16
CA GLU A 133 33.00 25.04 -30.47
C GLU A 133 32.35 25.54 -29.18
N PHE A 134 33.07 26.36 -28.44
CA PHE A 134 32.61 26.75 -27.13
C PHE A 134 31.27 27.45 -27.26
N VAL A 135 31.01 28.01 -28.43
CA VAL A 135 29.99 29.03 -28.63
C VAL A 135 28.75 28.49 -29.31
N ILE A 136 28.89 27.27 -29.82
CA ILE A 136 27.77 26.52 -30.33
C ILE A 136 26.76 26.42 -29.19
N GLY A 137 27.28 26.39 -27.97
CA GLY A 137 26.45 26.34 -26.77
C GLY A 137 25.87 27.64 -26.27
N ILE A 138 25.81 28.67 -27.14
CA ILE A 138 25.31 29.98 -26.73
C ILE A 138 23.86 29.97 -26.19
N PRO A 139 23.00 29.05 -26.69
CA PRO A 139 21.67 29.07 -26.08
C PRO A 139 21.74 28.98 -24.58
N HIS A 140 22.57 28.09 -24.04
CA HIS A 140 22.65 27.97 -22.58
C HIS A 140 23.50 29.06 -21.97
N LEU A 141 24.55 29.45 -22.69
CA LEU A 141 25.46 30.51 -22.23
C LEU A 141 24.86 31.90 -22.02
N GLN A 142 23.79 32.23 -22.73
CA GLN A 142 23.19 33.56 -22.69
C GLN A 142 21.93 33.67 -21.80
N LYS A 143 21.60 32.58 -21.11
CA LYS A 143 20.55 32.63 -20.12
C LYS A 143 20.77 33.78 -19.14
N SER A 144 19.67 34.30 -18.64
CA SER A 144 19.63 35.41 -17.72
C SER A 144 18.93 34.84 -16.50
N GLU A 145 18.64 35.67 -15.51
CA GLU A 145 18.21 35.20 -14.20
C GLU A 145 16.80 35.65 -13.91
N PHE A 146 16.00 34.74 -13.39
CA PHE A 146 14.59 35.00 -13.11
C PHE A 146 14.32 34.88 -11.63
N THR A 147 13.43 35.73 -11.15
CA THR A 147 13.07 35.79 -9.75
C THR A 147 11.56 36.06 -9.62
N GLU A 148 10.87 35.20 -8.88
CA GLU A 148 9.42 35.29 -8.74
C GLU A 148 9.02 35.90 -7.42
N GLY A 149 8.10 36.85 -7.47
CA GLY A 149 7.60 37.48 -6.26
C GLY A 149 8.72 38.17 -5.51
N ALA A 150 9.54 38.93 -6.26
CA ALA A 150 10.61 39.68 -5.64
C ALA A 150 9.95 40.67 -4.71
N GLY A 151 8.81 41.20 -5.18
CA GLY A 151 7.84 41.86 -4.33
C GLY A 151 6.49 41.17 -4.45
N PRO A 152 5.44 41.71 -3.80
CA PRO A 152 4.07 41.11 -3.84
C PRO A 152 3.41 41.13 -5.24
N GLY A 153 3.42 39.97 -5.90
CA GLY A 153 2.91 39.81 -7.27
C GLY A 153 3.85 40.34 -8.33
N ILE A 154 5.03 40.80 -7.91
CA ILE A 154 6.05 41.33 -8.77
C ILE A 154 7.10 40.29 -9.07
N ASP A 155 7.27 39.94 -10.34
CA ASP A 155 8.40 39.10 -10.74
C ASP A 155 9.49 40.03 -11.26
N MSE A 156 10.76 39.64 -11.07
CA MSE A 156 11.93 40.39 -11.55
C MSE A 156 12.90 39.47 -12.26
O MSE A 156 13.24 38.39 -11.75
CB MSE A 156 12.56 41.01 -10.32
CG MSE A 156 13.87 41.75 -10.62
SE MSE A 156 14.55 42.70 -9.02
CE MSE A 156 12.86 43.55 -8.49
N TYR A 157 13.40 39.90 -13.42
CA TYR A 157 14.26 39.08 -14.28
C TYR A 157 15.04 39.92 -15.30
N SER A 158 16.15 39.39 -15.81
CA SER A 158 16.97 40.11 -16.74
C SER A 158 17.04 39.42 -18.11
N ILE A 159 17.35 40.20 -19.14
CA ILE A 159 17.54 39.69 -20.47
C ILE A 159 18.92 40.18 -20.83
N ARG A 160 19.65 39.39 -21.61
CA ARG A 160 20.95 39.77 -22.14
C ARG A 160 20.87 40.00 -23.63
N GLN A 161 20.55 41.22 -24.03
CA GLN A 161 20.42 41.49 -25.46
C GLN A 161 21.81 41.85 -25.97
N PRO A 162 21.98 41.99 -27.30
CA PRO A 162 23.32 42.27 -27.82
C PRO A 162 23.75 43.72 -27.61
N VAL A 163 25.04 43.94 -27.69
CA VAL A 163 25.61 45.25 -27.51
C VAL A 163 25.41 46.13 -28.73
N GLY A 164 25.35 45.50 -29.90
CA GLY A 164 25.10 46.17 -31.18
C GLY A 164 26.14 45.88 -32.25
N ILE A 165 27.11 46.78 -32.38
CA ILE A 165 28.22 46.57 -33.28
C ILE A 165 29.57 46.63 -32.53
N GLY A 166 30.39 45.61 -32.72
CA GLY A 166 31.69 45.57 -32.09
C GLY A 166 32.80 45.57 -33.11
N ALA A 167 34.03 45.71 -32.61
CA ALA A 167 35.22 45.62 -33.45
C ALA A 167 36.32 44.93 -32.71
N GLY A 168 37.20 44.32 -33.49
CA GLY A 168 38.37 43.60 -33.01
C GLY A 168 39.61 44.10 -33.74
N ILE A 169 40.69 44.31 -32.98
CA ILE A 169 41.94 44.71 -33.58
C ILE A 169 42.97 43.70 -33.11
N THR A 170 43.52 42.94 -34.05
CA THR A 170 44.30 41.75 -33.75
C THR A 170 45.74 41.87 -34.24
N PRO A 171 46.72 41.31 -33.48
CA PRO A 171 48.13 41.41 -33.86
C PRO A 171 48.51 40.43 -34.99
N PHE A 172 49.80 40.40 -35.35
CA PHE A 172 50.29 39.55 -36.45
C PHE A 172 50.38 38.08 -36.05
N ASN A 173 50.83 37.81 -34.83
CA ASN A 173 51.21 36.44 -34.43
C ASN A 173 50.16 35.34 -34.59
N PHE A 174 48.90 35.67 -34.32
CA PHE A 174 47.83 34.70 -34.51
C PHE A 174 46.68 35.34 -35.27
N PRO A 175 46.75 35.33 -36.61
CA PRO A 175 45.79 36.08 -37.43
C PRO A 175 44.52 35.26 -37.67
N GLY A 176 44.47 34.08 -37.05
CA GLY A 176 43.35 33.19 -37.16
C GLY A 176 42.78 32.99 -35.78
N MSE A 177 43.62 32.53 -34.89
CA MSE A 177 43.19 32.24 -33.53
C MSE A 177 42.53 33.43 -32.86
O MSE A 177 41.45 33.30 -32.28
CB MSE A 177 44.39 31.79 -32.74
CG MSE A 177 43.85 31.14 -31.50
SE MSE A 177 45.26 31.11 -30.14
CE MSE A 177 45.60 33.01 -29.77
N ILE A 178 43.18 34.59 -32.92
CA ILE A 178 42.70 35.75 -32.15
C ILE A 178 41.51 36.50 -32.77
N PRO A 179 41.38 36.49 -34.09
CA PRO A 179 40.09 36.94 -34.61
C PRO A 179 38.91 36.08 -34.16
N MSE A 180 39.05 34.76 -34.24
CA MSE A 180 37.99 33.86 -33.75
C MSE A 180 37.72 34.06 -32.29
O MSE A 180 36.58 33.96 -31.84
CB MSE A 180 38.40 32.43 -34.04
CG MSE A 180 38.43 32.30 -35.55
SE MSE A 180 38.50 30.39 -36.01
CE MSE A 180 40.41 30.26 -36.52
N TRP A 181 38.76 34.38 -31.53
CA TRP A 181 38.64 34.73 -30.13
C TRP A 181 37.63 35.80 -29.90
N MSE A 182 37.57 36.76 -30.80
CA MSE A 182 36.76 37.93 -30.56
C MSE A 182 35.47 37.83 -31.31
O MSE A 182 34.44 38.18 -30.76
CB MSE A 182 37.46 39.19 -31.02
CG MSE A 182 38.66 39.51 -30.16
SE MSE A 182 39.70 40.81 -31.21
CE MSE A 182 41.18 41.09 -29.93
N PHE A 183 35.53 37.39 -32.56
CA PHE A 183 34.33 37.44 -33.39
C PHE A 183 33.28 36.36 -33.09
N ALA A 184 33.73 35.20 -32.60
CA ALA A 184 32.83 34.08 -32.24
C ALA A 184 31.90 34.46 -31.10
N PRO A 185 32.46 34.80 -29.90
CA PRO A 185 31.63 35.33 -28.82
C PRO A 185 30.73 36.45 -29.31
N ALA A 186 31.32 37.43 -30.00
CA ALA A 186 30.60 38.62 -30.45
C ALA A 186 29.43 38.27 -31.32
N ILE A 187 29.63 37.41 -32.29
CA ILE A 187 28.57 37.12 -33.26
C ILE A 187 27.49 36.20 -32.69
N ALA A 188 27.89 35.28 -31.82
CA ALA A 188 26.97 34.30 -31.26
C ALA A 188 25.97 34.98 -30.36
N CYS A 189 26.41 36.07 -29.76
CA CYS A 189 25.58 36.92 -28.89
C CYS A 189 24.66 37.81 -29.73
N GLY A 190 24.63 37.57 -31.04
CA GLY A 190 23.78 38.28 -31.97
C GLY A 190 24.26 39.70 -32.23
N ASN A 191 25.57 39.89 -32.24
CA ASN A 191 26.16 41.20 -32.52
C ASN A 191 26.75 41.18 -33.89
N ALA A 192 26.92 42.36 -34.49
CA ALA A 192 27.70 42.49 -35.71
C ALA A 192 29.17 42.69 -35.34
N PHE A 193 30.09 42.27 -36.22
CA PHE A 193 31.52 42.43 -35.90
C PHE A 193 32.32 43.16 -36.96
N ILE A 194 33.24 44.02 -36.52
CA ILE A 194 34.25 44.53 -37.47
C ILE A 194 35.64 44.10 -37.03
N LEU A 195 36.36 43.45 -37.94
CA LEU A 195 37.69 42.96 -37.67
C LEU A 195 38.69 43.77 -38.46
N LYS A 196 39.58 44.44 -37.75
CA LYS A 196 40.75 45.03 -38.33
C LYS A 196 41.96 44.20 -37.86
N PRO A 197 42.35 43.18 -38.66
CA PRO A 197 43.43 42.25 -38.32
C PRO A 197 44.77 42.90 -38.57
N SER A 198 45.87 42.21 -38.30
CA SER A 198 47.19 42.80 -38.63
C SER A 198 47.39 42.81 -40.11
N GLU A 199 47.69 43.99 -40.67
CA GLU A 199 47.93 44.12 -42.11
C GLU A 199 49.25 43.47 -42.56
N ARG A 200 49.89 42.78 -41.63
CA ARG A 200 51.13 42.07 -41.90
C ARG A 200 50.87 40.68 -42.44
N ASP A 201 49.73 40.08 -42.05
CA ASP A 201 49.38 38.73 -42.50
C ASP A 201 47.87 38.50 -42.71
N PRO A 202 47.24 39.28 -43.62
CA PRO A 202 45.79 39.43 -43.75
C PRO A 202 45.05 38.47 -44.68
N SER A 203 45.66 37.37 -45.09
CA SER A 203 44.95 36.51 -45.99
C SER A 203 43.91 35.68 -45.24
N VAL A 204 44.30 35.21 -44.06
CA VAL A 204 43.54 34.24 -43.27
C VAL A 204 42.19 34.76 -42.75
N PRO A 205 42.20 35.92 -42.05
CA PRO A 205 40.95 36.54 -41.59
C PRO A 205 39.90 36.65 -42.70
N ILE A 206 40.24 37.22 -43.86
CA ILE A 206 39.28 37.37 -44.96
C ILE A 206 38.69 36.01 -45.36
N ARG A 207 39.54 34.99 -45.45
CA ARG A 207 39.06 33.63 -45.70
C ARG A 207 38.10 33.16 -44.56
N LEU A 208 38.46 33.41 -43.30
CA LEU A 208 37.57 33.06 -42.20
C LEU A 208 36.27 33.80 -42.37
N ALA A 209 36.33 35.00 -42.93
CA ALA A 209 35.10 35.77 -43.14
C ALA A 209 34.32 35.15 -44.29
N GLU A 210 35.01 34.70 -45.31
CA GLU A 210 34.37 34.13 -46.46
C GLU A 210 33.73 32.86 -46.00
N LEU A 211 34.49 32.08 -45.25
CA LEU A 211 34.09 30.76 -44.80
C LEU A 211 32.86 30.82 -43.90
N MSE A 212 32.73 31.93 -43.20
CA MSE A 212 31.60 32.14 -42.31
C MSE A 212 30.36 32.41 -43.13
O MSE A 212 29.27 32.01 -42.74
CB MSE A 212 32.00 33.32 -41.42
CG MSE A 212 31.18 33.44 -40.15
SE MSE A 212 31.79 32.19 -38.75
CE MSE A 212 30.12 31.17 -38.68
N ILE A 213 30.53 33.07 -44.29
CA ILE A 213 29.45 33.26 -45.26
C ILE A 213 29.01 31.89 -45.79
N GLU A 214 29.97 30.98 -46.02
CA GLU A 214 29.60 29.64 -46.43
C GLU A 214 28.82 28.94 -45.33
N ALA A 215 29.20 29.22 -44.08
CA ALA A 215 28.54 28.59 -42.96
C ALA A 215 27.11 29.07 -42.73
N GLY A 216 26.68 30.07 -43.51
CA GLY A 216 25.35 30.66 -43.38
C GLY A 216 25.26 31.94 -42.54
N LEU A 217 26.39 32.56 -42.22
CA LEU A 217 26.33 33.88 -41.58
C LEU A 217 25.88 34.90 -42.63
N PRO A 218 24.83 35.67 -42.34
CA PRO A 218 24.33 36.75 -43.23
C PRO A 218 25.37 37.82 -43.54
N ALA A 219 25.32 38.35 -44.75
CA ALA A 219 26.21 39.45 -45.14
C ALA A 219 26.09 40.59 -44.13
N GLY A 220 27.18 41.32 -43.90
CA GLY A 220 27.16 42.44 -42.98
C GLY A 220 27.60 42.08 -41.57
N ILE A 221 27.38 40.82 -41.18
CA ILE A 221 27.64 40.39 -39.82
C ILE A 221 29.13 40.24 -39.51
N LEU A 222 29.89 39.58 -40.39
CA LEU A 222 31.37 39.61 -40.24
C LEU A 222 32.09 40.36 -41.36
N ASN A 223 32.59 41.54 -41.03
CA ASN A 223 33.32 42.39 -41.98
C ASN A 223 34.77 42.48 -41.59
N VAL A 224 35.65 42.16 -42.53
CA VAL A 224 37.05 42.48 -42.33
C VAL A 224 37.42 43.80 -43.02
N VAL A 225 37.88 44.74 -42.20
CA VAL A 225 38.45 46.00 -42.68
C VAL A 225 39.96 45.97 -42.44
N ASN A 226 40.73 46.08 -43.52
CA ASN A 226 42.18 46.16 -43.39
C ASN A 226 42.62 47.61 -43.42
N GLY A 227 43.59 47.94 -42.58
CA GLY A 227 44.12 49.29 -42.53
C GLY A 227 45.23 49.58 -41.55
N ASP A 228 45.40 50.88 -41.28
CA ASP A 228 46.52 51.38 -40.50
C ASP A 228 46.11 51.82 -39.09
N LYS A 229 46.93 52.66 -38.46
CA LYS A 229 46.52 53.41 -37.29
C LYS A 229 45.33 54.30 -37.66
N GLY A 230 45.27 54.69 -38.95
CA GLY A 230 44.11 55.37 -39.52
C GLY A 230 42.82 54.57 -39.44
N ALA A 231 42.92 53.25 -39.62
CA ALA A 231 41.76 52.37 -39.45
C ALA A 231 41.39 52.29 -37.96
N VAL A 232 42.41 52.10 -37.14
CA VAL A 232 42.26 51.94 -35.70
C VAL A 232 41.57 53.17 -35.10
N ASP A 233 42.07 54.35 -35.41
CA ASP A 233 41.40 55.54 -34.92
C ASP A 233 39.96 55.59 -35.39
N ALA A 234 39.74 55.36 -36.69
CA ALA A 234 38.41 55.41 -37.28
C ALA A 234 37.45 54.52 -36.51
N ILE A 235 37.88 53.30 -36.22
CA ILE A 235 37.14 52.40 -35.32
C ILE A 235 36.91 53.03 -33.95
N LEU A 236 38.00 53.48 -33.32
CA LEU A 236 37.90 54.03 -31.98
C LEU A 236 37.03 55.28 -31.87
N THR A 237 36.78 55.96 -32.98
CA THR A 237 36.02 57.22 -32.95
C THR A 237 34.61 57.11 -33.56
N HIS A 238 34.20 55.90 -33.93
CA HIS A 238 32.94 55.77 -34.63
C HIS A 238 31.76 55.62 -33.71
N PRO A 239 30.78 56.55 -33.79
CA PRO A 239 29.67 56.55 -32.84
C PRO A 239 28.83 55.25 -32.75
N ASP A 240 28.85 54.40 -33.78
CA ASP A 240 27.94 53.24 -33.85
C ASP A 240 28.59 51.89 -33.49
N ILE A 241 29.92 51.91 -33.32
CA ILE A 241 30.62 50.79 -32.68
C ILE A 241 30.53 50.99 -31.17
N ALA A 242 30.09 49.95 -30.48
CA ALA A 242 29.82 50.04 -29.05
C ALA A 242 30.94 49.46 -28.18
N ALA A 243 31.79 48.63 -28.79
CA ALA A 243 32.76 47.79 -28.06
C ALA A 243 34.03 47.42 -28.84
N VAL A 244 35.15 47.41 -28.14
CA VAL A 244 36.43 47.17 -28.78
C VAL A 244 37.29 46.16 -28.00
N SER A 245 37.71 45.11 -28.71
CA SER A 245 38.70 44.18 -28.18
C SER A 245 40.02 44.38 -28.93
N PHE A 246 41.12 44.45 -28.18
CA PHE A 246 42.46 44.61 -28.75
C PHE A 246 43.44 43.59 -28.19
N VAL A 247 44.32 43.04 -29.03
CA VAL A 247 45.49 42.30 -28.54
C VAL A 247 46.73 42.79 -29.24
N GLY A 248 47.78 43.06 -28.48
CA GLY A 248 49.06 43.46 -29.06
C GLY A 248 49.96 44.02 -28.00
N SER A 249 50.57 45.17 -28.30
CA SER A 249 51.51 45.86 -27.41
C SER A 249 50.90 46.41 -26.13
N THR A 250 51.70 46.46 -25.07
CA THR A 250 51.26 47.17 -23.89
C THR A 250 51.09 48.66 -24.20
N PRO A 251 52.09 49.31 -24.85
CA PRO A 251 51.86 50.72 -25.20
C PRO A 251 50.65 50.93 -26.11
N ILE A 252 50.44 50.03 -27.08
CA ILE A 252 49.31 50.18 -27.97
C ILE A 252 48.00 49.82 -27.25
N ALA A 253 48.02 48.81 -26.39
CA ALA A 253 46.85 48.45 -25.58
C ALA A 253 46.34 49.70 -24.82
N ARG A 254 47.25 50.30 -24.05
CA ARG A 254 47.00 51.53 -23.28
C ARG A 254 46.38 52.64 -24.10
N TYR A 255 46.82 52.80 -25.34
CA TYR A 255 46.26 53.79 -26.23
C TYR A 255 44.86 53.37 -26.69
N VAL A 256 44.73 52.14 -27.19
CA VAL A 256 43.46 51.69 -27.70
C VAL A 256 42.44 51.65 -26.58
N TYR A 257 42.88 51.22 -25.40
CA TYR A 257 42.04 51.22 -24.21
C TYR A 257 41.53 52.65 -23.91
N GLY A 258 42.48 53.53 -23.56
CA GLY A 258 42.20 54.94 -23.18
C GLY A 258 41.35 55.73 -24.14
N THR A 259 41.64 55.63 -25.43
CA THR A 259 40.86 56.30 -26.47
C THR A 259 39.40 55.80 -26.54
N ALA A 260 39.25 54.48 -26.64
CA ALA A 260 37.94 53.84 -26.64
C ALA A 260 37.09 54.34 -25.49
N ALA A 261 37.65 54.31 -24.29
CA ALA A 261 36.93 54.72 -23.10
C ALA A 261 36.47 56.17 -23.14
N MSE A 262 37.33 57.06 -23.64
CA MSE A 262 37.03 58.47 -23.82
C MSE A 262 36.05 58.74 -24.92
O MSE A 262 35.59 59.87 -25.09
CB MSE A 262 38.30 59.08 -24.30
CG MSE A 262 39.10 59.64 -23.15
SE MSE A 262 40.70 60.34 -24.05
CE MSE A 262 39.90 61.13 -25.68
N ASN A 263 35.77 57.74 -25.73
CA ASN A 263 34.68 57.81 -26.69
C ASN A 263 33.48 57.03 -26.18
N GLY A 264 33.56 56.54 -24.95
CA GLY A 264 32.43 55.93 -24.30
C GLY A 264 32.14 54.50 -24.72
N LYS A 265 33.07 53.91 -25.48
CA LYS A 265 32.98 52.51 -25.83
C LYS A 265 33.40 51.71 -24.62
N ARG A 266 33.09 50.41 -24.59
CA ARG A 266 33.70 49.55 -23.59
C ARG A 266 34.87 48.85 -24.29
N ALA A 267 35.90 48.51 -23.53
CA ALA A 267 37.11 48.00 -24.11
C ALA A 267 37.73 46.90 -23.27
N GLN A 268 38.37 45.95 -23.95
CA GLN A 268 39.25 44.99 -23.29
C GLN A 268 40.51 44.88 -24.11
N CYS A 269 41.64 45.15 -23.45
CA CYS A 269 42.91 45.17 -24.13
C CYS A 269 43.92 44.24 -23.49
N PHE A 270 44.70 43.58 -24.34
CA PHE A 270 45.62 42.55 -23.91
C PHE A 270 46.96 42.73 -24.56
N GLY A 271 48.00 42.72 -23.73
CA GLY A 271 49.30 43.33 -24.05
C GLY A 271 50.52 42.42 -24.23
N GLY A 272 51.62 42.84 -23.61
CA GLY A 272 52.89 42.12 -23.71
C GLY A 272 53.19 41.23 -22.52
N ALA A 273 54.35 40.58 -22.56
CA ALA A 273 54.62 39.45 -21.67
C ALA A 273 56.09 39.19 -21.41
N LYS A 274 56.41 38.78 -20.20
CA LYS A 274 57.72 38.20 -19.93
C LYS A 274 57.56 36.94 -19.11
N ASN A 275 57.19 35.86 -19.79
CA ASN A 275 56.87 34.62 -19.09
C ASN A 275 58.07 33.90 -18.50
N HIS A 276 57.98 33.66 -17.19
CA HIS A 276 59.03 33.04 -16.36
C HIS A 276 58.68 31.60 -16.09
N MSE A 277 59.67 30.72 -16.09
CA MSE A 277 59.50 29.32 -15.64
C MSE A 277 60.46 29.02 -14.49
O MSE A 277 61.68 29.09 -14.67
CB MSE A 277 59.70 28.37 -16.82
CG MSE A 277 59.18 26.96 -16.52
SE MSE A 277 60.19 25.56 -17.49
CE MSE A 277 58.84 25.33 -18.91
N ILE A 278 59.91 28.71 -13.31
CA ILE A 278 60.71 28.41 -12.13
C ILE A 278 60.94 26.89 -12.06
N ILE A 279 62.19 26.45 -11.91
CA ILE A 279 62.45 25.03 -11.84
C ILE A 279 62.96 24.74 -10.45
N MSE A 280 62.20 23.97 -9.69
CA MSE A 280 62.59 23.61 -8.33
C MSE A 280 63.51 22.42 -8.38
O MSE A 280 63.46 21.65 -9.34
CB MSE A 280 61.32 23.35 -7.53
CG MSE A 280 60.49 24.61 -7.32
SE MSE A 280 61.29 25.93 -6.07
CE MSE A 280 61.83 24.80 -4.54
N PRO A 281 64.40 22.24 -7.37
CA PRO A 281 65.37 21.13 -7.42
C PRO A 281 64.73 19.74 -7.62
N ASP A 282 63.52 19.56 -7.07
CA ASP A 282 62.81 18.30 -7.13
C ASP A 282 62.04 18.07 -8.46
N ALA A 283 62.14 19.00 -9.39
CA ALA A 283 61.49 18.86 -10.67
C ALA A 283 62.10 17.83 -11.60
N ASP A 284 61.32 17.29 -12.50
CA ASP A 284 61.83 16.41 -13.53
C ASP A 284 62.36 17.34 -14.56
N LEU A 285 63.68 17.45 -14.56
CA LEU A 285 64.46 18.31 -15.43
C LEU A 285 64.38 17.88 -16.87
N ASP A 286 64.34 16.61 -17.09
CA ASP A 286 64.15 16.13 -18.45
C ASP A 286 62.91 16.79 -19.07
N GLN A 287 61.89 16.96 -18.23
CA GLN A 287 60.64 17.49 -18.69
C GLN A 287 60.69 19.02 -18.77
N ALA A 288 61.13 19.65 -17.68
CA ALA A 288 61.36 21.08 -17.68
C ALA A 288 62.13 21.51 -18.94
N ALA A 289 63.25 20.82 -19.19
CA ALA A 289 64.15 21.09 -20.31
C ALA A 289 63.48 20.94 -21.67
N ASN A 290 62.77 19.83 -21.85
CA ASN A 290 61.99 19.62 -23.05
C ASN A 290 60.92 20.67 -23.27
N ALA A 291 60.30 21.11 -22.18
CA ALA A 291 59.26 22.11 -22.25
C ALA A 291 59.87 23.44 -22.65
N LEU A 292 61.03 23.74 -22.06
CA LEU A 292 61.74 24.98 -22.36
C LEU A 292 62.11 25.09 -23.84
N ILE A 293 62.42 23.95 -24.47
CA ILE A 293 62.74 23.92 -25.90
C ILE A 293 61.55 24.41 -26.69
N GLY A 294 60.39 23.82 -26.41
CA GLY A 294 59.20 24.07 -27.19
C GLY A 294 58.69 25.47 -26.97
N ALA A 295 58.59 25.85 -25.70
CA ALA A 295 57.95 27.09 -25.30
C ALA A 295 58.84 28.29 -25.51
N GLY A 296 60.15 28.06 -25.43
CA GLY A 296 61.11 29.12 -25.58
C GLY A 296 61.34 29.45 -27.04
N TYR A 297 61.42 28.40 -27.86
CA TYR A 297 61.82 28.57 -29.25
C TYR A 297 60.73 28.39 -30.30
N GLY A 298 59.74 27.56 -30.02
CA GLY A 298 58.68 27.33 -30.98
C GLY A 298 58.25 28.64 -31.64
N SER A 299 58.00 28.59 -32.95
CA SER A 299 57.49 29.76 -33.67
C SER A 299 58.37 30.98 -33.42
N ALA A 300 59.68 30.73 -33.36
CA ALA A 300 60.67 31.77 -33.14
C ALA A 300 60.48 32.55 -31.85
N GLY A 301 59.64 32.06 -30.95
CA GLY A 301 59.37 32.76 -29.70
C GLY A 301 58.57 34.04 -29.89
N GLU A 302 57.81 34.12 -30.99
CA GLU A 302 56.93 35.27 -31.26
C GLU A 302 55.52 35.08 -30.66
N ARG A 303 55.47 34.60 -29.43
CA ARG A 303 54.21 34.37 -28.70
C ARG A 303 54.11 35.16 -27.38
N CYS A 304 52.91 35.68 -27.10
CA CYS A 304 52.67 36.37 -25.84
C CYS A 304 52.63 35.37 -24.67
N MSE A 305 52.66 34.07 -24.99
CA MSE A 305 52.70 33.01 -23.95
C MSE A 305 53.95 32.14 -23.99
O MSE A 305 54.05 31.13 -23.25
CB MSE A 305 51.40 32.19 -23.96
CG MSE A 305 50.22 33.00 -23.43
SE MSE A 305 50.28 33.28 -21.47
CE MSE A 305 49.68 31.52 -20.86
N ALA A 306 54.91 32.54 -24.82
CA ALA A 306 56.23 31.91 -24.89
C ALA A 306 57.05 32.16 -23.61
N ILE A 307 58.04 31.29 -23.34
CA ILE A 307 58.90 31.46 -22.15
C ILE A 307 60.18 32.24 -22.45
N SER A 308 60.31 33.37 -21.77
CA SER A 308 61.44 34.23 -21.97
C SER A 308 62.51 33.91 -20.95
N VAL A 309 62.11 33.59 -19.72
CA VAL A 309 63.04 33.45 -18.62
C VAL A 309 62.94 32.08 -17.99
N ALA A 310 64.06 31.40 -17.90
CA ALA A 310 64.12 30.18 -17.15
C ALA A 310 64.67 30.54 -15.79
N VAL A 311 63.96 30.20 -14.72
CA VAL A 311 64.46 30.51 -13.36
C VAL A 311 64.80 29.25 -12.58
N PRO A 312 66.03 28.75 -12.73
CA PRO A 312 66.46 27.59 -11.96
C PRO A 312 66.73 27.92 -10.49
N VAL A 313 66.12 27.14 -9.60
CA VAL A 313 66.34 27.29 -8.16
C VAL A 313 67.45 26.35 -7.69
N GLY A 314 68.53 26.94 -7.18
CA GLY A 314 69.70 26.18 -6.78
C GLY A 314 70.65 26.04 -7.96
N GLU A 315 71.92 25.82 -7.64
CA GLU A 315 72.91 25.73 -8.69
C GLU A 315 73.09 24.34 -9.25
N GLU A 316 72.98 23.31 -8.42
CA GLU A 316 72.97 21.93 -8.92
C GLU A 316 71.85 21.72 -9.95
N THR A 317 70.78 22.50 -9.85
CA THR A 317 69.71 22.52 -10.86
C THR A 317 70.11 23.40 -12.04
N ALA A 318 70.44 24.65 -11.76
CA ALA A 318 70.89 25.60 -12.80
C ALA A 318 71.96 25.04 -13.75
N ASN A 319 72.91 24.29 -13.20
CA ASN A 319 73.99 23.75 -14.01
C ASN A 319 73.52 22.61 -14.88
N ARG A 320 72.72 21.73 -14.30
CA ARG A 320 72.21 20.57 -15.01
C ARG A 320 71.15 20.95 -16.02
N LEU A 321 70.45 22.07 -15.80
CA LEU A 321 69.43 22.47 -16.78
C LEU A 321 70.12 22.89 -18.07
N ILE A 322 71.06 23.83 -17.95
CA ILE A 322 71.94 24.24 -19.05
C ILE A 322 72.59 23.06 -19.78
N ASP A 323 72.98 22.04 -19.01
CA ASP A 323 73.67 20.89 -19.54
C ASP A 323 72.79 20.12 -20.52
N LYS A 324 71.48 20.10 -20.23
CA LYS A 324 70.52 19.43 -21.10
C LYS A 324 70.01 20.40 -22.15
N LEU A 325 70.12 21.68 -21.84
CA LEU A 325 69.47 22.73 -22.63
C LEU A 325 70.23 23.11 -23.88
N VAL A 326 71.58 23.19 -23.78
CA VAL A 326 72.48 23.58 -24.89
C VAL A 326 72.41 22.66 -26.13
N PRO A 327 72.57 21.32 -25.96
CA PRO A 327 72.52 20.54 -27.21
C PRO A 327 71.21 20.78 -27.93
N MSE A 328 70.11 20.72 -27.17
CA MSE A 328 68.74 20.84 -27.68
C MSE A 328 68.48 22.11 -28.46
O MSE A 328 67.73 22.08 -29.44
CB MSE A 328 67.78 20.76 -26.51
CG MSE A 328 67.77 19.35 -25.93
SE MSE A 328 66.07 19.06 -24.98
CE MSE A 328 66.76 18.84 -23.15
N VAL A 329 69.07 23.22 -28.02
CA VAL A 329 68.99 24.44 -28.80
C VAL A 329 69.71 24.23 -30.13
N GLU A 330 71.03 24.07 -30.09
CA GLU A 330 71.87 23.91 -31.29
C GLU A 330 71.37 22.90 -32.30
N SER A 331 70.64 21.89 -31.83
CA SER A 331 70.04 20.86 -32.69
C SER A 331 68.87 21.37 -33.49
N LEU A 332 68.37 22.56 -33.13
CA LEU A 332 67.17 23.13 -33.74
C LEU A 332 67.30 23.17 -35.24
N ARG A 333 66.30 22.60 -35.92
CA ARG A 333 66.20 22.76 -37.36
C ARG A 333 65.46 24.07 -37.68
N ILE A 334 66.12 24.93 -38.44
CA ILE A 334 65.56 26.22 -38.75
C ILE A 334 65.30 26.25 -40.26
N GLY A 335 64.10 26.61 -40.69
CA GLY A 335 63.77 26.58 -42.12
C GLY A 335 62.48 27.26 -42.47
N PRO A 336 62.14 27.36 -43.74
CA PRO A 336 60.92 28.02 -44.15
C PRO A 336 59.73 27.15 -43.99
N TYR A 337 58.55 27.70 -44.03
CA TYR A 337 57.33 26.99 -43.70
C TYR A 337 57.24 25.82 -44.62
N THR A 338 57.89 25.94 -45.75
CA THR A 338 57.95 24.92 -46.77
C THR A 338 58.76 23.65 -46.44
N ASP A 339 59.70 23.76 -45.52
CA ASP A 339 60.46 22.65 -45.00
C ASP A 339 59.70 22.16 -43.78
N GLU A 340 58.87 21.13 -43.98
CA GLU A 340 58.00 20.58 -42.93
C GLU A 340 58.78 20.06 -41.71
N LYS A 341 60.09 19.91 -41.88
CA LYS A 341 60.97 19.37 -40.83
C LYS A 341 61.33 20.41 -39.77
N ALA A 342 61.13 21.68 -40.08
CA ALA A 342 61.71 22.73 -39.28
C ALA A 342 60.91 23.03 -38.02
N ASP A 343 61.65 23.31 -36.95
CA ASP A 343 61.09 23.67 -35.65
C ASP A 343 60.82 25.17 -35.61
N MSE A 344 61.49 25.91 -36.49
CA MSE A 344 61.40 27.38 -36.48
C MSE A 344 61.50 27.95 -37.85
O MSE A 344 62.29 27.49 -38.68
CB MSE A 344 62.60 27.97 -35.77
CG MSE A 344 62.29 28.44 -34.36
SE MSE A 344 63.98 29.25 -33.72
CE MSE A 344 65.30 27.86 -34.19
N GLY A 345 60.71 28.99 -38.07
CA GLY A 345 60.75 29.78 -39.29
C GLY A 345 61.46 31.10 -39.05
N PRO A 346 61.24 32.07 -39.92
CA PRO A 346 61.84 33.37 -39.71
C PRO A 346 60.94 34.25 -38.86
N VAL A 347 61.46 35.37 -38.43
CA VAL A 347 60.66 36.36 -37.73
C VAL A 347 59.97 37.19 -38.79
N VAL A 348 58.99 37.97 -38.35
CA VAL A 348 57.95 38.51 -39.21
C VAL A 348 58.41 39.55 -40.23
N THR A 349 59.32 40.44 -39.83
CA THR A 349 59.76 41.53 -40.71
C THR A 349 61.27 41.79 -40.64
N LYS A 350 61.76 42.65 -41.52
CA LYS A 350 63.13 43.15 -41.42
C LYS A 350 63.33 43.89 -40.10
N GLU A 351 62.35 44.72 -39.73
CA GLU A 351 62.38 45.51 -38.49
C GLU A 351 62.41 44.64 -37.25
N ALA A 352 61.64 43.57 -37.28
CA ALA A 352 61.51 42.68 -36.14
C ALA A 352 62.84 42.01 -35.88
N GLU A 353 63.54 41.69 -36.96
CA GLU A 353 64.86 41.13 -36.84
C GLU A 353 65.88 42.11 -36.24
N GLN A 354 65.85 43.36 -36.70
CA GLN A 354 66.86 44.35 -36.29
C GLN A 354 66.86 44.61 -34.79
N ARG A 355 65.68 44.57 -34.18
CA ARG A 355 65.56 44.73 -32.73
C ARG A 355 66.04 43.51 -31.94
N ILE A 356 65.69 42.31 -32.43
CA ILE A 356 66.13 41.05 -31.78
C ILE A 356 67.64 40.91 -31.84
N ARG A 357 68.24 41.25 -32.98
CA ARG A 357 69.71 41.24 -33.10
C ARG A 357 70.34 42.32 -32.22
N SER A 358 69.71 43.49 -32.21
CA SER A 358 70.12 44.61 -31.37
C SER A 358 70.03 44.27 -29.88
N LEU A 359 68.84 43.80 -29.45
CA LEU A 359 68.63 43.41 -28.07
C LEU A 359 69.63 42.35 -27.60
N ILE A 360 69.90 41.34 -28.44
CA ILE A 360 70.87 40.28 -28.14
C ILE A 360 72.23 40.89 -27.81
N ASP A 361 72.71 41.79 -28.65
CA ASP A 361 74.03 42.39 -28.42
C ASP A 361 74.06 43.16 -27.12
N SER A 362 72.91 43.74 -26.76
CA SER A 362 72.73 44.36 -25.46
C SER A 362 73.05 43.40 -24.29
N GLY A 363 72.69 42.14 -24.46
CA GLY A 363 72.96 41.11 -23.46
C GLY A 363 74.44 40.90 -23.23
N ILE A 364 75.19 40.74 -24.31
CA ILE A 364 76.64 40.56 -24.21
C ILE A 364 77.25 41.83 -23.62
N GLU A 365 76.70 42.97 -24.04
CA GLU A 365 77.18 44.29 -23.63
C GLU A 365 77.02 44.57 -22.12
N GLN A 366 76.06 43.91 -21.48
CA GLN A 366 75.74 44.17 -20.08
C GLN A 366 76.16 43.08 -19.10
N GLY A 367 76.70 41.99 -19.60
CA GLY A 367 77.23 40.98 -18.70
C GLY A 367 76.80 39.57 -18.99
N ALA A 368 75.63 39.39 -19.60
CA ALA A 368 75.10 38.04 -19.85
C ALA A 368 76.15 37.12 -20.49
N LYS A 369 75.94 35.81 -20.36
CA LYS A 369 76.84 34.81 -20.90
C LYS A 369 76.08 34.05 -21.99
N LEU A 370 76.45 34.31 -23.25
CA LEU A 370 75.76 33.73 -24.39
C LEU A 370 76.26 32.32 -24.64
N VAL A 371 75.66 31.34 -23.95
CA VAL A 371 76.07 29.94 -24.07
C VAL A 371 75.68 29.26 -25.38
N VAL A 372 74.66 29.76 -26.08
CA VAL A 372 74.42 29.35 -27.46
C VAL A 372 74.29 30.57 -28.38
N ASP A 373 75.18 30.66 -29.38
CA ASP A 373 75.20 31.80 -30.29
C ASP A 373 74.46 31.55 -31.62
N GLY A 374 73.29 32.17 -31.76
CA GLY A 374 72.48 32.07 -32.98
C GLY A 374 72.70 33.21 -33.98
N ARG A 375 73.40 34.26 -33.57
CA ARG A 375 73.62 35.46 -34.40
C ARG A 375 74.05 35.16 -35.84
N ASP A 376 75.12 34.41 -35.98
CA ASP A 376 75.75 34.25 -37.27
C ASP A 376 75.35 32.91 -37.83
N PHE A 377 74.17 32.92 -38.41
CA PHE A 377 73.59 31.76 -39.03
C PHE A 377 72.73 32.31 -40.16
N LYS A 378 72.98 31.87 -41.38
CA LYS A 378 72.04 32.16 -42.44
C LYS A 378 71.73 30.84 -43.08
N LEU A 379 70.80 30.85 -44.02
CA LEU A 379 70.35 29.61 -44.66
C LEU A 379 70.57 29.62 -46.17
N GLN A 380 71.13 28.53 -46.67
CA GLN A 380 71.47 28.38 -48.08
C GLN A 380 70.22 28.50 -48.95
N GLY A 381 70.08 29.63 -49.63
CA GLY A 381 68.95 29.82 -50.54
C GLY A 381 67.95 30.80 -49.98
N TYR A 382 68.01 31.00 -48.66
CA TYR A 382 67.09 31.89 -47.95
C TYR A 382 67.79 32.99 -47.17
N GLU A 383 68.96 33.39 -47.67
CA GLU A 383 69.61 34.61 -47.22
C GLU A 383 68.77 35.75 -47.78
N ASN A 384 68.65 36.84 -47.02
CA ASN A 384 67.68 37.91 -47.27
C ASN A 384 66.32 37.64 -46.64
N GLY A 385 66.12 36.42 -46.14
CA GLY A 385 64.93 36.06 -45.37
C GLY A 385 65.27 36.20 -43.90
N HIS A 386 64.31 36.61 -43.09
CA HIS A 386 64.59 37.12 -41.73
C HIS A 386 64.92 36.09 -40.69
N PHE A 387 65.98 35.31 -40.92
CA PHE A 387 66.31 34.19 -40.03
C PHE A 387 67.28 34.50 -38.89
N ILE A 388 66.99 33.99 -37.69
CA ILE A 388 67.89 34.10 -36.54
C ILE A 388 67.98 32.76 -35.82
N GLY A 389 69.22 32.28 -35.64
CA GLY A 389 69.47 31.08 -34.86
C GLY A 389 69.06 31.32 -33.41
N GLY A 390 68.54 30.27 -32.76
CA GLY A 390 68.21 30.32 -31.34
C GLY A 390 69.39 30.85 -30.56
N CYS A 391 69.11 31.67 -29.54
CA CYS A 391 70.16 32.18 -28.67
C CYS A 391 69.75 31.87 -27.25
N LEU A 392 70.74 31.58 -26.41
CA LEU A 392 70.50 31.24 -25.04
C LEU A 392 71.45 32.01 -24.15
N PHE A 393 70.91 32.87 -23.29
CA PHE A 393 71.74 33.55 -22.28
C PHE A 393 71.75 32.83 -20.93
N ASP A 394 72.89 32.88 -20.27
CA ASP A 394 73.06 32.41 -18.90
C ASP A 394 73.56 33.62 -18.10
N ASP A 395 73.37 33.57 -16.78
CA ASP A 395 73.85 34.59 -15.86
C ASP A 395 73.22 35.95 -16.08
N VAL A 396 71.95 35.94 -16.49
CA VAL A 396 71.18 37.15 -16.71
C VAL A 396 70.65 37.71 -15.37
N THR A 397 70.54 39.03 -15.27
CA THR A 397 70.00 39.70 -14.07
C THR A 397 68.91 40.72 -14.44
N PRO A 398 68.01 41.03 -13.48
CA PRO A 398 66.88 41.97 -13.67
C PRO A 398 67.21 43.39 -14.16
N ASP A 399 68.44 43.85 -13.93
CA ASP A 399 68.86 45.16 -14.43
C ASP A 399 69.08 45.21 -15.96
N MSE A 400 69.38 44.07 -16.55
CA MSE A 400 69.62 43.96 -17.99
C MSE A 400 68.41 44.27 -18.82
O MSE A 400 67.29 44.19 -18.34
CB MSE A 400 70.07 42.54 -18.26
CG MSE A 400 71.58 42.48 -18.18
SE MSE A 400 72.16 40.62 -17.94
CE MSE A 400 73.73 40.91 -16.77
N ASP A 401 68.63 44.61 -20.08
CA ASP A 401 67.54 44.99 -20.98
C ASP A 401 66.81 43.77 -21.51
N ILE A 402 67.57 42.73 -21.85
CA ILE A 402 66.99 41.44 -22.26
C ILE A 402 66.11 40.79 -21.20
N TYR A 403 66.24 41.24 -19.96
CA TYR A 403 65.31 40.80 -18.93
C TYR A 403 64.05 41.67 -18.96
N LYS A 404 64.22 42.99 -18.97
CA LYS A 404 63.11 43.96 -18.88
C LYS A 404 62.16 44.00 -20.09
N THR A 405 62.73 44.06 -21.28
CA THR A 405 61.98 44.15 -22.55
C THR A 405 61.37 42.80 -22.92
N GLU A 406 60.27 42.83 -23.68
CA GLU A 406 59.75 41.63 -24.34
C GLU A 406 60.49 41.50 -25.65
N ILE A 407 61.24 40.41 -25.80
CA ILE A 407 62.11 40.23 -26.96
C ILE A 407 61.35 39.77 -28.20
N PHE A 408 60.42 38.84 -28.02
CA PHE A 408 59.51 38.44 -29.09
C PHE A 408 60.29 37.89 -30.29
N GLY A 409 61.26 37.03 -29.98
CA GLY A 409 62.17 36.40 -30.95
C GLY A 409 62.82 35.23 -30.23
N PRO A 410 63.77 34.51 -30.88
CA PRO A 410 64.24 33.24 -30.29
C PRO A 410 65.35 33.37 -29.24
N VAL A 411 65.08 34.14 -28.18
CA VAL A 411 66.07 34.47 -27.14
C VAL A 411 65.57 34.17 -25.72
N LEU A 412 66.02 33.06 -25.13
CA LEU A 412 65.57 32.64 -23.78
C LEU A 412 66.63 32.90 -22.74
N SER A 413 66.35 33.82 -21.82
CA SER A 413 67.29 34.20 -20.75
C SER A 413 67.22 33.23 -19.57
N VAL A 414 68.37 32.92 -18.98
CA VAL A 414 68.43 32.14 -17.73
C VAL A 414 68.88 33.01 -16.55
N VAL A 415 68.05 33.07 -15.52
CA VAL A 415 68.36 33.81 -14.30
C VAL A 415 68.42 32.86 -13.14
N ARG A 416 69.57 32.78 -12.47
CA ARG A 416 69.77 31.85 -11.38
C ARG A 416 69.33 32.46 -10.07
N ALA A 417 68.28 31.87 -9.48
CA ALA A 417 67.79 32.25 -8.16
C ALA A 417 68.34 31.30 -7.09
N ARG A 418 68.65 31.82 -5.92
CA ARG A 418 69.27 31.02 -4.86
C ARG A 418 68.27 30.14 -4.08
N ASN A 419 67.00 30.56 -4.09
CA ASN A 419 65.96 29.89 -3.30
C ASN A 419 64.55 30.17 -3.82
N TYR A 420 63.59 29.38 -3.36
CA TYR A 420 62.19 29.57 -3.67
C TYR A 420 61.74 31.02 -3.56
N GLU A 421 62.00 31.64 -2.41
CA GLU A 421 61.47 32.98 -2.19
C GLU A 421 61.94 33.99 -3.23
N GLU A 422 63.25 33.97 -3.45
CA GLU A 422 63.94 34.84 -4.41
C GLU A 422 63.46 34.59 -5.84
N ALA A 423 63.27 33.31 -6.16
CA ALA A 423 62.80 32.85 -7.47
C ALA A 423 61.45 33.44 -7.82
N LEU A 424 60.58 33.54 -6.82
CA LEU A 424 59.23 34.02 -6.96
C LEU A 424 59.19 35.53 -7.15
N SER A 425 60.03 36.25 -6.43
CA SER A 425 60.13 37.70 -6.57
C SER A 425 60.37 38.07 -8.04
N LEU A 426 61.01 37.19 -8.79
CA LEU A 426 61.31 37.49 -10.17
C LEU A 426 60.05 37.85 -10.97
N PRO A 427 59.11 36.89 -11.17
CA PRO A 427 57.85 37.28 -11.84
C PRO A 427 57.04 38.32 -11.08
N MSE A 428 56.89 38.15 -9.77
CA MSE A 428 56.19 39.12 -8.92
C MSE A 428 56.49 40.54 -9.37
O MSE A 428 55.59 41.31 -9.68
CB MSE A 428 56.60 38.94 -7.46
CG MSE A 428 55.59 39.54 -6.48
SE MSE A 428 53.85 38.56 -6.38
CE MSE A 428 54.46 37.07 -5.23
N LYS A 429 57.79 40.85 -9.46
CA LYS A 429 58.26 42.20 -9.61
C LYS A 429 58.15 42.75 -11.01
N HIS A 430 57.88 41.91 -11.99
CA HIS A 430 57.96 42.32 -13.39
C HIS A 430 56.79 43.14 -13.85
N GLU A 431 57.03 44.05 -14.78
CA GLU A 431 55.96 44.86 -15.39
C GLU A 431 54.84 43.96 -15.93
N TYR A 432 55.27 42.86 -16.55
CA TYR A 432 54.40 41.92 -17.24
C TYR A 432 53.94 40.74 -16.37
N GLY A 433 52.65 40.42 -16.47
CA GLY A 433 52.05 39.35 -15.68
C GLY A 433 51.09 38.48 -16.49
N ASN A 434 51.52 38.08 -17.68
CA ASN A 434 50.68 37.32 -18.59
C ASN A 434 50.59 35.86 -18.12
N GLY A 435 51.72 35.17 -18.16
CA GLY A 435 51.79 33.76 -17.77
C GLY A 435 53.04 33.47 -16.96
N VAL A 436 53.00 32.38 -16.21
CA VAL A 436 54.12 31.96 -15.38
C VAL A 436 53.97 30.47 -15.09
N ALA A 437 55.10 29.78 -15.10
CA ALA A 437 55.11 28.36 -14.79
C ALA A 437 55.98 28.06 -13.55
N ILE A 438 55.63 27.00 -12.83
CA ILE A 438 56.49 26.48 -11.80
C ILE A 438 56.61 24.97 -12.01
N TYR A 439 57.80 24.43 -11.82
CA TYR A 439 58.03 23.02 -12.05
C TYR A 439 58.58 22.43 -10.80
N THR A 440 57.89 21.42 -10.28
CA THR A 440 58.20 20.75 -9.01
C THR A 440 57.28 19.56 -8.73
N ARG A 441 57.67 18.71 -7.78
CA ARG A 441 56.81 17.61 -7.34
C ARG A 441 56.11 17.95 -6.03
N ASP A 442 56.57 19.03 -5.41
CA ASP A 442 56.09 19.49 -4.11
C ASP A 442 54.72 20.18 -4.20
N GLY A 443 53.73 19.58 -3.54
CA GLY A 443 52.41 20.19 -3.43
C GLY A 443 52.34 21.57 -2.81
N ASP A 444 53.11 21.79 -1.73
CA ASP A 444 53.18 23.08 -1.03
C ASP A 444 53.73 24.24 -1.87
N ALA A 445 54.76 23.99 -2.66
CA ALA A 445 55.38 25.00 -3.51
C ALA A 445 54.47 25.39 -4.66
N ALA A 446 53.84 24.40 -5.28
CA ALA A 446 52.90 24.66 -6.35
C ALA A 446 51.78 25.57 -5.84
N ARG A 447 51.10 25.17 -4.77
CA ARG A 447 50.00 25.94 -4.20
C ARG A 447 50.39 27.36 -3.75
N ASP A 448 51.55 27.50 -3.11
CA ASP A 448 51.94 28.79 -2.54
C ASP A 448 52.21 29.75 -3.67
N PHE A 449 52.96 29.25 -4.63
CA PHE A 449 53.31 30.00 -5.82
C PHE A 449 52.07 30.42 -6.59
N ALA A 450 51.28 29.45 -7.03
CA ALA A 450 50.14 29.72 -7.89
C ALA A 450 49.23 30.78 -7.28
N SER A 451 49.12 30.70 -5.95
CA SER A 451 48.24 31.53 -5.13
C SER A 451 48.72 32.99 -4.97
N ARG A 452 49.99 33.13 -4.56
CA ARG A 452 50.60 34.43 -4.28
C ARG A 452 50.94 35.24 -5.50
N ILE A 453 51.48 34.56 -6.53
CA ILE A 453 51.95 35.20 -7.76
C ILE A 453 50.94 36.20 -8.28
N ASN A 454 51.40 37.33 -8.80
CA ASN A 454 50.49 38.30 -9.43
C ASN A 454 50.42 38.18 -10.95
N ILE A 455 50.29 36.94 -11.43
CA ILE A 455 50.21 36.65 -12.86
C ILE A 455 48.85 36.00 -13.18
N GLY A 456 48.30 36.33 -14.35
CA GLY A 456 46.98 35.90 -14.77
C GLY A 456 46.80 34.39 -14.98
N MSE A 457 47.70 33.79 -15.77
CA MSE A 457 47.64 32.35 -16.10
C MSE A 457 48.85 31.66 -15.57
O MSE A 457 49.96 32.12 -15.78
CB MSE A 457 47.55 32.22 -17.61
CG MSE A 457 46.22 32.85 -18.01
SE MSE A 457 46.19 33.53 -19.87
CE MSE A 457 47.18 35.23 -19.70
N VAL A 458 48.67 30.54 -14.86
CA VAL A 458 49.74 29.88 -14.10
C VAL A 458 49.83 28.40 -14.47
N GLY A 459 51.05 27.88 -14.64
CA GLY A 459 51.26 26.45 -14.95
C GLY A 459 52.06 25.67 -13.90
N VAL A 460 51.45 24.62 -13.35
CA VAL A 460 52.18 23.69 -12.50
C VAL A 460 52.65 22.48 -13.32
N ASN A 461 53.94 22.45 -13.64
CA ASN A 461 54.48 21.42 -14.53
C ASN A 461 53.78 21.49 -15.90
N VAL A 462 53.31 22.69 -16.23
CA VAL A 462 52.79 22.99 -17.55
C VAL A 462 53.56 24.20 -18.11
N PRO A 463 54.22 24.04 -19.26
CA PRO A 463 55.05 25.14 -19.79
C PRO A 463 54.26 26.37 -20.23
N ILE A 464 53.15 26.17 -20.94
CA ILE A 464 52.41 27.27 -21.56
C ILE A 464 50.96 27.25 -21.08
N PRO A 465 50.68 27.94 -19.98
CA PRO A 465 49.41 27.73 -19.32
C PRO A 465 48.26 28.53 -19.89
N VAL A 466 48.06 28.47 -21.20
CA VAL A 466 46.95 29.17 -21.89
C VAL A 466 45.67 28.41 -21.66
N PRO A 467 44.67 29.06 -21.03
CA PRO A 467 43.49 28.27 -20.73
C PRO A 467 42.75 27.85 -22.00
N LEU A 468 42.00 26.76 -21.93
CA LEU A 468 41.15 26.35 -23.03
C LEU A 468 39.95 27.30 -23.19
N ALA A 469 39.27 27.20 -24.32
CA ALA A 469 38.18 28.12 -24.74
C ALA A 469 37.01 28.21 -23.77
N TYR A 470 36.82 27.20 -22.95
CA TYR A 470 35.76 27.27 -21.97
C TYR A 470 36.17 27.94 -20.67
N HIS A 471 37.45 28.22 -20.52
CA HIS A 471 37.90 29.13 -19.51
C HIS A 471 38.24 30.43 -20.18
N SER A 472 38.93 31.31 -19.48
CA SER A 472 39.17 32.64 -20.00
C SER A 472 40.66 32.95 -20.02
N PHE A 473 41.03 33.90 -20.86
CA PHE A 473 42.42 34.26 -21.02
C PHE A 473 42.57 35.71 -20.59
N GLY A 474 43.65 36.01 -19.88
CA GLY A 474 44.00 37.39 -19.58
C GLY A 474 45.06 37.47 -18.50
N GLY A 475 46.08 38.30 -18.72
CA GLY A 475 47.14 38.48 -17.72
C GLY A 475 46.81 39.58 -16.75
N TRP A 476 47.74 39.89 -15.85
CA TRP A 476 47.55 40.99 -14.93
C TRP A 476 48.59 42.07 -15.13
N LYS A 477 48.58 43.04 -14.23
CA LYS A 477 49.49 44.19 -14.29
C LYS A 477 49.48 44.76 -15.70
N SER A 478 50.66 44.97 -16.30
CA SER A 478 50.75 45.67 -17.59
C SER A 478 50.22 44.90 -18.80
N SER A 479 49.87 43.63 -18.59
CA SER A 479 49.53 42.72 -19.67
C SER A 479 48.04 42.77 -20.08
N SER A 480 47.17 43.32 -19.24
CA SER A 480 45.73 43.42 -19.59
C SER A 480 44.99 44.59 -18.95
N PHE A 481 43.90 44.99 -19.62
CA PHE A 481 43.13 46.19 -19.33
C PHE A 481 41.64 45.91 -19.42
N GLY A 482 40.85 46.57 -18.58
CA GLY A 482 39.42 46.29 -18.50
C GLY A 482 39.20 45.29 -17.38
N ASP A 483 37.99 44.72 -17.32
CA ASP A 483 37.59 43.88 -16.20
C ASP A 483 36.91 42.59 -16.64
N LEU A 484 37.04 42.30 -17.94
CA LEU A 484 36.54 41.07 -18.55
C LEU A 484 37.58 40.47 -19.49
N ASN A 485 37.82 39.18 -19.35
CA ASN A 485 38.82 38.48 -20.15
C ASN A 485 38.40 38.07 -21.54
N GLN A 486 39.17 37.15 -22.11
CA GLN A 486 39.00 36.67 -23.47
C GLN A 486 38.40 35.26 -23.47
N HIS A 487 37.52 34.97 -24.43
CA HIS A 487 36.65 33.76 -24.41
C HIS A 487 36.03 33.40 -23.09
N GLY A 488 35.50 32.19 -22.98
CA GLY A 488 34.81 31.77 -21.74
C GLY A 488 33.54 32.59 -21.46
N THR A 489 32.93 32.36 -20.29
CA THR A 489 31.73 33.10 -19.90
C THR A 489 31.98 34.62 -19.78
N ASP A 490 33.21 34.99 -19.43
CA ASP A 490 33.64 36.37 -19.55
C ASP A 490 33.26 37.00 -20.87
N SER A 491 33.59 36.35 -21.97
CA SER A 491 33.38 36.98 -23.26
C SER A 491 31.90 37.13 -23.58
N ILE A 492 31.06 36.25 -23.06
CA ILE A 492 29.63 36.40 -23.26
C ILE A 492 29.17 37.68 -22.56
N LYS A 493 29.78 37.98 -21.42
CA LYS A 493 29.45 39.13 -20.60
C LYS A 493 29.95 40.40 -21.27
N PHE A 494 31.10 40.34 -21.92
CA PHE A 494 31.57 41.46 -22.73
C PHE A 494 30.69 41.80 -23.92
N TRP A 495 30.08 40.80 -24.56
CA TRP A 495 29.36 41.06 -25.80
C TRP A 495 27.88 41.17 -25.63
N THR A 496 27.43 41.43 -24.40
CA THR A 496 26.01 41.66 -24.11
C THR A 496 25.85 42.74 -23.06
N ARG A 497 24.72 43.43 -23.13
CA ARG A 497 24.31 44.35 -22.08
C ARG A 497 23.17 43.70 -21.35
N THR A 498 23.03 44.04 -20.09
CA THR A 498 21.92 43.50 -19.30
C THR A 498 20.77 44.51 -19.25
N LYS A 499 19.57 44.02 -19.53
CA LYS A 499 18.36 44.80 -19.30
C LYS A 499 17.62 44.03 -18.18
N THR A 500 17.08 44.74 -17.19
CA THR A 500 16.39 44.10 -16.06
C THR A 500 14.94 44.57 -16.04
N ILE A 501 14.03 43.63 -16.11
CA ILE A 501 12.63 43.96 -16.15
C ILE A 501 11.97 43.71 -14.77
N THR A 502 11.14 44.65 -14.35
CA THR A 502 10.36 44.48 -13.16
C THR A 502 8.88 44.61 -13.50
N SER A 503 8.14 43.57 -13.11
CA SER A 503 6.84 43.28 -13.69
C SER A 503 5.78 43.04 -12.61
N ARG A 504 4.63 43.68 -12.80
CA ARG A 504 3.45 43.49 -11.98
C ARG A 504 2.21 43.68 -12.87
N TRP A 505 1.05 43.20 -12.42
CA TRP A 505 -0.21 43.41 -13.15
C TRP A 505 -1.34 43.87 -12.26
N PRO A 506 -2.21 44.75 -12.77
CA PRO A 506 -3.40 45.17 -12.02
C PRO A 506 -4.51 44.16 -12.20
N SER A 507 -5.31 43.91 -11.17
CA SER A 507 -6.38 42.94 -11.36
C SER A 507 -7.21 43.32 -12.57
N GLY A 508 -7.27 42.41 -13.53
CA GLY A 508 -8.03 42.66 -14.74
C GLY A 508 -9.14 41.64 -14.90
N ILE A 509 -9.26 41.10 -16.12
CA ILE A 509 -10.38 40.24 -16.51
C ILE A 509 -10.59 38.95 -15.68
N LYS A 510 -9.52 38.37 -15.10
CA LYS A 510 -9.73 37.24 -14.17
C LYS A 510 -10.64 37.68 -13.04
N ASP A 511 -11.46 36.75 -12.57
CA ASP A 511 -12.63 37.03 -11.73
C ASP A 511 -12.64 38.37 -10.97
N TYR B 25 29.69 69.91 13.60
CA TYR B 25 29.85 71.23 12.90
C TYR B 25 30.95 71.15 11.82
N GLU B 26 32.08 70.54 12.16
CA GLU B 26 33.19 70.39 11.22
C GLU B 26 33.56 68.93 10.93
N LEU B 27 33.22 68.47 9.72
CA LEU B 27 33.61 67.14 9.25
C LEU B 27 34.94 67.16 8.50
N GLY B 28 35.80 66.20 8.81
CA GLY B 28 37.04 66.05 8.10
C GLY B 28 36.97 64.81 7.26
N HIS B 29 37.90 63.89 7.51
CA HIS B 29 37.93 62.61 6.87
C HIS B 29 37.84 61.51 7.90
N PHE B 30 37.77 60.28 7.41
CA PHE B 30 37.82 59.08 8.23
C PHE B 30 38.89 58.16 7.59
N ILE B 31 40.10 58.23 8.15
CA ILE B 31 41.22 57.45 7.65
C ILE B 31 41.62 56.47 8.73
N ASP B 32 41.92 55.25 8.32
CA ASP B 32 42.47 54.23 9.20
C ASP B 32 41.76 54.17 10.56
N GLY B 33 40.44 54.03 10.50
CA GLY B 33 39.64 53.65 11.67
C GLY B 33 39.22 54.71 12.66
N LYS B 34 39.50 55.97 12.34
CA LYS B 34 39.00 57.08 13.15
C LYS B 34 38.96 58.36 12.33
N ARG B 35 38.01 59.23 12.69
CA ARG B 35 37.80 60.48 12.02
C ARG B 35 39.10 61.27 12.12
N VAL B 36 39.49 61.95 11.04
CA VAL B 36 40.69 62.81 11.07
C VAL B 36 40.41 64.17 10.38
N ALA B 37 41.05 65.24 10.86
CA ALA B 37 40.98 66.52 10.15
C ALA B 37 42.03 66.54 9.04
N GLY B 38 41.76 67.28 7.96
CA GLY B 38 42.66 67.32 6.78
C GLY B 38 43.79 68.33 6.83
N THR B 39 44.84 68.10 6.04
CA THR B 39 45.97 69.01 5.99
C THR B 39 45.74 70.10 4.93
N SER B 40 44.72 69.89 4.11
CA SER B 40 44.37 70.78 3.00
C SER B 40 44.13 72.23 3.41
N GLY B 41 43.61 72.40 4.63
CA GLY B 41 43.23 73.69 5.15
C GLY B 41 42.06 74.29 4.41
N ARG B 42 41.49 73.55 3.46
CA ARG B 42 40.36 74.07 2.70
C ARG B 42 39.05 73.44 3.18
N VAL B 43 37.91 74.08 2.88
CA VAL B 43 36.59 73.54 3.26
C VAL B 43 35.43 73.83 2.26
N SER B 44 34.43 72.97 2.29
CA SER B 44 33.18 73.21 1.58
C SER B 44 32.12 73.45 2.64
N ASN B 45 31.15 74.30 2.31
CA ASN B 45 29.98 74.53 3.16
C ASN B 45 28.95 73.42 3.03
N ILE B 46 28.17 73.20 4.09
CA ILE B 46 27.03 72.28 4.11
C ILE B 46 25.78 73.06 4.54
N PHE B 47 24.88 73.31 3.59
CA PHE B 47 23.63 74.00 3.88
C PHE B 47 22.68 73.01 4.53
N ASN B 48 21.70 73.53 5.28
CA ASN B 48 20.47 72.81 5.64
C ASN B 48 19.46 73.41 4.71
N PRO B 49 19.01 72.64 3.73
CA PRO B 49 18.25 73.17 2.60
C PRO B 49 16.83 73.60 2.92
N ALA B 50 16.37 73.24 4.12
CA ALA B 50 15.08 73.71 4.66
C ALA B 50 15.19 75.18 5.07
N THR B 51 16.13 75.48 5.96
CA THR B 51 16.37 76.85 6.40
C THR B 51 17.05 77.67 5.29
N GLY B 52 17.90 77.02 4.52
CA GLY B 52 18.60 77.69 3.43
C GLY B 52 20.05 77.98 3.75
N GLU B 53 20.36 78.14 5.03
CA GLU B 53 21.69 78.57 5.41
C GLU B 53 22.62 77.46 5.86
N VAL B 54 23.90 77.79 5.98
CA VAL B 54 24.97 76.86 6.37
C VAL B 54 24.77 76.35 7.80
N GLN B 55 25.24 75.13 8.04
CA GLN B 55 25.18 74.49 9.35
C GLN B 55 26.49 73.78 9.68
N GLY B 56 27.37 73.62 8.69
CA GLY B 56 28.65 72.95 8.90
C GLY B 56 29.57 72.89 7.71
N THR B 57 30.84 72.59 7.94
CA THR B 57 31.78 72.48 6.81
C THR B 57 32.50 71.15 6.72
N VAL B 58 32.75 70.73 5.49
CA VAL B 58 33.57 69.54 5.25
C VAL B 58 34.96 69.97 4.77
N ALA B 59 35.96 69.24 5.26
CA ALA B 59 37.32 69.36 4.75
C ALA B 59 37.33 68.99 3.28
N LEU B 60 37.92 69.84 2.46
CA LEU B 60 38.31 69.40 1.13
C LEU B 60 39.67 68.65 1.30
N ALA B 61 40.09 67.83 0.35
CA ALA B 61 41.33 67.05 0.58
C ALA B 61 42.43 67.35 -0.42
N SER B 62 43.67 67.35 0.08
CA SER B 62 44.86 67.47 -0.76
C SER B 62 45.25 66.12 -1.36
N ASP B 63 46.34 66.11 -2.12
CA ASP B 63 46.95 64.85 -2.56
C ASP B 63 47.57 64.09 -1.38
N ALA B 64 48.22 64.81 -0.46
CA ALA B 64 48.80 64.22 0.76
C ALA B 64 47.72 63.57 1.62
N ASP B 65 46.59 64.26 1.73
CA ASP B 65 45.41 63.75 2.44
C ASP B 65 44.90 62.49 1.73
N LEU B 66 44.85 62.52 0.41
CA LEU B 66 44.41 61.37 -0.36
C LEU B 66 45.39 60.20 -0.30
N ALA B 67 46.68 60.51 -0.32
CA ALA B 67 47.78 59.53 -0.32
C ALA B 67 47.88 58.78 1.00
N ALA B 68 47.63 59.49 2.09
CA ALA B 68 47.67 58.88 3.38
C ALA B 68 46.59 57.77 3.50
N ALA B 69 45.52 57.93 2.72
CA ALA B 69 44.38 57.01 2.74
C ALA B 69 44.68 55.78 1.91
N VAL B 70 45.44 55.97 0.84
CA VAL B 70 45.81 54.86 -0.02
C VAL B 70 46.86 54.01 0.69
N GLU B 71 47.67 54.66 1.54
CA GLU B 71 48.66 53.96 2.35
C GLU B 71 48.08 53.12 3.48
N SER B 72 47.01 53.62 4.10
CA SER B 72 46.21 52.86 5.07
C SER B 72 45.71 51.62 4.39
N ALA B 73 45.00 51.84 3.28
CA ALA B 73 44.40 50.76 2.48
C ALA B 73 45.42 49.74 2.01
N LYS B 74 46.62 50.19 1.65
CA LYS B 74 47.65 49.25 1.19
C LYS B 74 48.19 48.38 2.34
N ALA B 75 48.27 48.97 3.53
CA ALA B 75 48.71 48.26 4.73
C ALA B 75 47.76 47.16 5.22
N ALA B 76 46.44 47.41 5.12
CA ALA B 76 45.42 46.54 5.71
C ALA B 76 44.90 45.43 4.79
N GLN B 77 45.03 45.64 3.49
CA GLN B 77 44.33 44.82 2.50
C GLN B 77 44.83 43.38 2.43
N PRO B 78 46.16 43.15 2.59
CA PRO B 78 46.56 41.74 2.48
C PRO B 78 46.04 40.85 3.62
N LYS B 79 45.91 41.39 4.82
CA LYS B 79 45.45 40.59 5.93
C LYS B 79 43.93 40.43 5.83
N TRP B 80 43.24 41.45 5.33
CA TRP B 80 41.82 41.33 4.95
C TRP B 80 41.62 40.31 3.84
N ALA B 81 42.45 40.37 2.80
CA ALA B 81 42.45 39.36 1.73
C ALA B 81 42.64 37.91 2.25
N ALA B 82 43.40 37.78 3.35
CA ALA B 82 43.72 36.51 4.01
C ALA B 82 42.55 35.83 4.68
N THR B 83 41.73 36.60 5.39
CA THR B 83 40.61 36.10 6.20
C THR B 83 39.61 35.40 5.31
N ASN B 84 39.12 34.22 5.69
CA ASN B 84 38.23 33.50 4.77
C ASN B 84 36.89 34.20 4.48
N PRO B 85 36.25 33.83 3.35
CA PRO B 85 34.97 34.44 2.96
C PRO B 85 33.87 34.40 4.06
N GLN B 86 33.83 33.33 4.85
CA GLN B 86 32.88 33.22 5.96
C GLN B 86 33.03 34.29 7.04
N ARG B 87 34.25 34.45 7.55
CA ARG B 87 34.57 35.50 8.52
C ARG B 87 34.35 36.90 7.88
N ARG B 88 34.77 37.05 6.64
CA ARG B 88 34.43 38.26 5.91
C ARG B 88 32.92 38.53 5.88
N ALA B 89 32.14 37.51 5.51
CA ALA B 89 30.68 37.63 5.53
C ALA B 89 30.09 38.03 6.89
N ARG B 90 30.75 37.66 7.99
CA ARG B 90 30.15 37.85 9.29
C ARG B 90 30.14 39.30 9.72
N VAL B 91 31.09 40.04 9.18
CA VAL B 91 31.24 41.45 9.48
C VAL B 91 30.02 42.16 8.91
N PHE B 92 29.59 41.70 7.74
CA PHE B 92 28.46 42.31 7.04
C PHE B 92 27.16 41.99 7.72
N MSE B 93 27.06 40.79 8.25
CA MSE B 93 25.93 40.41 9.08
C MSE B 93 25.80 41.43 10.18
O MSE B 93 24.75 42.12 10.26
CB MSE B 93 26.21 39.04 9.64
CG MSE B 93 25.16 38.05 9.16
SE MSE B 93 25.76 36.23 9.61
CE MSE B 93 27.32 36.01 8.41
N LYS B 94 26.83 41.56 11.02
CA LYS B 94 26.78 42.45 12.18
C LYS B 94 26.62 43.91 11.76
N PHE B 95 27.07 44.25 10.56
CA PHE B 95 26.89 45.59 10.05
C PHE B 95 25.43 45.87 9.65
N VAL B 96 24.71 44.84 9.21
CA VAL B 96 23.26 44.94 9.00
C VAL B 96 22.56 45.11 10.36
N GLN B 97 23.01 44.39 11.39
CA GLN B 97 22.53 44.58 12.79
C GLN B 97 22.57 46.05 13.18
N LEU B 98 23.77 46.62 13.17
CA LEU B 98 24.01 48.01 13.55
C LEU B 98 23.28 49.01 12.66
N LEU B 99 23.23 48.71 11.37
CA LEU B 99 22.54 49.62 10.48
C LEU B 99 21.07 49.77 10.86
N ASN B 100 20.48 48.68 11.38
CA ASN B 100 19.11 48.69 11.88
C ASN B 100 19.01 49.38 13.22
N ASP B 101 20.00 49.13 14.06
CA ASP B 101 20.10 49.81 15.33
C ASP B 101 20.36 51.31 15.26
N ASN B 102 20.74 51.83 14.11
CA ASN B 102 20.93 53.28 13.99
C ASN B 102 20.05 53.90 12.91
N MSE B 103 19.15 53.09 12.34
CA MSE B 103 18.22 53.56 11.31
C MSE B 103 17.81 55.00 11.56
O MSE B 103 18.15 55.91 10.78
CB MSE B 103 17.04 52.60 11.33
CG MSE B 103 16.14 52.75 10.11
SE MSE B 103 17.20 52.59 8.44
CE MSE B 103 17.07 54.49 7.94
N ASN B 104 17.12 55.21 12.67
CA ASN B 104 16.72 56.52 13.16
C ASN B 104 17.79 57.60 13.10
N GLU B 105 18.86 57.42 13.87
CA GLU B 105 19.96 58.38 13.89
C GLU B 105 20.44 58.74 12.47
N LEU B 106 20.63 57.71 11.63
CA LEU B 106 21.18 57.88 10.28
C LEU B 106 20.32 58.73 9.36
N ALA B 107 19.02 58.39 9.28
CA ALA B 107 18.10 59.10 8.41
C ALA B 107 17.88 60.56 8.82
N GLU B 108 18.27 60.90 10.05
CA GLU B 108 18.18 62.27 10.57
C GLU B 108 19.30 63.13 9.97
N MSE B 109 20.53 62.62 9.95
CA MSE B 109 21.65 63.40 9.44
C MSE B 109 21.52 63.52 7.95
O MSE B 109 21.81 64.57 7.38
CB MSE B 109 23.00 62.75 9.65
CG MSE B 109 23.11 61.97 10.94
SE MSE B 109 24.64 60.77 10.68
CE MSE B 109 25.11 60.56 12.59
N LEU B 110 21.08 62.45 7.33
CA LEU B 110 20.83 62.45 5.90
C LEU B 110 19.79 63.53 5.58
N SER B 111 18.65 63.49 6.25
CA SER B 111 17.60 64.50 6.04
C SER B 111 18.03 65.97 6.23
N ARG B 112 18.74 66.31 7.29
CA ARG B 112 19.01 67.73 7.49
C ARG B 112 20.04 68.31 6.52
N GLU B 113 20.73 67.43 5.82
CA GLU B 113 21.76 67.86 4.88
C GLU B 113 21.22 67.81 3.47
N HIS B 114 20.62 66.68 3.13
CA HIS B 114 20.08 66.45 1.79
C HIS B 114 18.74 67.12 1.53
N GLY B 115 17.83 67.02 2.50
CA GLY B 115 16.49 67.60 2.36
C GLY B 115 15.37 66.61 2.11
N LYS B 116 15.73 65.37 1.89
CA LYS B 116 14.83 64.27 1.77
C LYS B 116 14.19 63.80 3.08
N THR B 117 12.99 63.31 2.93
CA THR B 117 12.05 63.12 3.98
C THR B 117 12.56 62.12 4.92
N ILE B 118 12.08 62.07 6.12
CA ILE B 118 12.61 61.07 6.98
C ILE B 118 12.32 59.69 6.51
N ASP B 119 11.14 59.47 5.98
CA ASP B 119 10.76 58.18 5.37
C ASP B 119 11.57 57.86 4.10
N ASP B 120 11.88 58.90 3.32
CA ASP B 120 12.69 58.77 2.11
C ASP B 120 14.14 58.48 2.45
N ALA B 121 14.61 59.09 3.54
CA ALA B 121 15.92 58.78 4.05
C ALA B 121 15.95 57.33 4.55
N LYS B 122 14.89 56.88 5.20
CA LYS B 122 14.86 55.49 5.64
C LYS B 122 15.03 54.51 4.47
N GLY B 123 14.32 54.77 3.37
CA GLY B 123 14.46 53.99 2.12
C GLY B 123 15.87 53.98 1.55
N ASP B 124 16.48 55.16 1.46
CA ASP B 124 17.91 55.35 1.08
C ASP B 124 18.79 54.37 1.87
N ILE B 125 18.62 54.34 3.19
CA ILE B 125 19.48 53.50 4.03
C ILE B 125 19.17 52.04 3.77
N VAL B 126 17.89 51.68 3.80
CA VAL B 126 17.48 50.30 3.52
C VAL B 126 17.92 49.77 2.15
N ARG B 127 17.83 50.58 1.09
CA ARG B 127 18.20 50.11 -0.25
C ARG B 127 19.68 49.71 -0.42
N GLY B 128 20.54 50.15 0.50
CA GLY B 128 21.94 49.80 0.50
C GLY B 128 22.27 48.83 1.61
N LEU B 129 21.43 48.84 2.66
CA LEU B 129 21.47 47.83 3.70
C LEU B 129 21.30 46.49 3.03
N GLU B 130 20.52 46.49 1.95
CA GLU B 130 20.13 45.31 1.21
C GLU B 130 21.21 44.76 0.30
N VAL B 131 22.11 45.63 -0.15
CA VAL B 131 23.34 45.20 -0.82
C VAL B 131 24.24 44.47 0.17
N CYS B 132 24.44 45.07 1.34
CA CYS B 132 25.13 44.42 2.43
C CYS B 132 24.56 43.07 2.73
N GLU B 133 23.24 42.95 2.68
CA GLU B 133 22.59 41.67 2.87
C GLU B 133 23.09 40.72 1.80
N PHE B 134 23.15 41.21 0.57
CA PHE B 134 23.55 40.41 -0.57
C PHE B 134 24.95 39.84 -0.43
N VAL B 135 25.85 40.65 0.08
CA VAL B 135 27.24 40.26 0.05
C VAL B 135 27.59 39.38 1.23
N ILE B 136 26.63 39.18 2.15
CA ILE B 136 26.78 38.22 3.25
C ILE B 136 26.99 36.84 2.66
N GLY B 137 26.65 36.68 1.38
CA GLY B 137 26.83 35.42 0.68
C GLY B 137 28.11 35.29 -0.14
N ILE B 138 29.11 36.12 0.15
CA ILE B 138 30.34 36.13 -0.68
C ILE B 138 31.09 34.79 -0.83
N PRO B 139 31.05 33.92 0.20
CA PRO B 139 31.61 32.57 0.02
C PRO B 139 31.15 31.88 -1.27
N HIS B 140 29.86 31.93 -1.54
CA HIS B 140 29.33 31.21 -2.67
C HIS B 140 29.50 32.05 -3.90
N LEU B 141 29.27 33.35 -3.71
CA LEU B 141 29.39 34.33 -4.78
C LEU B 141 30.80 34.42 -5.37
N GLN B 142 31.83 34.03 -4.60
CA GLN B 142 33.21 34.10 -5.06
C GLN B 142 33.74 32.82 -5.66
N LYS B 143 32.91 31.80 -5.76
CA LYS B 143 33.36 30.54 -6.35
C LYS B 143 33.94 30.68 -7.75
N SER B 144 34.76 29.70 -8.11
CA SER B 144 35.51 29.69 -9.34
C SER B 144 35.12 28.41 -10.03
N GLU B 145 35.60 28.22 -11.26
CA GLU B 145 35.29 27.03 -12.02
C GLU B 145 36.45 26.07 -12.02
N PHE B 146 36.16 24.78 -12.08
CA PHE B 146 37.20 23.77 -12.10
C PHE B 146 36.85 22.78 -13.18
N THR B 147 37.86 22.35 -13.94
CA THR B 147 37.72 21.23 -14.84
C THR B 147 38.67 20.13 -14.42
N GLU B 148 38.22 18.90 -14.49
CA GLU B 148 39.15 17.80 -14.38
C GLU B 148 39.46 17.12 -15.72
N GLY B 149 40.73 16.79 -15.96
CA GLY B 149 41.12 15.92 -17.08
C GLY B 149 40.85 16.53 -18.46
N ALA B 150 40.99 17.86 -18.52
CA ALA B 150 40.88 18.64 -19.75
C ALA B 150 42.05 18.33 -20.66
N GLY B 151 43.06 17.65 -20.11
CA GLY B 151 44.16 16.98 -20.87
C GLY B 151 44.56 15.78 -20.04
N PRO B 152 45.36 14.85 -20.58
CA PRO B 152 45.65 13.63 -19.77
C PRO B 152 46.39 13.94 -18.45
N GLY B 153 45.68 13.77 -17.35
CA GLY B 153 46.24 14.03 -16.03
C GLY B 153 46.41 15.50 -15.73
N ILE B 154 45.81 16.35 -16.57
CA ILE B 154 45.91 17.82 -16.47
C ILE B 154 44.58 18.41 -16.06
N ASP B 155 44.57 19.19 -14.98
CA ASP B 155 43.36 19.90 -14.50
C ASP B 155 43.47 21.37 -14.84
N MSE B 156 42.35 22.08 -14.92
CA MSE B 156 42.42 23.55 -14.92
C MSE B 156 41.28 24.14 -14.18
O MSE B 156 40.13 23.73 -14.33
CB MSE B 156 42.50 24.25 -16.28
CG MSE B 156 41.29 24.14 -17.19
SE MSE B 156 41.83 24.99 -18.88
CE MSE B 156 43.30 23.79 -19.44
N TYR B 157 41.60 25.16 -13.40
CA TYR B 157 40.61 25.86 -12.61
C TYR B 157 40.98 27.31 -12.51
N SER B 158 40.06 28.12 -12.00
CA SER B 158 40.31 29.53 -11.76
C SER B 158 40.12 29.97 -10.32
N ILE B 159 40.74 31.07 -9.97
CA ILE B 159 40.51 31.71 -8.68
C ILE B 159 40.17 33.17 -8.91
N ARG B 160 39.16 33.63 -8.18
CA ARG B 160 38.80 35.03 -8.16
C ARG B 160 39.43 35.68 -6.96
N GLN B 161 40.44 36.51 -7.23
CA GLN B 161 41.17 37.17 -6.16
C GLN B 161 40.85 38.66 -6.14
N PRO B 162 41.17 39.32 -5.01
CA PRO B 162 40.87 40.74 -4.93
C PRO B 162 41.57 41.52 -6.03
N VAL B 163 40.88 42.53 -6.55
CA VAL B 163 41.49 43.52 -7.42
C VAL B 163 42.67 44.19 -6.70
N GLY B 164 42.53 44.40 -5.39
CA GLY B 164 43.50 45.19 -4.59
C GLY B 164 42.84 46.36 -3.83
N ILE B 165 42.81 47.52 -4.47
CA ILE B 165 42.24 48.74 -3.86
C ILE B 165 41.25 49.52 -4.73
N GLY B 166 40.03 49.65 -4.23
CA GLY B 166 38.97 50.29 -4.96
C GLY B 166 38.73 51.72 -4.55
N ALA B 167 38.08 52.46 -5.44
CA ALA B 167 37.65 53.81 -5.17
C ALA B 167 36.22 54.05 -5.66
N GLY B 168 35.48 54.89 -4.96
CA GLY B 168 34.10 55.18 -5.29
C GLY B 168 33.73 56.64 -5.13
N ILE B 169 33.09 57.20 -6.16
CA ILE B 169 32.57 58.55 -6.10
C ILE B 169 31.06 58.44 -6.10
N THR B 170 30.40 59.13 -5.17
CA THR B 170 28.94 59.04 -5.02
C THR B 170 28.36 60.43 -5.13
N PRO B 171 27.15 60.58 -5.72
CA PRO B 171 26.55 61.91 -5.86
C PRO B 171 25.82 62.35 -4.58
N PHE B 172 25.13 63.49 -4.62
CA PHE B 172 24.55 64.08 -3.40
C PHE B 172 23.33 63.32 -2.92
N ASN B 173 22.52 62.85 -3.86
CA ASN B 173 21.19 62.37 -3.52
C ASN B 173 21.10 61.04 -2.75
N PHE B 174 22.11 60.20 -2.84
CA PHE B 174 22.08 58.98 -2.05
C PHE B 174 23.41 58.78 -1.33
N PRO B 175 23.58 59.48 -0.18
CA PRO B 175 24.81 59.39 0.58
C PRO B 175 24.85 58.10 1.41
N GLY B 176 23.75 57.34 1.40
CA GLY B 176 23.70 56.10 2.16
C GLY B 176 23.78 54.90 1.25
N MSE B 177 22.84 54.85 0.32
CA MSE B 177 22.66 53.71 -0.54
C MSE B 177 23.81 53.47 -1.48
O MSE B 177 24.34 52.36 -1.49
CB MSE B 177 21.39 53.97 -1.33
CG MSE B 177 20.98 52.71 -2.08
SE MSE B 177 19.66 53.22 -3.48
CE MSE B 177 20.81 54.40 -4.57
N ILE B 178 24.21 54.46 -2.27
CA ILE B 178 25.23 54.22 -3.31
C ILE B 178 26.66 53.96 -2.79
N PRO B 179 27.08 54.62 -1.70
CA PRO B 179 28.34 54.19 -1.10
C PRO B 179 28.36 52.70 -0.75
N MSE B 180 27.28 52.23 -0.14
CA MSE B 180 27.17 50.81 0.21
C MSE B 180 27.16 49.94 -1.00
O MSE B 180 27.85 48.92 -1.00
CB MSE B 180 25.94 50.55 1.08
CG MSE B 180 26.30 50.81 2.54
SE MSE B 180 24.69 51.10 3.65
CE MSE B 180 24.67 49.30 4.42
N TRP B 181 26.41 50.31 -2.04
CA TRP B 181 26.44 49.64 -3.34
C TRP B 181 27.83 49.26 -3.73
N MSE B 182 28.74 50.21 -3.63
CA MSE B 182 30.09 50.04 -4.10
C MSE B 182 30.92 49.31 -3.11
O MSE B 182 31.51 48.28 -3.46
CB MSE B 182 30.70 51.39 -4.31
CG MSE B 182 30.26 51.86 -5.68
SE MSE B 182 30.45 53.80 -5.54
CE MSE B 182 29.35 54.44 -7.04
N PHE B 183 31.02 49.83 -1.89
CA PHE B 183 32.00 49.29 -0.93
C PHE B 183 31.66 47.91 -0.39
N ALA B 184 30.38 47.57 -0.30
CA ALA B 184 30.00 46.25 0.21
C ALA B 184 30.52 45.12 -0.66
N PRO B 185 30.22 45.12 -1.98
CA PRO B 185 30.82 44.06 -2.79
C PRO B 185 32.33 44.19 -2.79
N ALA B 186 32.82 45.42 -3.00
CA ALA B 186 34.26 45.66 -3.13
C ALA B 186 35.06 45.12 -1.95
N ILE B 187 34.59 45.41 -0.74
CA ILE B 187 35.23 44.94 0.50
C ILE B 187 35.01 43.43 0.78
N ALA B 188 33.85 42.90 0.41
CA ALA B 188 33.60 41.48 0.63
C ALA B 188 34.48 40.59 -0.24
N CYS B 189 34.89 41.10 -1.40
CA CYS B 189 35.79 40.35 -2.30
C CYS B 189 37.26 40.32 -1.78
N GLY B 190 37.53 41.02 -0.68
CA GLY B 190 38.85 41.08 -0.07
C GLY B 190 39.63 42.33 -0.44
N ASN B 191 38.95 43.28 -1.09
CA ASN B 191 39.65 44.47 -1.48
C ASN B 191 39.60 45.48 -0.36
N ALA B 192 40.28 46.62 -0.55
CA ALA B 192 40.13 47.78 0.33
C ALA B 192 39.45 48.89 -0.47
N PHE B 193 38.65 49.70 0.20
CA PHE B 193 37.89 50.71 -0.49
C PHE B 193 38.13 52.15 -0.02
N ILE B 194 38.25 53.07 -0.97
CA ILE B 194 38.34 54.48 -0.63
C ILE B 194 37.11 55.17 -1.20
N LEU B 195 36.33 55.78 -0.32
CA LEU B 195 35.12 56.46 -0.75
C LEU B 195 35.26 57.99 -0.74
N LYS B 196 34.97 58.59 -1.90
CA LYS B 196 34.95 60.03 -2.03
C LYS B 196 33.52 60.48 -2.34
N PRO B 197 32.74 60.78 -1.29
CA PRO B 197 31.35 61.19 -1.40
C PRO B 197 31.12 62.68 -1.70
N SER B 198 29.86 63.07 -1.80
CA SER B 198 29.42 64.43 -2.14
C SER B 198 29.55 65.38 -0.95
N GLU B 199 30.24 66.50 -1.17
CA GLU B 199 30.46 67.51 -0.13
C GLU B 199 29.23 68.40 0.09
N ARG B 200 28.06 67.81 -0.16
CA ARG B 200 26.79 68.47 0.02
C ARG B 200 26.12 67.94 1.27
N ASP B 201 26.13 66.61 1.42
CA ASP B 201 25.54 65.91 2.55
C ASP B 201 26.44 64.75 3.05
N PRO B 202 27.66 65.09 3.49
CA PRO B 202 28.74 64.16 3.86
C PRO B 202 28.74 63.44 5.22
N SER B 203 27.83 63.75 6.15
CA SER B 203 27.81 63.06 7.46
C SER B 203 27.58 61.54 7.41
N VAL B 204 26.65 61.10 6.56
CA VAL B 204 26.27 59.69 6.52
C VAL B 204 27.45 58.75 6.20
N PRO B 205 28.20 59.03 5.11
CA PRO B 205 29.36 58.20 4.78
C PRO B 205 30.40 58.01 5.89
N ILE B 206 30.69 59.04 6.69
CA ILE B 206 31.62 58.85 7.81
C ILE B 206 31.00 57.88 8.82
N ARG B 207 29.80 58.22 9.31
CA ARG B 207 29.04 57.35 10.22
C ARG B 207 29.01 55.91 9.73
N LEU B 208 28.67 55.71 8.44
CA LEU B 208 28.73 54.37 7.83
C LEU B 208 30.10 53.70 8.01
N ALA B 209 31.19 54.42 7.67
CA ALA B 209 32.53 53.84 7.79
C ALA B 209 32.90 53.55 9.23
N GLU B 210 32.33 54.35 10.14
CA GLU B 210 32.59 54.27 11.58
C GLU B 210 31.87 53.06 12.16
N LEU B 211 30.65 52.86 11.69
CA LEU B 211 29.82 51.74 12.06
C LEU B 211 30.41 50.44 11.56
N MSE B 212 31.29 50.53 10.55
CA MSE B 212 31.85 49.31 9.94
C MSE B 212 33.00 48.83 10.77
O MSE B 212 33.22 47.64 10.87
CB MSE B 212 32.22 49.54 8.48
CG MSE B 212 32.59 48.24 7.76
SE MSE B 212 31.09 47.22 6.95
CE MSE B 212 30.33 48.77 6.03
N ILE B 213 33.73 49.77 11.40
CA ILE B 213 34.74 49.40 12.37
C ILE B 213 34.10 48.68 13.55
N GLU B 214 32.97 49.21 13.99
CA GLU B 214 32.20 48.63 15.07
C GLU B 214 31.76 47.17 14.81
N ALA B 215 31.27 46.88 13.60
CA ALA B 215 31.05 45.50 13.14
C ALA B 215 32.32 44.63 13.05
N GLY B 216 33.50 45.25 13.15
CA GLY B 216 34.76 44.52 13.21
C GLY B 216 35.55 44.44 11.93
N LEU B 217 35.31 45.37 11.01
CA LEU B 217 36.09 45.44 9.80
C LEU B 217 37.39 46.04 10.22
N PRO B 218 38.52 45.45 9.80
CA PRO B 218 39.82 46.06 10.07
C PRO B 218 39.89 47.55 9.65
N ALA B 219 40.73 48.33 10.35
CA ALA B 219 41.02 49.71 9.95
C ALA B 219 41.75 49.74 8.60
N GLY B 220 41.64 50.86 7.90
CA GLY B 220 42.31 51.04 6.60
C GLY B 220 41.57 50.40 5.45
N ILE B 221 40.66 49.50 5.78
CA ILE B 221 39.90 48.79 4.77
C ILE B 221 38.80 49.69 4.18
N LEU B 222 38.06 50.38 5.03
CA LEU B 222 37.11 51.34 4.53
C LEU B 222 37.39 52.74 5.04
N ASN B 223 37.95 53.59 4.18
CA ASN B 223 38.30 54.97 4.50
C ASN B 223 37.54 55.97 3.63
N VAL B 224 37.02 57.02 4.29
CA VAL B 224 36.36 58.09 3.57
C VAL B 224 37.32 59.25 3.42
N VAL B 225 37.53 59.68 2.19
CA VAL B 225 38.23 60.91 1.89
C VAL B 225 37.22 61.87 1.29
N ASN B 226 37.19 63.10 1.75
CA ASN B 226 36.25 64.08 1.24
C ASN B 226 36.93 65.13 0.40
N GLY B 227 36.23 65.66 -0.61
CA GLY B 227 36.80 66.74 -1.42
C GLY B 227 36.09 66.98 -2.73
N ASP B 228 36.66 67.85 -3.57
CA ASP B 228 36.04 68.18 -4.86
C ASP B 228 36.70 67.46 -6.05
N LYS B 229 36.66 68.12 -7.21
CA LYS B 229 37.35 67.68 -8.44
C LYS B 229 38.83 67.39 -8.15
N GLY B 230 39.41 68.17 -7.25
CA GLY B 230 40.79 67.96 -6.79
C GLY B 230 41.02 66.59 -6.17
N ALA B 231 40.01 66.05 -5.51
CA ALA B 231 40.17 64.76 -4.85
C ALA B 231 39.92 63.61 -5.84
N VAL B 232 38.96 63.83 -6.74
CA VAL B 232 38.65 62.87 -7.79
C VAL B 232 39.90 62.60 -8.63
N ASP B 233 40.55 63.69 -9.03
CA ASP B 233 41.77 63.63 -9.82
C ASP B 233 42.85 62.86 -9.10
N ALA B 234 43.04 63.16 -7.81
CA ALA B 234 44.06 62.49 -7.02
C ALA B 234 43.75 61.00 -6.84
N ILE B 235 42.48 60.63 -6.97
CA ILE B 235 42.12 59.23 -7.03
C ILE B 235 42.33 58.67 -8.43
N LEU B 236 41.73 59.32 -9.43
CA LEU B 236 41.89 58.94 -10.85
C LEU B 236 43.34 58.66 -11.26
N THR B 237 44.27 59.36 -10.63
CA THR B 237 45.63 59.06 -10.89
C THR B 237 46.41 58.73 -9.64
N HIS B 238 46.14 57.58 -9.07
CA HIS B 238 47.02 57.04 -8.06
C HIS B 238 47.27 55.61 -8.39
N PRO B 239 48.54 55.28 -8.68
CA PRO B 239 48.97 53.97 -9.18
C PRO B 239 48.49 52.75 -8.39
N ASP B 240 48.28 52.87 -7.08
CA ASP B 240 47.83 51.72 -6.24
C ASP B 240 46.32 51.48 -6.22
N ILE B 241 45.55 52.40 -6.82
CA ILE B 241 44.12 52.19 -7.03
C ILE B 241 43.93 51.46 -8.39
N ALA B 242 43.17 50.38 -8.38
CA ALA B 242 42.91 49.62 -9.60
C ALA B 242 41.52 49.81 -10.21
N ALA B 243 40.49 49.83 -9.37
CA ALA B 243 39.12 49.97 -9.83
C ALA B 243 38.46 51.28 -9.37
N VAL B 244 37.57 51.82 -10.20
CA VAL B 244 36.81 53.02 -9.88
C VAL B 244 35.35 52.91 -10.34
N SER B 245 34.40 53.08 -9.42
CA SER B 245 32.99 53.23 -9.80
C SER B 245 32.47 54.61 -9.45
N PHE B 246 31.61 55.11 -10.34
CA PHE B 246 31.09 56.45 -10.21
C PHE B 246 29.62 56.48 -10.56
N VAL B 247 28.84 57.25 -9.81
CA VAL B 247 27.51 57.66 -10.29
C VAL B 247 27.42 59.15 -10.12
N GLY B 248 26.71 59.78 -11.05
CA GLY B 248 26.53 61.23 -11.08
C GLY B 248 26.07 61.70 -12.44
N SER B 249 26.32 62.95 -12.77
CA SER B 249 25.99 63.43 -14.11
C SER B 249 26.73 62.62 -15.19
N THR B 250 26.06 62.42 -16.32
CA THR B 250 26.70 61.89 -17.53
C THR B 250 28.05 62.59 -17.92
N PRO B 251 28.07 63.94 -18.03
CA PRO B 251 29.37 64.58 -18.29
C PRO B 251 30.49 64.22 -17.30
N ILE B 252 30.20 64.17 -15.99
CA ILE B 252 31.25 63.82 -15.02
C ILE B 252 31.57 62.34 -15.19
N ALA B 253 30.55 61.53 -15.43
CA ALA B 253 30.78 60.09 -15.62
C ALA B 253 31.75 59.88 -16.77
N ARG B 254 31.32 60.36 -17.93
CA ARG B 254 32.10 60.41 -19.14
C ARG B 254 33.60 60.60 -18.83
N TYR B 255 33.92 61.70 -18.15
CA TYR B 255 35.30 62.10 -17.86
C TYR B 255 35.96 61.20 -16.84
N VAL B 256 35.22 60.75 -15.84
CA VAL B 256 35.81 59.88 -14.80
C VAL B 256 36.20 58.53 -15.42
N TYR B 257 35.31 58.02 -16.27
CA TYR B 257 35.54 56.79 -17.01
C TYR B 257 36.69 57.06 -17.96
N GLY B 258 36.57 58.18 -18.69
CA GLY B 258 37.60 58.60 -19.65
C GLY B 258 38.96 58.63 -19.01
N THR B 259 39.07 59.36 -17.90
CA THR B 259 40.33 59.53 -17.18
C THR B 259 40.82 58.25 -16.52
N ALA B 260 39.91 57.45 -15.98
CA ALA B 260 40.33 56.22 -15.35
C ALA B 260 40.99 55.33 -16.39
N ALA B 261 40.27 55.02 -17.45
CA ALA B 261 40.76 54.13 -18.50
C ALA B 261 42.14 54.54 -19.03
N MSE B 262 42.42 55.84 -19.04
CA MSE B 262 43.70 56.36 -19.47
C MSE B 262 44.80 56.07 -18.49
O MSE B 262 45.96 55.86 -18.88
CB MSE B 262 43.58 57.87 -19.51
CG MSE B 262 44.47 58.40 -20.61
SE MSE B 262 43.28 59.32 -21.87
CE MSE B 262 43.12 60.99 -20.83
N ASN B 263 44.47 56.06 -17.21
CA ASN B 263 45.42 55.71 -16.17
C ASN B 263 45.53 54.20 -15.97
N GLY B 264 44.95 53.46 -16.92
CA GLY B 264 45.08 52.02 -16.96
C GLY B 264 44.18 51.32 -15.98
N LYS B 265 43.34 52.07 -15.28
CA LYS B 265 42.46 51.45 -14.31
C LYS B 265 41.18 50.90 -14.94
N ARG B 266 40.40 50.15 -14.16
CA ARG B 266 39.15 49.64 -14.65
C ARG B 266 38.00 50.45 -14.01
N ALA B 267 36.95 50.73 -14.79
CA ALA B 267 35.90 51.68 -14.36
C ALA B 267 34.48 51.23 -14.69
N GLN B 268 33.54 51.61 -13.83
CA GLN B 268 32.12 51.50 -14.13
C GLN B 268 31.55 52.86 -13.75
N CYS B 269 30.86 53.48 -14.70
CA CYS B 269 30.30 54.79 -14.44
C CYS B 269 28.85 54.90 -14.87
N PHE B 270 28.05 55.60 -14.06
CA PHE B 270 26.60 55.77 -14.26
C PHE B 270 26.16 57.23 -14.23
N GLY B 271 25.28 57.58 -15.18
CA GLY B 271 24.96 58.98 -15.47
C GLY B 271 23.50 59.42 -15.38
N GLY B 272 23.18 60.43 -16.20
CA GLY B 272 21.90 61.11 -16.19
C GLY B 272 20.74 60.31 -16.76
N ALA B 273 19.54 60.86 -16.61
CA ALA B 273 18.30 60.12 -16.81
C ALA B 273 17.13 61.03 -17.18
N LYS B 274 16.27 60.55 -18.07
CA LYS B 274 15.02 61.24 -18.41
C LYS B 274 14.01 60.15 -18.59
N ASN B 275 13.47 59.69 -17.46
CA ASN B 275 12.70 58.48 -17.42
C ASN B 275 11.23 58.66 -17.77
N HIS B 276 10.82 58.07 -18.90
CA HIS B 276 9.43 58.14 -19.35
C HIS B 276 8.55 57.08 -18.71
N MSE B 277 7.27 57.38 -18.56
CA MSE B 277 6.25 56.39 -18.25
C MSE B 277 5.24 56.47 -19.38
O MSE B 277 4.74 57.55 -19.75
CB MSE B 277 5.64 56.63 -16.90
CG MSE B 277 4.82 55.42 -16.49
SE MSE B 277 3.29 55.95 -15.35
CE MSE B 277 4.19 55.92 -13.59
N ILE B 278 4.94 55.34 -19.98
CA ILE B 278 4.01 55.33 -21.08
C ILE B 278 2.76 54.63 -20.58
N ILE B 279 1.64 55.33 -20.66
CA ILE B 279 0.36 54.81 -20.20
C ILE B 279 -0.43 54.48 -21.43
N MSE B 280 -0.81 53.22 -21.55
CA MSE B 280 -1.54 52.71 -22.68
C MSE B 280 -2.99 52.94 -22.41
O MSE B 280 -3.38 53.08 -21.25
CB MSE B 280 -1.21 51.22 -22.61
CG MSE B 280 -1.05 50.48 -23.93
SE MSE B 280 0.17 51.42 -25.17
CE MSE B 280 -1.05 51.28 -26.73
N PRO B 281 -3.84 52.97 -23.45
CA PRO B 281 -5.26 53.28 -23.19
C PRO B 281 -6.01 52.31 -22.29
N ASP B 282 -5.43 51.14 -22.02
CA ASP B 282 -6.12 50.13 -21.24
C ASP B 282 -5.56 49.95 -19.84
N ALA B 283 -4.50 50.69 -19.52
CA ALA B 283 -3.88 50.67 -18.20
C ALA B 283 -4.90 50.86 -17.06
N ASP B 284 -4.49 50.56 -15.83
CA ASP B 284 -5.28 50.93 -14.67
C ASP B 284 -4.95 52.36 -14.35
N LEU B 285 -5.82 53.28 -14.79
CA LEU B 285 -5.59 54.74 -14.69
C LEU B 285 -5.31 55.28 -13.28
N ASP B 286 -5.99 54.74 -12.28
CA ASP B 286 -5.77 55.19 -10.91
C ASP B 286 -4.38 54.81 -10.47
N GLN B 287 -4.07 53.52 -10.66
CA GLN B 287 -2.79 53.00 -10.25
C GLN B 287 -1.69 53.81 -10.91
N ALA B 288 -1.81 54.02 -12.22
CA ALA B 288 -0.85 54.82 -12.96
C ALA B 288 -0.68 56.20 -12.34
N ALA B 289 -1.76 56.97 -12.40
CA ALA B 289 -1.80 58.32 -11.91
C ALA B 289 -1.18 58.44 -10.53
N ASN B 290 -1.57 57.53 -9.65
CA ASN B 290 -1.02 57.48 -8.30
C ASN B 290 0.48 57.38 -8.35
N ALA B 291 0.99 56.61 -9.32
CA ALA B 291 2.40 56.34 -9.45
C ALA B 291 3.15 57.57 -9.93
N LEU B 292 2.63 58.25 -10.94
CA LEU B 292 3.30 59.44 -11.39
C LEU B 292 3.52 60.33 -10.18
N ILE B 293 2.53 60.44 -9.31
CA ILE B 293 2.65 61.27 -8.12
C ILE B 293 3.80 60.86 -7.19
N GLY B 294 3.93 59.58 -6.89
CA GLY B 294 5.12 59.09 -6.18
C GLY B 294 6.40 59.39 -6.95
N ALA B 295 6.55 58.80 -8.14
CA ALA B 295 7.86 58.78 -8.82
C ALA B 295 8.33 60.10 -9.44
N GLY B 296 7.39 60.92 -9.91
CA GLY B 296 7.72 62.25 -10.42
C GLY B 296 8.00 63.27 -9.32
N TYR B 297 7.28 63.14 -8.20
CA TYR B 297 7.32 64.12 -7.12
C TYR B 297 7.92 63.65 -5.78
N GLY B 298 8.35 62.39 -5.70
CA GLY B 298 9.04 61.92 -4.50
C GLY B 298 10.38 62.61 -4.37
N SER B 299 10.64 63.16 -3.17
CA SER B 299 11.93 63.80 -2.83
C SER B 299 12.18 65.01 -3.72
N ALA B 300 11.11 65.65 -4.14
CA ALA B 300 11.16 66.70 -5.17
C ALA B 300 11.79 66.22 -6.51
N GLY B 301 11.75 64.91 -6.75
CA GLY B 301 12.21 64.34 -8.01
C GLY B 301 13.70 64.41 -8.23
N GLU B 302 14.47 64.38 -7.13
CA GLU B 302 15.94 64.48 -7.14
C GLU B 302 16.59 63.10 -7.31
N ARG B 303 16.33 62.46 -8.44
CA ARG B 303 16.61 61.03 -8.60
C ARG B 303 16.93 60.63 -10.06
N CYS B 304 17.93 59.77 -10.21
CA CYS B 304 18.26 59.17 -11.51
C CYS B 304 17.14 58.23 -11.99
N MSE B 305 16.32 57.74 -11.06
CA MSE B 305 15.23 56.81 -11.40
C MSE B 305 13.84 57.39 -11.23
O MSE B 305 12.85 56.68 -11.28
CB MSE B 305 15.37 55.47 -10.64
CG MSE B 305 16.51 54.59 -11.19
SE MSE B 305 16.17 53.92 -13.02
CE MSE B 305 15.37 52.19 -12.53
N ALA B 306 13.75 58.71 -11.02
CA ALA B 306 12.47 59.40 -10.96
C ALA B 306 11.79 59.48 -12.33
N ILE B 307 10.47 59.61 -12.33
CA ILE B 307 9.73 59.77 -13.58
C ILE B 307 9.63 61.26 -13.92
N SER B 308 9.91 61.62 -15.16
CA SER B 308 9.93 63.03 -15.54
C SER B 308 8.96 63.29 -16.66
N VAL B 309 8.70 62.26 -17.46
CA VAL B 309 7.86 62.41 -18.63
C VAL B 309 6.70 61.42 -18.56
N ALA B 310 5.48 61.94 -18.63
CA ALA B 310 4.31 61.09 -18.79
C ALA B 310 3.94 61.10 -20.27
N VAL B 311 3.62 59.93 -20.80
CA VAL B 311 3.32 59.77 -22.21
C VAL B 311 2.04 58.93 -22.31
N PRO B 312 0.89 59.58 -22.13
CA PRO B 312 -0.38 58.94 -22.34
C PRO B 312 -0.54 58.67 -23.83
N VAL B 313 -1.20 57.58 -24.17
CA VAL B 313 -1.33 57.19 -25.56
C VAL B 313 -2.67 57.61 -26.17
N GLY B 314 -3.77 57.33 -25.50
CA GLY B 314 -5.03 57.92 -25.97
C GLY B 314 -5.09 59.45 -25.87
N GLU B 315 -5.86 60.07 -26.77
CA GLU B 315 -6.32 61.43 -26.57
C GLU B 315 -7.20 61.48 -25.30
N GLU B 316 -8.19 60.58 -25.20
CA GLU B 316 -9.04 60.43 -24.01
C GLU B 316 -8.26 60.08 -22.74
N THR B 317 -7.30 59.17 -22.84
CA THR B 317 -6.50 58.79 -21.67
C THR B 317 -5.50 59.87 -21.18
N ALA B 318 -4.96 60.68 -22.08
CA ALA B 318 -4.24 61.88 -21.65
C ALA B 318 -5.16 62.87 -20.94
N ASN B 319 -6.40 62.99 -21.40
CA ASN B 319 -7.38 63.87 -20.73
C ASN B 319 -7.74 63.47 -19.30
N ARG B 320 -8.10 62.20 -19.10
CA ARG B 320 -8.46 61.71 -17.77
C ARG B 320 -7.24 61.66 -16.88
N LEU B 321 -6.08 61.35 -17.46
CA LEU B 321 -4.83 61.31 -16.70
C LEU B 321 -4.63 62.62 -15.96
N ILE B 322 -4.69 63.72 -16.71
CA ILE B 322 -4.60 65.05 -16.15
C ILE B 322 -5.70 65.35 -15.13
N ASP B 323 -6.93 65.04 -15.50
CA ASP B 323 -8.09 65.17 -14.62
C ASP B 323 -7.85 64.66 -13.15
N LYS B 324 -7.14 63.55 -13.00
CA LYS B 324 -6.87 62.97 -11.69
C LYS B 324 -5.44 63.26 -11.20
N LEU B 325 -4.68 64.00 -12.01
CA LEU B 325 -3.34 64.36 -11.63
C LEU B 325 -3.31 65.70 -10.95
N VAL B 326 -4.08 66.65 -11.47
CA VAL B 326 -3.99 68.02 -11.01
C VAL B 326 -4.32 68.22 -9.53
N PRO B 327 -5.47 67.68 -9.03
CA PRO B 327 -5.74 67.78 -7.58
C PRO B 327 -4.68 67.09 -6.73
N MSE B 328 -4.05 66.05 -7.29
CA MSE B 328 -3.01 65.29 -6.61
C MSE B 328 -1.80 66.13 -6.41
O MSE B 328 -1.29 66.23 -5.29
CB MSE B 328 -2.67 64.06 -7.43
CG MSE B 328 -2.49 62.88 -6.50
SE MSE B 328 -3.86 61.54 -6.90
CE MSE B 328 -4.05 60.99 -5.02
N VAL B 329 -1.30 66.73 -7.49
CA VAL B 329 -0.14 67.60 -7.38
C VAL B 329 -0.45 68.77 -6.44
N GLU B 330 -1.57 69.46 -6.72
CA GLU B 330 -2.00 70.63 -5.94
C GLU B 330 -1.99 70.41 -4.43
N SER B 331 -2.53 69.27 -4.00
CA SER B 331 -2.62 68.93 -2.57
C SER B 331 -1.35 68.32 -1.96
N LEU B 332 -0.23 68.43 -2.67
CA LEU B 332 1.05 67.91 -2.17
C LEU B 332 1.47 68.66 -0.93
N ARG B 333 1.58 67.95 0.18
CA ARG B 333 2.03 68.58 1.41
C ARG B 333 3.55 68.77 1.39
N ILE B 334 3.98 70.04 1.22
CA ILE B 334 5.42 70.40 1.21
C ILE B 334 5.86 70.90 2.58
N GLY B 335 7.01 70.41 3.03
CA GLY B 335 7.51 70.78 4.35
C GLY B 335 8.92 70.35 4.57
N PRO B 336 9.59 70.93 5.58
CA PRO B 336 10.95 70.59 5.92
C PRO B 336 10.96 69.22 6.54
N TYR B 337 12.11 68.54 6.47
CA TYR B 337 12.22 67.15 6.86
C TYR B 337 11.58 66.92 8.20
N THR B 338 11.48 68.01 8.95
CA THR B 338 11.00 68.03 10.31
C THR B 338 9.45 67.84 10.36
N ASP B 339 8.77 68.14 9.26
CA ASP B 339 7.36 67.81 9.06
C ASP B 339 7.26 66.37 8.52
N GLU B 340 7.15 65.41 9.44
CA GLU B 340 7.07 64.00 9.11
C GLU B 340 5.82 63.64 8.35
N LYS B 341 4.97 64.63 8.10
CA LYS B 341 3.76 64.41 7.34
C LYS B 341 3.90 64.94 5.91
N ALA B 342 5.09 65.35 5.52
CA ALA B 342 5.27 65.94 4.20
C ALA B 342 5.59 64.91 3.14
N ASP B 343 5.08 65.14 1.95
CA ASP B 343 5.42 64.30 0.80
C ASP B 343 6.81 64.63 0.28
N MSE B 344 7.13 65.91 0.25
CA MSE B 344 8.30 66.44 -0.41
C MSE B 344 8.93 67.47 0.46
O MSE B 344 8.43 67.80 1.54
CB MSE B 344 7.65 67.22 -1.52
CG MSE B 344 8.42 67.17 -2.81
SE MSE B 344 7.26 68.18 -4.03
CE MSE B 344 7.91 67.38 -5.70
N GLY B 345 10.04 68.03 -0.02
CA GLY B 345 10.75 69.05 0.74
C GLY B 345 11.53 70.02 -0.12
N PRO B 346 12.67 70.49 0.43
CA PRO B 346 13.50 71.42 -0.31
C PRO B 346 14.45 70.72 -1.26
N VAL B 347 14.73 71.34 -2.40
CA VAL B 347 15.83 70.86 -3.23
C VAL B 347 17.14 71.12 -2.47
N VAL B 348 18.19 70.41 -2.86
CA VAL B 348 19.42 70.35 -2.10
C VAL B 348 20.13 71.71 -1.95
N THR B 349 20.02 72.54 -2.98
CA THR B 349 20.89 73.70 -3.10
C THR B 349 20.23 74.93 -3.75
N LYS B 350 20.61 76.12 -3.27
CA LYS B 350 20.14 77.38 -3.85
C LYS B 350 20.39 77.36 -5.37
N GLU B 351 21.59 76.92 -5.75
CA GLU B 351 22.03 76.74 -7.13
C GLU B 351 21.02 75.89 -7.94
N ALA B 352 20.65 74.75 -7.37
CA ALA B 352 19.71 73.86 -8.03
C ALA B 352 18.34 74.52 -8.19
N GLU B 353 17.84 75.16 -7.12
CA GLU B 353 16.57 75.87 -7.22
C GLU B 353 16.58 76.79 -8.44
N GLN B 354 17.70 77.48 -8.66
CA GLN B 354 17.82 78.38 -9.82
C GLN B 354 17.78 77.66 -11.16
N ARG B 355 18.49 76.53 -11.24
CA ARG B 355 18.51 75.75 -12.47
C ARG B 355 17.10 75.38 -12.85
N ILE B 356 16.31 74.97 -11.85
CA ILE B 356 14.99 74.45 -12.14
C ILE B 356 13.94 75.55 -12.41
N ARG B 357 14.00 76.62 -11.65
CA ARG B 357 13.14 77.76 -11.92
C ARG B 357 13.43 78.34 -13.32
N SER B 358 14.68 78.20 -13.77
CA SER B 358 15.07 78.55 -15.13
C SER B 358 14.41 77.59 -16.16
N LEU B 359 14.47 76.29 -15.87
CA LEU B 359 13.84 75.30 -16.74
C LEU B 359 12.29 75.39 -16.77
N ILE B 360 11.67 75.76 -15.66
CA ILE B 360 10.22 75.93 -15.66
C ILE B 360 9.85 77.12 -16.57
N ASP B 361 10.65 78.17 -16.54
CA ASP B 361 10.40 79.34 -17.39
C ASP B 361 10.51 79.08 -18.90
N SER B 362 11.58 78.41 -19.32
CA SER B 362 11.75 78.04 -20.72
C SER B 362 10.57 77.18 -21.21
N GLY B 363 9.97 76.43 -20.29
CA GLY B 363 8.77 75.65 -20.58
C GLY B 363 7.68 76.57 -21.09
N ILE B 364 7.32 77.56 -20.27
CA ILE B 364 6.28 78.53 -20.61
C ILE B 364 6.71 79.33 -21.85
N GLU B 365 8.01 79.56 -21.97
CA GLU B 365 8.55 80.28 -23.11
C GLU B 365 8.37 79.46 -24.38
N GLN B 366 8.45 78.14 -24.26
CA GLN B 366 8.52 77.28 -25.45
C GLN B 366 7.19 76.67 -25.94
N GLY B 367 6.08 77.10 -25.33
CA GLY B 367 4.76 76.67 -25.75
C GLY B 367 4.02 75.71 -24.82
N ALA B 368 4.73 75.07 -23.88
CA ALA B 368 4.10 74.12 -22.95
C ALA B 368 3.13 74.82 -22.03
N LYS B 369 2.11 74.09 -21.58
CA LYS B 369 1.12 74.70 -20.69
C LYS B 369 1.22 74.17 -19.24
N LEU B 370 1.70 75.03 -18.34
CA LEU B 370 1.82 74.69 -16.92
C LEU B 370 0.44 74.64 -16.31
N VAL B 371 -0.04 73.46 -15.96
CA VAL B 371 -1.40 73.33 -15.44
C VAL B 371 -1.41 73.33 -13.90
N VAL B 372 -0.26 73.04 -13.29
CA VAL B 372 -0.07 73.35 -11.87
C VAL B 372 1.15 74.22 -11.80
N ASP B 373 1.00 75.38 -11.17
CA ASP B 373 2.06 76.34 -11.10
C ASP B 373 2.60 76.31 -9.67
N GLY B 374 3.85 75.93 -9.50
CA GLY B 374 4.41 75.82 -8.16
C GLY B 374 5.40 76.90 -7.77
N ARG B 375 5.85 77.68 -8.76
CA ARG B 375 6.87 78.72 -8.56
C ARG B 375 6.47 79.62 -7.41
N ASP B 376 5.16 79.87 -7.31
CA ASP B 376 4.53 80.75 -6.31
C ASP B 376 4.74 80.36 -4.85
N PHE B 377 5.14 79.12 -4.59
CA PHE B 377 5.16 78.59 -3.24
C PHE B 377 6.25 79.21 -2.37
N LYS B 378 5.86 79.60 -1.17
CA LYS B 378 6.79 80.05 -0.14
C LYS B 378 6.33 79.38 1.13
N LEU B 379 7.26 78.88 1.93
CA LEU B 379 6.86 78.23 3.17
C LEU B 379 7.10 79.10 4.38
N GLN B 380 6.02 79.35 5.11
CA GLN B 380 6.06 80.17 6.33
C GLN B 380 7.11 79.64 7.31
N GLY B 381 7.91 80.55 7.86
CA GLY B 381 9.01 80.21 8.77
C GLY B 381 10.29 79.74 8.08
N TYR B 382 10.20 79.44 6.80
CA TYR B 382 11.32 78.90 6.05
C TYR B 382 11.30 79.53 4.67
N GLU B 383 11.21 80.85 4.64
CA GLU B 383 11.01 81.59 3.40
C GLU B 383 12.26 81.59 2.48
N ASN B 384 13.42 81.30 3.06
CA ASN B 384 14.70 81.32 2.33
C ASN B 384 15.21 79.92 2.01
N GLY B 385 14.44 78.91 2.41
CA GLY B 385 14.75 77.52 2.10
C GLY B 385 14.30 77.15 0.70
N HIS B 386 14.94 76.16 0.11
CA HIS B 386 14.82 75.93 -1.33
C HIS B 386 13.56 75.20 -1.75
N PHE B 387 12.42 75.65 -1.24
CA PHE B 387 11.16 74.99 -1.52
C PHE B 387 10.64 75.45 -2.86
N ILE B 388 9.92 74.55 -3.53
CA ILE B 388 9.39 74.84 -4.86
C ILE B 388 8.18 73.95 -5.12
N GLY B 389 7.05 74.57 -5.43
CA GLY B 389 5.81 73.84 -5.63
C GLY B 389 5.86 72.94 -6.84
N GLY B 390 5.13 71.84 -6.77
CA GLY B 390 4.99 70.95 -7.91
C GLY B 390 4.62 71.69 -9.18
N CYS B 391 5.16 71.21 -10.29
CA CYS B 391 4.82 71.77 -11.58
C CYS B 391 4.47 70.65 -12.55
N LEU B 392 3.28 70.78 -13.15
CA LEU B 392 2.83 69.83 -14.13
C LEU B 392 2.72 70.59 -15.44
N PHE B 393 3.49 70.13 -16.43
CA PHE B 393 3.37 70.71 -17.77
C PHE B 393 2.54 69.82 -18.68
N ASP B 394 1.91 70.41 -19.69
CA ASP B 394 1.19 69.64 -20.67
C ASP B 394 1.46 70.20 -22.05
N ASP B 395 1.05 69.43 -23.06
CA ASP B 395 1.38 69.71 -24.44
C ASP B 395 2.87 69.95 -24.57
N VAL B 396 3.66 69.16 -23.86
CA VAL B 396 5.12 69.17 -23.98
C VAL B 396 5.57 68.53 -25.30
N THR B 397 6.62 69.11 -25.88
CA THR B 397 7.17 68.71 -27.20
C THR B 397 8.58 68.11 -27.05
N PRO B 398 9.00 67.22 -27.98
CA PRO B 398 10.36 66.69 -27.79
C PRO B 398 11.44 67.63 -28.34
N ASP B 399 11.03 68.86 -28.65
CA ASP B 399 11.94 69.90 -29.14
C ASP B 399 12.29 70.84 -27.97
N MSE B 400 11.57 70.69 -26.86
CA MSE B 400 11.70 71.59 -25.72
C MSE B 400 12.75 71.14 -24.75
O MSE B 400 13.01 69.95 -24.60
CB MSE B 400 10.38 71.60 -24.98
CG MSE B 400 9.23 71.86 -25.92
SE MSE B 400 7.71 72.45 -24.83
CE MSE B 400 6.39 72.88 -26.24
N ASP B 401 13.36 72.10 -24.05
CA ASP B 401 14.44 71.81 -23.11
C ASP B 401 13.96 71.20 -21.81
N ILE B 402 12.71 71.46 -21.42
CA ILE B 402 12.15 70.77 -20.25
C ILE B 402 12.04 69.27 -20.50
N TYR B 403 12.05 68.90 -21.77
CA TYR B 403 11.95 67.52 -22.16
C TYR B 403 13.31 66.86 -22.26
N LYS B 404 14.29 67.58 -22.80
CA LYS B 404 15.56 66.91 -23.15
C LYS B 404 16.67 67.10 -22.14
N THR B 405 16.49 68.05 -21.24
CA THR B 405 17.41 68.16 -20.13
C THR B 405 16.73 67.70 -18.86
N GLU B 406 17.54 67.16 -17.96
CA GLU B 406 17.10 66.55 -16.74
C GLU B 406 16.85 67.62 -15.69
N ILE B 407 15.59 67.78 -15.26
CA ILE B 407 15.26 68.86 -14.33
C ILE B 407 15.79 68.55 -12.93
N PHE B 408 15.56 67.34 -12.45
CA PHE B 408 16.01 66.97 -11.13
C PHE B 408 15.23 67.81 -10.11
N GLY B 409 14.02 68.21 -10.48
CA GLY B 409 13.16 69.00 -9.61
C GLY B 409 11.72 68.50 -9.61
N PRO B 410 10.83 69.14 -8.82
CA PRO B 410 9.44 68.71 -8.71
C PRO B 410 8.59 69.08 -9.94
N VAL B 411 8.94 68.50 -11.09
CA VAL B 411 8.36 68.92 -12.37
C VAL B 411 8.14 67.73 -13.28
N LEU B 412 6.88 67.44 -13.55
CA LEU B 412 6.49 66.35 -14.43
C LEU B 412 5.97 66.94 -15.74
N SER B 413 6.44 66.39 -16.85
CA SER B 413 6.07 66.87 -18.19
C SER B 413 5.22 65.82 -18.87
N VAL B 414 4.07 66.22 -19.38
CA VAL B 414 3.14 65.29 -20.01
C VAL B 414 3.22 65.49 -21.51
N VAL B 415 3.63 64.44 -22.23
CA VAL B 415 3.78 64.46 -23.70
C VAL B 415 2.68 63.62 -24.35
N ARG B 416 1.80 64.25 -25.10
CA ARG B 416 0.71 63.54 -25.78
C ARG B 416 1.22 62.77 -26.99
N ALA B 417 0.96 61.45 -26.99
CA ALA B 417 1.35 60.54 -28.07
C ALA B 417 0.11 59.99 -28.71
N ARG B 418 0.09 59.85 -30.03
CA ARG B 418 -1.15 59.43 -30.70
C ARG B 418 -1.34 57.93 -30.61
N ASN B 419 -0.23 57.20 -30.53
CA ASN B 419 -0.24 55.74 -30.67
C ASN B 419 0.99 55.10 -30.03
N TYR B 420 1.01 53.77 -30.04
CA TYR B 420 2.02 52.99 -29.33
C TYR B 420 3.39 53.16 -29.98
N GLU B 421 3.44 53.00 -31.28
CA GLU B 421 4.70 53.02 -31.97
C GLU B 421 5.28 54.43 -31.80
N GLU B 422 4.41 55.45 -31.92
CA GLU B 422 4.82 56.83 -31.66
C GLU B 422 5.23 57.07 -30.19
N ALA B 423 4.51 56.47 -29.24
CA ALA B 423 4.86 56.64 -27.83
C ALA B 423 6.22 56.00 -27.57
N LEU B 424 6.39 54.76 -27.99
CA LEU B 424 7.61 53.97 -27.79
C LEU B 424 8.89 54.65 -28.35
N SER B 425 8.75 55.47 -29.37
CA SER B 425 9.88 56.15 -29.97
C SER B 425 10.39 57.26 -29.07
N LEU B 426 9.55 57.77 -28.16
CA LEU B 426 10.04 58.85 -27.32
C LEU B 426 11.18 58.42 -26.38
N PRO B 427 10.95 57.40 -25.52
CA PRO B 427 12.04 56.93 -24.66
C PRO B 427 13.20 56.39 -25.48
N MSE B 428 12.89 55.71 -26.58
CA MSE B 428 13.91 55.14 -27.45
C MSE B 428 14.80 56.18 -28.06
O MSE B 428 15.99 55.96 -28.20
CB MSE B 428 13.23 54.40 -28.58
CG MSE B 428 14.28 53.71 -29.45
SE MSE B 428 14.27 51.78 -29.04
CE MSE B 428 12.63 51.31 -30.05
N LYS B 429 14.25 57.34 -28.41
CA LYS B 429 14.96 58.32 -29.23
C LYS B 429 15.74 59.33 -28.39
N HIS B 430 15.75 59.13 -27.08
CA HIS B 430 16.24 60.12 -26.14
C HIS B 430 17.59 59.75 -25.72
N GLU B 431 18.52 60.71 -25.70
CA GLU B 431 19.93 60.46 -25.36
C GLU B 431 20.15 59.60 -24.10
N TYR B 432 19.23 59.72 -23.14
CA TYR B 432 19.22 58.97 -21.87
C TYR B 432 18.50 57.62 -21.91
N GLY B 433 19.10 56.63 -21.25
CA GLY B 433 18.46 55.34 -21.09
C GLY B 433 18.51 54.72 -19.70
N ASN B 434 18.21 55.47 -18.65
CA ASN B 434 18.26 54.91 -17.31
C ASN B 434 17.06 54.00 -16.95
N GLY B 435 15.88 54.61 -16.84
CA GLY B 435 14.66 53.86 -16.54
C GLY B 435 13.54 54.12 -17.52
N VAL B 436 12.55 53.22 -17.50
CA VAL B 436 11.37 53.37 -18.34
C VAL B 436 10.23 52.56 -17.72
N ALA B 437 9.00 52.92 -18.06
CA ALA B 437 7.85 52.18 -17.58
C ALA B 437 6.74 52.17 -18.61
N ILE B 438 6.02 51.06 -18.66
CA ILE B 438 4.82 50.96 -19.49
C ILE B 438 3.70 50.50 -18.59
N TYR B 439 2.56 51.13 -18.74
CA TYR B 439 1.42 50.75 -17.96
C TYR B 439 0.36 50.24 -18.92
N THR B 440 0.05 48.94 -18.81
CA THR B 440 -0.97 48.31 -19.62
C THR B 440 -1.40 46.97 -19.04
N ARG B 441 -2.53 46.46 -19.52
CA ARG B 441 -3.03 45.16 -19.12
C ARG B 441 -2.80 44.15 -20.23
N ASP B 442 -2.31 44.64 -21.37
CA ASP B 442 -2.04 43.83 -22.57
C ASP B 442 -0.67 43.19 -22.40
N GLY B 443 -0.61 41.86 -22.32
CA GLY B 443 0.69 41.16 -22.20
C GLY B 443 1.60 41.39 -23.41
N ASP B 444 0.95 41.64 -24.55
CA ASP B 444 1.59 41.88 -25.82
C ASP B 444 2.38 43.19 -25.86
N ALA B 445 1.71 44.27 -25.49
CA ALA B 445 2.32 45.58 -25.54
C ALA B 445 3.50 45.63 -24.57
N ALA B 446 3.33 45.01 -23.41
CA ALA B 446 4.33 45.08 -22.38
C ALA B 446 5.56 44.36 -22.82
N ARG B 447 5.42 43.14 -23.33
CA ARG B 447 6.57 42.35 -23.72
C ARG B 447 7.27 42.97 -24.93
N ASP B 448 6.53 43.32 -25.96
CA ASP B 448 7.16 43.91 -27.14
C ASP B 448 7.98 45.12 -26.72
N PHE B 449 7.33 46.02 -25.96
CA PHE B 449 7.98 47.16 -25.39
C PHE B 449 9.28 46.83 -24.62
N ALA B 450 9.17 46.05 -23.57
CA ALA B 450 10.31 45.82 -22.69
C ALA B 450 11.39 45.16 -23.52
N SER B 451 10.94 44.39 -24.50
CA SER B 451 11.83 43.66 -25.36
C SER B 451 12.69 44.58 -26.17
N ARG B 452 12.08 45.55 -26.85
CA ARG B 452 12.78 46.33 -27.84
C ARG B 452 13.47 47.54 -27.29
N ILE B 453 12.95 48.08 -26.18
CA ILE B 453 13.36 49.38 -25.67
C ILE B 453 14.85 49.48 -25.36
N ASN B 454 15.34 50.70 -25.55
CA ASN B 454 16.73 51.17 -25.47
C ASN B 454 17.35 51.30 -24.10
N ILE B 455 16.69 50.79 -23.08
CA ILE B 455 16.89 51.27 -21.73
C ILE B 455 17.18 50.07 -20.81
N GLY B 456 18.07 50.27 -19.86
CA GLY B 456 18.59 49.19 -19.04
C GLY B 456 17.60 48.62 -18.06
N MSE B 457 16.75 49.49 -17.53
CA MSE B 457 15.80 49.12 -16.47
C MSE B 457 14.41 49.40 -16.90
O MSE B 457 14.06 50.54 -17.24
CB MSE B 457 16.18 49.88 -15.23
CG MSE B 457 17.38 49.15 -14.64
SE MSE B 457 18.45 50.30 -13.45
CE MSE B 457 19.03 51.87 -14.49
N VAL B 458 13.58 48.36 -16.92
CA VAL B 458 12.25 48.48 -17.51
C VAL B 458 11.18 48.00 -16.55
N GLY B 459 10.23 48.90 -16.28
CA GLY B 459 9.13 48.60 -15.38
C GLY B 459 7.84 48.41 -16.12
N VAL B 460 7.17 47.29 -15.90
CA VAL B 460 5.84 47.15 -16.47
C VAL B 460 4.80 47.12 -15.33
N ASN B 461 3.84 48.03 -15.42
CA ASN B 461 2.98 48.43 -14.29
C ASN B 461 3.81 48.63 -13.00
N VAL B 462 4.95 49.31 -13.15
CA VAL B 462 5.89 49.61 -12.06
C VAL B 462 6.61 50.93 -12.38
N PRO B 463 6.47 51.95 -11.51
CA PRO B 463 6.94 53.32 -11.78
C PRO B 463 8.47 53.55 -11.76
N ILE B 464 9.15 53.06 -10.72
CA ILE B 464 10.62 53.22 -10.53
C ILE B 464 11.30 51.85 -10.40
N PRO B 465 11.59 51.20 -11.54
CA PRO B 465 11.95 49.79 -11.53
C PRO B 465 13.43 49.56 -11.20
N VAL B 466 13.86 50.11 -10.07
CA VAL B 466 15.20 49.84 -9.55
C VAL B 466 15.26 48.35 -9.22
N PRO B 467 16.30 47.66 -9.70
CA PRO B 467 16.40 46.25 -9.33
C PRO B 467 16.95 46.07 -7.93
N LEU B 468 16.55 44.96 -7.30
CA LEU B 468 16.97 44.64 -5.96
C LEU B 468 18.47 44.32 -5.93
N ALA B 469 19.05 44.24 -4.73
CA ALA B 469 20.51 44.07 -4.59
C ALA B 469 21.07 42.79 -5.21
N TYR B 470 20.30 41.72 -5.28
CA TYR B 470 20.79 40.52 -5.92
C TYR B 470 20.71 40.47 -7.40
N HIS B 471 19.96 41.40 -7.95
CA HIS B 471 20.01 41.68 -9.34
C HIS B 471 20.96 42.80 -9.53
N SER B 472 21.03 43.43 -10.67
CA SER B 472 21.94 44.53 -10.81
C SER B 472 21.37 45.76 -11.48
N PHE B 473 22.01 46.89 -11.26
CA PHE B 473 21.52 48.20 -11.73
C PHE B 473 22.45 48.82 -12.76
N GLY B 474 21.87 49.33 -13.85
CA GLY B 474 22.61 50.15 -14.80
C GLY B 474 21.81 50.64 -15.99
N GLY B 475 22.10 51.87 -16.40
CA GLY B 475 21.45 52.46 -17.56
C GLY B 475 22.13 51.99 -18.82
N TRP B 476 21.52 52.29 -19.95
CA TRP B 476 22.11 52.04 -21.25
C TRP B 476 22.27 53.35 -21.90
N LYS B 477 22.65 53.31 -23.17
CA LYS B 477 22.86 54.52 -23.95
C LYS B 477 23.80 55.44 -23.17
N SER B 478 23.40 56.70 -22.99
CA SER B 478 24.26 57.69 -22.38
C SER B 478 24.35 57.63 -20.84
N SER B 479 23.61 56.69 -20.23
CA SER B 479 23.47 56.68 -18.76
C SER B 479 24.45 55.74 -18.07
N SER B 480 25.22 55.00 -18.86
CA SER B 480 26.27 54.18 -18.26
C SER B 480 27.41 53.88 -19.22
N PHE B 481 28.61 53.86 -18.65
CA PHE B 481 29.83 53.58 -19.39
C PHE B 481 30.56 52.40 -18.77
N GLY B 482 31.00 51.48 -19.62
CA GLY B 482 31.70 50.30 -19.13
C GLY B 482 30.92 49.05 -19.47
N ASP B 483 31.28 47.93 -18.85
CA ASP B 483 30.62 46.64 -19.17
C ASP B 483 30.13 45.86 -17.94
N LEU B 484 30.19 46.45 -16.76
CA LEU B 484 29.63 45.78 -15.60
C LEU B 484 28.68 46.64 -14.78
N ASN B 485 27.65 46.01 -14.25
CA ASN B 485 26.63 46.76 -13.52
C ASN B 485 27.01 46.95 -12.08
N GLN B 486 26.17 47.71 -11.38
CA GLN B 486 26.28 47.87 -9.94
C GLN B 486 25.57 46.72 -9.26
N HIS B 487 26.08 46.35 -8.09
CA HIS B 487 25.65 45.20 -7.29
C HIS B 487 25.37 43.94 -8.04
N GLY B 488 24.48 43.11 -7.53
CA GLY B 488 24.35 41.74 -8.02
C GLY B 488 25.67 41.01 -8.21
N THR B 489 25.69 40.05 -9.12
CA THR B 489 26.86 39.26 -9.44
C THR B 489 27.84 40.06 -10.26
N ASP B 490 27.33 40.96 -11.11
CA ASP B 490 28.17 41.88 -11.86
C ASP B 490 29.16 42.57 -10.92
N SER B 491 28.69 42.90 -9.71
CA SER B 491 29.56 43.64 -8.78
C SER B 491 30.71 42.77 -8.32
N ILE B 492 30.47 41.48 -8.16
CA ILE B 492 31.56 40.59 -7.81
C ILE B 492 32.57 40.44 -8.95
N LYS B 493 32.07 40.49 -10.17
CA LYS B 493 32.91 40.53 -11.36
C LYS B 493 33.82 41.77 -11.39
N PHE B 494 33.29 42.94 -11.02
CA PHE B 494 34.07 44.18 -11.08
C PHE B 494 35.21 44.32 -10.04
N TRP B 495 35.04 43.70 -8.87
CA TRP B 495 35.98 43.87 -7.75
C TRP B 495 36.85 42.67 -7.60
N THR B 496 36.93 41.90 -8.67
CA THR B 496 37.63 40.63 -8.64
C THR B 496 38.45 40.59 -9.91
N ARG B 497 39.53 39.81 -9.90
CA ARG B 497 40.22 39.46 -11.15
C ARG B 497 40.52 37.97 -11.19
N THR B 498 40.27 37.36 -12.33
CA THR B 498 40.49 35.94 -12.51
C THR B 498 41.95 35.49 -12.75
N LYS B 499 42.34 34.46 -12.00
CA LYS B 499 43.58 33.74 -12.21
C LYS B 499 43.16 32.36 -12.71
N THR B 500 43.95 31.74 -13.57
CA THR B 500 43.60 30.40 -14.04
C THR B 500 44.84 29.55 -14.00
N ILE B 501 44.67 28.34 -13.50
CA ILE B 501 45.78 27.47 -13.22
C ILE B 501 45.63 26.19 -14.00
N THR B 502 46.71 25.76 -14.66
CA THR B 502 46.74 24.49 -15.36
C THR B 502 47.81 23.64 -14.70
N SER B 503 47.40 22.48 -14.19
CA SER B 503 48.14 21.75 -13.16
C SER B 503 48.39 20.30 -13.57
N ARG B 504 49.54 19.74 -13.24
CA ARG B 504 49.88 18.45 -13.80
C ARG B 504 51.08 17.92 -13.04
N TRP B 505 51.31 16.61 -13.09
CA TRP B 505 52.43 16.03 -12.32
C TRP B 505 53.23 14.99 -13.05
N PRO B 506 54.56 14.94 -12.79
CA PRO B 506 55.43 13.88 -13.28
C PRO B 506 55.27 12.65 -12.41
N SER B 507 55.70 11.49 -12.92
CA SER B 507 55.71 10.26 -12.10
C SER B 507 56.71 10.41 -10.97
N GLY B 508 56.31 9.99 -9.78
CA GLY B 508 57.19 10.04 -8.61
C GLY B 508 56.89 8.91 -7.66
N ILE B 509 56.80 9.26 -6.37
CA ILE B 509 56.53 8.30 -5.28
C ILE B 509 55.27 7.43 -5.53
N LYS B 510 54.44 7.83 -6.48
CA LYS B 510 53.28 7.04 -6.90
C LYS B 510 53.66 5.75 -7.68
N MSE C 24 10.53 -8.27 -44.19
CA MSE C 24 10.28 -9.21 -43.06
C MSE C 24 11.54 -9.37 -42.26
O MSE C 24 12.31 -10.30 -42.49
CB MSE C 24 9.84 -10.54 -43.63
CG MSE C 24 8.33 -10.56 -43.79
SE MSE C 24 7.50 -10.71 -42.00
CE MSE C 24 5.69 -11.23 -42.58
N TYR C 25 11.77 -8.47 -41.29
CA TYR C 25 13.08 -8.36 -40.63
C TYR C 25 13.13 -8.88 -39.20
N GLU C 26 14.32 -9.30 -38.77
CA GLU C 26 14.53 -9.64 -37.36
C GLU C 26 15.49 -8.62 -36.78
N LEU C 27 15.06 -7.92 -35.73
CA LEU C 27 15.98 -7.05 -35.00
C LEU C 27 16.43 -7.70 -33.71
N GLY C 28 17.71 -7.59 -33.44
CA GLY C 28 18.25 -8.12 -32.21
C GLY C 28 18.65 -7.01 -31.28
N HIS C 29 19.84 -7.14 -30.75
CA HIS C 29 20.35 -6.12 -29.88
C HIS C 29 21.49 -5.50 -30.61
N PHE C 30 22.12 -4.54 -29.95
CA PHE C 30 23.32 -3.89 -30.42
C PHE C 30 24.21 -3.77 -29.18
N ILE C 31 25.27 -4.58 -29.16
CA ILE C 31 26.12 -4.70 -27.97
C ILE C 31 27.54 -4.69 -28.48
N ASP C 32 28.38 -3.79 -27.98
CA ASP C 32 29.79 -3.77 -28.38
C ASP C 32 30.06 -3.33 -29.82
N GLY C 33 29.13 -2.58 -30.41
CA GLY C 33 29.35 -1.95 -31.69
C GLY C 33 28.82 -2.72 -32.87
N LYS C 34 28.02 -3.75 -32.59
CA LYS C 34 27.49 -4.63 -33.62
C LYS C 34 26.01 -4.93 -33.42
N ARG C 35 25.24 -4.97 -34.51
CA ARG C 35 23.93 -5.56 -34.44
C ARG C 35 24.16 -7.00 -34.10
N VAL C 36 23.32 -7.54 -33.20
CA VAL C 36 23.57 -8.82 -32.50
C VAL C 36 22.25 -9.46 -32.08
N ALA C 37 22.07 -10.75 -32.41
CA ALA C 37 20.90 -11.50 -31.99
C ALA C 37 21.08 -11.98 -30.55
N GLY C 38 19.99 -12.23 -29.85
CA GLY C 38 20.08 -12.64 -28.44
C GLY C 38 20.37 -14.12 -28.31
N THR C 39 20.64 -14.58 -27.08
CA THR C 39 20.64 -16.01 -26.77
C THR C 39 19.22 -16.45 -26.41
N SER C 40 18.43 -15.50 -25.91
CA SER C 40 17.01 -15.72 -25.60
C SER C 40 16.30 -16.56 -26.66
N GLY C 41 15.40 -17.43 -26.24
CA GLY C 41 14.51 -18.07 -27.20
C GLY C 41 13.50 -17.09 -27.76
N ARG C 42 13.09 -16.16 -26.89
CA ARG C 42 11.89 -15.33 -27.10
C ARG C 42 12.12 -14.17 -28.08
N VAL C 43 11.04 -13.82 -28.77
CA VAL C 43 11.00 -12.88 -29.89
C VAL C 43 9.60 -12.23 -29.92
N SER C 44 9.55 -10.94 -30.21
CA SER C 44 8.32 -10.16 -30.17
C SER C 44 8.08 -9.62 -31.56
N ASN C 45 6.83 -9.59 -32.03
CA ASN C 45 6.59 -9.20 -33.42
C ASN C 45 6.16 -7.75 -33.57
N ILE C 46 6.67 -7.10 -34.61
CA ILE C 46 6.47 -5.67 -34.91
C ILE C 46 5.45 -5.52 -36.01
N PHE C 47 4.38 -4.79 -35.75
CA PHE C 47 3.38 -4.51 -36.77
C PHE C 47 3.70 -3.28 -37.60
N ASN C 48 3.08 -3.20 -38.77
CA ASN C 48 2.87 -1.93 -39.43
C ASN C 48 1.44 -1.48 -39.13
N PRO C 49 1.26 -0.36 -38.39
CA PRO C 49 -0.04 -0.01 -37.84
C PRO C 49 -1.05 0.47 -38.87
N ALA C 50 -0.56 0.79 -40.07
CA ALA C 50 -1.43 1.32 -41.10
C ALA C 50 -2.12 0.21 -41.89
N THR C 51 -1.52 -0.99 -41.90
CA THR C 51 -2.07 -2.14 -42.61
C THR C 51 -2.48 -3.21 -41.63
N GLY C 52 -2.08 -3.03 -40.36
CA GLY C 52 -2.35 -4.00 -39.30
C GLY C 52 -1.45 -5.24 -39.31
N GLU C 53 -0.64 -5.38 -40.34
CA GLU C 53 0.12 -6.61 -40.54
C GLU C 53 1.51 -6.69 -39.90
N VAL C 54 1.93 -7.92 -39.59
CA VAL C 54 3.25 -8.16 -38.99
C VAL C 54 4.31 -7.98 -40.05
N GLN C 55 5.37 -7.29 -39.66
CA GLN C 55 6.31 -6.70 -40.57
C GLN C 55 7.70 -7.31 -40.31
N GLY C 56 7.90 -7.84 -39.08
CA GLY C 56 9.16 -8.45 -38.62
C GLY C 56 9.09 -8.70 -37.09
N THR C 57 10.27 -8.83 -36.43
CA THR C 57 10.34 -9.26 -35.04
C THR C 57 11.52 -8.67 -34.27
N VAL C 58 11.37 -8.58 -32.93
CA VAL C 58 12.43 -8.11 -32.01
C VAL C 58 12.89 -9.21 -31.06
N ALA C 59 14.18 -9.52 -31.07
CA ALA C 59 14.78 -10.31 -30.00
C ALA C 59 14.32 -9.72 -28.67
N LEU C 60 13.97 -10.58 -27.73
CA LEU C 60 13.67 -10.11 -26.40
C LEU C 60 14.78 -10.65 -25.54
N ALA C 61 15.39 -9.78 -24.76
CA ALA C 61 16.62 -10.14 -24.05
C ALA C 61 16.34 -11.05 -22.87
N SER C 62 17.27 -11.93 -22.57
CA SER C 62 17.18 -12.68 -21.32
C SER C 62 18.14 -12.03 -20.35
N ASP C 63 18.08 -12.44 -19.08
CA ASP C 63 19.02 -11.95 -18.07
C ASP C 63 20.48 -12.11 -18.54
N ALA C 64 20.79 -13.29 -19.08
CA ALA C 64 22.05 -13.51 -19.78
C ALA C 64 22.39 -12.40 -20.80
N ASP C 65 21.47 -12.10 -21.73
CA ASP C 65 21.74 -11.07 -22.72
C ASP C 65 22.06 -9.74 -22.03
N LEU C 66 21.33 -9.46 -20.95
CA LEU C 66 21.48 -8.18 -20.25
C LEU C 66 22.80 -8.05 -19.55
N ALA C 67 23.18 -9.11 -18.85
CA ALA C 67 24.49 -9.21 -18.23
C ALA C 67 25.63 -8.92 -19.23
N ALA C 68 25.54 -9.46 -20.46
CA ALA C 68 26.50 -9.18 -21.51
C ALA C 68 26.65 -7.68 -21.78
N ALA C 69 25.51 -7.02 -21.93
CA ALA C 69 25.48 -5.60 -22.24
C ALA C 69 26.27 -4.84 -21.20
N VAL C 70 26.02 -5.15 -19.93
CA VAL C 70 26.69 -4.47 -18.82
C VAL C 70 28.20 -4.67 -18.92
N GLU C 71 28.64 -5.91 -19.12
CA GLU C 71 30.06 -6.24 -19.24
C GLU C 71 30.74 -5.44 -20.33
N SER C 72 30.14 -5.45 -21.52
CA SER C 72 30.58 -4.58 -22.59
C SER C 72 30.75 -3.15 -22.02
N ALA C 73 29.69 -2.59 -21.46
CA ALA C 73 29.71 -1.25 -20.87
C ALA C 73 30.86 -1.05 -19.88
N LYS C 74 30.94 -1.95 -18.88
CA LYS C 74 32.02 -1.96 -17.89
C LYS C 74 33.40 -1.79 -18.52
N ALA C 75 33.77 -2.67 -19.45
CA ALA C 75 35.08 -2.63 -20.09
C ALA C 75 35.39 -1.31 -20.80
N ALA C 76 34.40 -0.74 -21.46
CA ALA C 76 34.61 0.44 -22.29
C ALA C 76 34.68 1.73 -21.47
N GLN C 77 33.92 1.75 -20.38
CA GLN C 77 33.62 3.01 -19.70
C GLN C 77 34.86 3.67 -19.09
N PRO C 78 35.76 2.93 -18.42
CA PRO C 78 36.94 3.61 -17.87
C PRO C 78 37.64 4.52 -18.88
N LYS C 79 37.91 4.02 -20.09
CA LYS C 79 38.61 4.82 -21.09
C LYS C 79 37.78 5.99 -21.60
N TRP C 80 36.49 5.79 -21.84
CA TRP C 80 35.66 6.91 -22.29
C TRP C 80 35.62 8.01 -21.24
N ALA C 81 35.42 7.64 -19.98
CA ALA C 81 35.60 8.53 -18.83
C ALA C 81 36.88 9.34 -18.94
N ALA C 82 37.94 8.67 -19.38
CA ALA C 82 39.27 9.24 -19.53
C ALA C 82 39.45 10.11 -20.79
N THR C 83 38.54 10.03 -21.76
CA THR C 83 38.59 10.95 -22.91
C THR C 83 38.21 12.36 -22.41
N ASN C 84 39.01 13.37 -22.76
CA ASN C 84 38.73 14.71 -22.26
C ASN C 84 37.47 15.36 -22.87
N PRO C 85 36.83 16.26 -22.12
CA PRO C 85 35.50 16.75 -22.45
C PRO C 85 35.34 17.20 -23.90
N GLN C 86 36.36 17.89 -24.44
CA GLN C 86 36.28 18.47 -25.79
C GLN C 86 36.13 17.38 -26.85
N ARG C 87 36.90 16.31 -26.66
CA ARG C 87 36.89 15.14 -27.53
C ARG C 87 35.55 14.45 -27.44
N ARG C 88 35.05 14.28 -26.22
CA ARG C 88 33.73 13.70 -26.04
C ARG C 88 32.68 14.46 -26.83
N ALA C 89 32.76 15.79 -26.81
CA ALA C 89 31.74 16.61 -27.45
C ALA C 89 31.83 16.51 -28.96
N ARG C 90 33.04 16.34 -29.47
CA ARG C 90 33.22 16.18 -30.91
C ARG C 90 32.55 14.93 -31.42
N VAL C 91 32.28 13.96 -30.55
CA VAL C 91 31.57 12.78 -31.01
C VAL C 91 30.15 13.19 -31.38
N PHE C 92 29.58 14.05 -30.53
CA PHE C 92 28.23 14.53 -30.69
C PHE C 92 28.06 15.47 -31.87
N MSE C 93 29.10 16.26 -32.11
CA MSE C 93 29.11 17.17 -33.21
C MSE C 93 29.09 16.42 -34.50
O MSE C 93 28.43 16.84 -35.45
CB MSE C 93 30.42 17.88 -33.06
CG MSE C 93 30.17 19.30 -32.61
SE MSE C 93 31.91 20.19 -32.76
CE MSE C 93 31.72 20.39 -34.71
N LYS C 94 29.82 15.32 -34.56
CA LYS C 94 29.74 14.43 -35.73
C LYS C 94 28.38 13.71 -35.78
N PHE C 95 27.92 13.21 -34.63
CA PHE C 95 26.59 12.58 -34.52
C PHE C 95 25.43 13.43 -35.03
N VAL C 96 25.42 14.74 -34.71
CA VAL C 96 24.40 15.66 -35.25
C VAL C 96 24.50 15.73 -36.78
N GLN C 97 25.72 15.89 -37.26
CA GLN C 97 25.92 15.96 -38.70
C GLN C 97 25.36 14.70 -39.35
N LEU C 98 25.74 13.54 -38.81
CA LEU C 98 25.22 12.25 -39.26
C LEU C 98 23.70 12.14 -39.22
N LEU C 99 23.10 12.66 -38.15
CA LEU C 99 21.65 12.65 -38.01
C LEU C 99 20.94 13.42 -39.12
N ASN C 100 21.33 14.68 -39.31
CA ASN C 100 20.84 15.46 -40.43
C ASN C 100 20.92 14.70 -41.75
N ASP C 101 22.08 14.07 -41.99
CA ASP C 101 22.36 13.30 -43.19
C ASP C 101 21.35 12.17 -43.41
N ASN C 102 20.89 11.58 -42.30
CA ASN C 102 19.99 10.44 -42.35
C ASN C 102 18.58 10.83 -41.98
N MSE C 103 18.26 12.10 -42.15
CA MSE C 103 16.95 12.60 -41.72
C MSE C 103 15.85 11.73 -42.28
O MSE C 103 15.04 11.19 -41.54
CB MSE C 103 16.84 14.09 -42.06
CG MSE C 103 15.63 14.75 -41.42
SE MSE C 103 15.53 14.33 -39.50
CE MSE C 103 16.86 15.66 -38.89
N ASN C 104 15.83 11.54 -43.60
CA ASN C 104 14.77 10.79 -44.25
C ASN C 104 14.78 9.32 -43.91
N GLU C 105 15.95 8.69 -43.95
CA GLU C 105 16.01 7.26 -43.70
C GLU C 105 15.59 6.91 -42.28
N LEU C 106 16.00 7.73 -41.31
CA LEU C 106 15.52 7.53 -39.94
C LEU C 106 14.03 7.82 -39.84
N ALA C 107 13.56 8.85 -40.52
CA ALA C 107 12.16 9.25 -40.44
C ALA C 107 11.20 8.18 -40.99
N GLU C 108 11.66 7.47 -42.02
CA GLU C 108 10.84 6.45 -42.65
C GLU C 108 10.64 5.22 -41.76
N MSE C 109 11.71 4.67 -41.21
CA MSE C 109 11.56 3.49 -40.35
C MSE C 109 10.71 3.80 -39.15
O MSE C 109 9.95 2.95 -38.68
CB MSE C 109 12.89 2.84 -39.96
CG MSE C 109 14.08 3.77 -40.06
SE MSE C 109 15.55 2.97 -39.00
CE MSE C 109 16.82 2.86 -40.51
N LEU C 110 10.82 5.03 -38.67
CA LEU C 110 10.06 5.46 -37.52
C LEU C 110 8.58 5.54 -37.86
N SER C 111 8.24 6.13 -39.01
CA SER C 111 6.84 6.29 -39.38
C SER C 111 6.21 4.94 -39.75
N ARG C 112 7.03 4.07 -40.35
CA ARG C 112 6.62 2.73 -40.74
C ARG C 112 6.26 1.84 -39.54
N GLU C 113 6.92 2.04 -38.42
CA GLU C 113 6.64 1.25 -37.22
C GLU C 113 5.65 1.93 -36.28
N HIS C 114 5.71 3.27 -36.18
CA HIS C 114 4.90 4.00 -35.18
C HIS C 114 3.54 4.49 -35.63
N GLY C 115 3.49 5.02 -36.86
CA GLY C 115 2.25 5.45 -37.45
C GLY C 115 2.29 6.91 -37.81
N LYS C 116 2.97 7.71 -36.99
CA LYS C 116 3.03 9.16 -37.19
C LYS C 116 3.53 9.58 -38.56
N THR C 117 3.04 10.71 -39.02
CA THR C 117 3.46 11.26 -40.30
C THR C 117 4.97 11.48 -40.36
N ILE C 118 5.52 11.39 -41.57
CA ILE C 118 6.94 11.64 -41.81
C ILE C 118 7.41 12.92 -41.11
N ASP C 119 6.66 14.01 -41.32
CA ASP C 119 6.95 15.27 -40.66
C ASP C 119 7.02 15.15 -39.16
N ASP C 120 6.08 14.39 -38.58
CA ASP C 120 6.08 14.16 -37.14
C ASP C 120 7.31 13.40 -36.67
N ALA C 121 7.78 12.46 -37.49
CA ALA C 121 8.99 11.68 -37.19
C ALA C 121 10.26 12.51 -37.28
N LYS C 122 10.35 13.29 -38.35
CA LYS C 122 11.41 14.28 -38.50
C LYS C 122 11.42 15.25 -37.33
N GLY C 123 10.25 15.70 -36.89
CA GLY C 123 10.15 16.60 -35.75
C GLY C 123 10.71 15.91 -34.53
N ASP C 124 10.26 14.66 -34.35
CA ASP C 124 10.66 13.73 -33.27
C ASP C 124 12.18 13.66 -33.22
N ILE C 125 12.79 13.25 -34.34
CA ILE C 125 14.26 13.16 -34.43
C ILE C 125 14.96 14.52 -34.27
N VAL C 126 14.41 15.59 -34.86
CA VAL C 126 14.98 16.93 -34.66
C VAL C 126 15.08 17.27 -33.17
N ARG C 127 14.06 16.92 -32.39
CA ARG C 127 14.10 17.20 -30.98
C ARG C 127 15.21 16.45 -30.22
N GLY C 128 15.45 15.21 -30.56
CA GLY C 128 16.59 14.50 -29.97
C GLY C 128 17.91 15.15 -30.37
N LEU C 129 18.02 15.48 -31.65
CA LEU C 129 19.18 16.17 -32.17
C LEU C 129 19.52 17.39 -31.29
N GLU C 130 18.48 18.12 -30.92
CA GLU C 130 18.66 19.36 -30.22
C GLU C 130 19.28 19.14 -28.85
N VAL C 131 18.99 18.00 -28.24
CA VAL C 131 19.67 17.68 -26.99
C VAL C 131 21.12 17.28 -27.30
N CYS C 132 21.36 16.71 -28.47
CA CYS C 132 22.75 16.41 -28.84
C CYS C 132 23.52 17.68 -29.04
N GLU C 133 22.92 18.65 -29.70
CA GLU C 133 23.54 19.97 -29.85
C GLU C 133 23.89 20.59 -28.51
N PHE C 134 23.06 20.28 -27.50
CA PHE C 134 23.18 20.89 -26.20
C PHE C 134 24.38 20.34 -25.46
N VAL C 135 24.72 19.10 -25.77
CA VAL C 135 25.64 18.36 -24.95
C VAL C 135 27.07 18.49 -25.51
N ILE C 136 27.15 19.02 -26.73
CA ILE C 136 28.40 19.53 -27.30
C ILE C 136 29.09 20.49 -26.34
N GLY C 137 28.28 21.15 -25.51
CA GLY C 137 28.78 22.06 -24.50
C GLY C 137 29.13 21.40 -23.18
N ILE C 138 29.37 20.08 -23.17
CA ILE C 138 29.65 19.39 -21.91
C ILE C 138 30.86 19.94 -21.14
N PRO C 139 31.92 20.35 -21.84
CA PRO C 139 33.09 20.89 -21.11
C PRO C 139 32.73 21.99 -20.14
N HIS C 140 31.81 22.86 -20.55
CA HIS C 140 31.40 23.96 -19.68
C HIS C 140 30.31 23.54 -18.74
N LEU C 141 29.38 22.74 -19.26
CA LEU C 141 28.30 22.20 -18.44
C LEU C 141 28.84 21.36 -17.27
N GLN C 142 30.04 20.81 -17.40
CA GLN C 142 30.56 19.92 -16.36
C GLN C 142 31.56 20.53 -15.36
N LYS C 143 31.89 21.80 -15.53
CA LYS C 143 32.77 22.43 -14.54
C LYS C 143 32.15 22.44 -13.13
N SER C 144 33.03 22.44 -12.14
CA SER C 144 32.70 22.29 -10.74
C SER C 144 33.07 23.61 -10.09
N GLU C 145 32.77 23.78 -8.82
CA GLU C 145 33.10 25.06 -8.19
C GLU C 145 34.38 24.95 -7.41
N PHE C 146 35.14 26.04 -7.41
CA PHE C 146 36.36 26.14 -6.62
C PHE C 146 36.33 27.30 -5.61
N THR C 147 36.89 27.07 -4.42
CA THR C 147 37.08 28.15 -3.42
C THR C 147 38.49 28.10 -2.84
N GLU C 148 39.05 29.29 -2.59
CA GLU C 148 40.39 29.38 -2.05
C GLU C 148 40.38 30.10 -0.73
N GLY C 149 41.02 29.51 0.26
CA GLY C 149 41.13 30.13 1.56
C GLY C 149 39.90 29.83 2.39
N ALA C 150 39.26 28.69 2.13
CA ALA C 150 38.17 28.23 2.97
C ALA C 150 38.69 28.16 4.42
N GLY C 151 39.95 27.78 4.57
CA GLY C 151 40.59 27.86 5.85
C GLY C 151 41.92 28.56 5.66
N PRO C 152 42.77 28.54 6.71
CA PRO C 152 44.19 28.94 6.59
C PRO C 152 45.01 28.01 5.66
N GLY C 153 45.11 28.39 4.38
CA GLY C 153 45.87 27.61 3.40
C GLY C 153 45.11 26.42 2.88
N ILE C 154 43.83 26.37 3.23
CA ILE C 154 42.95 25.29 2.82
C ILE C 154 42.09 25.68 1.61
N ASP C 155 42.18 24.88 0.54
CA ASP C 155 41.34 25.10 -0.63
C ASP C 155 40.30 24.00 -0.71
N MSE C 156 39.15 24.34 -1.27
CA MSE C 156 38.01 23.42 -1.35
C MSE C 156 37.42 23.44 -2.73
O MSE C 156 37.07 24.50 -3.28
CB MSE C 156 36.94 23.88 -0.37
CG MSE C 156 35.97 22.74 -0.05
SE MSE C 156 34.96 23.15 1.59
CE MSE C 156 36.50 23.21 2.82
N TYR C 157 37.28 22.25 -3.31
CA TYR C 157 36.77 22.14 -4.65
C TYR C 157 36.05 20.83 -4.91
N SER C 158 35.07 20.87 -5.80
CA SER C 158 34.33 19.71 -6.22
C SER C 158 34.67 19.31 -7.65
N ILE C 159 34.44 18.04 -7.94
CA ILE C 159 34.57 17.50 -9.28
C ILE C 159 33.31 16.72 -9.57
N ARG C 160 32.86 16.85 -10.80
CA ARG C 160 31.73 16.10 -11.25
C ARG C 160 32.24 14.92 -12.07
N GLN C 161 32.13 13.72 -11.52
CA GLN C 161 32.59 12.52 -12.21
C GLN C 161 31.38 11.69 -12.66
N PRO C 162 31.58 10.83 -13.69
CA PRO C 162 30.58 9.85 -14.12
C PRO C 162 29.96 9.03 -12.98
N VAL C 163 28.81 8.41 -13.23
CA VAL C 163 28.19 7.53 -12.24
C VAL C 163 28.56 6.07 -12.52
N GLY C 164 29.16 5.84 -13.69
CA GLY C 164 29.50 4.48 -14.13
C GLY C 164 28.63 4.04 -15.30
N ILE C 165 27.66 3.18 -15.02
CA ILE C 165 26.76 2.70 -16.04
C ILE C 165 25.31 3.03 -15.70
N GLY C 166 24.60 3.52 -16.71
CA GLY C 166 23.20 3.87 -16.58
C GLY C 166 22.35 3.22 -17.64
N ALA C 167 21.08 3.03 -17.27
CA ALA C 167 20.06 2.45 -18.12
C ALA C 167 18.96 3.45 -18.31
N GLY C 168 18.31 3.39 -19.48
CA GLY C 168 17.19 4.25 -19.80
C GLY C 168 16.10 3.44 -20.48
N ILE C 169 14.85 3.65 -20.04
CA ILE C 169 13.69 2.93 -20.56
C ILE C 169 12.73 3.87 -21.28
N THR C 170 12.34 3.46 -22.48
CA THR C 170 11.71 4.32 -23.45
C THR C 170 10.38 3.73 -23.93
N PRO C 171 9.39 4.60 -24.24
CA PRO C 171 8.06 4.20 -24.71
C PRO C 171 7.89 4.32 -26.24
N PHE C 172 6.82 3.81 -26.80
CA PHE C 172 6.60 3.86 -28.24
C PHE C 172 6.49 5.25 -28.79
N ASN C 173 6.00 6.16 -28.00
CA ASN C 173 5.58 7.44 -28.43
C ASN C 173 6.73 8.15 -29.06
N PHE C 174 7.90 8.18 -28.45
CA PHE C 174 9.06 8.73 -29.14
C PHE C 174 10.21 7.80 -29.06
N PRO C 175 10.45 7.11 -30.15
CA PRO C 175 11.54 6.15 -30.23
C PRO C 175 12.82 6.77 -30.81
N GLY C 176 12.78 8.08 -31.07
CA GLY C 176 13.95 8.82 -31.48
C GLY C 176 14.35 9.78 -30.39
N MSE C 177 13.42 10.63 -29.98
CA MSE C 177 13.78 11.77 -29.15
C MSE C 177 14.08 11.43 -27.71
O MSE C 177 14.93 12.06 -27.08
CB MSE C 177 12.62 12.74 -29.27
CG MSE C 177 12.72 13.91 -28.29
SE MSE C 177 10.94 14.74 -28.16
CE MSE C 177 10.09 13.52 -26.88
N ILE C 178 13.38 10.45 -27.16
CA ILE C 178 13.52 10.21 -25.75
C ILE C 178 14.71 9.35 -25.39
N PRO C 179 15.06 8.37 -26.24
CA PRO C 179 16.38 7.80 -26.01
C PRO C 179 17.49 8.88 -26.00
N MSE C 180 17.53 9.71 -27.04
CA MSE C 180 18.57 10.72 -27.16
C MSE C 180 18.59 11.67 -25.98
O MSE C 180 19.67 11.99 -25.47
CB MSE C 180 18.35 11.48 -28.46
CG MSE C 180 19.24 10.91 -29.55
SE MSE C 180 18.66 11.59 -31.31
CE MSE C 180 20.19 12.77 -31.60
N TRP C 181 17.40 12.11 -25.53
CA TRP C 181 17.21 12.86 -24.30
C TRP C 181 18.03 12.34 -23.18
N MSE C 182 18.14 11.03 -23.06
CA MSE C 182 18.84 10.41 -21.95
C MSE C 182 20.26 10.03 -22.32
O MSE C 182 21.20 10.32 -21.57
CB MSE C 182 18.09 9.15 -21.54
CG MSE C 182 16.58 9.31 -21.45
SE MSE C 182 15.82 7.53 -21.05
CE MSE C 182 14.09 8.02 -20.25
N PHE C 183 20.48 9.38 -23.44
CA PHE C 183 21.85 8.92 -23.66
C PHE C 183 22.85 10.01 -24.03
N ALA C 184 22.37 11.12 -24.60
CA ALA C 184 23.26 12.22 -24.94
C ALA C 184 23.96 12.76 -23.68
N PRO C 185 23.19 13.17 -22.66
CA PRO C 185 23.82 13.74 -21.48
C PRO C 185 24.58 12.70 -20.65
N ALA C 186 24.01 11.52 -20.48
CA ALA C 186 24.71 10.42 -19.83
C ALA C 186 26.04 10.10 -20.54
N ILE C 187 26.02 9.90 -21.85
CA ILE C 187 27.23 9.54 -22.55
C ILE C 187 28.21 10.69 -22.43
N ALA C 188 27.73 11.90 -22.75
CA ALA C 188 28.60 13.07 -22.85
C ALA C 188 29.29 13.30 -21.56
N CYS C 189 28.67 12.86 -20.47
CA CYS C 189 29.22 12.97 -19.12
C CYS C 189 30.28 11.98 -18.80
N GLY C 190 30.46 10.99 -19.65
CA GLY C 190 31.56 10.06 -19.50
C GLY C 190 31.06 8.71 -19.07
N ASN C 191 29.75 8.63 -18.83
CA ASN C 191 29.07 7.37 -18.52
C ASN C 191 28.97 6.47 -19.74
N ALA C 192 28.69 5.20 -19.48
CA ALA C 192 28.22 4.31 -20.53
C ALA C 192 26.77 3.99 -20.21
N PHE C 193 25.96 3.84 -21.28
CA PHE C 193 24.51 3.82 -21.15
C PHE C 193 23.91 2.59 -21.82
N ILE C 194 22.84 2.06 -21.24
CA ILE C 194 22.09 0.96 -21.86
C ILE C 194 20.65 1.38 -22.11
N LEU C 195 20.22 1.25 -23.36
CA LEU C 195 18.87 1.67 -23.72
C LEU C 195 17.98 0.45 -23.87
N LYS C 196 16.94 0.31 -23.04
CA LYS C 196 15.91 -0.69 -23.32
C LYS C 196 14.66 0.04 -23.79
N PRO C 197 14.48 0.11 -25.11
CA PRO C 197 13.41 0.85 -25.76
C PRO C 197 12.11 0.08 -25.82
N SER C 198 11.10 0.66 -26.46
CA SER C 198 9.84 -0.04 -26.61
C SER C 198 10.01 -1.02 -27.72
N GLU C 199 9.39 -2.19 -27.56
CA GLU C 199 9.48 -3.22 -28.58
C GLU C 199 8.38 -3.11 -29.63
N ARG C 200 7.64 -2.02 -29.68
CA ARG C 200 6.81 -1.66 -30.80
C ARG C 200 7.46 -1.15 -32.04
N ASP C 201 8.45 -0.31 -31.84
CA ASP C 201 9.19 0.29 -32.89
C ASP C 201 10.65 0.34 -32.52
N PRO C 202 11.38 -0.74 -32.69
CA PRO C 202 12.75 -0.81 -32.24
C PRO C 202 13.74 -0.53 -33.29
N SER C 203 13.36 -0.14 -34.47
CA SER C 203 14.35 0.06 -35.53
C SER C 203 15.23 1.28 -35.24
N VAL C 204 14.60 2.38 -34.87
CA VAL C 204 15.32 3.65 -34.75
C VAL C 204 16.39 3.62 -33.66
N PRO C 205 16.04 3.19 -32.42
CA PRO C 205 17.11 3.10 -31.43
C PRO C 205 18.38 2.38 -31.90
N ILE C 206 18.24 1.29 -32.67
CA ILE C 206 19.39 0.56 -33.15
C ILE C 206 20.19 1.36 -34.19
N ARG C 207 19.52 1.94 -35.18
CA ARG C 207 20.19 2.89 -36.08
C ARG C 207 20.94 3.97 -35.33
N LEU C 208 20.34 4.48 -34.26
CA LEU C 208 20.99 5.52 -33.48
C LEU C 208 22.32 5.04 -32.89
N ALA C 209 22.34 3.82 -32.36
CA ALA C 209 23.57 3.28 -31.78
C ALA C 209 24.67 3.12 -32.83
N GLU C 210 24.25 2.83 -34.06
CA GLU C 210 25.17 2.60 -35.17
C GLU C 210 25.80 3.88 -35.67
N LEU C 211 25.00 4.94 -35.70
CA LEU C 211 25.47 6.19 -36.20
C LEU C 211 26.42 6.73 -35.15
N MSE C 212 26.11 6.46 -33.89
CA MSE C 212 26.93 6.90 -32.76
C MSE C 212 28.33 6.41 -32.90
O MSE C 212 29.27 7.19 -32.76
CB MSE C 212 26.29 6.44 -31.44
CG MSE C 212 26.58 7.37 -30.27
SE MSE C 212 26.12 9.30 -30.54
CE MSE C 212 27.15 9.92 -28.99
N ILE C 213 28.51 5.10 -33.20
CA ILE C 213 29.86 4.55 -33.43
C ILE C 213 30.50 5.14 -34.69
N GLU C 214 29.71 5.26 -35.74
CA GLU C 214 30.16 5.90 -36.96
C GLU C 214 30.63 7.36 -36.71
N ALA C 215 30.18 7.94 -35.60
CA ALA C 215 30.53 9.29 -35.20
C ALA C 215 31.74 9.28 -34.27
N GLY C 216 32.12 8.10 -33.81
CA GLY C 216 33.37 7.98 -33.06
C GLY C 216 33.20 7.62 -31.60
N LEU C 217 32.06 7.03 -31.29
CA LEU C 217 31.85 6.50 -29.97
C LEU C 217 32.46 5.13 -29.93
N PRO C 218 33.30 4.88 -28.92
CA PRO C 218 33.81 3.54 -28.59
C PRO C 218 32.70 2.50 -28.47
N ALA C 219 32.99 1.28 -28.91
CA ALA C 219 32.09 0.18 -28.73
C ALA C 219 31.75 0.07 -27.24
N GLY C 220 30.53 -0.35 -26.92
CA GLY C 220 30.18 -0.58 -25.52
C GLY C 220 29.60 0.64 -24.86
N ILE C 221 30.02 1.83 -25.25
CA ILE C 221 29.53 3.03 -24.59
C ILE C 221 28.00 3.18 -24.73
N LEU C 222 27.47 2.96 -25.94
CA LEU C 222 26.00 2.90 -26.10
C LEU C 222 25.54 1.57 -26.64
N ASN C 223 24.88 0.80 -25.76
CA ASN C 223 24.28 -0.47 -26.13
C ASN C 223 22.74 -0.36 -26.16
N VAL C 224 22.13 -1.04 -27.13
CA VAL C 224 20.68 -1.13 -27.19
C VAL C 224 20.25 -2.55 -26.87
N VAL C 225 19.46 -2.74 -25.82
CA VAL C 225 18.86 -4.06 -25.53
C VAL C 225 17.34 -3.99 -25.66
N ASN C 226 16.77 -4.85 -26.49
CA ASN C 226 15.30 -4.95 -26.58
C ASN C 226 14.71 -6.05 -25.72
N GLY C 227 13.47 -5.84 -25.27
CA GLY C 227 12.80 -6.77 -24.37
C GLY C 227 11.60 -6.18 -23.67
N ASP C 228 11.09 -6.90 -22.69
CA ASP C 228 9.86 -6.55 -22.01
C ASP C 228 10.14 -6.37 -20.55
N LYS C 229 9.13 -6.68 -19.73
CA LYS C 229 9.22 -6.58 -18.28
C LYS C 229 10.43 -7.34 -17.74
N GLY C 230 10.77 -8.46 -18.36
CA GLY C 230 11.95 -9.22 -17.96
C GLY C 230 13.20 -8.36 -18.02
N ALA C 231 13.36 -7.66 -19.13
CA ALA C 231 14.56 -6.89 -19.40
C ALA C 231 14.62 -5.71 -18.43
N VAL C 232 13.48 -5.05 -18.27
CA VAL C 232 13.38 -3.93 -17.34
C VAL C 232 13.81 -4.41 -15.95
N ASP C 233 13.19 -5.51 -15.50
CA ASP C 233 13.48 -6.08 -14.20
C ASP C 233 14.92 -6.52 -14.02
N ALA C 234 15.52 -7.09 -15.06
CA ALA C 234 16.95 -7.37 -15.07
C ALA C 234 17.79 -6.10 -14.90
N ILE C 235 17.37 -5.00 -15.52
CA ILE C 235 18.04 -3.69 -15.37
C ILE C 235 18.00 -3.17 -13.92
N LEU C 236 16.83 -3.25 -13.28
CA LEU C 236 16.65 -2.69 -11.93
C LEU C 236 17.32 -3.53 -10.84
N THR C 237 17.48 -4.84 -11.09
CA THR C 237 18.14 -5.72 -10.13
C THR C 237 19.65 -5.75 -10.37
N HIS C 238 20.07 -5.41 -11.58
CA HIS C 238 21.48 -5.51 -11.89
C HIS C 238 22.36 -4.54 -11.12
N PRO C 239 23.21 -5.09 -10.24
CA PRO C 239 24.04 -4.33 -9.32
C PRO C 239 24.98 -3.28 -9.95
N ASP C 240 25.34 -3.45 -11.21
CA ASP C 240 26.33 -2.54 -11.81
C ASP C 240 25.76 -1.30 -12.48
N ILE C 241 24.45 -1.24 -12.58
CA ILE C 241 23.80 -0.10 -13.18
C ILE C 241 23.45 0.78 -12.02
N ALA C 242 23.99 2.00 -12.04
CA ALA C 242 23.83 2.97 -10.96
C ALA C 242 22.60 3.88 -11.08
N ALA C 243 22.12 4.12 -12.29
CA ALA C 243 21.08 5.12 -12.49
C ALA C 243 20.10 4.73 -13.58
N VAL C 244 18.81 4.83 -13.26
CA VAL C 244 17.79 4.46 -14.24
C VAL C 244 16.91 5.64 -14.60
N SER C 245 16.58 5.74 -15.88
CA SER C 245 15.78 6.82 -16.39
C SER C 245 14.61 6.27 -17.19
N PHE C 246 13.40 6.73 -16.85
CA PHE C 246 12.18 6.19 -17.40
C PHE C 246 11.25 7.29 -17.89
N VAL C 247 10.62 7.04 -19.03
CA VAL C 247 9.44 7.79 -19.47
C VAL C 247 8.42 6.74 -19.89
N GLY C 248 7.18 6.97 -19.55
CA GLY C 248 6.12 6.08 -19.96
C GLY C 248 4.87 6.48 -19.23
N SER C 249 4.07 5.47 -18.87
CA SER C 249 2.88 5.64 -18.09
C SER C 249 3.21 5.69 -16.58
N THR C 250 2.35 6.44 -15.86
CA THR C 250 2.44 6.66 -14.42
C THR C 250 2.43 5.40 -13.52
N PRO C 251 1.58 4.39 -13.82
CA PRO C 251 1.66 3.18 -12.98
C PRO C 251 2.97 2.39 -13.17
N ILE C 252 3.49 2.37 -14.40
CA ILE C 252 4.79 1.73 -14.63
C ILE C 252 5.93 2.59 -14.05
N ALA C 253 5.81 3.92 -14.18
CA ALA C 253 6.83 4.84 -13.69
C ALA C 253 6.97 4.73 -12.20
N ARG C 254 5.83 4.71 -11.51
CA ARG C 254 5.77 4.47 -10.05
C ARG C 254 6.43 3.15 -9.63
N TYR C 255 6.22 2.11 -10.43
CA TYR C 255 6.90 0.84 -10.25
C TYR C 255 8.41 0.99 -10.50
N VAL C 256 8.77 1.53 -11.67
CA VAL C 256 10.18 1.55 -12.10
C VAL C 256 10.96 2.37 -11.10
N TYR C 257 10.38 3.48 -10.68
CA TYR C 257 10.97 4.35 -9.69
C TYR C 257 11.21 3.58 -8.40
N GLY C 258 10.13 3.08 -7.81
CA GLY C 258 10.21 2.38 -6.54
C GLY C 258 11.18 1.21 -6.56
N THR C 259 11.02 0.34 -7.55
CA THR C 259 11.88 -0.84 -7.66
C THR C 259 13.34 -0.39 -7.77
N ALA C 260 13.58 0.68 -8.53
CA ALA C 260 14.90 1.21 -8.70
C ALA C 260 15.44 1.70 -7.38
N ALA C 261 14.61 2.36 -6.58
CA ALA C 261 15.09 2.90 -5.33
C ALA C 261 15.47 1.79 -4.33
N MSE C 262 14.74 0.69 -4.36
CA MSE C 262 14.98 -0.41 -3.44
C MSE C 262 16.30 -1.03 -3.69
O MSE C 262 17.01 -1.39 -2.76
CB MSE C 262 13.93 -1.46 -3.70
CG MSE C 262 12.58 -0.82 -3.42
SE MSE C 262 11.78 -1.75 -1.89
CE MSE C 262 13.04 -1.26 -0.45
N ASN C 263 16.65 -1.15 -4.97
CA ASN C 263 17.95 -1.66 -5.39
C ASN C 263 19.04 -0.59 -5.36
N GLY C 264 18.74 0.48 -4.63
CA GLY C 264 19.72 1.51 -4.30
C GLY C 264 20.19 2.37 -5.45
N LYS C 265 19.52 2.33 -6.59
CA LYS C 265 19.88 3.20 -7.72
C LYS C 265 19.35 4.66 -7.56
N ARG C 266 19.87 5.57 -8.36
CA ARG C 266 19.21 6.86 -8.52
C ARG C 266 18.25 6.71 -9.70
N ALA C 267 17.19 7.51 -9.70
CA ALA C 267 16.11 7.28 -10.65
C ALA C 267 15.32 8.54 -10.92
N GLN C 268 14.95 8.71 -12.18
CA GLN C 268 13.98 9.74 -12.57
C GLN C 268 12.94 9.05 -13.44
N CYS C 269 11.67 9.28 -13.14
CA CYS C 269 10.59 8.71 -13.94
C CYS C 269 9.53 9.71 -14.31
N PHE C 270 9.08 9.64 -15.55
CA PHE C 270 8.13 10.60 -16.10
C PHE C 270 6.92 9.89 -16.72
N GLY C 271 5.73 10.23 -16.24
CA GLY C 271 4.53 9.47 -16.56
C GLY C 271 3.50 10.16 -17.42
N GLY C 272 2.23 9.95 -17.10
CA GLY C 272 1.13 10.38 -17.95
C GLY C 272 0.73 11.84 -17.87
N ALA C 273 -0.37 12.14 -18.57
CA ALA C 273 -0.89 13.50 -18.69
C ALA C 273 -2.39 13.54 -18.95
N LYS C 274 -3.02 14.58 -18.44
CA LYS C 274 -4.29 14.98 -19.00
C LYS C 274 -4.24 16.50 -19.10
N ASN C 275 -3.69 17.00 -20.21
CA ASN C 275 -3.32 18.41 -20.33
C ASN C 275 -4.46 19.31 -20.75
N HIS C 276 -4.67 20.38 -19.98
CA HIS C 276 -5.79 21.31 -20.20
C HIS C 276 -5.37 22.58 -20.90
N MSE C 277 -6.17 23.07 -21.84
CA MSE C 277 -5.99 24.43 -22.42
C MSE C 277 -7.14 25.35 -22.04
O MSE C 277 -8.26 25.20 -22.55
CB MSE C 277 -5.86 24.37 -23.93
CG MSE C 277 -5.41 25.72 -24.46
SE MSE C 277 -5.87 26.02 -26.38
CE MSE C 277 -4.28 25.09 -27.07
N ILE C 278 -6.89 26.30 -21.15
CA ILE C 278 -7.87 27.23 -20.69
C ILE C 278 -7.97 28.37 -21.72
N ILE C 279 -9.17 28.67 -22.22
CA ILE C 279 -9.32 29.79 -23.14
C ILE C 279 -10.09 30.88 -22.43
N MSE C 280 -9.50 32.07 -22.29
CA MSE C 280 -10.14 33.20 -21.63
C MSE C 280 -10.98 33.92 -22.63
O MSE C 280 -10.67 33.87 -23.82
CB MSE C 280 -9.07 34.18 -21.20
CG MSE C 280 -8.20 33.73 -20.02
SE MSE C 280 -9.30 33.36 -18.41
CE MSE C 280 -9.70 35.19 -17.77
N PRO C 281 -12.05 34.61 -22.20
CA PRO C 281 -12.93 35.34 -23.13
C PRO C 281 -12.19 36.35 -23.99
N ASP C 282 -11.02 36.82 -23.55
CA ASP C 282 -10.33 37.85 -24.30
C ASP C 282 -9.24 37.30 -25.23
N ALA C 283 -9.13 35.98 -25.31
CA ALA C 283 -8.09 35.32 -26.12
C ALA C 283 -8.37 35.47 -27.59
N ASP C 284 -7.35 35.21 -28.40
CA ASP C 284 -7.51 35.16 -29.84
C ASP C 284 -8.07 33.78 -30.16
N LEU C 285 -9.38 33.73 -30.42
CA LEU C 285 -10.05 32.44 -30.61
C LEU C 285 -9.59 31.67 -31.83
N ASP C 286 -9.18 32.40 -32.85
CA ASP C 286 -8.64 31.78 -34.06
C ASP C 286 -7.29 31.09 -33.81
N GLN C 287 -6.35 31.80 -33.20
CA GLN C 287 -5.11 31.18 -32.82
C GLN C 287 -5.37 29.97 -31.90
N ALA C 288 -6.22 30.17 -30.90
CA ALA C 288 -6.64 29.09 -29.98
C ALA C 288 -7.18 27.86 -30.67
N ALA C 289 -8.13 28.08 -31.60
CA ALA C 289 -8.78 27.04 -32.39
C ALA C 289 -7.75 26.24 -33.17
N ASN C 290 -6.85 26.96 -33.83
CA ASN C 290 -5.86 26.33 -34.66
C ASN C 290 -4.89 25.59 -33.78
N ALA C 291 -4.52 26.18 -32.64
CA ALA C 291 -3.59 25.56 -31.71
C ALA C 291 -4.16 24.27 -31.21
N LEU C 292 -5.42 24.32 -30.81
CA LEU C 292 -6.17 23.14 -30.37
C LEU C 292 -6.20 22.01 -31.43
N ILE C 293 -6.50 22.33 -32.69
CA ILE C 293 -6.54 21.31 -33.75
C ILE C 293 -5.20 20.57 -33.93
N GLY C 294 -4.11 21.33 -33.99
CA GLY C 294 -2.79 20.74 -33.99
C GLY C 294 -2.48 19.99 -32.69
N ALA C 295 -2.75 20.60 -31.54
CA ALA C 295 -2.25 20.05 -30.28
C ALA C 295 -3.01 18.81 -29.87
N GLY C 296 -4.27 18.75 -30.29
CA GLY C 296 -5.17 17.72 -29.85
C GLY C 296 -5.15 16.48 -30.73
N TYR C 297 -4.98 16.69 -32.03
CA TYR C 297 -5.19 15.63 -33.00
C TYR C 297 -3.93 15.28 -33.74
N GLY C 298 -2.96 16.17 -33.66
CA GLY C 298 -1.64 15.93 -34.21
C GLY C 298 -1.03 14.70 -33.55
N SER C 299 -0.45 13.84 -34.39
CA SER C 299 0.14 12.56 -33.96
C SER C 299 -0.96 11.67 -33.41
N ALA C 300 -2.19 11.97 -33.79
CA ALA C 300 -3.35 11.24 -33.35
C ALA C 300 -3.53 11.28 -31.82
N GLY C 301 -3.12 12.35 -31.18
CA GLY C 301 -3.32 12.48 -29.73
C GLY C 301 -2.34 11.63 -28.93
N GLU C 302 -1.47 10.94 -29.64
CA GLU C 302 -0.50 10.02 -29.05
C GLU C 302 0.73 10.74 -28.49
N ARG C 303 0.53 11.47 -27.40
CA ARG C 303 1.59 12.33 -26.90
C ARG C 303 1.35 12.69 -25.44
N CYS C 304 2.43 12.59 -24.65
CA CYS C 304 2.45 13.06 -23.26
C CYS C 304 2.25 14.57 -23.21
N MSE C 305 2.44 15.27 -24.31
CA MSE C 305 2.22 16.73 -24.29
C MSE C 305 1.09 17.22 -25.15
O MSE C 305 1.02 18.42 -25.45
CB MSE C 305 3.48 17.51 -24.65
CG MSE C 305 4.56 17.48 -23.57
SE MSE C 305 4.13 18.58 -21.97
CE MSE C 305 3.83 16.95 -20.93
N ALA C 306 0.19 16.32 -25.56
CA ALA C 306 -0.98 16.71 -26.35
C ALA C 306 -2.04 17.31 -25.45
N ILE C 307 -2.80 18.28 -25.99
CA ILE C 307 -3.97 18.84 -25.27
C ILE C 307 -5.18 17.90 -25.34
N SER C 308 -5.69 17.59 -24.16
CA SER C 308 -6.79 16.67 -24.01
C SER C 308 -8.11 17.39 -23.82
N VAL C 309 -8.07 18.48 -23.06
CA VAL C 309 -9.27 19.07 -22.51
C VAL C 309 -9.15 20.55 -22.75
N ALA C 310 -10.13 21.10 -23.45
CA ALA C 310 -10.17 22.52 -23.66
C ALA C 310 -11.14 23.07 -22.66
N VAL C 311 -10.82 24.22 -22.10
CA VAL C 311 -11.64 24.78 -21.10
C VAL C 311 -11.87 26.20 -21.53
N PRO C 312 -12.94 26.43 -22.28
CA PRO C 312 -13.23 27.81 -22.60
C PRO C 312 -13.89 28.45 -21.39
N VAL C 313 -13.56 29.70 -21.11
CA VAL C 313 -14.22 30.40 -20.01
C VAL C 313 -15.40 31.23 -20.51
N GLY C 314 -16.55 30.98 -19.89
CA GLY C 314 -17.80 31.63 -20.27
C GLY C 314 -18.52 30.92 -21.38
N GLU C 315 -19.80 31.25 -21.52
CA GLU C 315 -20.70 30.60 -22.47
C GLU C 315 -20.42 30.98 -23.93
N GLU C 316 -20.26 32.28 -24.22
CA GLU C 316 -20.01 32.70 -25.61
C GLU C 316 -18.70 32.18 -26.14
N THR C 317 -17.64 32.29 -25.35
CA THR C 317 -16.32 31.77 -25.74
C THR C 317 -16.36 30.28 -26.06
N ALA C 318 -17.09 29.51 -25.24
CA ALA C 318 -17.29 28.06 -25.41
C ALA C 318 -18.16 27.70 -26.59
N ASN C 319 -19.21 28.46 -26.84
CA ASN C 319 -19.96 28.31 -28.09
C ASN C 319 -19.16 28.60 -29.34
N ARG C 320 -18.47 29.74 -29.36
CA ARG C 320 -17.72 30.17 -30.54
C ARG C 320 -16.51 29.32 -30.77
N LEU C 321 -15.90 28.78 -29.71
CA LEU C 321 -14.72 27.93 -29.90
C LEU C 321 -15.14 26.67 -30.60
N ILE C 322 -16.20 26.06 -30.08
CA ILE C 322 -16.72 24.84 -30.64
C ILE C 322 -16.98 25.09 -32.12
N ASP C 323 -17.65 26.19 -32.43
CA ASP C 323 -18.04 26.49 -33.80
C ASP C 323 -16.85 26.59 -34.75
N LYS C 324 -15.69 26.97 -34.22
CA LYS C 324 -14.50 27.07 -35.04
C LYS C 324 -13.90 25.70 -35.28
N LEU C 325 -14.02 24.85 -34.26
CA LEU C 325 -13.26 23.63 -34.17
C LEU C 325 -13.88 22.47 -34.93
N VAL C 326 -15.21 22.30 -34.89
CA VAL C 326 -15.85 21.11 -35.52
C VAL C 326 -15.63 20.95 -37.03
N PRO C 327 -15.65 22.06 -37.81
CA PRO C 327 -15.34 21.90 -39.22
C PRO C 327 -13.86 21.58 -39.45
N MSE C 328 -13.01 22.05 -38.54
CA MSE C 328 -11.60 21.70 -38.64
C MSE C 328 -11.34 20.26 -38.31
O MSE C 328 -10.51 19.63 -38.97
CB MSE C 328 -10.74 22.63 -37.79
CG MSE C 328 -10.23 23.67 -38.77
SE MSE C 328 -9.46 25.19 -37.80
CE MSE C 328 -7.56 24.66 -37.86
N VAL C 329 -12.05 19.70 -37.32
CA VAL C 329 -11.92 18.29 -36.99
C VAL C 329 -12.46 17.42 -38.14
N GLU C 330 -13.66 17.75 -38.62
CA GLU C 330 -14.31 16.95 -39.65
C GLU C 330 -13.49 16.85 -40.91
N SER C 331 -12.79 17.93 -41.26
CA SER C 331 -11.97 17.98 -42.45
C SER C 331 -10.56 17.45 -42.29
N LEU C 332 -10.16 17.02 -41.09
CA LEU C 332 -8.83 16.44 -40.87
C LEU C 332 -8.59 15.35 -41.91
N ARG C 333 -7.37 15.30 -42.45
CA ARG C 333 -6.99 14.31 -43.44
C ARG C 333 -6.26 13.15 -42.78
N ILE C 334 -6.84 11.97 -42.91
CA ILE C 334 -6.32 10.76 -42.28
C ILE C 334 -5.77 9.80 -43.32
N GLY C 335 -4.52 9.37 -43.18
CA GLY C 335 -3.95 8.37 -44.07
C GLY C 335 -2.72 7.69 -43.48
N PRO C 336 -2.09 6.79 -44.25
CA PRO C 336 -0.87 6.15 -43.78
C PRO C 336 0.30 7.12 -43.93
N TYR C 337 1.48 6.72 -43.43
CA TYR C 337 2.67 7.55 -43.55
C TYR C 337 3.05 7.80 -44.99
N THR C 338 2.72 6.87 -45.88
CA THR C 338 3.05 7.02 -47.32
C THR C 338 2.25 8.16 -48.00
N ASP C 339 1.20 8.64 -47.33
CA ASP C 339 0.42 9.76 -47.81
C ASP C 339 0.90 11.07 -47.15
N GLU C 340 1.66 11.84 -47.92
CA GLU C 340 2.35 13.04 -47.43
C GLU C 340 1.40 14.21 -47.10
N LYS C 341 0.13 14.03 -47.42
CA LYS C 341 -0.88 15.07 -47.21
C LYS C 341 -1.61 14.87 -45.89
N ALA C 342 -1.53 13.66 -45.34
CA ALA C 342 -2.28 13.32 -44.15
C ALA C 342 -1.84 14.17 -42.98
N ASP C 343 -2.82 14.57 -42.16
CA ASP C 343 -2.58 15.38 -40.97
C ASP C 343 -2.26 14.45 -39.82
N MSE C 344 -2.98 13.33 -39.73
CA MSE C 344 -2.72 12.36 -38.67
C MSE C 344 -2.87 10.93 -39.15
O MSE C 344 -3.64 10.65 -40.10
CB MSE C 344 -3.59 12.59 -37.44
CG MSE C 344 -5.07 12.36 -37.71
SE MSE C 344 -6.09 12.05 -36.05
CE MSE C 344 -7.79 11.50 -36.87
N GLY C 345 -2.14 10.03 -38.51
CA GLY C 345 -2.11 8.66 -38.98
C GLY C 345 -2.91 7.69 -38.14
N PRO C 346 -2.56 6.40 -38.24
CA PRO C 346 -3.10 5.32 -37.42
C PRO C 346 -2.50 5.31 -36.01
N VAL C 347 -3.24 4.83 -35.02
CA VAL C 347 -2.66 4.59 -33.69
C VAL C 347 -1.78 3.33 -33.69
N VAL C 348 -1.04 3.15 -32.60
CA VAL C 348 0.09 2.19 -32.55
C VAL C 348 -0.28 0.71 -32.70
N THR C 349 -1.28 0.24 -31.98
CA THR C 349 -1.68 -1.17 -31.94
C THR C 349 -3.19 -1.38 -31.87
N LYS C 350 -3.65 -2.62 -32.11
CA LYS C 350 -5.07 -2.92 -31.99
C LYS C 350 -5.53 -2.86 -30.53
N GLU C 351 -4.63 -3.18 -29.60
CA GLU C 351 -4.90 -3.00 -28.18
C GLU C 351 -5.27 -1.55 -27.98
N ALA C 352 -4.41 -0.66 -28.49
CA ALA C 352 -4.52 0.77 -28.20
C ALA C 352 -5.79 1.38 -28.79
N GLU C 353 -6.12 0.96 -30.01
CA GLU C 353 -7.27 1.47 -30.73
C GLU C 353 -8.54 1.11 -29.98
N GLN C 354 -8.64 -0.13 -29.52
CA GLN C 354 -9.80 -0.59 -28.82
C GLN C 354 -9.97 0.12 -27.45
N ARG C 355 -8.87 0.36 -26.76
CA ARG C 355 -8.92 1.05 -25.49
C ARG C 355 -9.51 2.44 -25.71
N ILE C 356 -9.13 3.06 -26.84
CA ILE C 356 -9.62 4.38 -27.23
C ILE C 356 -11.12 4.30 -27.49
N ARG C 357 -11.49 3.31 -28.31
CA ARG C 357 -12.88 3.10 -28.67
C ARG C 357 -13.77 2.90 -27.46
N SER C 358 -13.24 2.23 -26.44
CA SER C 358 -13.97 1.95 -25.23
C SER C 358 -14.25 3.24 -24.50
N LEU C 359 -13.20 4.03 -24.29
CA LEU C 359 -13.37 5.34 -23.71
C LEU C 359 -14.42 6.18 -24.44
N ILE C 360 -14.31 6.27 -25.77
CA ILE C 360 -15.29 7.01 -26.58
C ILE C 360 -16.74 6.66 -26.24
N ASP C 361 -17.05 5.37 -26.18
CA ASP C 361 -18.42 4.94 -25.98
C ASP C 361 -18.89 5.21 -24.55
N SER C 362 -17.95 5.22 -23.62
CA SER C 362 -18.26 5.52 -22.24
C SER C 362 -18.52 7.01 -22.10
N GLY C 363 -17.83 7.82 -22.89
CA GLY C 363 -18.11 9.24 -22.97
C GLY C 363 -19.57 9.44 -23.35
N ILE C 364 -20.01 8.66 -24.34
CA ILE C 364 -21.41 8.63 -24.72
C ILE C 364 -22.34 8.12 -23.60
N GLU C 365 -21.99 7.01 -22.96
CA GLU C 365 -22.80 6.48 -21.85
C GLU C 365 -22.92 7.42 -20.67
N GLN C 366 -21.96 8.32 -20.47
CA GLN C 366 -21.97 9.15 -19.26
C GLN C 366 -22.54 10.53 -19.49
N GLY C 367 -22.98 10.80 -20.71
CA GLY C 367 -23.75 12.00 -20.96
C GLY C 367 -23.01 13.13 -21.61
N ALA C 368 -21.82 12.86 -22.17
CA ALA C 368 -21.11 13.90 -22.93
C ALA C 368 -21.66 14.00 -24.34
N LYS C 369 -21.50 15.14 -25.00
CA LYS C 369 -22.07 15.32 -26.33
C LYS C 369 -21.01 15.21 -27.43
N LEU C 370 -21.08 14.13 -28.19
CA LEU C 370 -20.08 13.84 -29.22
C LEU C 370 -20.41 14.62 -30.50
N VAL C 371 -19.79 15.78 -30.61
CA VAL C 371 -20.15 16.77 -31.56
C VAL C 371 -19.55 16.44 -32.90
N VAL C 372 -18.40 15.75 -32.87
CA VAL C 372 -17.77 15.18 -34.07
C VAL C 372 -17.41 13.75 -33.72
N ASP C 373 -17.97 12.83 -34.51
CA ASP C 373 -17.92 11.38 -34.25
C ASP C 373 -17.03 10.70 -35.29
N GLY C 374 -15.79 10.41 -34.94
CA GLY C 374 -14.87 9.73 -35.86
C GLY C 374 -14.85 8.20 -35.70
N ARG C 375 -15.87 7.67 -35.04
CA ARG C 375 -15.95 6.25 -34.71
C ARG C 375 -16.01 5.32 -35.91
N ASP C 376 -16.64 5.77 -36.98
CA ASP C 376 -16.87 4.93 -38.15
C ASP C 376 -15.94 5.22 -39.31
N PHE C 377 -14.97 6.11 -39.14
CA PHE C 377 -14.09 6.39 -40.28
C PHE C 377 -13.36 5.10 -40.71
N LYS C 378 -13.34 4.83 -42.01
CA LYS C 378 -12.71 3.61 -42.52
C LYS C 378 -11.99 3.99 -43.79
N LEU C 379 -10.68 3.72 -43.82
CA LEU C 379 -9.83 4.13 -44.96
C LEU C 379 -9.68 3.01 -45.98
N GLN C 380 -10.22 3.24 -47.17
CA GLN C 380 -10.30 2.17 -48.18
C GLN C 380 -8.91 1.63 -48.59
N GLY C 381 -8.78 0.31 -48.65
CA GLY C 381 -7.49 -0.34 -48.93
C GLY C 381 -6.62 -0.42 -47.70
N TYR C 382 -7.16 -0.04 -46.55
CA TYR C 382 -6.44 -0.10 -45.29
C TYR C 382 -7.33 -0.49 -44.11
N GLU C 383 -8.35 -1.31 -44.36
CA GLU C 383 -9.36 -1.65 -43.34
C GLU C 383 -8.77 -2.23 -42.05
N ASN C 384 -7.74 -3.06 -42.17
CA ASN C 384 -7.11 -3.69 -40.99
C ASN C 384 -6.27 -2.74 -40.15
N GLY C 385 -5.83 -1.64 -40.75
CA GLY C 385 -5.03 -0.63 -40.05
C GLY C 385 -5.76 -0.02 -38.88
N HIS C 386 -5.01 0.45 -37.90
CA HIS C 386 -5.63 1.00 -36.70
C HIS C 386 -5.99 2.45 -36.90
N PHE C 387 -7.09 2.70 -37.59
CA PHE C 387 -7.58 4.04 -37.86
C PHE C 387 -8.85 4.40 -37.08
N ILE C 388 -8.80 5.50 -36.33
CA ILE C 388 -10.02 6.10 -35.77
C ILE C 388 -10.00 7.53 -36.22
N GLY C 389 -11.10 7.99 -36.79
CA GLY C 389 -11.28 9.41 -37.09
C GLY C 389 -11.31 10.25 -35.82
N GLY C 390 -10.99 11.53 -35.96
CA GLY C 390 -10.93 12.44 -34.83
C GLY C 390 -12.27 12.61 -34.16
N CYS C 391 -12.24 12.83 -32.86
CA CYS C 391 -13.45 12.91 -32.06
C CYS C 391 -13.40 14.15 -31.22
N LEU C 392 -14.56 14.79 -31.08
CA LEU C 392 -14.67 15.93 -30.20
C LEU C 392 -15.90 15.82 -29.31
N PHE C 393 -15.66 15.91 -28.01
CA PHE C 393 -16.71 15.91 -26.99
C PHE C 393 -16.92 17.30 -26.40
N ASP C 394 -18.17 17.63 -26.11
CA ASP C 394 -18.57 18.87 -25.45
C ASP C 394 -19.47 18.46 -24.29
N ASP C 395 -19.74 19.40 -23.39
CA ASP C 395 -20.38 19.13 -22.09
C ASP C 395 -19.75 17.96 -21.33
N VAL C 396 -18.43 17.86 -21.37
CA VAL C 396 -17.70 16.89 -20.56
C VAL C 396 -17.57 17.47 -19.15
N THR C 397 -17.69 16.62 -18.14
CA THR C 397 -17.51 17.01 -16.74
C THR C 397 -16.56 16.07 -16.01
N PRO C 398 -16.03 16.50 -14.84
CA PRO C 398 -14.98 15.72 -14.12
C PRO C 398 -15.32 14.30 -13.65
N ASP C 399 -16.61 13.95 -13.58
CA ASP C 399 -17.05 12.61 -13.17
C ASP C 399 -16.67 11.55 -14.20
N MSE C 400 -16.64 12.00 -15.46
CA MSE C 400 -16.53 11.10 -16.60
C MSE C 400 -15.16 10.50 -16.74
O MSE C 400 -14.16 11.09 -16.36
CB MSE C 400 -16.86 11.94 -17.82
CG MSE C 400 -18.17 12.68 -17.63
SE MSE C 400 -18.81 13.30 -19.39
CE MSE C 400 -18.34 11.57 -20.22
N ASP C 401 -15.12 9.29 -17.32
CA ASP C 401 -13.87 8.61 -17.54
C ASP C 401 -13.07 9.30 -18.65
N ILE C 402 -13.74 9.76 -19.71
CA ILE C 402 -13.03 10.51 -20.76
C ILE C 402 -12.29 11.71 -20.17
N TYR C 403 -12.71 12.14 -18.98
CA TYR C 403 -12.00 13.19 -18.27
C TYR C 403 -10.84 12.66 -17.46
N LYS C 404 -11.09 11.65 -16.65
CA LYS C 404 -10.13 11.23 -15.62
C LYS C 404 -8.97 10.53 -16.26
N THR C 405 -9.27 9.76 -17.31
CA THR C 405 -8.30 8.90 -17.97
C THR C 405 -7.62 9.61 -19.10
N GLU C 406 -6.30 9.41 -19.20
CA GLU C 406 -5.51 9.75 -20.38
C GLU C 406 -5.92 8.81 -21.52
N ILE C 407 -6.38 9.35 -22.66
CA ILE C 407 -6.88 8.52 -23.76
C ILE C 407 -5.78 8.11 -24.73
N PHE C 408 -4.79 8.98 -24.93
CA PHE C 408 -3.69 8.71 -25.86
C PHE C 408 -4.21 8.36 -27.28
N GLY C 409 -5.28 9.05 -27.71
CA GLY C 409 -5.97 8.79 -28.97
C GLY C 409 -6.57 10.10 -29.43
N PRO C 410 -7.14 10.15 -30.65
CA PRO C 410 -7.62 11.43 -31.23
C PRO C 410 -8.94 11.91 -30.64
N VAL C 411 -8.93 12.30 -29.37
CA VAL C 411 -10.18 12.69 -28.66
C VAL C 411 -10.10 13.97 -27.80
N LEU C 412 -10.78 15.00 -28.26
CA LEU C 412 -10.77 16.28 -27.58
C LEU C 412 -12.00 16.48 -26.70
N SER C 413 -11.76 16.82 -25.45
CA SER C 413 -12.84 17.05 -24.50
C SER C 413 -12.91 18.53 -24.21
N VAL C 414 -14.10 19.11 -24.39
CA VAL C 414 -14.32 20.48 -23.99
C VAL C 414 -15.10 20.45 -22.71
N VAL C 415 -14.49 21.02 -21.67
CA VAL C 415 -15.17 21.23 -20.39
C VAL C 415 -15.48 22.71 -20.20
N ARG C 416 -16.71 23.05 -19.87
CA ARG C 416 -17.10 24.45 -19.85
C ARG C 416 -16.97 25.00 -18.45
N ALA C 417 -16.16 26.06 -18.32
CA ALA C 417 -15.97 26.78 -17.07
C ALA C 417 -16.78 28.07 -17.07
N ARG C 418 -17.37 28.40 -15.92
CA ARG C 418 -18.07 29.65 -15.75
C ARG C 418 -17.09 30.81 -15.61
N ASN C 419 -15.94 30.55 -15.00
CA ASN C 419 -14.95 31.61 -14.77
C ASN C 419 -13.50 31.12 -14.58
N TYR C 420 -12.60 32.09 -14.46
CA TYR C 420 -11.18 31.85 -14.23
C TYR C 420 -10.94 30.92 -13.04
N GLU C 421 -11.49 31.26 -11.88
CA GLU C 421 -11.27 30.42 -10.69
C GLU C 421 -11.75 29.00 -10.93
N GLU C 422 -12.93 28.86 -11.51
CA GLU C 422 -13.47 27.54 -11.87
C GLU C 422 -12.54 26.83 -12.86
N ALA C 423 -12.11 27.55 -13.89
CA ALA C 423 -11.23 26.99 -14.94
C ALA C 423 -9.93 26.42 -14.35
N LEU C 424 -9.24 27.24 -13.57
CA LEU C 424 -7.96 26.90 -12.95
C LEU C 424 -8.04 25.63 -12.07
N SER C 425 -9.18 25.44 -11.38
CA SER C 425 -9.40 24.28 -10.52
C SER C 425 -9.22 22.98 -11.26
N LEU C 426 -9.73 22.92 -12.49
CA LEU C 426 -9.67 21.71 -13.30
C LEU C 426 -8.25 21.12 -13.42
N PRO C 427 -7.30 21.84 -14.04
CA PRO C 427 -5.94 21.32 -14.08
C PRO C 427 -5.29 21.19 -12.69
N MSE C 428 -5.54 22.16 -11.82
CA MSE C 428 -5.08 22.09 -10.44
C MSE C 428 -5.46 20.80 -9.80
O MSE C 428 -4.65 20.20 -9.14
CB MSE C 428 -5.73 23.23 -9.65
CG MSE C 428 -5.13 23.40 -8.26
SE MSE C 428 -3.49 24.48 -8.39
CE MSE C 428 -3.01 24.24 -6.47
N LYS C 429 -6.68 20.34 -9.99
CA LYS C 429 -7.20 19.21 -9.21
C LYS C 429 -7.04 17.81 -9.82
N HIS C 430 -6.50 17.75 -11.04
CA HIS C 430 -6.34 16.51 -11.79
C HIS C 430 -5.13 15.88 -11.26
N GLU C 431 -5.12 14.55 -11.21
CA GLU C 431 -3.98 13.81 -10.65
C GLU C 431 -2.75 14.07 -11.54
N TYR C 432 -2.98 14.43 -12.81
CA TYR C 432 -1.90 14.64 -13.75
C TYR C 432 -1.49 16.10 -13.81
N GLY C 433 -0.20 16.33 -13.92
CA GLY C 433 0.32 17.66 -14.01
C GLY C 433 1.50 17.79 -14.89
N ASN C 434 1.37 17.50 -16.15
CA ASN C 434 2.50 17.48 -17.04
C ASN C 434 2.62 18.79 -17.78
N GLY C 435 1.63 19.11 -18.59
CA GLY C 435 1.57 20.42 -19.25
C GLY C 435 0.22 21.10 -19.13
N VAL C 436 0.23 22.42 -19.27
CA VAL C 436 -1.00 23.20 -19.22
C VAL C 436 -0.78 24.43 -20.07
N ALA C 437 -1.86 25.00 -20.59
CA ALA C 437 -1.79 26.24 -21.37
C ALA C 437 -2.96 27.17 -21.04
N ILE C 438 -2.70 28.46 -20.93
CA ILE C 438 -3.77 29.41 -20.77
C ILE C 438 -3.68 30.33 -21.98
N TYR C 439 -4.81 30.64 -22.62
CA TYR C 439 -4.80 31.52 -23.78
C TYR C 439 -5.51 32.82 -23.45
N THR C 440 -4.74 33.91 -23.40
CA THR C 440 -5.30 35.22 -23.02
C THR C 440 -4.43 36.39 -23.43
N ARG C 441 -5.04 37.56 -23.55
CA ARG C 441 -4.27 38.78 -23.75
C ARG C 441 -3.87 39.44 -22.45
N ASP C 442 -4.52 39.06 -21.34
CA ASP C 442 -4.38 39.72 -20.04
C ASP C 442 -3.16 39.23 -19.29
N GLY C 443 -2.12 40.05 -19.24
CA GLY C 443 -0.90 39.74 -18.50
C GLY C 443 -1.16 39.23 -17.10
N ASP C 444 -2.01 39.93 -16.37
CA ASP C 444 -2.46 39.51 -15.06
C ASP C 444 -3.01 38.08 -15.03
N ALA C 445 -3.96 37.78 -15.91
CA ALA C 445 -4.56 36.46 -15.97
C ALA C 445 -3.50 35.39 -16.18
N ALA C 446 -2.55 35.67 -17.08
CA ALA C 446 -1.44 34.80 -17.38
C ALA C 446 -0.47 34.64 -16.22
N ARG C 447 -0.09 35.74 -15.55
CA ARG C 447 0.95 35.59 -14.56
C ARG C 447 0.41 34.87 -13.37
N ASP C 448 -0.84 35.16 -13.01
CA ASP C 448 -1.41 34.52 -11.83
C ASP C 448 -1.46 33.04 -12.10
N PHE C 449 -2.15 32.68 -13.18
CA PHE C 449 -2.31 31.30 -13.64
C PHE C 449 -1.01 30.52 -13.77
N ALA C 450 -0.06 31.04 -14.55
CA ALA C 450 1.21 30.34 -14.69
C ALA C 450 1.92 30.26 -13.35
N SER C 451 1.73 31.25 -12.50
CA SER C 451 2.34 31.25 -11.20
C SER C 451 1.80 30.15 -10.28
N ARG C 452 0.47 30.07 -10.18
CA ARG C 452 -0.20 29.23 -9.19
C ARG C 452 -0.29 27.74 -9.55
N ILE C 453 -0.64 27.46 -10.82
CA ILE C 453 -0.98 26.11 -11.30
C ILE C 453 0.09 25.10 -10.93
N ASN C 454 -0.34 23.96 -10.37
CA ASN C 454 0.58 22.93 -9.88
C ASN C 454 1.01 21.94 -10.96
N ILE C 455 1.42 22.47 -12.09
CA ILE C 455 1.79 21.68 -13.25
C ILE C 455 3.23 22.05 -13.64
N GLY C 456 3.96 21.11 -14.23
CA GLY C 456 5.40 21.28 -14.51
C GLY C 456 5.71 22.28 -15.59
N MSE C 457 4.90 22.30 -16.63
CA MSE C 457 5.19 23.03 -17.85
C MSE C 457 4.00 23.84 -18.32
O MSE C 457 2.94 23.29 -18.66
CB MSE C 457 5.61 21.96 -18.82
CG MSE C 457 6.89 21.33 -18.32
SE MSE C 457 7.51 19.87 -19.50
CE MSE C 457 6.32 18.50 -18.75
N VAL C 458 4.15 25.17 -18.34
CA VAL C 458 3.02 26.08 -18.53
C VAL C 458 3.18 26.87 -19.82
N GLY C 459 2.17 26.85 -20.68
CA GLY C 459 2.25 27.59 -21.93
C GLY C 459 1.35 28.78 -21.87
N VAL C 460 1.90 29.98 -21.98
CA VAL C 460 1.08 31.18 -22.19
C VAL C 460 0.94 31.47 -23.70
N ASN C 461 -0.28 31.33 -24.20
CA ASN C 461 -0.55 31.42 -25.64
C ASN C 461 0.29 30.47 -26.47
N VAL C 462 0.80 29.43 -25.82
CA VAL C 462 1.54 28.34 -26.46
C VAL C 462 0.82 27.02 -26.07
N PRO C 463 0.60 26.11 -27.03
CA PRO C 463 -0.21 24.93 -26.70
C PRO C 463 0.58 23.75 -26.13
N ILE C 464 1.58 23.27 -26.86
CA ILE C 464 2.45 22.19 -26.42
C ILE C 464 3.70 22.86 -25.87
N PRO C 465 3.75 23.08 -24.55
CA PRO C 465 4.83 23.87 -24.00
C PRO C 465 6.04 23.04 -23.57
N VAL C 466 6.51 22.16 -24.46
CA VAL C 466 7.70 21.35 -24.16
C VAL C 466 8.96 22.22 -24.31
N PRO C 467 9.75 22.31 -23.24
CA PRO C 467 10.94 23.14 -23.22
C PRO C 467 12.00 22.63 -24.20
N LEU C 468 12.84 23.54 -24.66
CA LEU C 468 13.92 23.16 -25.54
C LEU C 468 15.06 22.47 -24.76
N ALA C 469 16.00 21.87 -25.49
CA ALA C 469 17.02 20.97 -24.95
C ALA C 469 17.85 21.56 -23.84
N TYR C 470 18.07 22.87 -23.89
CA TYR C 470 18.84 23.60 -22.88
C TYR C 470 17.98 24.09 -21.71
N HIS C 471 16.72 23.69 -21.66
CA HIS C 471 15.91 23.88 -20.48
C HIS C 471 15.63 22.53 -20.02
N SER C 472 14.67 22.32 -19.12
CA SER C 472 14.38 20.94 -18.75
C SER C 472 12.91 20.59 -18.80
N PHE C 473 12.63 19.31 -19.08
CA PHE C 473 11.27 18.83 -19.21
C PHE C 473 10.92 18.00 -17.99
N GLY C 474 9.81 18.33 -17.35
CA GLY C 474 9.26 17.47 -16.34
C GLY C 474 7.94 17.96 -15.78
N GLY C 475 7.02 17.03 -15.63
CA GLY C 475 5.74 17.32 -15.01
C GLY C 475 5.82 17.31 -13.49
N TRP C 476 4.67 17.59 -12.88
CA TRP C 476 4.51 17.52 -11.44
C TRP C 476 3.46 16.49 -11.08
N LYS C 477 3.07 16.54 -9.81
CA LYS C 477 2.06 15.63 -9.29
C LYS C 477 2.35 14.18 -9.71
N SER C 478 1.35 13.50 -10.25
CA SER C 478 1.53 12.14 -10.74
C SER C 478 2.31 11.99 -12.06
N SER C 479 2.81 13.07 -12.63
CA SER C 479 3.48 12.93 -13.91
C SER C 479 5.00 12.77 -13.80
N SER C 480 5.55 12.88 -12.59
CA SER C 480 6.96 12.51 -12.39
C SER C 480 7.30 12.03 -10.99
N PHE C 481 8.52 11.49 -10.88
CA PHE C 481 9.01 10.90 -9.67
C PHE C 481 10.51 11.13 -9.63
N GLY C 482 10.99 11.72 -8.56
CA GLY C 482 12.39 12.11 -8.46
C GLY C 482 12.54 13.60 -8.26
N ASP C 483 13.78 14.10 -8.34
CA ASP C 483 14.09 15.50 -8.05
C ASP C 483 14.90 16.22 -9.13
N LEU C 484 15.22 15.53 -10.23
CA LEU C 484 15.79 16.18 -11.43
C LEU C 484 15.03 15.85 -12.71
N ASN C 485 14.88 16.85 -13.58
CA ASN C 485 14.20 16.65 -14.86
C ASN C 485 15.05 15.97 -15.92
N GLN C 486 14.53 16.03 -17.15
CA GLN C 486 15.13 15.43 -18.31
C GLN C 486 15.83 16.52 -19.09
N HIS C 487 16.93 16.20 -19.76
CA HIS C 487 17.82 17.18 -20.46
C HIS C 487 18.14 18.46 -19.73
N GLY C 488 18.66 19.45 -20.46
CA GLY C 488 19.19 20.66 -19.81
C GLY C 488 20.15 20.43 -18.63
N THR C 489 20.34 21.48 -17.86
CA THR C 489 21.20 21.51 -16.69
C THR C 489 20.96 20.38 -15.69
N ASP C 490 19.69 20.07 -15.46
CA ASP C 490 19.29 19.01 -14.53
C ASP C 490 19.91 17.69 -14.94
N SER C 491 19.81 17.34 -16.23
CA SER C 491 20.41 16.06 -16.65
C SER C 491 21.85 15.90 -16.26
N ILE C 492 22.65 16.95 -16.42
CA ILE C 492 24.07 16.85 -16.05
C ILE C 492 24.29 16.58 -14.54
N LYS C 493 23.31 16.96 -13.72
CA LYS C 493 23.31 16.56 -12.33
C LYS C 493 23.02 15.06 -12.17
N PHE C 494 22.04 14.56 -12.92
CA PHE C 494 21.59 13.18 -12.75
C PHE C 494 22.67 12.15 -13.08
N TRP C 495 23.43 12.39 -14.15
CA TRP C 495 24.44 11.45 -14.68
C TRP C 495 25.80 11.64 -14.13
N THR C 496 25.86 12.31 -13.00
CA THR C 496 27.10 12.80 -12.47
C THR C 496 27.07 12.61 -10.96
N ARG C 497 28.23 12.36 -10.35
CA ARG C 497 28.29 12.37 -8.89
C ARG C 497 29.38 13.30 -8.41
N THR C 498 29.13 13.97 -7.29
CA THR C 498 30.03 15.00 -6.80
C THR C 498 31.04 14.54 -5.75
N LYS C 499 32.30 14.70 -6.11
CA LYS C 499 33.43 14.56 -5.22
C LYS C 499 33.74 15.92 -4.65
N THR C 500 34.11 16.01 -3.38
CA THR C 500 34.65 17.27 -2.86
C THR C 500 36.01 17.04 -2.17
N ILE C 501 36.97 17.89 -2.53
CA ILE C 501 38.34 17.74 -2.11
C ILE C 501 38.71 18.89 -1.20
N THR C 502 39.30 18.55 -0.04
CA THR C 502 39.82 19.55 0.88
C THR C 502 41.33 19.39 0.94
N SER C 503 42.03 20.47 0.63
CA SER C 503 43.44 20.39 0.32
C SER C 503 44.22 21.37 1.17
N ARG C 504 45.34 20.89 1.73
CA ARG C 504 46.21 21.65 2.62
C ARG C 504 47.60 21.09 2.43
N TRP C 505 48.61 21.91 2.63
CA TRP C 505 50.01 21.44 2.53
C TRP C 505 50.90 21.77 3.71
N PRO C 506 51.83 20.87 4.06
CA PRO C 506 52.87 21.27 5.00
C PRO C 506 54.10 21.82 4.27
N SER C 507 54.91 22.61 4.99
CA SER C 507 56.12 23.18 4.40
C SER C 507 57.16 22.12 4.12
N GLY C 508 57.63 22.13 2.86
CA GLY C 508 58.73 21.29 2.42
C GLY C 508 59.96 22.15 2.16
N ILE C 509 59.85 23.02 1.15
CA ILE C 509 60.94 23.91 0.73
C ILE C 509 60.55 25.39 0.88
N MSE D 24 14.25 15.59 36.65
CA MSE D 24 13.37 15.00 35.59
C MSE D 24 12.58 16.07 34.87
O MSE D 24 11.91 16.87 35.51
CB MSE D 24 12.41 14.00 36.21
CG MSE D 24 13.16 12.81 36.77
SE MSE D 24 13.17 11.31 35.48
CE MSE D 24 11.33 10.67 35.74
N TYR D 25 12.67 16.07 33.54
CA TYR D 25 11.88 16.98 32.68
C TYR D 25 11.06 16.23 31.62
N GLU D 26 9.95 16.83 31.20
CA GLU D 26 9.09 16.20 30.18
C GLU D 26 9.07 16.96 28.85
N LEU D 27 9.65 16.35 27.82
CA LEU D 27 9.61 16.95 26.49
C LEU D 27 8.51 16.33 25.65
N GLY D 28 7.72 17.18 25.04
CA GLY D 28 6.76 16.76 24.04
C GLY D 28 7.25 17.06 22.64
N HIS D 29 6.34 17.37 21.75
CA HIS D 29 6.71 17.74 20.41
C HIS D 29 6.70 19.24 20.36
N PHE D 30 6.95 19.80 19.18
CA PHE D 30 6.85 21.25 19.03
C PHE D 30 6.02 21.58 17.80
N ILE D 31 4.73 21.90 18.01
CA ILE D 31 3.80 22.15 16.90
C ILE D 31 3.10 23.50 17.04
N ASP D 32 2.87 24.17 15.92
CA ASP D 32 2.23 25.48 15.87
C ASP D 32 2.88 26.59 16.70
N GLY D 33 4.19 26.52 16.86
CA GLY D 33 4.89 27.51 17.66
C GLY D 33 4.89 27.21 19.15
N LYS D 34 4.43 26.02 19.50
CA LYS D 34 4.25 25.71 20.89
C LYS D 34 4.78 24.35 21.27
N ARG D 35 5.38 24.26 22.45
CA ARG D 35 5.64 22.96 23.06
C ARG D 35 4.31 22.30 23.44
N VAL D 36 4.15 21.05 23.01
CA VAL D 36 2.90 20.33 23.08
C VAL D 36 3.21 18.92 23.55
N ALA D 37 2.40 18.40 24.46
CA ALA D 37 2.52 17.00 24.90
C ALA D 37 1.94 16.05 23.86
N GLY D 38 2.49 14.83 23.77
CA GLY D 38 1.97 13.80 22.85
C GLY D 38 0.54 13.44 23.23
N THR D 39 -0.18 12.73 22.35
CA THR D 39 -1.54 12.22 22.68
C THR D 39 -1.56 10.71 22.92
N SER D 40 -0.54 10.03 22.40
CA SER D 40 -0.18 8.70 22.86
C SER D 40 0.37 8.86 24.27
N GLY D 41 0.18 7.85 25.10
CA GLY D 41 0.86 7.82 26.38
C GLY D 41 2.27 7.31 26.24
N ARG D 42 2.70 7.01 25.02
CA ARG D 42 4.01 6.39 24.77
C ARG D 42 5.16 7.38 25.02
N VAL D 43 6.20 6.88 25.66
CA VAL D 43 7.32 7.68 26.14
C VAL D 43 8.64 6.91 25.90
N SER D 44 9.75 7.63 25.86
CA SER D 44 11.06 6.99 25.78
C SER D 44 12.01 7.66 26.76
N ASN D 45 13.04 6.93 27.18
CA ASN D 45 13.99 7.40 28.18
C ASN D 45 15.23 8.14 27.65
N ILE D 46 15.55 9.26 28.30
CA ILE D 46 16.78 10.04 28.04
C ILE D 46 17.77 9.93 29.21
N PHE D 47 18.97 9.41 28.94
CA PHE D 47 19.96 9.22 29.99
C PHE D 47 20.96 10.37 30.05
N ASN D 48 21.64 10.54 31.18
CA ASN D 48 22.87 11.32 31.22
C ASN D 48 23.98 10.30 31.06
N PRO D 49 24.56 10.19 29.85
CA PRO D 49 25.58 9.20 29.51
C PRO D 49 26.75 9.18 30.48
N ALA D 50 27.11 10.35 31.01
CA ALA D 50 28.18 10.42 31.99
C ALA D 50 27.78 9.62 33.23
N THR D 51 26.62 9.93 33.78
CA THR D 51 26.20 9.35 35.05
C THR D 51 25.35 8.07 34.89
N GLY D 52 25.08 7.66 33.65
CA GLY D 52 24.24 6.48 33.35
C GLY D 52 22.76 6.56 33.71
N GLU D 53 22.41 7.56 34.52
CA GLU D 53 21.06 7.73 35.06
C GLU D 53 20.04 8.12 33.98
N VAL D 54 18.82 8.44 34.43
CA VAL D 54 17.75 8.89 33.57
C VAL D 54 17.24 10.25 34.05
N GLN D 55 17.58 11.30 33.31
CA GLN D 55 16.89 12.59 33.44
C GLN D 55 15.87 12.64 32.29
N GLY D 56 14.74 13.32 32.48
CA GLY D 56 13.81 13.60 31.37
C GLY D 56 13.15 12.50 30.52
N THR D 57 12.17 12.91 29.71
CA THR D 57 11.30 12.00 28.94
C THR D 57 10.91 12.58 27.56
N VAL D 58 10.90 11.77 26.51
CA VAL D 58 10.33 12.23 25.21
C VAL D 58 9.05 11.56 24.81
N ALA D 59 8.05 12.38 24.48
CA ALA D 59 6.82 11.90 23.88
C ALA D 59 7.16 11.13 22.60
N LEU D 60 6.63 9.90 22.47
CA LEU D 60 6.70 9.15 21.22
C LEU D 60 5.46 9.42 20.39
N ALA D 61 5.61 10.23 19.35
CA ALA D 61 4.48 10.65 18.51
C ALA D 61 3.53 9.53 18.06
N SER D 62 2.24 9.78 18.18
CA SER D 62 1.23 8.95 17.51
C SER D 62 1.06 9.43 16.07
N ASP D 63 0.32 8.66 15.28
CA ASP D 63 -0.11 9.10 13.96
C ASP D 63 -0.97 10.35 14.05
N ALA D 64 -1.81 10.42 15.08
CA ALA D 64 -2.54 11.65 15.34
C ALA D 64 -1.58 12.83 15.49
N ASP D 65 -0.65 12.73 16.43
CA ASP D 65 0.33 13.79 16.65
C ASP D 65 0.98 14.21 15.33
N LEU D 66 1.34 13.23 14.50
CA LEU D 66 2.00 13.51 13.23
C LEU D 66 1.08 14.21 12.27
N ALA D 67 -0.12 13.65 12.11
CA ALA D 67 -1.18 14.27 11.31
C ALA D 67 -1.39 15.73 11.68
N ALA D 68 -1.27 16.06 12.96
CA ALA D 68 -1.47 17.42 13.43
C ALA D 68 -0.34 18.36 12.99
N ALA D 69 0.90 17.82 12.96
CA ALA D 69 2.05 18.63 12.54
C ALA D 69 1.96 18.92 11.04
N VAL D 70 1.41 17.95 10.29
CA VAL D 70 1.25 18.10 8.86
C VAL D 70 0.12 19.09 8.53
N GLU D 71 -0.94 19.06 9.33
CA GLU D 71 -2.09 19.96 9.12
C GLU D 71 -1.72 21.38 9.55
N SER D 72 -0.89 21.49 10.58
CA SER D 72 -0.22 22.73 10.97
C SER D 72 0.59 23.29 9.80
N ALA D 73 1.50 22.48 9.27
CA ALA D 73 2.38 22.87 8.17
C ALA D 73 1.61 23.22 6.92
N LYS D 74 0.60 22.40 6.60
CA LYS D 74 -0.22 22.60 5.43
C LYS D 74 -0.99 23.92 5.47
N ALA D 75 -1.46 24.33 6.64
CA ALA D 75 -2.11 25.62 6.76
C ALA D 75 -1.11 26.76 6.69
N ALA D 76 0.08 26.53 7.23
CA ALA D 76 1.03 27.62 7.48
C ALA D 76 1.85 28.07 6.24
N GLN D 77 2.18 27.13 5.35
CA GLN D 77 3.23 27.37 4.36
C GLN D 77 2.89 28.33 3.22
N PRO D 78 1.64 28.28 2.68
CA PRO D 78 1.36 29.17 1.55
C PRO D 78 1.73 30.66 1.80
N LYS D 79 1.41 31.16 2.99
CA LYS D 79 1.67 32.56 3.30
C LYS D 79 3.15 32.79 3.47
N TRP D 80 3.87 31.74 3.84
CA TRP D 80 5.34 31.75 3.94
C TRP D 80 5.92 31.65 2.57
N ALA D 81 5.44 30.67 1.80
CA ALA D 81 5.74 30.58 0.37
C ALA D 81 5.54 31.91 -0.32
N ALA D 82 4.70 32.76 0.27
CA ALA D 82 4.31 34.06 -0.29
C ALA D 82 5.12 35.25 0.26
N THR D 83 6.07 34.99 1.14
CA THR D 83 6.91 36.03 1.71
C THR D 83 8.10 36.19 0.76
N ASN D 84 8.36 37.39 0.26
CA ASN D 84 9.48 37.53 -0.70
C ASN D 84 10.80 37.03 -0.07
N PRO D 85 11.74 36.53 -0.90
CA PRO D 85 12.93 35.80 -0.41
C PRO D 85 13.86 36.63 0.46
N GLN D 86 13.80 37.94 0.32
CA GLN D 86 14.60 38.81 1.15
C GLN D 86 14.09 38.78 2.60
N ARG D 87 12.76 38.88 2.76
CA ARG D 87 12.14 38.78 4.08
C ARG D 87 12.35 37.41 4.69
N ARG D 88 12.23 36.37 3.87
CA ARG D 88 12.63 35.01 4.26
C ARG D 88 14.08 34.91 4.72
N ALA D 89 14.98 35.59 4.01
CA ALA D 89 16.39 35.64 4.36
C ALA D 89 16.58 36.17 5.77
N ARG D 90 15.91 37.30 6.03
CA ARG D 90 15.98 37.98 7.32
C ARG D 90 15.65 37.15 8.55
N VAL D 91 14.82 36.12 8.41
CA VAL D 91 14.54 35.23 9.56
C VAL D 91 15.83 34.54 9.97
N PHE D 92 16.56 34.00 8.99
CA PHE D 92 17.78 33.24 9.25
C PHE D 92 18.92 34.12 9.76
N MSE D 93 18.94 35.36 9.28
CA MSE D 93 19.88 36.34 9.76
C MSE D 93 19.72 36.40 11.23
O MSE D 93 20.61 36.01 11.97
CB MSE D 93 19.51 37.69 9.19
CG MSE D 93 20.32 37.92 7.93
SE MSE D 93 20.16 39.82 7.46
CE MSE D 93 21.15 40.40 9.07
N LYS D 94 18.54 36.83 11.67
CA LYS D 94 18.23 36.94 13.09
C LYS D 94 18.42 35.62 13.84
N PHE D 95 18.04 34.51 13.22
CA PHE D 95 18.15 33.21 13.86
C PHE D 95 19.59 32.93 14.24
N VAL D 96 20.50 33.28 13.33
CA VAL D 96 21.93 33.11 13.53
C VAL D 96 22.40 33.89 14.77
N GLN D 97 22.06 35.17 14.84
CA GLN D 97 22.32 35.99 16.03
C GLN D 97 21.75 35.33 17.31
N LEU D 98 20.53 34.81 17.20
CA LEU D 98 19.90 34.09 18.30
C LEU D 98 20.64 32.84 18.80
N LEU D 99 21.21 32.05 17.90
CA LEU D 99 22.03 30.92 18.32
C LEU D 99 23.25 31.42 19.05
N ASN D 100 23.88 32.46 18.49
CA ASN D 100 25.08 33.05 19.08
C ASN D 100 24.84 33.62 20.46
N ASP D 101 23.65 34.17 20.69
CA ASP D 101 23.22 34.59 22.03
C ASP D 101 23.00 33.43 22.99
N ASN D 102 22.39 32.35 22.50
CA ASN D 102 22.16 31.16 23.32
C ASN D 102 23.18 30.08 23.08
N MSE D 103 24.34 30.45 22.53
CA MSE D 103 25.38 29.46 22.19
C MSE D 103 25.63 28.46 23.30
O MSE D 103 25.31 27.28 23.12
CB MSE D 103 26.68 30.14 21.77
CG MSE D 103 27.85 29.14 21.63
SE MSE D 103 27.65 28.01 20.02
CE MSE D 103 27.06 26.29 20.80
N ASN D 104 26.18 28.87 24.43
CA ASN D 104 26.54 27.89 25.47
C ASN D 104 25.50 27.70 26.55
N GLU D 105 24.23 27.89 26.19
CA GLU D 105 23.10 27.52 27.03
C GLU D 105 22.42 26.39 26.29
N LEU D 106 22.76 26.35 24.99
CA LEU D 106 22.29 25.41 23.98
C LEU D 106 23.25 24.22 23.89
N ALA D 107 24.48 24.44 24.39
CA ALA D 107 25.54 23.44 24.29
C ALA D 107 25.56 22.53 25.52
N GLU D 108 25.31 23.08 26.70
CA GLU D 108 25.19 22.26 27.93
C GLU D 108 24.09 21.24 27.74
N MSE D 109 23.07 21.65 27.00
CA MSE D 109 21.92 20.82 26.65
C MSE D 109 22.34 19.65 25.82
O MSE D 109 21.96 18.51 26.11
CB MSE D 109 21.05 21.70 25.78
CG MSE D 109 19.58 21.57 26.15
SE MSE D 109 18.63 22.77 24.91
CE MSE D 109 18.43 24.37 26.08
N LEU D 110 23.12 19.92 24.78
CA LEU D 110 23.55 18.87 23.86
C LEU D 110 24.44 17.85 24.59
N SER D 111 25.47 18.36 25.26
CA SER D 111 26.43 17.55 25.99
C SER D 111 25.78 16.64 27.04
N ARG D 112 24.80 17.18 27.76
CA ARG D 112 24.10 16.43 28.81
C ARG D 112 23.33 15.22 28.33
N GLU D 113 22.84 15.28 27.09
CA GLU D 113 22.07 14.17 26.55
C GLU D 113 22.96 13.21 25.74
N HIS D 114 23.90 13.76 24.98
CA HIS D 114 24.74 13.01 24.03
C HIS D 114 26.02 12.46 24.63
N GLY D 115 26.70 13.30 25.42
CA GLY D 115 27.98 12.92 26.04
C GLY D 115 29.21 13.67 25.55
N LYS D 116 29.16 14.20 24.31
CA LYS D 116 30.28 14.94 23.72
C LYS D 116 30.55 16.25 24.48
N THR D 117 31.79 16.71 24.45
CA THR D 117 32.19 17.87 25.27
C THR D 117 31.67 19.19 24.74
N ILE D 118 31.47 20.14 25.65
CA ILE D 118 30.98 21.48 25.31
C ILE D 118 31.65 22.09 24.08
N ASP D 119 32.90 21.72 23.83
CA ASP D 119 33.57 22.16 22.61
C ASP D 119 33.12 21.40 21.36
N ASP D 120 32.75 20.13 21.53
CA ASP D 120 32.29 19.33 20.40
C ASP D 120 30.83 19.63 20.05
N ALA D 121 30.05 19.98 21.08
CA ALA D 121 28.71 20.49 20.88
C ALA D 121 28.85 21.89 20.28
N LYS D 122 29.71 22.69 20.88
CA LYS D 122 29.94 24.05 20.39
C LYS D 122 30.11 24.10 18.85
N GLY D 123 30.97 23.22 18.32
CA GLY D 123 31.23 23.21 16.90
C GLY D 123 30.04 22.66 16.17
N ASP D 124 29.48 21.59 16.71
CA ASP D 124 28.32 20.92 16.13
C ASP D 124 27.26 21.99 15.81
N ILE D 125 26.92 22.81 16.80
CA ILE D 125 25.98 23.91 16.60
C ILE D 125 26.49 24.98 15.60
N VAL D 126 27.74 25.41 15.77
CA VAL D 126 28.37 26.31 14.81
C VAL D 126 28.18 25.84 13.36
N ARG D 127 28.60 24.61 13.05
CA ARG D 127 28.41 24.01 11.72
C ARG D 127 26.98 24.16 11.18
N GLY D 128 25.99 23.83 12.02
CA GLY D 128 24.59 24.01 11.67
C GLY D 128 24.32 25.45 11.37
N LEU D 129 24.82 26.32 12.25
CA LEU D 129 24.64 27.77 12.12
C LEU D 129 25.19 28.29 10.79
N GLU D 130 26.20 27.61 10.25
CA GLU D 130 26.81 28.05 8.98
C GLU D 130 25.87 27.80 7.78
N VAL D 131 25.17 26.67 7.79
CA VAL D 131 24.12 26.41 6.81
C VAL D 131 23.11 27.56 6.75
N CYS D 132 22.71 28.04 7.92
CA CYS D 132 21.79 29.17 8.05
C CYS D 132 22.39 30.49 7.57
N GLU D 133 23.71 30.60 7.55
CA GLU D 133 24.38 31.77 6.97
C GLU D 133 24.40 31.65 5.44
N PHE D 134 24.49 30.42 4.96
CA PHE D 134 24.54 30.13 3.53
C PHE D 134 23.20 30.47 2.85
N VAL D 135 22.14 30.34 3.63
CA VAL D 135 20.77 30.33 3.18
C VAL D 135 20.16 31.74 3.24
N ILE D 136 20.83 32.64 3.95
CA ILE D 136 20.56 34.09 3.88
C ILE D 136 20.61 34.64 2.42
N GLY D 137 21.29 33.91 1.53
CA GLY D 137 21.40 34.30 0.14
C GLY D 137 20.41 33.55 -0.74
N ILE D 138 19.32 33.08 -0.12
CA ILE D 138 18.29 32.40 -0.87
C ILE D 138 17.81 33.26 -2.07
N PRO D 139 17.85 34.61 -1.96
CA PRO D 139 17.36 35.35 -3.13
C PRO D 139 18.26 35.17 -4.37
N HIS D 140 19.57 35.13 -4.14
CA HIS D 140 20.45 34.80 -5.24
C HIS D 140 20.26 33.34 -5.55
N LEU D 141 20.42 32.50 -4.53
CA LEU D 141 20.36 31.04 -4.66
C LEU D 141 19.16 30.48 -5.39
N GLN D 142 18.00 31.07 -5.28
CA GLN D 142 16.77 30.54 -5.87
C GLN D 142 16.40 31.05 -7.24
N LYS D 143 17.29 31.81 -7.85
CA LYS D 143 17.12 32.34 -9.17
C LYS D 143 17.02 31.21 -10.11
N SER D 144 16.28 31.45 -11.18
CA SER D 144 16.01 30.51 -12.26
C SER D 144 16.44 31.14 -13.54
N GLU D 145 16.34 30.42 -14.63
CA GLU D 145 16.97 30.85 -15.88
C GLU D 145 15.93 31.39 -16.81
N PHE D 146 16.29 32.46 -17.51
CA PHE D 146 15.45 33.10 -18.51
C PHE D 146 16.14 33.02 -19.84
N THR D 147 15.34 33.02 -20.92
CA THR D 147 15.78 33.09 -22.32
C THR D 147 14.80 34.00 -23.08
N GLU D 148 15.33 34.92 -23.88
CA GLU D 148 14.48 35.73 -24.78
C GLU D 148 14.52 35.19 -26.21
N GLY D 149 13.36 35.03 -26.83
CA GLY D 149 13.30 34.58 -28.23
C GLY D 149 13.87 33.18 -28.51
N ALA D 150 13.46 32.19 -27.71
CA ALA D 150 13.78 30.82 -28.06
C ALA D 150 13.02 30.50 -29.30
N GLY D 151 12.06 31.32 -29.62
CA GLY D 151 11.21 31.11 -30.74
C GLY D 151 10.78 32.46 -31.21
N PRO D 152 10.24 32.57 -32.39
CA PRO D 152 9.94 33.91 -32.84
C PRO D 152 8.84 34.54 -32.06
N GLY D 153 9.17 35.59 -31.37
CA GLY D 153 8.25 36.22 -30.47
C GLY D 153 8.14 35.58 -29.11
N ILE D 154 8.98 34.60 -28.85
CA ILE D 154 8.71 33.65 -27.79
C ILE D 154 9.72 33.58 -26.70
N ASP D 155 9.29 33.67 -25.46
CA ASP D 155 10.18 33.60 -24.30
C ASP D 155 9.94 32.32 -23.51
N MSE D 156 10.98 31.83 -22.85
CA MSE D 156 10.97 30.59 -22.13
C MSE D 156 11.79 30.80 -20.89
O MSE D 156 12.91 31.33 -20.95
CB MSE D 156 11.68 29.62 -23.08
CG MSE D 156 11.89 28.25 -22.43
SE MSE D 156 12.18 26.80 -23.74
CE MSE D 156 11.01 27.50 -25.17
N TYR D 157 11.28 30.39 -19.73
CA TYR D 157 12.00 30.64 -18.47
C TYR D 157 11.55 29.73 -17.34
N SER D 158 12.43 29.48 -16.40
CA SER D 158 12.13 28.57 -15.33
C SER D 158 11.72 29.41 -14.14
N ILE D 159 11.14 28.73 -13.15
CA ILE D 159 10.90 29.27 -11.82
C ILE D 159 11.10 28.06 -10.92
N ARG D 160 11.65 28.28 -9.73
CA ARG D 160 11.75 27.26 -8.70
C ARG D 160 10.77 27.58 -7.60
N GLN D 161 9.92 26.62 -7.24
CA GLN D 161 8.90 26.85 -6.22
C GLN D 161 8.99 25.84 -5.09
N PRO D 162 8.39 26.15 -3.92
CA PRO D 162 8.45 25.15 -2.87
C PRO D 162 7.89 23.82 -3.36
N VAL D 163 8.40 22.73 -2.81
CA VAL D 163 7.81 21.41 -3.07
C VAL D 163 6.56 21.28 -2.23
N GLY D 164 6.47 22.11 -1.20
CA GLY D 164 5.38 22.11 -0.23
C GLY D 164 5.87 21.80 1.17
N ILE D 165 5.62 20.57 1.62
CA ILE D 165 5.97 20.13 2.97
C ILE D 165 7.00 19.02 2.87
N GLY D 166 8.19 19.28 3.41
CA GLY D 166 9.22 18.25 3.52
C GLY D 166 9.36 17.78 4.96
N ALA D 167 10.13 16.71 5.14
CA ALA D 167 10.45 16.18 6.47
C ALA D 167 11.89 15.68 6.57
N GLY D 168 12.41 15.65 7.80
CA GLY D 168 13.77 15.18 8.04
C GLY D 168 13.88 14.18 9.17
N ILE D 169 14.70 13.14 8.96
CA ILE D 169 15.02 12.20 10.03
C ILE D 169 16.51 12.23 10.35
N THR D 170 16.85 12.56 11.61
CA THR D 170 18.25 12.78 12.02
C THR D 170 18.77 11.86 13.16
N PRO D 171 20.04 11.42 13.07
CA PRO D 171 20.63 10.49 14.02
C PRO D 171 21.09 11.18 15.30
N PHE D 172 21.47 10.39 16.30
CA PHE D 172 21.91 10.89 17.61
C PHE D 172 23.18 11.75 17.59
N ASN D 173 24.13 11.44 16.70
CA ASN D 173 25.46 12.09 16.77
C ASN D 173 25.40 13.62 16.74
N PHE D 174 24.60 14.18 15.84
CA PHE D 174 24.53 15.63 15.69
C PHE D 174 23.08 16.11 15.68
N PRO D 175 22.54 16.53 16.83
CA PRO D 175 21.18 17.09 16.89
C PRO D 175 21.13 18.61 16.75
N GLY D 176 22.26 19.21 16.53
CA GLY D 176 22.22 20.60 16.22
C GLY D 176 22.48 20.76 14.78
N MSE D 177 23.53 20.14 14.29
CA MSE D 177 23.92 20.39 12.94
C MSE D 177 23.08 19.86 11.88
O MSE D 177 22.56 20.64 11.12
CB MSE D 177 25.13 19.52 12.77
CG MSE D 177 25.99 20.10 11.69
SE MSE D 177 27.52 18.99 11.46
CE MSE D 177 26.81 17.29 10.98
N ILE D 178 22.81 18.59 11.90
CA ILE D 178 22.12 17.96 10.81
C ILE D 178 20.69 18.37 10.61
N PRO D 179 19.92 18.53 11.66
CA PRO D 179 18.66 19.23 11.49
C PRO D 179 18.81 20.54 10.71
N MSE D 180 19.75 21.40 11.09
CA MSE D 180 19.95 22.68 10.37
C MSE D 180 20.23 22.51 8.88
O MSE D 180 19.59 23.17 8.06
CB MSE D 180 20.98 23.54 11.07
CG MSE D 180 20.30 24.53 11.99
SE MSE D 180 21.47 24.88 13.52
CE MSE D 180 21.32 26.83 13.56
N TRP D 181 21.17 21.60 8.54
CA TRP D 181 21.40 21.08 7.17
C TRP D 181 20.17 20.86 6.37
N MSE D 182 19.19 20.25 7.00
CA MSE D 182 17.96 19.90 6.33
C MSE D 182 17.02 21.06 6.36
O MSE D 182 16.62 21.56 5.30
CB MSE D 182 17.39 18.66 6.97
CG MSE D 182 18.34 17.52 6.76
SE MSE D 182 17.41 16.04 7.66
CE MSE D 182 18.53 14.52 7.11
N PHE D 183 16.65 21.53 7.55
CA PHE D 183 15.62 22.55 7.65
C PHE D 183 15.98 23.99 7.21
N ALA D 184 17.24 24.39 7.30
CA ALA D 184 17.57 25.77 6.91
C ALA D 184 17.33 25.95 5.42
N PRO D 185 17.88 25.04 4.57
CA PRO D 185 17.62 25.15 3.14
C PRO D 185 16.15 24.86 2.77
N ALA D 186 15.54 23.86 3.40
CA ALA D 186 14.13 23.55 3.15
C ALA D 186 13.26 24.79 3.32
N ILE D 187 13.42 25.44 4.48
CA ILE D 187 12.55 26.54 4.87
C ILE D 187 12.85 27.81 4.06
N ALA D 188 14.12 28.04 3.76
CA ALA D 188 14.49 29.19 2.95
C ALA D 188 13.80 29.14 1.60
N CYS D 189 13.71 27.93 1.02
CA CYS D 189 13.09 27.73 -0.30
C CYS D 189 11.59 27.98 -0.35
N GLY D 190 10.99 28.22 0.81
CA GLY D 190 9.56 28.48 0.87
C GLY D 190 8.72 27.29 1.30
N ASN D 191 9.36 26.26 1.84
CA ASN D 191 8.66 25.07 2.29
C ASN D 191 8.34 25.14 3.76
N ALA D 192 7.57 24.17 4.20
CA ALA D 192 7.45 23.89 5.62
C ALA D 192 8.03 22.52 5.89
N PHE D 193 8.52 22.36 7.12
CA PHE D 193 9.32 21.22 7.48
C PHE D 193 8.78 20.54 8.72
N ILE D 194 8.99 19.23 8.78
CA ILE D 194 8.76 18.50 10.00
C ILE D 194 10.07 17.80 10.25
N LEU D 195 10.53 17.85 11.49
CA LEU D 195 11.77 17.18 11.90
C LEU D 195 11.43 16.02 12.82
N LYS D 196 11.93 14.84 12.48
CA LYS D 196 11.88 13.72 13.42
C LYS D 196 13.29 13.39 13.91
N PRO D 197 13.74 14.03 14.99
CA PRO D 197 15.12 13.81 15.44
C PRO D 197 15.36 12.47 16.15
N SER D 198 16.62 12.17 16.48
CA SER D 198 16.91 11.05 17.37
C SER D 198 16.50 11.44 18.76
N GLU D 199 15.79 10.53 19.42
CA GLU D 199 15.18 10.80 20.72
C GLU D 199 16.19 10.64 21.87
N ARG D 200 17.34 10.06 21.57
CA ARG D 200 18.43 9.99 22.55
C ARG D 200 18.78 11.38 23.09
N ASP D 201 18.69 12.40 22.23
CA ASP D 201 19.19 13.73 22.57
C ASP D 201 18.30 14.80 21.91
N PRO D 202 17.03 14.88 22.36
CA PRO D 202 16.01 15.68 21.67
C PRO D 202 15.75 17.09 22.22
N SER D 203 16.47 17.51 23.26
CA SER D 203 16.37 18.89 23.75
C SER D 203 16.73 19.88 22.64
N VAL D 204 17.90 19.68 22.05
CA VAL D 204 18.45 20.64 21.10
C VAL D 204 17.49 20.98 19.95
N PRO D 205 16.97 19.96 19.23
CA PRO D 205 15.96 20.17 18.17
C PRO D 205 14.75 21.04 18.54
N ILE D 206 14.21 20.86 19.73
CA ILE D 206 13.00 21.62 20.12
C ILE D 206 13.33 23.08 20.40
N ARG D 207 14.48 23.32 21.01
CA ARG D 207 14.93 24.67 21.29
C ARG D 207 15.10 25.47 20.01
N LEU D 208 15.65 24.81 18.98
CA LEU D 208 15.93 25.43 17.69
C LEU D 208 14.62 25.87 17.05
N ALA D 209 13.69 24.93 16.99
CA ALA D 209 12.31 25.21 16.64
C ALA D 209 11.72 26.38 17.44
N GLU D 210 12.03 26.44 18.73
CA GLU D 210 11.54 27.53 19.57
C GLU D 210 12.23 28.87 19.28
N LEU D 211 13.49 28.81 18.83
CA LEU D 211 14.27 30.00 18.50
C LEU D 211 13.83 30.62 17.16
N MSE D 212 13.37 29.77 16.24
CA MSE D 212 12.81 30.23 14.96
C MSE D 212 11.59 31.10 15.15
O MSE D 212 11.46 32.14 14.50
CB MSE D 212 12.45 29.02 14.11
CG MSE D 212 13.73 28.39 13.57
SE MSE D 212 14.51 29.37 12.03
CE MSE D 212 15.86 28.02 11.53
N ILE D 213 10.67 30.71 16.03
CA ILE D 213 9.56 31.58 16.39
C ILE D 213 10.13 32.93 16.79
N GLU D 214 11.10 32.91 17.72
CA GLU D 214 11.70 34.12 18.29
C GLU D 214 12.38 35.00 17.24
N ALA D 215 12.88 34.36 16.18
CA ALA D 215 13.50 35.04 15.04
C ALA D 215 12.44 35.52 14.06
N GLY D 216 11.18 35.21 14.37
CA GLY D 216 10.05 35.65 13.54
C GLY D 216 9.66 34.66 12.44
N LEU D 217 9.79 33.36 12.74
CA LEU D 217 9.33 32.35 11.80
C LEU D 217 7.86 32.12 12.07
N PRO D 218 7.01 32.20 11.04
CA PRO D 218 5.65 31.77 11.23
C PRO D 218 5.54 30.38 11.83
N ALA D 219 4.53 30.25 12.70
CA ALA D 219 4.19 29.01 13.38
C ALA D 219 3.67 27.99 12.38
N GLY D 220 4.17 26.76 12.45
CA GLY D 220 3.71 25.68 11.57
C GLY D 220 4.78 25.28 10.58
N ILE D 221 5.58 26.28 10.20
CA ILE D 221 6.61 26.17 9.20
C ILE D 221 7.73 25.25 9.66
N LEU D 222 8.11 25.36 10.92
CA LEU D 222 9.00 24.35 11.49
C LEU D 222 8.35 23.66 12.68
N ASN D 223 7.98 22.40 12.47
CA ASN D 223 7.45 21.53 13.50
C ASN D 223 8.46 20.44 13.88
N VAL D 224 8.56 20.14 15.18
CA VAL D 224 9.40 19.04 15.66
C VAL D 224 8.50 17.95 16.18
N VAL D 225 8.77 16.71 15.76
CA VAL D 225 7.98 15.56 16.14
C VAL D 225 8.91 14.45 16.63
N ASN D 226 8.91 14.16 17.94
CA ASN D 226 9.75 13.05 18.43
C ASN D 226 9.01 11.73 18.34
N GLY D 227 9.73 10.62 18.19
CA GLY D 227 9.11 9.34 18.08
C GLY D 227 10.13 8.34 17.67
N ASP D 228 9.75 7.08 17.47
CA ASP D 228 10.61 6.04 16.95
C ASP D 228 10.12 5.73 15.58
N LYS D 229 10.17 4.46 15.24
CA LYS D 229 9.88 3.95 13.91
C LYS D 229 8.47 4.25 13.48
N GLY D 230 7.57 4.23 14.43
CA GLY D 230 6.22 4.50 14.09
C GLY D 230 6.04 5.88 13.54
N ALA D 231 6.71 6.85 14.08
CA ALA D 231 6.70 8.20 13.50
C ALA D 231 7.32 8.15 12.12
N VAL D 232 8.47 7.47 12.02
CA VAL D 232 9.20 7.42 10.76
C VAL D 232 8.23 6.99 9.68
N ASP D 233 7.66 5.80 9.85
CA ASP D 233 6.68 5.32 8.91
C ASP D 233 5.50 6.25 8.68
N ALA D 234 5.09 6.96 9.73
CA ALA D 234 4.00 7.92 9.60
C ALA D 234 4.35 8.99 8.57
N ILE D 235 5.58 9.48 8.62
CA ILE D 235 6.12 10.41 7.62
C ILE D 235 6.20 9.79 6.21
N LEU D 236 6.71 8.56 6.13
CA LEU D 236 7.05 7.96 4.84
C LEU D 236 5.81 7.75 4.04
N THR D 237 4.68 7.70 4.74
CA THR D 237 3.42 7.32 4.13
C THR D 237 2.44 8.47 4.03
N HIS D 238 2.69 9.58 4.74
CA HIS D 238 1.76 10.71 4.70
C HIS D 238 1.72 11.37 3.33
N PRO D 239 0.51 11.51 2.73
CA PRO D 239 0.46 11.98 1.35
C PRO D 239 0.81 13.44 1.14
N ASP D 240 0.77 14.28 2.16
CA ASP D 240 1.10 15.70 1.92
C ASP D 240 2.59 16.00 2.06
N ILE D 241 3.32 15.09 2.71
CA ILE D 241 4.77 15.19 2.77
C ILE D 241 5.40 14.81 1.42
N ALA D 242 6.10 15.76 0.79
CA ALA D 242 6.60 15.59 -0.58
C ALA D 242 8.06 15.06 -0.69
N ALA D 243 8.89 15.42 0.28
CA ALA D 243 10.32 15.10 0.23
C ALA D 243 10.86 14.67 1.56
N VAL D 244 11.66 13.61 1.59
CA VAL D 244 12.24 13.13 2.83
C VAL D 244 13.75 13.15 2.76
N SER D 245 14.37 13.54 3.87
CA SER D 245 15.81 13.69 4.00
C SER D 245 16.21 12.93 5.24
N PHE D 246 17.21 12.06 5.11
CA PHE D 246 17.57 11.15 6.20
C PHE D 246 19.08 11.05 6.31
N VAL D 247 19.57 11.05 7.55
CA VAL D 247 20.96 10.70 7.87
C VAL D 247 20.92 9.70 9.00
N GLY D 248 21.76 8.69 8.94
CA GLY D 248 21.76 7.61 9.92
C GLY D 248 22.51 6.37 9.41
N SER D 249 22.23 5.22 10.01
CA SER D 249 22.89 3.95 9.62
C SER D 249 22.54 3.58 8.17
N THR D 250 23.46 2.84 7.52
CA THR D 250 23.25 2.39 6.12
C THR D 250 21.97 1.54 5.99
N PRO D 251 21.88 0.44 6.76
CA PRO D 251 20.72 -0.43 6.57
C PRO D 251 19.43 0.37 6.67
N ILE D 252 19.36 1.27 7.66
CA ILE D 252 18.14 2.01 7.89
C ILE D 252 17.89 3.00 6.78
N ALA D 253 18.94 3.69 6.35
CA ALA D 253 18.85 4.64 5.23
C ALA D 253 18.28 3.98 3.95
N ARG D 254 18.84 2.82 3.62
CA ARG D 254 18.40 2.02 2.47
C ARG D 254 16.89 1.69 2.50
N TYR D 255 16.41 1.39 3.71
CA TYR D 255 15.01 1.12 3.93
C TYR D 255 14.18 2.39 3.77
N VAL D 256 14.72 3.49 4.31
CA VAL D 256 14.01 4.76 4.28
C VAL D 256 13.95 5.34 2.87
N TYR D 257 15.02 5.13 2.10
CA TYR D 257 15.07 5.51 0.69
C TYR D 257 13.99 4.76 -0.09
N GLY D 258 14.02 3.43 0.04
CA GLY D 258 13.11 2.55 -0.70
C GLY D 258 11.68 3.00 -0.51
N THR D 259 11.24 2.97 0.74
CA THR D 259 9.86 3.29 1.10
C THR D 259 9.44 4.66 0.55
N ALA D 260 10.23 5.67 0.85
CA ALA D 260 10.05 7.02 0.28
C ALA D 260 9.70 6.99 -1.21
N ALA D 261 10.46 6.21 -1.95
CA ALA D 261 10.23 6.06 -3.39
C ALA D 261 8.93 5.36 -3.71
N MSE D 262 8.59 4.34 -2.92
CA MSE D 262 7.41 3.54 -3.23
C MSE D 262 6.27 4.44 -3.02
O MSE D 262 5.33 4.45 -3.80
CB MSE D 262 7.24 2.36 -2.32
CG MSE D 262 7.48 1.08 -3.08
SE MSE D 262 8.52 0.01 -1.81
CE MSE D 262 7.07 -0.49 -0.55
N ASN D 263 6.34 5.22 -1.94
CA ASN D 263 5.34 6.23 -1.68
C ASN D 263 5.41 7.46 -2.58
N GLY D 264 6.28 7.41 -3.59
CA GLY D 264 6.35 8.45 -4.63
C GLY D 264 7.10 9.72 -4.31
N LYS D 265 7.78 9.76 -3.18
CA LYS D 265 8.46 10.99 -2.76
C LYS D 265 9.83 11.11 -3.39
N ARG D 266 10.44 12.26 -3.25
CA ARG D 266 11.83 12.39 -3.60
C ARG D 266 12.52 12.24 -2.27
N ALA D 267 13.79 11.84 -2.27
CA ALA D 267 14.43 11.44 -1.04
C ALA D 267 15.93 11.47 -1.20
N GLN D 268 16.60 11.84 -0.14
CA GLN D 268 18.05 11.81 -0.07
C GLN D 268 18.35 11.16 1.25
N CYS D 269 19.24 10.18 1.22
CA CYS D 269 19.66 9.53 2.44
C CYS D 269 21.17 9.33 2.42
N PHE D 270 21.79 9.53 3.58
CA PHE D 270 23.21 9.39 3.72
C PHE D 270 23.49 8.38 4.83
N GLY D 271 24.28 7.35 4.49
CA GLY D 271 24.59 6.22 5.38
C GLY D 271 25.82 6.45 6.23
N GLY D 272 26.54 5.39 6.55
CA GLY D 272 27.68 5.47 7.46
C GLY D 272 28.98 5.06 6.80
N ALA D 273 30.08 5.04 7.56
CA ALA D 273 31.39 4.93 6.93
C ALA D 273 32.38 4.03 7.63
N LYS D 274 33.43 3.67 6.90
CA LYS D 274 34.74 3.32 7.46
C LYS D 274 35.79 4.14 6.72
N ASN D 275 36.11 5.30 7.29
CA ASN D 275 37.00 6.25 6.64
C ASN D 275 38.46 5.91 6.87
N HIS D 276 39.20 5.80 5.77
CA HIS D 276 40.63 5.51 5.81
C HIS D 276 41.46 6.76 5.77
N MSE D 277 42.67 6.67 6.33
CA MSE D 277 43.71 7.70 6.16
C MSE D 277 44.90 6.99 5.57
O MSE D 277 45.24 5.89 5.99
CB MSE D 277 44.06 8.36 7.50
CG MSE D 277 44.45 9.82 7.33
SE MSE D 277 45.87 10.34 8.60
CE MSE D 277 44.84 11.75 9.51
N ILE D 278 45.54 7.61 4.57
CA ILE D 278 46.73 7.03 3.97
C ILE D 278 47.97 7.90 4.25
N ILE D 279 48.93 7.31 4.96
CA ILE D 279 50.16 7.99 5.28
C ILE D 279 51.22 7.49 4.32
N MSE D 280 51.65 8.39 3.44
CA MSE D 280 52.69 8.15 2.47
C MSE D 280 54.02 8.33 3.14
O MSE D 280 54.14 9.15 4.06
CB MSE D 280 52.44 9.29 1.51
CG MSE D 280 52.54 8.92 0.04
SE MSE D 280 51.51 7.29 -0.32
CE MSE D 280 52.79 6.70 -1.72
N PRO D 281 55.06 7.58 2.71
CA PRO D 281 56.40 7.69 3.30
C PRO D 281 56.84 9.15 3.57
N ASP D 282 56.55 10.04 2.62
CA ASP D 282 57.03 11.42 2.63
C ASP D 282 56.22 12.35 3.52
N ALA D 283 55.25 11.80 4.23
CA ALA D 283 54.33 12.59 5.05
C ALA D 283 54.92 13.05 6.37
N ASP D 284 54.41 14.17 6.86
CA ASP D 284 54.79 14.75 8.14
C ASP D 284 54.18 13.92 9.27
N LEU D 285 54.89 12.88 9.68
CA LEU D 285 54.37 11.86 10.61
C LEU D 285 53.86 12.40 11.94
N ASP D 286 54.40 13.54 12.37
CA ASP D 286 53.83 14.27 13.49
C ASP D 286 52.43 14.80 13.20
N GLN D 287 52.34 15.66 12.18
CA GLN D 287 51.09 16.22 11.77
C GLN D 287 50.02 15.14 11.58
N ALA D 288 50.38 14.01 10.98
CA ALA D 288 49.42 12.92 10.75
C ALA D 288 48.98 12.26 12.04
N ALA D 289 49.97 11.85 12.84
CA ALA D 289 49.74 11.21 14.10
C ALA D 289 48.84 12.05 14.99
N ASN D 290 49.04 13.38 14.96
CA ASN D 290 48.19 14.29 15.71
C ASN D 290 46.73 14.18 15.26
N ALA D 291 46.54 14.42 13.97
CA ALA D 291 45.22 14.41 13.37
C ALA D 291 44.51 13.09 13.55
N LEU D 292 45.27 11.99 13.58
CA LEU D 292 44.68 10.68 13.86
C LEU D 292 44.06 10.62 15.23
N ILE D 293 44.75 11.11 16.26
CA ILE D 293 44.12 11.09 17.59
C ILE D 293 42.79 11.89 17.63
N GLY D 294 42.80 13.14 17.17
CA GLY D 294 41.63 14.02 17.28
C GLY D 294 40.44 13.62 16.41
N ALA D 295 40.74 13.15 15.19
CA ALA D 295 39.73 12.66 14.25
C ALA D 295 39.36 11.22 14.57
N GLY D 296 40.26 10.50 15.24
CA GLY D 296 40.02 9.10 15.53
C GLY D 296 39.16 8.90 16.76
N TYR D 297 39.40 9.73 17.77
CA TYR D 297 38.85 9.51 19.10
C TYR D 297 37.95 10.63 19.58
N GLY D 298 38.12 11.83 19.00
CA GLY D 298 37.31 13.00 19.31
C GLY D 298 35.84 12.72 19.06
N SER D 299 35.01 13.03 20.03
CA SER D 299 33.64 12.61 19.98
C SER D 299 33.60 11.10 20.01
N ALA D 300 34.58 10.52 20.66
CA ALA D 300 34.54 9.14 21.04
C ALA D 300 34.51 8.27 19.85
N GLY D 301 34.85 8.85 18.72
CA GLY D 301 34.87 8.11 17.48
C GLY D 301 33.49 8.03 16.93
N GLU D 302 32.60 8.84 17.47
CA GLU D 302 31.18 8.66 17.15
C GLU D 302 30.72 9.63 16.05
N ARG D 303 31.24 9.43 14.85
CA ARG D 303 30.99 10.35 13.75
C ARG D 303 30.84 9.62 12.42
N CYS D 304 29.98 10.16 11.55
CA CYS D 304 29.88 9.71 10.15
C CYS D 304 31.22 9.88 9.45
N MSE D 305 32.03 10.83 9.92
CA MSE D 305 33.26 11.31 9.24
C MSE D 305 34.57 11.15 9.99
O MSE D 305 35.64 11.62 9.54
CB MSE D 305 33.08 12.79 8.92
CG MSE D 305 32.12 12.95 7.75
SE MSE D 305 33.04 12.57 6.04
CE MSE D 305 32.50 10.69 5.94
N ALA D 306 34.52 10.48 11.14
CA ALA D 306 35.72 10.19 11.91
C ALA D 306 36.60 9.15 11.23
N ILE D 307 37.89 9.25 11.51
CA ILE D 307 38.86 8.33 10.95
C ILE D 307 38.86 7.03 11.74
N SER D 308 38.76 5.94 11.00
CA SER D 308 38.47 4.65 11.60
C SER D 308 39.50 3.62 11.20
N VAL D 309 40.13 3.85 10.04
CA VAL D 309 41.31 3.10 9.63
C VAL D 309 42.51 4.05 9.40
N ALA D 310 43.67 3.63 9.87
CA ALA D 310 44.92 4.30 9.52
C ALA D 310 45.70 3.33 8.65
N VAL D 311 46.11 3.82 7.47
CA VAL D 311 46.86 3.03 6.49
C VAL D 311 48.20 3.70 6.24
N PRO D 312 49.24 3.28 6.98
CA PRO D 312 50.58 3.70 6.58
C PRO D 312 50.98 2.97 5.30
N VAL D 313 51.91 3.54 4.56
CA VAL D 313 52.45 2.85 3.40
C VAL D 313 53.89 2.55 3.74
N GLY D 314 54.20 1.27 3.98
CA GLY D 314 55.55 0.83 4.32
C GLY D 314 55.69 0.49 5.79
N GLU D 315 56.66 -0.38 6.07
CA GLU D 315 56.90 -0.86 7.43
C GLU D 315 57.44 0.26 8.28
N GLU D 316 58.38 1.01 7.72
CA GLU D 316 58.98 2.11 8.47
C GLU D 316 57.90 3.05 8.95
N THR D 317 57.12 3.59 8.00
CA THR D 317 56.08 4.60 8.26
C THR D 317 55.15 4.15 9.36
N ALA D 318 54.65 2.92 9.21
CA ALA D 318 53.88 2.24 10.23
C ALA D 318 54.55 2.40 11.58
N ASN D 319 55.75 1.85 11.68
CA ASN D 319 56.43 1.72 12.95
C ASN D 319 56.55 3.03 13.68
N ARG D 320 57.04 4.07 13.01
CA ARG D 320 57.19 5.37 13.67
C ARG D 320 55.83 5.97 14.09
N LEU D 321 54.80 5.74 13.28
CA LEU D 321 53.45 6.20 13.60
C LEU D 321 52.88 5.51 14.85
N ILE D 322 52.87 4.18 14.86
CA ILE D 322 52.48 3.43 16.06
C ILE D 322 53.20 3.95 17.30
N ASP D 323 54.50 4.17 17.18
CA ASP D 323 55.34 4.76 18.23
C ASP D 323 54.98 6.21 18.57
N LYS D 324 54.30 6.90 17.66
CA LYS D 324 53.87 8.28 17.92
C LYS D 324 52.54 8.26 18.68
N LEU D 325 51.67 7.34 18.26
CA LEU D 325 50.27 7.35 18.65
C LEU D 325 50.06 6.88 20.09
N VAL D 326 50.67 5.76 20.43
CA VAL D 326 50.44 5.07 21.72
C VAL D 326 50.46 5.96 23.00
N PRO D 327 51.61 6.64 23.32
CA PRO D 327 51.48 7.64 24.40
C PRO D 327 50.30 8.62 24.19
N MSE D 328 50.06 9.05 22.95
CA MSE D 328 49.00 10.02 22.65
C MSE D 328 47.63 9.42 22.92
O MSE D 328 46.77 10.12 23.47
CB MSE D 328 49.10 10.60 21.24
CG MSE D 328 49.45 12.09 21.26
SE MSE D 328 50.16 12.79 19.54
CE MSE D 328 50.12 11.22 18.34
N VAL D 329 47.43 8.14 22.56
CA VAL D 329 46.19 7.43 22.96
C VAL D 329 46.11 7.26 24.48
N GLU D 330 47.16 6.69 25.08
CA GLU D 330 47.23 6.57 26.52
C GLU D 330 46.82 7.87 27.22
N SER D 331 47.49 8.96 26.89
CA SER D 331 47.29 10.24 27.59
C SER D 331 46.06 11.03 27.07
N LEU D 332 44.90 10.40 27.04
CA LEU D 332 43.67 11.07 26.64
C LEU D 332 42.79 11.28 27.86
N ARG D 333 42.38 12.52 28.10
CA ARG D 333 41.53 12.81 29.24
C ARG D 333 40.05 12.54 28.95
N ILE D 334 39.50 11.59 29.70
CA ILE D 334 38.12 11.08 29.52
C ILE D 334 37.27 11.45 30.74
N GLY D 335 36.11 12.04 30.48
CA GLY D 335 35.23 12.44 31.56
C GLY D 335 33.95 13.10 31.11
N PRO D 336 33.18 13.62 32.08
CA PRO D 336 31.89 14.27 31.81
C PRO D 336 32.04 15.59 31.10
N TYR D 337 31.05 15.96 30.30
CA TYR D 337 31.06 17.26 29.61
C TYR D 337 31.39 18.39 30.61
N THR D 338 31.20 18.09 31.89
CA THR D 338 31.28 19.09 32.96
C THR D 338 32.71 19.39 33.38
N ASP D 339 33.66 18.58 32.92
CA ASP D 339 35.09 18.86 33.07
C ASP D 339 35.61 19.29 31.71
N GLU D 340 36.02 20.56 31.60
CA GLU D 340 36.43 21.13 30.33
C GLU D 340 37.80 20.60 29.85
N LYS D 341 38.55 19.97 30.76
CA LYS D 341 39.84 19.34 30.44
C LYS D 341 39.68 18.17 29.47
N ALA D 342 38.54 17.48 29.57
CA ALA D 342 38.30 16.21 28.88
C ALA D 342 38.35 16.25 27.34
N ASP D 343 39.13 15.34 26.77
CA ASP D 343 39.30 15.21 25.33
C ASP D 343 38.24 14.33 24.69
N MSE D 344 37.54 13.55 25.50
CA MSE D 344 36.37 12.79 25.05
C MSE D 344 35.54 12.36 26.25
O MSE D 344 35.81 12.78 27.38
CB MSE D 344 36.75 11.61 24.12
CG MSE D 344 37.71 10.59 24.73
SE MSE D 344 37.54 8.92 23.68
CE MSE D 344 39.06 7.90 24.42
N GLY D 345 34.51 11.55 26.00
CA GLY D 345 33.61 11.22 27.08
C GLY D 345 32.90 9.90 26.93
N PRO D 346 31.68 9.84 27.48
CA PRO D 346 30.87 8.64 27.48
C PRO D 346 30.42 8.29 26.07
N VAL D 347 30.37 7.00 25.76
CA VAL D 347 29.65 6.55 24.55
C VAL D 347 28.16 6.81 24.83
N VAL D 348 27.29 6.78 23.83
CA VAL D 348 25.92 7.29 24.04
C VAL D 348 25.01 6.45 24.95
N THR D 349 24.88 5.14 24.68
CA THR D 349 23.97 4.28 25.45
C THR D 349 24.64 2.97 25.84
N LYS D 350 24.14 2.34 26.91
CA LYS D 350 24.64 1.02 27.36
C LYS D 350 24.53 -0.05 26.27
N GLU D 351 23.48 0.06 25.44
CA GLU D 351 23.25 -0.86 24.33
C GLU D 351 24.33 -0.70 23.27
N ALA D 352 24.77 0.54 23.06
CA ALA D 352 25.80 0.87 22.07
C ALA D 352 27.17 0.49 22.59
N GLU D 353 27.43 0.81 23.86
CA GLU D 353 28.73 0.58 24.48
C GLU D 353 29.06 -0.91 24.55
N GLN D 354 28.04 -1.75 24.52
CA GLN D 354 28.24 -3.18 24.59
C GLN D 354 28.54 -3.74 23.20
N ARG D 355 27.94 -3.13 22.18
CA ARG D 355 28.20 -3.51 20.81
C ARG D 355 29.59 -3.04 20.35
N ILE D 356 30.12 -2.01 21.02
CA ILE D 356 31.53 -1.63 20.81
C ILE D 356 32.43 -2.63 21.53
N ARG D 357 32.10 -2.88 22.79
CA ARG D 357 32.85 -3.79 23.64
C ARG D 357 33.03 -5.14 22.96
N SER D 358 31.92 -5.66 22.44
CA SER D 358 31.87 -6.95 21.76
C SER D 358 32.66 -6.95 20.44
N LEU D 359 32.70 -5.80 19.79
CA LEU D 359 33.37 -5.66 18.51
C LEU D 359 34.89 -5.67 18.68
N ILE D 360 35.39 -5.02 19.72
CA ILE D 360 36.83 -5.00 20.00
C ILE D 360 37.29 -6.35 20.55
N ASP D 361 36.32 -7.15 21.01
CA ASP D 361 36.58 -8.52 21.46
C ASP D 361 36.84 -9.42 20.27
N SER D 362 36.01 -9.27 19.23
CA SER D 362 36.22 -9.96 17.96
C SER D 362 37.52 -9.47 17.30
N GLY D 363 37.98 -8.30 17.73
CA GLY D 363 39.27 -7.77 17.34
C GLY D 363 40.42 -8.66 17.75
N ILE D 364 40.33 -9.22 18.97
CA ILE D 364 41.35 -10.17 19.44
C ILE D 364 41.13 -11.56 18.85
N GLU D 365 39.90 -12.07 18.93
CA GLU D 365 39.62 -13.43 18.46
C GLU D 365 40.15 -13.62 17.05
N GLN D 366 40.18 -12.52 16.30
CA GLN D 366 40.43 -12.54 14.87
C GLN D 366 41.91 -12.34 14.48
N GLY D 367 42.81 -12.38 15.47
CA GLY D 367 44.23 -12.37 15.19
C GLY D 367 44.90 -11.01 15.16
N ALA D 368 44.15 -9.94 15.41
CA ALA D 368 44.74 -8.60 15.44
C ALA D 368 45.51 -8.32 16.74
N LYS D 369 46.64 -7.63 16.64
CA LYS D 369 47.40 -7.26 17.84
C LYS D 369 47.05 -5.89 18.38
N LEU D 370 46.31 -5.88 19.49
CA LEU D 370 45.88 -4.66 20.16
C LEU D 370 47.03 -4.05 20.99
N VAL D 371 47.23 -2.74 20.85
CA VAL D 371 48.40 -2.06 21.39
C VAL D 371 48.01 -1.06 22.48
N VAL D 372 46.90 -0.34 22.31
CA VAL D 372 46.32 0.48 23.40
C VAL D 372 44.93 -0.04 23.80
N ASP D 373 44.83 -0.54 25.03
CA ASP D 373 43.63 -1.22 25.52
C ASP D 373 42.86 -0.41 26.56
N GLY D 374 41.75 0.17 26.12
CA GLY D 374 40.94 1.08 26.94
C GLY D 374 39.66 0.54 27.55
N ARG D 375 39.47 -0.77 27.48
CA ARG D 375 38.31 -1.40 28.14
C ARG D 375 38.48 -1.48 29.66
N ASP D 376 39.74 -1.46 30.12
CA ASP D 376 40.09 -1.44 31.54
C ASP D 376 39.44 -0.24 32.25
N PHE D 377 39.34 0.86 31.50
CA PHE D 377 38.92 2.18 31.97
C PHE D 377 37.60 2.18 32.76
N LYS D 378 37.63 2.70 33.98
CA LYS D 378 36.42 3.01 34.75
C LYS D 378 36.69 4.38 35.37
N LEU D 379 35.85 5.36 35.09
CA LEU D 379 36.05 6.66 35.72
C LEU D 379 35.42 6.61 37.11
N GLN D 380 36.25 6.82 38.13
CA GLN D 380 35.89 6.64 39.54
C GLN D 380 34.53 7.21 39.91
N GLY D 381 33.72 6.24 40.29
CA GLY D 381 32.37 6.38 40.75
C GLY D 381 31.40 6.31 39.62
N TYR D 382 31.90 6.36 38.40
CA TYR D 382 31.08 6.64 37.23
C TYR D 382 30.81 5.30 36.64
N GLU D 383 30.87 4.30 37.48
CA GLU D 383 30.97 2.96 36.98
C GLU D 383 29.82 2.65 36.08
N ASN D 384 28.67 3.24 36.35
CA ASN D 384 27.52 3.05 35.46
C ASN D 384 27.34 4.16 34.41
N GLY D 385 28.42 4.87 34.09
CA GLY D 385 28.46 5.77 32.93
C GLY D 385 28.94 5.01 31.70
N HIS D 386 28.63 5.54 30.51
CA HIS D 386 28.97 4.84 29.27
C HIS D 386 30.38 5.14 28.81
N PHE D 387 31.30 5.09 29.78
CA PHE D 387 32.74 5.34 29.57
C PHE D 387 33.47 4.10 29.04
N ILE D 388 34.23 4.30 27.97
CA ILE D 388 35.15 3.30 27.44
C ILE D 388 36.32 4.09 26.89
N GLY D 389 37.52 3.75 27.34
CA GLY D 389 38.74 4.45 26.95
C GLY D 389 39.19 4.18 25.53
N GLY D 390 40.41 4.62 25.22
CA GLY D 390 40.97 4.46 23.89
C GLY D 390 41.36 3.04 23.55
N CYS D 391 41.15 2.67 22.29
CA CYS D 391 41.57 1.38 21.76
C CYS D 391 42.27 1.54 20.42
N LEU D 392 43.55 1.17 20.40
CA LEU D 392 44.35 1.13 19.19
C LEU D 392 44.70 -0.31 18.79
N PHE D 393 44.32 -0.69 17.57
CA PHE D 393 44.68 -2.00 17.02
C PHE D 393 45.80 -1.86 16.01
N ASP D 394 46.63 -2.89 15.90
CA ASP D 394 47.58 -3.02 14.80
C ASP D 394 47.47 -4.41 14.15
N ASP D 395 47.97 -4.51 12.93
CA ASP D 395 47.98 -5.75 12.14
C ASP D 395 46.57 -6.21 11.77
N VAL D 396 45.78 -5.22 11.35
CA VAL D 396 44.43 -5.43 10.84
C VAL D 396 44.46 -5.89 9.39
N THR D 397 43.76 -6.99 9.11
CA THR D 397 43.61 -7.54 7.77
C THR D 397 42.23 -7.16 7.23
N PRO D 398 42.04 -7.20 5.90
CA PRO D 398 40.73 -6.93 5.33
C PRO D 398 39.65 -7.86 5.86
N ASP D 399 39.99 -9.11 6.09
CA ASP D 399 39.02 -10.12 6.50
C ASP D 399 38.25 -9.79 7.78
N MSE D 400 38.93 -9.20 8.75
CA MSE D 400 38.37 -9.03 10.09
C MSE D 400 37.10 -8.20 10.13
O MSE D 400 36.90 -7.27 9.33
CB MSE D 400 39.45 -8.45 10.98
CG MSE D 400 40.64 -9.39 11.16
SE MSE D 400 42.10 -8.36 12.01
CE MSE D 400 43.62 -9.62 11.92
N ASP D 401 36.24 -8.56 11.07
CA ASP D 401 35.01 -7.82 11.39
C ASP D 401 35.32 -6.36 11.63
N ILE D 402 36.30 -6.13 12.51
CA ILE D 402 36.73 -4.81 12.94
C ILE D 402 37.09 -3.87 11.77
N TYR D 403 37.54 -4.44 10.65
CA TYR D 403 37.84 -3.63 9.47
C TYR D 403 36.59 -3.39 8.64
N LYS D 404 35.83 -4.47 8.46
CA LYS D 404 34.65 -4.46 7.60
C LYS D 404 33.50 -3.64 8.19
N THR D 405 33.35 -3.67 9.51
CA THR D 405 32.18 -3.06 10.16
C THR D 405 32.48 -1.73 10.85
N GLU D 406 31.53 -0.80 10.72
CA GLU D 406 31.55 0.50 11.39
C GLU D 406 31.42 0.37 12.92
N ILE D 407 32.55 0.50 13.63
CA ILE D 407 32.59 0.39 15.10
C ILE D 407 31.83 1.56 15.75
N PHE D 408 31.99 2.75 15.17
CA PHE D 408 31.33 3.96 15.67
C PHE D 408 31.70 4.24 17.13
N GLY D 409 32.91 3.86 17.50
CA GLY D 409 33.40 4.04 18.86
C GLY D 409 34.84 4.50 18.89
N PRO D 410 35.40 4.66 20.10
CA PRO D 410 36.79 5.05 20.24
C PRO D 410 37.74 3.86 19.97
N VAL D 411 37.70 3.37 18.74
CA VAL D 411 38.52 2.23 18.34
C VAL D 411 39.17 2.49 16.98
N LEU D 412 40.48 2.73 17.01
CA LEU D 412 41.25 2.93 15.78
C LEU D 412 42.04 1.68 15.38
N SER D 413 41.73 1.20 14.19
CA SER D 413 42.39 0.09 13.56
C SER D 413 43.53 0.64 12.68
N VAL D 414 44.63 -0.10 12.60
CA VAL D 414 45.78 0.27 11.74
C VAL D 414 46.09 -0.85 10.74
N VAL D 415 45.86 -0.58 9.47
CA VAL D 415 46.15 -1.56 8.41
C VAL D 415 47.41 -1.14 7.67
N ARG D 416 48.36 -2.07 7.56
CA ARG D 416 49.65 -1.81 6.92
C ARG D 416 49.63 -2.21 5.45
N ALA D 417 50.02 -1.29 4.57
CA ALA D 417 50.12 -1.56 3.13
C ALA D 417 51.56 -1.35 2.68
N ARG D 418 52.07 -2.27 1.86
CA ARG D 418 53.45 -2.21 1.39
C ARG D 418 53.68 -0.98 0.50
N ASN D 419 52.72 -0.71 -0.39
CA ASN D 419 52.89 0.31 -1.43
C ASN D 419 51.67 1.21 -1.59
N TYR D 420 51.80 2.25 -2.41
CA TYR D 420 50.72 3.20 -2.67
C TYR D 420 49.55 2.51 -3.31
N GLU D 421 49.80 1.71 -4.33
CA GLU D 421 48.72 1.13 -5.09
C GLU D 421 47.84 0.27 -4.18
N GLU D 422 48.45 -0.35 -3.19
CA GLU D 422 47.68 -1.17 -2.29
C GLU D 422 46.98 -0.35 -1.21
N ALA D 423 47.71 0.63 -0.67
CA ALA D 423 47.13 1.63 0.23
C ALA D 423 45.83 2.14 -0.34
N LEU D 424 45.82 2.35 -1.66
CA LEU D 424 44.68 2.88 -2.36
C LEU D 424 43.60 1.82 -2.52
N SER D 425 44.01 0.60 -2.78
CA SER D 425 43.07 -0.48 -3.03
C SER D 425 42.06 -0.65 -1.88
N LEU D 426 42.51 -0.37 -0.66
CA LEU D 426 41.72 -0.61 0.54
C LEU D 426 40.39 0.17 0.63
N PRO D 427 40.43 1.52 0.62
CA PRO D 427 39.17 2.27 0.63
C PRO D 427 38.39 2.06 -0.64
N MSE D 428 39.08 1.74 -1.74
CA MSE D 428 38.42 1.48 -3.01
C MSE D 428 37.50 0.30 -2.83
O MSE D 428 36.30 0.41 -3.10
CB MSE D 428 39.42 1.20 -4.13
CG MSE D 428 38.78 1.28 -5.51
SE MSE D 428 38.81 3.14 -6.23
CE MSE D 428 40.76 3.19 -6.55
N LYS D 429 38.05 -0.81 -2.32
CA LYS D 429 37.34 -2.10 -2.24
C LYS D 429 36.22 -2.17 -1.20
N HIS D 430 36.24 -1.23 -0.26
CA HIS D 430 35.30 -1.19 0.86
C HIS D 430 33.91 -0.78 0.48
N GLU D 431 32.93 -1.40 1.14
CA GLU D 431 31.51 -1.13 0.93
C GLU D 431 31.16 0.31 1.27
N TYR D 432 31.78 0.83 2.33
CA TYR D 432 31.59 2.22 2.72
C TYR D 432 32.41 3.17 1.85
N GLY D 433 32.08 4.46 1.88
CA GLY D 433 32.77 5.42 1.03
C GLY D 433 32.36 6.86 1.22
N ASN D 434 32.24 7.27 2.47
CA ASN D 434 31.91 8.65 2.80
C ASN D 434 33.16 9.55 2.67
N GLY D 435 34.21 9.25 3.46
CA GLY D 435 35.43 10.06 3.51
C GLY D 435 36.74 9.28 3.35
N VAL D 436 37.79 10.00 2.99
CA VAL D 436 39.10 9.40 2.85
C VAL D 436 40.15 10.51 2.84
N ALA D 437 41.27 10.26 3.49
CA ALA D 437 42.31 11.27 3.55
C ALA D 437 43.61 10.70 3.01
N ILE D 438 44.45 11.57 2.46
CA ILE D 438 45.81 11.17 2.07
C ILE D 438 46.84 12.18 2.58
N TYR D 439 47.89 11.67 3.21
CA TYR D 439 48.94 12.50 3.77
C TYR D 439 50.27 12.26 3.03
N THR D 440 50.72 13.28 2.30
CA THR D 440 51.89 13.19 1.42
C THR D 440 52.28 14.59 1.01
N ARG D 441 53.57 14.81 0.74
CA ARG D 441 54.03 16.10 0.24
C ARG D 441 54.08 16.12 -1.29
N ASP D 442 53.86 14.94 -1.88
CA ASP D 442 53.91 14.71 -3.33
C ASP D 442 52.64 15.20 -4.01
N GLY D 443 52.77 16.19 -4.88
CA GLY D 443 51.62 16.72 -5.60
C GLY D 443 50.90 15.66 -6.41
N ASP D 444 51.68 14.74 -6.97
CA ASP D 444 51.21 13.71 -7.87
C ASP D 444 50.44 12.62 -7.15
N ALA D 445 51.02 12.13 -6.05
CA ALA D 445 50.34 11.14 -5.21
C ALA D 445 48.96 11.64 -4.87
N ALA D 446 48.86 12.92 -4.51
CA ALA D 446 47.62 13.51 -4.03
C ALA D 446 46.60 13.72 -5.15
N ARG D 447 47.07 14.11 -6.36
CA ARG D 447 46.14 14.27 -7.50
C ARG D 447 45.69 12.93 -8.05
N ASP D 448 46.62 12.01 -8.23
CA ASP D 448 46.22 10.69 -8.74
C ASP D 448 45.16 10.13 -7.81
N PHE D 449 45.50 10.00 -6.52
CA PHE D 449 44.66 9.41 -5.48
C PHE D 449 43.26 10.02 -5.36
N ALA D 450 43.17 11.33 -5.18
CA ALA D 450 41.90 12.00 -5.03
C ALA D 450 41.08 11.85 -6.31
N SER D 451 41.77 11.78 -7.45
CA SER D 451 41.12 11.63 -8.74
C SER D 451 40.31 10.34 -8.82
N ARG D 452 40.94 9.19 -8.56
CA ARG D 452 40.31 7.90 -8.85
C ARG D 452 39.48 7.33 -7.72
N ILE D 453 39.83 7.69 -6.50
CA ILE D 453 39.18 7.08 -5.35
C ILE D 453 37.71 7.32 -5.54
N ASN D 454 36.91 6.32 -5.23
CA ASN D 454 35.47 6.42 -5.38
C ASN D 454 34.83 6.75 -4.04
N ILE D 455 35.36 7.77 -3.38
CA ILE D 455 34.78 8.30 -2.15
C ILE D 455 34.32 9.72 -2.44
N GLY D 456 33.22 10.13 -1.83
CA GLY D 456 32.61 11.43 -2.09
C GLY D 456 33.42 12.60 -1.55
N MSE D 457 33.81 12.51 -0.29
CA MSE D 457 34.60 13.55 0.34
C MSE D 457 36.02 13.10 0.46
O MSE D 457 36.30 12.03 0.95
CB MSE D 457 34.04 13.92 1.70
CG MSE D 457 32.87 14.84 1.39
SE MSE D 457 31.42 14.61 2.70
CE MSE D 457 31.19 12.66 2.78
N VAL D 458 36.95 13.93 -0.01
CA VAL D 458 38.35 13.55 -0.10
C VAL D 458 39.23 14.59 0.57
N GLY D 459 40.07 14.12 1.49
CA GLY D 459 41.00 14.98 2.19
C GLY D 459 42.44 14.77 1.76
N VAL D 460 43.08 15.85 1.32
CA VAL D 460 44.51 15.87 1.05
C VAL D 460 45.22 16.64 2.18
N ASN D 461 45.92 15.88 3.01
CA ASN D 461 46.54 16.38 4.23
C ASN D 461 45.55 16.93 5.25
N VAL D 462 44.29 16.55 5.07
CA VAL D 462 43.16 16.98 5.90
C VAL D 462 42.38 15.72 6.36
N PRO D 463 42.22 15.53 7.69
CA PRO D 463 41.66 14.28 8.24
C PRO D 463 40.12 14.12 8.15
N ILE D 464 39.38 15.19 8.37
CA ILE D 464 37.94 15.16 8.23
C ILE D 464 37.54 16.08 7.09
N PRO D 465 37.60 15.57 5.86
CA PRO D 465 37.32 16.39 4.69
C PRO D 465 35.84 16.77 4.56
N VAL D 466 35.25 17.26 5.65
CA VAL D 466 33.85 17.65 5.63
C VAL D 466 33.75 18.98 4.89
N PRO D 467 32.92 19.05 3.82
CA PRO D 467 32.82 20.32 3.13
C PRO D 467 32.04 21.33 3.97
N LEU D 468 32.21 22.60 3.65
CA LEU D 468 31.54 23.67 4.34
C LEU D 468 30.13 23.89 3.75
N ALA D 469 29.33 24.71 4.41
CA ALA D 469 27.94 24.88 4.03
C ALA D 469 27.71 25.26 2.57
N TYR D 470 28.66 25.97 1.96
CA TYR D 470 28.45 26.38 0.57
C TYR D 470 28.86 25.29 -0.42
N HIS D 471 29.42 24.20 0.11
CA HIS D 471 29.70 23.07 -0.72
C HIS D 471 28.75 21.93 -0.42
N SER D 472 28.96 20.80 -1.08
CA SER D 472 28.05 19.68 -1.01
C SER D 472 28.57 18.67 0.01
N PHE D 473 27.68 18.08 0.79
CA PHE D 473 28.05 16.90 1.62
C PHE D 473 27.34 15.64 1.12
N GLY D 474 28.09 14.56 1.02
CA GLY D 474 27.58 13.30 0.52
C GLY D 474 28.71 12.32 0.28
N GLY D 475 28.49 11.07 0.66
CA GLY D 475 29.43 10.02 0.35
C GLY D 475 29.00 9.33 -0.91
N TRP D 476 29.80 8.35 -1.32
CA TRP D 476 29.47 7.51 -2.46
C TRP D 476 29.22 6.09 -2.02
N LYS D 477 29.12 5.18 -2.99
CA LYS D 477 28.78 3.79 -2.74
C LYS D 477 27.66 3.75 -1.70
N SER D 478 27.85 2.99 -0.62
CA SER D 478 26.78 2.72 0.37
C SER D 478 26.58 3.79 1.46
N SER D 479 27.29 4.92 1.35
CA SER D 479 27.07 6.01 2.30
C SER D 479 26.15 7.07 1.68
N SER D 480 25.54 6.71 0.56
CA SER D 480 24.66 7.62 -0.13
C SER D 480 23.60 6.88 -0.89
N PHE D 481 22.39 7.45 -0.86
CA PHE D 481 21.31 6.96 -1.67
C PHE D 481 20.63 8.16 -2.23
N GLY D 482 20.40 8.14 -3.54
CA GLY D 482 19.79 9.26 -4.25
C GLY D 482 20.81 9.98 -5.10
N ASP D 483 20.45 11.17 -5.56
CA ASP D 483 21.24 11.86 -6.57
C ASP D 483 21.56 13.31 -6.21
N LEU D 484 21.06 13.79 -5.08
CA LEU D 484 21.41 15.11 -4.59
C LEU D 484 22.04 15.07 -3.21
N ASN D 485 22.91 16.04 -2.97
CA ASN D 485 23.63 16.12 -1.73
C ASN D 485 23.01 17.04 -0.70
N GLN D 486 23.72 17.13 0.42
CA GLN D 486 23.27 17.81 1.61
C GLN D 486 23.92 19.20 1.71
N HIS D 487 23.13 20.18 2.12
CA HIS D 487 23.49 21.61 1.95
C HIS D 487 24.07 22.07 0.61
N GLY D 488 24.69 23.25 0.57
CA GLY D 488 25.17 23.81 -0.66
C GLY D 488 24.10 24.01 -1.73
N THR D 489 24.52 23.93 -2.98
CA THR D 489 23.68 24.23 -4.13
C THR D 489 22.64 23.15 -4.32
N ASP D 490 22.97 21.95 -3.85
CA ASP D 490 22.18 20.76 -4.07
C ASP D 490 20.91 20.75 -3.25
N SER D 491 21.04 21.01 -1.97
CA SER D 491 19.88 21.21 -1.13
C SER D 491 18.84 22.16 -1.78
N ILE D 492 19.29 23.30 -2.32
CA ILE D 492 18.37 24.21 -3.03
C ILE D 492 17.65 23.49 -4.20
N LYS D 493 18.37 22.64 -4.91
CA LYS D 493 17.78 21.86 -5.99
C LYS D 493 16.79 20.82 -5.48
N PHE D 494 17.09 20.27 -4.30
CA PHE D 494 16.27 19.23 -3.67
C PHE D 494 14.98 19.79 -3.07
N TRP D 495 15.03 21.01 -2.53
CA TRP D 495 13.85 21.54 -1.88
C TRP D 495 13.01 22.42 -2.77
N THR D 496 13.22 22.32 -4.08
CA THR D 496 12.43 23.11 -5.02
C THR D 496 11.99 22.23 -6.14
N ARG D 497 10.97 22.64 -6.86
CA ARG D 497 10.62 21.96 -8.09
C ARG D 497 10.52 22.92 -9.26
N THR D 498 10.96 22.47 -10.42
CA THR D 498 11.03 23.37 -11.54
C THR D 498 9.70 23.51 -12.27
N LYS D 499 9.39 24.75 -12.62
CA LYS D 499 8.29 25.03 -13.51
C LYS D 499 8.98 25.70 -14.65
N THR D 500 8.54 25.46 -15.89
CA THR D 500 9.13 26.15 -17.03
C THR D 500 8.00 26.78 -17.81
N ILE D 501 8.16 28.05 -18.18
CA ILE D 501 7.08 28.73 -18.87
C ILE D 501 7.55 29.13 -20.25
N THR D 502 6.75 28.76 -21.25
CA THR D 502 6.96 29.19 -22.62
C THR D 502 5.81 30.13 -22.96
N SER D 503 6.17 31.31 -23.45
CA SER D 503 5.28 32.49 -23.44
C SER D 503 5.27 33.28 -24.75
N ARG D 504 4.09 33.73 -25.14
CA ARG D 504 3.86 34.31 -26.44
C ARG D 504 2.69 35.30 -26.36
N TRP D 505 2.62 36.30 -27.23
CA TRP D 505 1.37 37.09 -27.30
C TRP D 505 0.75 37.23 -28.67
N PRO D 506 -0.55 37.43 -28.67
CA PRO D 506 -1.30 37.70 -29.88
C PRO D 506 -1.35 39.17 -30.09
N SER D 507 -1.32 39.64 -31.33
CA SER D 507 -1.26 41.06 -31.56
C SER D 507 -2.46 41.77 -31.00
N GLY D 508 -2.20 42.73 -30.13
CA GLY D 508 -3.24 43.42 -29.40
C GLY D 508 -3.33 44.90 -29.64
N ILE D 509 -3.67 45.61 -28.57
CA ILE D 509 -3.88 47.06 -28.67
C ILE D 509 -2.68 47.87 -29.23
N LYS D 510 -1.48 47.31 -29.19
CA LYS D 510 -0.30 47.97 -29.77
C LYS D 510 -0.38 48.22 -31.30
N ASP D 511 -1.18 47.44 -32.01
CA ASP D 511 -1.30 47.54 -33.47
C ASP D 511 -2.67 48.07 -33.88
N TYR E 25 -2.33 -21.68 -31.91
CA TYR E 25 -3.76 -21.54 -31.49
C TYR E 25 -4.00 -20.42 -30.47
N GLU E 26 -5.18 -19.82 -30.52
CA GLU E 26 -5.50 -18.66 -29.70
C GLU E 26 -6.75 -18.87 -28.84
N LEU E 27 -6.62 -18.58 -27.54
CA LEU E 27 -7.72 -18.72 -26.57
C LEU E 27 -8.32 -17.37 -26.15
N GLY E 28 -9.59 -17.40 -25.76
CA GLY E 28 -10.37 -16.20 -25.45
C GLY E 28 -11.13 -16.36 -24.15
N HIS E 29 -12.46 -16.22 -24.19
CA HIS E 29 -13.34 -16.34 -22.98
C HIS E 29 -14.51 -17.27 -23.11
N PHE E 30 -15.28 -17.37 -22.01
CA PHE E 30 -16.56 -18.10 -21.98
C PHE E 30 -17.68 -17.26 -21.36
N ILE E 31 -18.58 -16.80 -22.22
CA ILE E 31 -19.78 -16.06 -21.81
C ILE E 31 -20.98 -16.61 -22.60
N ASP E 32 -22.10 -16.77 -21.89
CA ASP E 32 -23.34 -17.37 -22.43
C ASP E 32 -23.13 -18.74 -23.06
N GLY E 33 -22.40 -19.61 -22.37
CA GLY E 33 -22.26 -20.98 -22.82
C GLY E 33 -21.61 -21.20 -24.18
N LYS E 34 -20.90 -20.17 -24.66
CA LYS E 34 -20.10 -20.26 -25.89
C LYS E 34 -18.70 -19.71 -25.66
N ARG E 35 -17.72 -20.33 -26.31
CA ARG E 35 -16.38 -19.73 -26.44
C ARG E 35 -16.49 -18.40 -27.20
N VAL E 36 -16.00 -17.32 -26.59
CA VAL E 36 -16.02 -15.97 -27.18
C VAL E 36 -14.60 -15.41 -27.13
N ALA E 37 -14.23 -14.52 -28.04
CA ALA E 37 -13.07 -13.65 -27.81
C ALA E 37 -13.57 -12.24 -27.52
N GLY E 38 -12.71 -11.41 -26.95
CA GLY E 38 -13.19 -10.14 -26.40
C GLY E 38 -12.75 -8.93 -27.16
N THR E 39 -13.58 -7.88 -27.10
CA THR E 39 -13.27 -6.61 -27.74
C THR E 39 -11.77 -6.28 -27.77
N SER E 40 -11.15 -6.17 -26.59
CA SER E 40 -9.75 -5.71 -26.49
C SER E 40 -8.75 -6.57 -27.25
N GLY E 41 -7.92 -5.91 -28.05
CA GLY E 41 -6.81 -6.55 -28.79
C GLY E 41 -5.57 -6.73 -27.91
N ARG E 42 -5.82 -7.27 -26.70
CA ARG E 42 -4.81 -7.56 -25.69
C ARG E 42 -4.69 -9.08 -25.57
N VAL E 43 -3.46 -9.60 -25.56
CA VAL E 43 -3.17 -11.07 -25.64
C VAL E 43 -1.92 -11.52 -24.85
N SER E 44 -2.07 -12.54 -24.02
CA SER E 44 -0.92 -13.17 -23.30
C SER E 44 -0.44 -14.48 -23.88
N ASN E 45 0.85 -14.79 -23.68
CA ASN E 45 1.43 -16.02 -24.21
C ASN E 45 1.19 -17.22 -23.31
N ILE E 46 0.93 -18.35 -23.95
CA ILE E 46 0.94 -19.66 -23.30
C ILE E 46 2.31 -20.28 -23.59
N PHE E 47 3.02 -20.67 -22.53
CA PHE E 47 4.33 -21.29 -22.67
C PHE E 47 4.28 -22.76 -22.24
N ASN E 48 4.36 -23.68 -23.20
CA ASN E 48 4.71 -25.07 -22.92
C ASN E 48 6.05 -25.11 -22.17
N PRO E 49 6.02 -25.52 -20.88
CA PRO E 49 7.14 -25.40 -19.93
C PRO E 49 8.40 -26.16 -20.33
N ALA E 50 8.23 -27.37 -20.86
CA ALA E 50 9.36 -28.28 -21.18
C ALA E 50 10.14 -27.94 -22.49
N THR E 51 9.38 -27.55 -23.51
CA THR E 51 9.90 -27.04 -24.78
C THR E 51 10.31 -25.56 -24.58
N GLY E 52 9.75 -24.92 -23.55
CA GLY E 52 10.13 -23.56 -23.16
C GLY E 52 9.63 -22.52 -24.12
N GLU E 53 9.09 -23.00 -25.25
CA GLU E 53 8.59 -22.18 -26.37
C GLU E 53 7.08 -22.00 -26.34
N VAL E 54 6.60 -20.92 -26.95
CA VAL E 54 5.17 -20.59 -27.05
C VAL E 54 4.41 -21.53 -28.01
N GLN E 55 3.26 -22.04 -27.54
CA GLN E 55 2.37 -22.90 -28.32
C GLN E 55 0.94 -22.33 -28.49
N GLY E 56 0.57 -21.39 -27.60
CA GLY E 56 -0.72 -20.71 -27.67
C GLY E 56 -0.71 -19.30 -27.08
N THR E 57 -1.82 -18.60 -27.25
CA THR E 57 -1.99 -17.27 -26.69
C THR E 57 -3.31 -17.20 -25.94
N VAL E 58 -3.44 -16.22 -25.04
CA VAL E 58 -4.70 -15.94 -24.36
C VAL E 58 -5.17 -14.51 -24.60
N ALA E 59 -6.50 -14.33 -24.62
CA ALA E 59 -7.10 -13.01 -24.56
C ALA E 59 -6.92 -12.46 -23.15
N LEU E 60 -6.86 -11.14 -23.07
CA LEU E 60 -6.74 -10.45 -21.82
C LEU E 60 -7.92 -9.46 -21.76
N ALA E 61 -8.91 -9.79 -20.95
CA ALA E 61 -10.15 -9.04 -21.00
C ALA E 61 -9.98 -7.65 -20.44
N SER E 62 -10.79 -6.73 -20.97
CA SER E 62 -10.86 -5.37 -20.46
C SER E 62 -12.15 -5.22 -19.67
N ASP E 63 -12.48 -4.00 -19.26
CA ASP E 63 -13.68 -3.74 -18.50
C ASP E 63 -14.94 -3.99 -19.27
N ALA E 64 -14.91 -3.74 -20.57
CA ALA E 64 -16.07 -3.90 -21.43
C ALA E 64 -16.45 -5.36 -21.48
N ASP E 65 -15.42 -6.22 -21.48
CA ASP E 65 -15.59 -7.67 -21.52
C ASP E 65 -16.08 -8.23 -20.20
N LEU E 66 -15.90 -7.48 -19.10
CA LEU E 66 -16.41 -7.89 -17.79
C LEU E 66 -17.80 -7.33 -17.54
N ALA E 67 -17.97 -6.06 -17.89
CA ALA E 67 -19.27 -5.40 -17.85
C ALA E 67 -20.37 -6.32 -18.38
N ALA E 68 -20.04 -7.08 -19.42
CA ALA E 68 -21.00 -7.91 -20.18
C ALA E 68 -21.15 -9.30 -19.59
N ALA E 69 -20.06 -9.79 -18.99
CA ALA E 69 -20.10 -11.12 -18.39
C ALA E 69 -20.86 -11.08 -17.06
N VAL E 70 -20.83 -9.92 -16.40
CA VAL E 70 -21.70 -9.67 -15.25
C VAL E 70 -23.15 -9.53 -15.72
N GLU E 71 -23.34 -8.98 -16.91
CA GLU E 71 -24.69 -8.81 -17.45
C GLU E 71 -25.34 -10.13 -17.82
N SER E 72 -24.57 -10.98 -18.49
CA SER E 72 -24.99 -12.31 -18.85
C SER E 72 -25.47 -13.06 -17.61
N ALA E 73 -24.75 -12.92 -16.51
CA ALA E 73 -25.13 -13.52 -15.23
C ALA E 73 -26.35 -12.86 -14.58
N LYS E 74 -26.43 -11.53 -14.63
CA LYS E 74 -27.56 -10.79 -14.06
C LYS E 74 -28.88 -11.34 -14.52
N ALA E 75 -28.87 -11.85 -15.75
CA ALA E 75 -30.05 -12.41 -16.44
C ALA E 75 -30.27 -13.92 -16.16
N ALA E 76 -29.22 -14.60 -15.74
CA ALA E 76 -29.28 -16.05 -15.55
C ALA E 76 -29.58 -16.49 -14.12
N GLN E 77 -29.15 -15.70 -13.13
CA GLN E 77 -29.32 -16.07 -11.69
C GLN E 77 -30.76 -16.22 -11.21
N PRO E 78 -31.68 -15.30 -11.58
CA PRO E 78 -32.96 -15.54 -10.95
C PRO E 78 -33.58 -16.90 -11.38
N LYS E 79 -33.54 -17.20 -12.68
CA LYS E 79 -34.10 -18.47 -13.20
C LYS E 79 -33.45 -19.69 -12.58
N TRP E 80 -32.15 -19.60 -12.29
CA TRP E 80 -31.36 -20.71 -11.75
C TRP E 80 -31.55 -20.88 -10.28
N ALA E 81 -31.70 -19.77 -9.58
CA ALA E 81 -32.05 -19.78 -8.18
C ALA E 81 -33.53 -20.05 -8.00
N ALA E 82 -34.18 -20.52 -9.06
CA ALA E 82 -35.61 -20.82 -9.05
C ALA E 82 -35.83 -22.31 -9.18
N THR E 83 -34.79 -22.97 -9.68
CA THR E 83 -34.69 -24.42 -9.81
C THR E 83 -34.53 -25.02 -8.40
N ASN E 84 -35.30 -26.05 -8.07
CA ASN E 84 -35.15 -26.67 -6.74
C ASN E 84 -33.74 -27.22 -6.53
N PRO E 85 -33.27 -27.30 -5.27
CA PRO E 85 -31.94 -27.79 -4.93
C PRO E 85 -31.55 -29.14 -5.57
N GLN E 86 -32.52 -30.06 -5.64
CA GLN E 86 -32.34 -31.40 -6.23
C GLN E 86 -32.01 -31.34 -7.71
N ARG E 87 -32.76 -30.55 -8.46
CA ARG E 87 -32.47 -30.36 -9.86
C ARG E 87 -31.07 -29.71 -9.99
N ARG E 88 -30.78 -28.74 -9.12
CA ARG E 88 -29.45 -28.13 -9.09
C ARG E 88 -28.36 -29.17 -8.84
N ALA E 89 -28.49 -29.98 -7.78
CA ALA E 89 -27.55 -31.09 -7.54
C ALA E 89 -27.35 -32.06 -8.72
N ARG E 90 -28.38 -32.25 -9.54
CA ARG E 90 -28.28 -33.20 -10.64
C ARG E 90 -27.28 -32.80 -11.71
N VAL E 91 -27.12 -31.49 -11.96
CA VAL E 91 -26.18 -31.04 -13.00
C VAL E 91 -24.73 -31.29 -12.53
N PHE E 92 -24.43 -30.89 -11.29
CA PHE E 92 -23.19 -31.31 -10.62
C PHE E 92 -22.99 -32.82 -10.65
N MSE E 93 -24.04 -33.58 -10.40
CA MSE E 93 -23.98 -35.03 -10.52
C MSE E 93 -23.58 -35.47 -11.91
O MSE E 93 -22.79 -36.41 -12.04
CB MSE E 93 -25.36 -35.60 -10.24
CG MSE E 93 -25.35 -36.88 -9.45
SE MSE E 93 -27.24 -37.26 -9.02
CE MSE E 93 -27.74 -35.83 -7.73
N LYS E 94 -24.11 -34.81 -12.94
CA LYS E 94 -23.79 -35.15 -14.33
C LYS E 94 -22.41 -34.60 -14.72
N PHE E 95 -22.06 -33.45 -14.14
CA PHE E 95 -20.73 -32.91 -14.29
C PHE E 95 -19.69 -33.94 -13.86
N VAL E 96 -19.81 -34.43 -12.63
CA VAL E 96 -18.82 -35.37 -12.10
C VAL E 96 -18.61 -36.60 -13.03
N GLN E 97 -19.67 -37.11 -13.65
CA GLN E 97 -19.47 -38.18 -14.67
C GLN E 97 -18.73 -37.69 -15.93
N LEU E 98 -18.95 -36.43 -16.31
CA LEU E 98 -18.32 -35.82 -17.49
C LEU E 98 -16.81 -35.73 -17.37
N LEU E 99 -16.35 -35.39 -16.17
CA LEU E 99 -14.92 -35.25 -15.88
C LEU E 99 -14.19 -36.58 -15.93
N ASN E 100 -14.76 -37.62 -15.30
CA ASN E 100 -14.21 -38.96 -15.44
C ASN E 100 -14.17 -39.44 -16.89
N ASP E 101 -15.26 -39.13 -17.63
CA ASP E 101 -15.35 -39.37 -19.07
C ASP E 101 -14.25 -38.62 -19.84
N ASN E 102 -13.93 -37.38 -19.41
CA ASN E 102 -12.97 -36.54 -20.12
C ASN E 102 -11.55 -36.44 -19.55
N MSE E 103 -11.29 -37.23 -18.50
CA MSE E 103 -10.08 -37.09 -17.66
C MSE E 103 -8.77 -36.93 -18.42
O MSE E 103 -8.06 -35.92 -18.24
CB MSE E 103 -10.06 -38.27 -16.66
CG MSE E 103 -9.00 -38.21 -15.55
SE MSE E 103 -9.19 -36.64 -14.35
CE MSE E 103 -7.89 -35.47 -15.26
N ASN E 104 -8.44 -37.92 -19.25
CA ASN E 104 -7.22 -37.93 -20.04
C ASN E 104 -7.00 -36.62 -20.80
N GLU E 105 -8.06 -36.16 -21.48
CA GLU E 105 -8.02 -34.94 -22.30
C GLU E 105 -7.81 -33.67 -21.47
N LEU E 106 -8.43 -33.62 -20.30
CA LEU E 106 -8.25 -32.52 -19.38
C LEU E 106 -6.81 -32.47 -18.89
N ALA E 107 -6.19 -33.65 -18.77
CA ALA E 107 -4.87 -33.83 -18.17
C ALA E 107 -3.70 -33.64 -19.15
N GLU E 108 -3.95 -33.86 -20.43
CA GLU E 108 -2.99 -33.47 -21.47
C GLU E 108 -3.01 -31.93 -21.63
N MSE E 109 -4.15 -31.33 -21.32
CA MSE E 109 -4.34 -29.90 -21.42
C MSE E 109 -3.66 -29.10 -20.35
O MSE E 109 -3.34 -27.93 -20.58
CB MSE E 109 -5.81 -29.63 -21.19
CG MSE E 109 -6.60 -29.70 -22.48
SE MSE E 109 -8.22 -28.65 -22.18
CE MSE E 109 -8.71 -28.46 -24.10
N LEU E 110 -3.45 -29.68 -19.17
CA LEU E 110 -2.75 -28.91 -18.11
C LEU E 110 -1.32 -29.34 -17.78
N SER E 111 -0.99 -30.61 -18.02
CA SER E 111 0.41 -31.06 -17.99
C SER E 111 1.27 -30.40 -19.10
N ARG E 112 0.62 -30.00 -20.20
CA ARG E 112 1.29 -29.40 -21.35
C ARG E 112 1.35 -27.88 -21.21
N GLU E 113 0.75 -27.35 -20.14
CA GLU E 113 0.79 -25.90 -19.91
C GLU E 113 1.29 -25.53 -18.53
N HIS E 114 1.24 -26.48 -17.60
CA HIS E 114 1.86 -26.30 -16.28
C HIS E 114 3.21 -26.99 -16.12
N GLY E 115 3.32 -28.22 -16.63
CA GLY E 115 4.54 -29.01 -16.58
C GLY E 115 4.52 -30.24 -15.70
N LYS E 116 3.58 -30.29 -14.75
CA LYS E 116 3.40 -31.46 -13.88
C LYS E 116 3.01 -32.72 -14.65
N THR E 117 3.24 -33.88 -14.02
CA THR E 117 3.00 -35.19 -14.66
C THR E 117 1.54 -35.39 -15.07
N ILE E 118 1.33 -36.32 -16.00
CA ILE E 118 -0.03 -36.79 -16.29
C ILE E 118 -0.75 -37.17 -14.99
N ASP E 119 -0.09 -37.96 -14.15
CA ASP E 119 -0.63 -38.44 -12.87
C ASP E 119 -0.82 -37.33 -11.85
N ASP E 120 0.01 -36.30 -11.96
CA ASP E 120 -0.09 -35.12 -11.11
C ASP E 120 -1.21 -34.21 -11.63
N ALA E 121 -1.42 -34.29 -12.95
CA ALA E 121 -2.49 -33.55 -13.62
C ALA E 121 -3.87 -34.08 -13.20
N LYS E 122 -4.03 -35.40 -13.21
CA LYS E 122 -5.27 -36.06 -12.85
C LYS E 122 -5.66 -35.79 -11.41
N GLY E 123 -4.69 -35.83 -10.50
CA GLY E 123 -4.94 -35.44 -9.11
C GLY E 123 -5.50 -34.04 -8.95
N ASP E 124 -5.13 -33.15 -9.87
CA ASP E 124 -5.65 -31.79 -9.89
C ASP E 124 -7.15 -31.78 -10.18
N ILE E 125 -7.56 -32.49 -11.23
CA ILE E 125 -8.97 -32.57 -11.58
C ILE E 125 -9.77 -33.28 -10.50
N VAL E 126 -9.33 -34.48 -10.12
CA VAL E 126 -10.01 -35.33 -9.13
C VAL E 126 -10.31 -34.62 -7.81
N ARG E 127 -9.30 -33.98 -7.22
CA ARG E 127 -9.49 -33.16 -6.02
C ARG E 127 -10.52 -32.05 -6.24
N GLY E 128 -10.68 -31.59 -7.48
CA GLY E 128 -11.80 -30.71 -7.84
C GLY E 128 -13.11 -31.49 -8.03
N LEU E 129 -13.01 -32.61 -8.76
CA LEU E 129 -14.14 -33.48 -9.08
C LEU E 129 -14.92 -33.76 -7.81
N GLU E 130 -14.16 -33.88 -6.71
CA GLU E 130 -14.66 -34.17 -5.37
C GLU E 130 -15.38 -33.02 -4.68
N VAL E 131 -15.08 -31.77 -5.02
CA VAL E 131 -15.87 -30.65 -4.49
C VAL E 131 -17.29 -30.73 -5.03
N CYS E 132 -17.40 -31.18 -6.28
CA CYS E 132 -18.67 -31.26 -6.94
C CYS E 132 -19.49 -32.39 -6.35
N GLU E 133 -18.82 -33.51 -6.08
CA GLU E 133 -19.43 -34.65 -5.40
C GLU E 133 -20.05 -34.24 -4.08
N PHE E 134 -19.44 -33.25 -3.44
CA PHE E 134 -19.89 -32.78 -2.15
C PHE E 134 -21.17 -31.94 -2.29
N VAL E 135 -21.23 -31.10 -3.32
CA VAL E 135 -22.33 -30.16 -3.44
C VAL E 135 -23.58 -30.78 -4.08
N ILE E 136 -23.45 -32.03 -4.49
CA ILE E 136 -24.60 -32.84 -4.89
C ILE E 136 -25.60 -32.90 -3.71
N GLY E 137 -25.05 -32.94 -2.49
CA GLY E 137 -25.85 -33.02 -1.29
C GLY E 137 -26.31 -31.67 -0.73
N ILE E 138 -26.37 -30.67 -1.61
CA ILE E 138 -26.71 -29.30 -1.21
C ILE E 138 -28.12 -29.15 -0.61
N PRO E 139 -29.09 -29.98 -1.07
CA PRO E 139 -30.44 -29.77 -0.51
C PRO E 139 -30.42 -29.89 1.01
N HIS E 140 -29.56 -30.77 1.51
CA HIS E 140 -29.36 -30.89 2.94
C HIS E 140 -28.47 -29.79 3.46
N LEU E 141 -27.40 -29.47 2.74
CA LEU E 141 -26.49 -28.40 3.13
C LEU E 141 -27.17 -27.03 3.29
N GLN E 142 -28.10 -26.70 2.39
CA GLN E 142 -28.70 -25.36 2.38
C GLN E 142 -29.82 -25.21 3.38
N LYS E 143 -30.19 -26.27 4.08
CA LYS E 143 -31.37 -26.18 4.92
C LYS E 143 -31.12 -25.32 6.14
N SER E 144 -32.16 -24.71 6.65
CA SER E 144 -32.02 -23.69 7.66
C SER E 144 -32.74 -24.19 8.88
N GLU E 145 -32.77 -23.34 9.89
CA GLU E 145 -33.32 -23.68 11.18
C GLU E 145 -34.77 -23.23 11.34
N PHE E 146 -35.58 -24.02 12.04
CA PHE E 146 -36.96 -23.64 12.36
C PHE E 146 -37.14 -23.71 13.85
N THR E 147 -37.94 -22.82 14.42
CA THR E 147 -38.30 -22.87 15.86
C THR E 147 -39.77 -22.48 16.09
N GLU E 148 -40.54 -23.35 16.76
CA GLU E 148 -42.00 -23.19 16.87
C GLU E 148 -42.48 -22.47 18.14
N GLY E 149 -42.02 -22.91 19.30
CA GLY E 149 -42.48 -22.32 20.56
C GLY E 149 -42.18 -20.84 20.81
N ALA E 150 -41.42 -20.21 19.90
CA ALA E 150 -40.71 -18.95 20.12
C ALA E 150 -41.52 -17.87 20.85
N GLY E 151 -42.77 -17.74 20.48
CA GLY E 151 -43.65 -16.74 21.04
C GLY E 151 -45.03 -17.31 21.06
N PRO E 152 -45.98 -16.61 21.61
CA PRO E 152 -47.32 -17.15 21.58
C PRO E 152 -47.96 -16.89 20.25
N GLY E 153 -47.96 -17.96 19.47
CA GLY E 153 -48.36 -18.00 18.10
C GLY E 153 -47.24 -17.63 17.21
N ILE E 154 -46.11 -17.35 17.79
CA ILE E 154 -45.02 -16.80 17.02
C ILE E 154 -44.01 -17.86 16.71
N ASP E 155 -43.69 -17.95 15.44
CA ASP E 155 -42.70 -18.89 14.93
C ASP E 155 -41.59 -18.11 14.25
N MSE E 156 -40.42 -18.72 14.17
CA MSE E 156 -39.22 -18.02 13.77
C MSE E 156 -38.36 -18.98 13.03
O MSE E 156 -38.13 -20.11 13.47
CB MSE E 156 -38.59 -17.60 15.09
CG MSE E 156 -37.18 -17.04 14.96
SE MSE E 156 -36.91 -15.87 16.53
CE MSE E 156 -34.99 -16.15 16.74
N TYR E 157 -37.87 -18.55 11.88
CA TYR E 157 -37.08 -19.43 11.02
C TYR E 157 -36.15 -18.70 10.11
N SER E 158 -35.06 -19.36 9.75
CA SER E 158 -34.13 -18.76 8.86
C SER E 158 -34.26 -19.38 7.48
N ILE E 159 -33.87 -18.63 6.47
CA ILE E 159 -33.75 -19.14 5.13
C ILE E 159 -32.40 -18.77 4.51
N ARG E 160 -31.69 -19.75 3.94
CA ARG E 160 -30.46 -19.44 3.22
C ARG E 160 -30.74 -19.22 1.75
N GLN E 161 -30.61 -17.98 1.30
CA GLN E 161 -30.82 -17.64 -0.11
C GLN E 161 -29.50 -17.11 -0.65
N PRO E 162 -29.35 -17.06 -1.99
CA PRO E 162 -28.04 -16.77 -2.57
C PRO E 162 -27.60 -15.31 -2.41
N VAL E 163 -26.32 -15.08 -2.64
CA VAL E 163 -25.77 -13.73 -2.72
C VAL E 163 -26.16 -13.01 -4.02
N GLY E 164 -26.29 -13.78 -5.10
CA GLY E 164 -26.51 -13.25 -6.45
C GLY E 164 -25.31 -13.56 -7.35
N ILE E 165 -24.43 -12.57 -7.51
CA ILE E 165 -23.22 -12.75 -8.33
C ILE E 165 -21.89 -12.79 -7.54
N GLY E 166 -21.16 -13.88 -7.70
CA GLY E 166 -19.85 -14.01 -7.10
C GLY E 166 -18.77 -14.11 -8.16
N ALA E 167 -17.53 -13.99 -7.72
CA ALA E 167 -16.37 -14.11 -8.60
C ALA E 167 -15.25 -14.81 -7.86
N GLY E 168 -14.35 -15.43 -8.60
CA GLY E 168 -13.28 -16.24 -8.01
C GLY E 168 -11.98 -16.28 -8.81
N ILE E 169 -10.86 -16.01 -8.13
CA ILE E 169 -9.58 -15.69 -8.78
C ILE E 169 -8.46 -16.69 -8.49
N THR E 170 -7.90 -17.25 -9.55
CA THR E 170 -7.09 -18.48 -9.49
C THR E 170 -5.61 -18.29 -9.85
N PRO E 171 -4.73 -19.05 -9.17
CA PRO E 171 -3.30 -19.08 -9.47
C PRO E 171 -2.91 -20.24 -10.40
N PHE E 172 -1.76 -20.08 -11.05
CA PHE E 172 -1.21 -21.00 -12.06
C PHE E 172 -1.00 -22.46 -11.68
N ASN E 173 -0.95 -22.73 -10.37
CA ASN E 173 -0.53 -24.04 -9.86
C ASN E 173 -1.59 -25.13 -9.98
N PHE E 174 -2.86 -24.78 -9.72
CA PHE E 174 -3.97 -25.74 -9.79
C PHE E 174 -5.18 -25.22 -10.58
N PRO E 175 -5.08 -25.20 -11.93
CA PRO E 175 -6.13 -24.64 -12.81
C PRO E 175 -7.45 -25.44 -12.90
N GLY E 176 -7.53 -26.55 -12.17
CA GLY E 176 -8.68 -27.46 -12.18
C GLY E 176 -9.31 -27.59 -10.81
N MSE E 177 -8.51 -28.00 -9.84
CA MSE E 177 -8.93 -28.13 -8.43
C MSE E 177 -9.43 -26.88 -7.77
O MSE E 177 -10.50 -26.88 -7.16
CB MSE E 177 -7.68 -28.61 -7.68
CG MSE E 177 -7.99 -29.56 -6.54
SE MSE E 177 -6.86 -29.01 -5.02
CE MSE E 177 -5.48 -30.42 -4.90
N ILE E 178 -8.70 -25.77 -7.88
CA ILE E 178 -9.09 -24.56 -7.17
C ILE E 178 -10.30 -23.81 -7.77
N PRO E 179 -10.46 -23.78 -9.11
CA PRO E 179 -11.66 -23.14 -9.69
C PRO E 179 -12.97 -23.74 -9.20
N MSE E 180 -13.00 -25.07 -9.08
CA MSE E 180 -14.16 -25.80 -8.61
C MSE E 180 -14.43 -25.67 -7.13
O MSE E 180 -15.57 -25.72 -6.69
CB MSE E 180 -13.95 -27.25 -8.95
CG MSE E 180 -13.71 -27.37 -10.45
SE MSE E 180 -13.92 -29.29 -10.82
CE MSE E 180 -12.13 -29.82 -11.47
N TRP E 181 -13.38 -25.47 -6.33
CA TRP E 181 -13.52 -25.06 -4.92
C TRP E 181 -14.46 -23.91 -4.72
N MSE E 182 -14.51 -23.00 -5.68
CA MSE E 182 -15.27 -21.78 -5.50
C MSE E 182 -16.47 -21.73 -6.40
O MSE E 182 -17.51 -21.19 -5.99
CB MSE E 182 -14.39 -20.55 -5.64
CG MSE E 182 -13.23 -20.77 -6.60
SE MSE E 182 -12.00 -19.24 -6.40
CE MSE E 182 -10.57 -19.91 -7.56
N PHE E 183 -16.38 -22.30 -7.61
CA PHE E 183 -17.54 -22.27 -8.51
C PHE E 183 -18.63 -23.28 -8.14
N ALA E 184 -18.22 -24.46 -7.67
CA ALA E 184 -19.17 -25.47 -7.13
C ALA E 184 -20.07 -24.95 -6.00
N PRO E 185 -19.50 -24.67 -4.81
CA PRO E 185 -20.35 -24.16 -3.75
C PRO E 185 -21.13 -22.91 -4.17
N ALA E 186 -20.52 -22.05 -4.96
CA ALA E 186 -21.20 -20.84 -5.42
C ALA E 186 -22.49 -21.16 -6.18
N ILE E 187 -22.42 -22.14 -7.07
CA ILE E 187 -23.47 -22.38 -8.07
C ILE E 187 -24.53 -23.33 -7.53
N ALA E 188 -24.07 -24.42 -6.92
CA ALA E 188 -24.95 -25.34 -6.17
C ALA E 188 -25.86 -24.55 -5.20
N CYS E 189 -25.33 -23.45 -4.67
CA CYS E 189 -26.10 -22.58 -3.77
C CYS E 189 -27.12 -21.69 -4.48
N GLY E 190 -27.04 -21.61 -5.81
CA GLY E 190 -28.07 -20.91 -6.59
C GLY E 190 -27.69 -19.50 -7.00
N ASN E 191 -26.38 -19.27 -7.03
CA ASN E 191 -25.77 -18.01 -7.50
C ASN E 191 -25.27 -18.19 -8.92
N ALA E 192 -24.79 -17.10 -9.53
CA ALA E 192 -23.92 -17.19 -10.71
C ALA E 192 -22.49 -16.81 -10.33
N PHE E 193 -21.58 -16.96 -11.26
CA PHE E 193 -20.17 -16.90 -10.92
C PHE E 193 -19.28 -16.42 -12.06
N ILE E 194 -18.32 -15.54 -11.75
CA ILE E 194 -17.31 -15.09 -12.71
C ILE E 194 -15.88 -15.49 -12.29
N LEU E 195 -15.30 -16.40 -13.06
CA LEU E 195 -13.99 -16.98 -12.76
C LEU E 195 -12.87 -16.32 -13.58
N LYS E 196 -11.88 -15.75 -12.89
CA LYS E 196 -10.65 -15.30 -13.55
C LYS E 196 -9.45 -16.17 -13.15
N PRO E 197 -9.08 -17.12 -14.02
CA PRO E 197 -7.99 -18.04 -13.70
C PRO E 197 -6.60 -17.51 -14.01
N SER E 198 -5.60 -18.39 -13.94
CA SER E 198 -4.24 -18.01 -14.30
C SER E 198 -4.05 -18.05 -15.80
N GLU E 199 -3.55 -16.94 -16.33
CA GLU E 199 -3.35 -16.81 -17.77
C GLU E 199 -2.14 -17.60 -18.26
N ARG E 200 -1.59 -18.44 -17.40
CA ARG E 200 -0.46 -19.29 -17.78
C ARG E 200 -0.91 -20.66 -18.34
N ASP E 201 -2.02 -21.17 -17.82
CA ASP E 201 -2.67 -22.37 -18.35
C ASP E 201 -4.16 -22.16 -18.22
N PRO E 202 -4.81 -21.79 -19.32
CA PRO E 202 -6.22 -21.43 -19.28
C PRO E 202 -7.17 -22.40 -19.99
N SER E 203 -6.61 -23.45 -20.59
CA SER E 203 -7.34 -24.44 -21.39
C SER E 203 -8.22 -25.38 -20.56
N VAL E 204 -7.88 -25.53 -19.28
CA VAL E 204 -8.67 -26.37 -18.37
C VAL E 204 -9.92 -25.67 -17.80
N PRO E 205 -9.78 -24.47 -17.16
CA PRO E 205 -10.98 -23.74 -16.72
C PRO E 205 -11.98 -23.47 -17.85
N ILE E 206 -11.49 -23.28 -19.07
CA ILE E 206 -12.36 -22.95 -20.19
C ILE E 206 -13.15 -24.19 -20.68
N ARG E 207 -12.54 -25.37 -20.67
CA ARG E 207 -13.27 -26.63 -20.83
C ARG E 207 -14.19 -26.94 -19.65
N LEU E 208 -13.94 -26.28 -18.51
CA LEU E 208 -14.77 -26.46 -17.33
C LEU E 208 -16.10 -25.76 -17.54
N ALA E 209 -16.06 -24.51 -17.98
CA ALA E 209 -17.30 -23.81 -18.27
C ALA E 209 -18.10 -24.52 -19.38
N GLU E 210 -17.36 -25.20 -20.26
CA GLU E 210 -17.93 -25.94 -21.39
C GLU E 210 -18.66 -27.19 -20.93
N LEU E 211 -18.01 -27.96 -20.07
CA LEU E 211 -18.54 -29.24 -19.67
C LEU E 211 -19.70 -29.08 -18.67
N MSE E 212 -19.84 -27.88 -18.09
CA MSE E 212 -20.97 -27.54 -17.22
C MSE E 212 -22.15 -27.30 -18.12
O MSE E 212 -23.27 -27.70 -17.82
CB MSE E 212 -20.69 -26.35 -16.30
CG MSE E 212 -19.76 -26.71 -15.14
SE MSE E 212 -20.63 -27.80 -13.72
CE MSE E 212 -21.39 -26.33 -12.65
N ILE E 213 -21.91 -26.67 -19.27
CA ILE E 213 -22.94 -26.55 -20.28
C ILE E 213 -23.39 -27.94 -20.72
N GLU E 214 -22.45 -28.87 -20.84
CA GLU E 214 -22.77 -30.27 -21.20
C GLU E 214 -23.56 -31.06 -20.14
N ALA E 215 -23.30 -30.78 -18.86
CA ALA E 215 -23.99 -31.42 -17.72
C ALA E 215 -25.29 -30.70 -17.36
N GLY E 216 -25.62 -29.65 -18.09
CA GLY E 216 -26.94 -29.06 -17.99
C GLY E 216 -27.03 -27.70 -17.35
N LEU E 217 -25.91 -27.12 -16.96
CA LEU E 217 -25.95 -25.78 -16.37
C LEU E 217 -26.49 -24.77 -17.38
N PRO E 218 -27.37 -23.86 -16.94
CA PRO E 218 -27.87 -22.82 -17.84
C PRO E 218 -26.76 -21.88 -18.23
N ALA E 219 -26.87 -21.30 -19.41
CA ALA E 219 -25.90 -20.33 -19.91
C ALA E 219 -25.81 -19.08 -19.00
N GLY E 220 -24.60 -18.57 -18.84
CA GLY E 220 -24.41 -17.39 -18.04
C GLY E 220 -24.16 -17.71 -16.59
N ILE E 221 -24.50 -18.91 -16.15
CA ILE E 221 -24.32 -19.21 -14.74
C ILE E 221 -22.83 -19.28 -14.41
N LEU E 222 -22.03 -19.82 -15.34
CA LEU E 222 -20.58 -19.91 -15.15
C LEU E 222 -19.74 -19.34 -16.31
N ASN E 223 -19.29 -18.09 -16.12
CA ASN E 223 -18.45 -17.40 -17.08
C ASN E 223 -16.99 -17.36 -16.65
N VAL E 224 -16.09 -17.84 -17.53
CA VAL E 224 -14.65 -17.65 -17.33
C VAL E 224 -14.19 -16.42 -18.13
N VAL E 225 -13.67 -15.41 -17.43
CA VAL E 225 -13.13 -14.22 -18.11
C VAL E 225 -11.62 -14.10 -17.87
N ASN E 226 -10.84 -14.41 -18.89
CA ASN E 226 -9.39 -14.45 -18.77
C ASN E 226 -8.73 -13.07 -18.79
N GLY E 227 -7.67 -12.92 -17.99
CA GLY E 227 -6.93 -11.69 -17.85
C GLY E 227 -5.84 -11.65 -16.81
N ASP E 228 -5.32 -10.45 -16.56
CA ASP E 228 -4.38 -10.13 -15.50
C ASP E 228 -4.95 -9.15 -14.53
N LYS E 229 -4.13 -8.30 -13.95
CA LYS E 229 -4.60 -7.42 -12.92
C LYS E 229 -5.69 -6.52 -13.43
N GLY E 230 -5.57 -6.04 -14.66
CA GLY E 230 -6.67 -5.38 -15.35
C GLY E 230 -8.05 -6.00 -15.11
N ALA E 231 -8.23 -7.24 -15.56
CA ALA E 231 -9.45 -8.01 -15.28
C ALA E 231 -9.76 -8.10 -13.77
N VAL E 232 -8.76 -8.48 -12.97
CA VAL E 232 -8.93 -8.56 -11.49
C VAL E 232 -9.39 -7.22 -10.91
N ASP E 233 -8.67 -6.14 -11.18
CA ASP E 233 -9.02 -4.85 -10.62
C ASP E 233 -10.49 -4.58 -10.91
N ALA E 234 -10.89 -4.82 -12.17
CA ALA E 234 -12.25 -4.64 -12.63
C ALA E 234 -13.32 -5.49 -11.92
N ILE E 235 -12.98 -6.71 -11.50
CA ILE E 235 -13.92 -7.57 -10.76
C ILE E 235 -14.30 -6.99 -9.39
N LEU E 236 -13.29 -6.55 -8.62
CA LEU E 236 -13.50 -5.98 -7.28
C LEU E 236 -14.28 -4.69 -7.37
N THR E 237 -14.29 -4.14 -8.58
CA THR E 237 -14.84 -2.82 -8.91
C THR E 237 -16.31 -2.84 -9.33
N HIS E 238 -16.85 -4.00 -9.70
CA HIS E 238 -18.24 -4.08 -10.14
C HIS E 238 -19.18 -4.10 -8.94
N PRO E 239 -20.22 -3.21 -8.93
CA PRO E 239 -21.08 -3.10 -7.75
C PRO E 239 -22.19 -4.14 -7.73
N ASP E 240 -22.20 -5.01 -8.75
CA ASP E 240 -23.14 -6.13 -8.85
C ASP E 240 -22.49 -7.47 -8.56
N ILE E 241 -21.19 -7.48 -8.35
CA ILE E 241 -20.52 -8.66 -7.79
C ILE E 241 -20.60 -8.50 -6.27
N ALA E 242 -20.92 -9.58 -5.56
CA ALA E 242 -21.15 -9.53 -4.10
C ALA E 242 -20.12 -10.33 -3.26
N ALA E 243 -19.41 -11.25 -3.93
CA ALA E 243 -18.55 -12.21 -3.26
C ALA E 243 -17.29 -12.49 -4.06
N VAL E 244 -16.18 -12.57 -3.34
CA VAL E 244 -14.89 -12.79 -3.98
C VAL E 244 -14.06 -13.87 -3.30
N SER E 245 -13.48 -14.72 -4.15
CA SER E 245 -12.57 -15.76 -3.73
C SER E 245 -11.25 -15.53 -4.44
N PHE E 246 -10.15 -15.53 -3.68
CA PHE E 246 -8.82 -15.48 -4.26
C PHE E 246 -7.91 -16.47 -3.58
N VAL E 247 -7.15 -17.17 -4.41
CA VAL E 247 -6.03 -17.95 -3.94
C VAL E 247 -4.79 -17.60 -4.76
N GLY E 248 -3.66 -17.50 -4.07
CA GLY E 248 -2.41 -17.11 -4.70
C GLY E 248 -1.43 -16.67 -3.64
N SER E 249 -0.94 -15.44 -3.77
CA SER E 249 0.13 -14.93 -2.92
C SER E 249 -0.39 -14.03 -1.80
N THR E 250 0.38 -14.04 -0.71
CA THR E 250 0.04 -13.28 0.49
C THR E 250 -0.04 -11.76 0.27
N PRO E 251 0.93 -11.18 -0.47
CA PRO E 251 0.78 -9.74 -0.74
C PRO E 251 -0.33 -9.45 -1.76
N ILE E 252 -0.48 -10.33 -2.75
CA ILE E 252 -1.60 -10.25 -3.69
C ILE E 252 -2.95 -10.43 -2.99
N ALA E 253 -3.07 -11.40 -2.09
CA ALA E 253 -4.32 -11.61 -1.33
C ALA E 253 -4.63 -10.50 -0.33
N ARG E 254 -3.60 -10.07 0.33
CA ARG E 254 -3.80 -9.16 1.35
C ARG E 254 -4.49 -8.13 0.51
N TYR E 255 -4.02 -7.96 -0.71
CA TYR E 255 -4.51 -6.94 -1.61
C TYR E 255 -5.96 -6.99 -2.08
N VAL E 256 -6.35 -8.14 -2.55
CA VAL E 256 -7.64 -8.34 -3.16
C VAL E 256 -8.65 -8.12 -2.08
N TYR E 257 -8.28 -8.58 -0.90
CA TYR E 257 -9.12 -8.60 0.31
C TYR E 257 -9.43 -7.22 0.87
N GLY E 258 -8.40 -6.36 0.88
CA GLY E 258 -8.55 -4.97 1.33
C GLY E 258 -9.45 -4.25 0.37
N THR E 259 -9.09 -4.32 -0.91
CA THR E 259 -9.78 -3.59 -1.98
C THR E 259 -11.13 -4.22 -2.36
N ALA E 260 -11.43 -5.41 -1.83
CA ALA E 260 -12.75 -6.02 -2.02
C ALA E 260 -13.73 -5.61 -0.92
N ALA E 261 -13.25 -5.63 0.32
CA ALA E 261 -13.98 -5.10 1.47
C ALA E 261 -14.17 -3.58 1.39
N MSE E 262 -13.20 -2.92 0.78
CA MSE E 262 -13.26 -1.49 0.48
C MSE E 262 -14.50 -1.23 -0.29
O MSE E 262 -15.26 -0.31 0.03
CB MSE E 262 -12.05 -1.11 -0.39
CG MSE E 262 -11.01 -0.17 0.22
SE MSE E 262 -11.67 0.98 1.69
CE MSE E 262 -12.98 2.10 0.71
N ASN E 263 -14.76 -2.05 -1.31
CA ASN E 263 -15.97 -1.96 -2.12
C ASN E 263 -17.18 -2.70 -1.55
N GLY E 264 -17.12 -3.03 -0.26
CA GLY E 264 -18.27 -3.59 0.44
C GLY E 264 -18.59 -5.06 0.19
N LYS E 265 -17.69 -5.76 -0.50
CA LYS E 265 -17.90 -7.16 -0.89
C LYS E 265 -17.49 -8.18 0.21
N ARG E 266 -18.19 -9.32 0.26
CA ARG E 266 -17.70 -10.43 1.08
C ARG E 266 -16.39 -10.89 0.46
N ALA E 267 -15.48 -11.34 1.31
CA ALA E 267 -14.21 -11.83 0.82
C ALA E 267 -13.55 -12.85 1.74
N GLN E 268 -12.99 -13.85 1.09
CA GLN E 268 -12.08 -14.79 1.66
C GLN E 268 -10.86 -14.77 0.74
N CYS E 269 -9.68 -14.70 1.31
CA CYS E 269 -8.51 -14.88 0.51
C CYS E 269 -7.53 -15.77 1.22
N PHE E 270 -6.73 -16.46 0.41
CA PHE E 270 -5.79 -17.45 0.90
C PHE E 270 -4.49 -17.26 0.14
N GLY E 271 -3.36 -17.28 0.86
CA GLY E 271 -2.10 -16.90 0.25
C GLY E 271 -0.92 -17.79 0.52
N GLY E 272 0.01 -17.26 1.32
CA GLY E 272 1.34 -17.82 1.48
C GLY E 272 1.45 -19.08 2.29
N ALA E 273 2.57 -19.76 2.09
CA ALA E 273 2.83 -21.04 2.74
C ALA E 273 4.32 -21.31 2.89
N LYS E 274 4.72 -21.75 4.09
CA LYS E 274 6.03 -22.32 4.31
C LYS E 274 5.79 -23.39 5.34
N ASN E 275 5.85 -24.62 4.88
CA ASN E 275 5.31 -25.71 5.66
C ASN E 275 6.39 -26.66 6.19
N HIS E 276 6.55 -26.66 7.51
CA HIS E 276 7.55 -27.50 8.17
C HIS E 276 6.96 -28.79 8.67
N MSE E 277 7.63 -29.89 8.35
CA MSE E 277 7.36 -31.19 8.95
C MSE E 277 8.37 -31.33 10.04
O MSE E 277 9.58 -31.31 9.79
CB MSE E 277 7.63 -32.23 7.87
CG MSE E 277 7.09 -33.58 8.26
SE MSE E 277 8.02 -34.98 7.23
CE MSE E 277 6.88 -34.97 5.62
N ILE E 278 7.89 -31.47 11.28
CA ILE E 278 8.77 -31.65 12.41
C ILE E 278 8.89 -33.13 12.73
N ILE E 279 10.09 -33.59 13.03
CA ILE E 279 10.29 -35.03 13.13
C ILE E 279 10.93 -35.48 14.44
N MSE E 280 10.21 -36.36 15.15
CA MSE E 280 10.61 -36.82 16.46
C MSE E 280 11.48 -38.04 16.35
O MSE E 280 11.38 -38.80 15.37
CB MSE E 280 9.32 -37.14 17.18
CG MSE E 280 8.48 -35.87 17.27
SE MSE E 280 9.46 -34.57 18.37
CE MSE E 280 8.32 -33.02 17.95
N PRO E 281 12.35 -38.26 17.36
CA PRO E 281 13.23 -39.44 17.32
C PRO E 281 12.48 -40.79 17.27
N ASP E 282 11.21 -40.78 17.64
CA ASP E 282 10.22 -41.86 17.51
C ASP E 282 9.76 -42.28 16.13
N ALA E 283 9.66 -41.31 15.26
CA ALA E 283 8.91 -41.41 14.05
C ALA E 283 9.44 -42.51 13.20
N ASP E 284 8.61 -43.11 12.38
CA ASP E 284 9.17 -44.05 11.46
C ASP E 284 9.91 -43.16 10.56
N LEU E 285 11.06 -43.63 10.12
CA LEU E 285 12.04 -42.79 9.43
C LEU E 285 12.19 -43.12 7.96
N ASP E 286 11.84 -44.36 7.61
CA ASP E 286 11.72 -44.73 6.20
C ASP E 286 10.50 -44.05 5.60
N GLN E 287 9.43 -43.95 6.39
CA GLN E 287 8.20 -43.27 6.00
C GLN E 287 8.29 -41.75 5.99
N ALA E 288 8.97 -41.17 6.97
CA ALA E 288 9.15 -39.71 7.04
C ALA E 288 9.92 -39.19 5.83
N ALA E 289 11.05 -39.85 5.53
CA ALA E 289 11.89 -39.49 4.40
C ALA E 289 11.16 -39.72 3.08
N ASN E 290 10.60 -40.91 2.91
CA ASN E 290 9.76 -41.17 1.75
C ASN E 290 8.65 -40.13 1.62
N ALA E 291 8.27 -39.51 2.73
CA ALA E 291 7.17 -38.55 2.73
C ALA E 291 7.52 -37.19 2.18
N LEU E 292 8.68 -36.61 2.54
CA LEU E 292 8.99 -35.26 2.04
C LEU E 292 9.63 -35.21 0.66
N ILE E 293 10.22 -36.34 0.27
CA ILE E 293 10.62 -36.64 -1.11
C ILE E 293 9.47 -36.47 -2.12
N GLY E 294 8.27 -36.87 -1.69
CA GLY E 294 7.06 -36.69 -2.49
C GLY E 294 6.22 -35.47 -2.12
N ALA E 295 6.71 -34.67 -1.18
CA ALA E 295 6.05 -33.44 -0.77
C ALA E 295 6.80 -32.21 -1.28
N GLY E 296 8.13 -32.23 -1.13
CA GLY E 296 8.95 -31.07 -1.51
C GLY E 296 9.30 -31.01 -2.98
N TYR E 297 9.23 -32.18 -3.62
CA TYR E 297 9.62 -32.35 -5.01
C TYR E 297 8.43 -32.84 -5.85
N GLY E 298 7.38 -33.30 -5.20
CA GLY E 298 6.10 -33.47 -5.88
C GLY E 298 5.68 -32.11 -6.46
N SER E 299 5.36 -32.12 -7.75
CA SER E 299 5.01 -30.92 -8.52
C SER E 299 6.12 -29.89 -8.45
N ALA E 300 7.34 -30.41 -8.40
CA ALA E 300 8.56 -29.61 -8.43
C ALA E 300 8.34 -28.58 -7.36
N GLY E 301 7.68 -28.97 -6.31
CA GLY E 301 7.37 -28.09 -5.19
C GLY E 301 6.57 -26.84 -5.53
N GLU E 302 5.79 -26.91 -6.61
CA GLU E 302 4.95 -25.80 -7.03
C GLU E 302 3.55 -25.82 -6.35
N ARG E 303 3.51 -25.98 -5.02
CA ARG E 303 2.23 -26.07 -4.29
C ARG E 303 2.16 -25.22 -3.02
N CYS E 304 1.02 -24.56 -2.81
CA CYS E 304 0.77 -23.82 -1.58
C CYS E 304 0.89 -24.72 -0.36
N MSE E 305 0.86 -26.03 -0.61
CA MSE E 305 0.77 -27.04 0.45
C MSE E 305 1.87 -28.06 0.37
O MSE E 305 1.70 -29.21 0.80
CB MSE E 305 -0.57 -27.77 0.28
CG MSE E 305 -1.68 -26.97 0.95
SE MSE E 305 -1.46 -27.08 2.91
CE MSE E 305 -2.35 -25.41 3.44
N ALA E 306 3.01 -27.66 -0.17
CA ALA E 306 4.19 -28.51 -0.19
C ALA E 306 4.99 -28.31 1.10
N ILE E 307 5.71 -29.36 1.47
CA ILE E 307 6.68 -29.20 2.54
C ILE E 307 8.01 -28.68 1.97
N SER E 308 8.54 -27.67 2.66
CA SER E 308 9.76 -26.98 2.25
C SER E 308 10.79 -26.88 3.37
N VAL E 309 10.34 -26.98 4.63
CA VAL E 309 11.25 -27.06 5.78
C VAL E 309 11.18 -28.37 6.57
N ALA E 310 12.25 -29.13 6.57
CA ALA E 310 12.33 -30.32 7.39
C ALA E 310 12.94 -29.94 8.76
N VAL E 311 12.23 -30.28 9.85
CA VAL E 311 12.70 -29.95 11.19
C VAL E 311 12.89 -31.21 12.06
N PRO E 312 14.06 -31.88 11.92
CA PRO E 312 14.40 -33.08 12.70
C PRO E 312 14.81 -32.74 14.13
N VAL E 313 14.16 -33.37 15.11
CA VAL E 313 14.45 -33.07 16.50
C VAL E 313 15.59 -33.97 16.96
N GLY E 314 16.64 -33.36 17.49
CA GLY E 314 17.82 -34.10 17.91
C GLY E 314 18.90 -34.11 16.84
N GLU E 315 20.14 -34.24 17.31
CA GLU E 315 21.33 -34.29 16.47
C GLU E 315 21.32 -35.56 15.60
N GLU E 316 20.83 -36.65 16.18
CA GLU E 316 20.92 -37.97 15.57
C GLU E 316 19.94 -38.19 14.42
N THR E 317 18.69 -37.76 14.60
CA THR E 317 17.66 -37.93 13.57
C THR E 317 17.79 -36.96 12.39
N ALA E 318 18.50 -35.85 12.60
CA ALA E 318 18.94 -35.01 11.49
C ALA E 318 19.87 -35.86 10.62
N ASN E 319 21.03 -36.21 11.15
CA ASN E 319 22.00 -37.05 10.44
C ASN E 319 21.32 -38.23 9.77
N ARG E 320 20.48 -38.92 10.52
CA ARG E 320 19.82 -40.13 10.05
C ARG E 320 18.86 -39.92 8.85
N LEU E 321 18.00 -38.90 8.88
CA LEU E 321 17.09 -38.72 7.75
C LEU E 321 17.81 -38.09 6.53
N ILE E 322 18.77 -37.20 6.78
CA ILE E 322 19.53 -36.62 5.68
C ILE E 322 20.24 -37.72 4.92
N ASP E 323 20.56 -38.81 5.61
CA ASP E 323 21.07 -40.01 4.98
C ASP E 323 20.06 -40.77 4.10
N LYS E 324 18.82 -40.93 4.58
CA LYS E 324 17.75 -41.53 3.76
C LYS E 324 17.31 -40.60 2.61
N LEU E 325 17.25 -39.30 2.92
CA LEU E 325 16.69 -38.30 2.01
C LEU E 325 17.51 -38.09 0.74
N VAL E 326 18.83 -37.90 0.91
CA VAL E 326 19.73 -37.43 -0.16
C VAL E 326 19.76 -38.31 -1.41
N PRO E 327 19.99 -39.64 -1.25
CA PRO E 327 20.08 -40.52 -2.42
C PRO E 327 18.81 -40.53 -3.26
N MSE E 328 17.66 -40.35 -2.60
CA MSE E 328 16.37 -40.27 -3.27
C MSE E 328 16.14 -38.98 -4.02
O MSE E 328 15.36 -38.95 -4.97
CB MSE E 328 15.29 -40.46 -2.24
CG MSE E 328 14.98 -41.93 -2.07
SE MSE E 328 13.89 -42.05 -0.44
CE MSE E 328 13.28 -43.91 -0.69
N VAL E 329 16.81 -37.91 -3.59
CA VAL E 329 16.80 -36.62 -4.29
C VAL E 329 17.69 -36.75 -5.54
N GLU E 330 18.80 -37.47 -5.37
CA GLU E 330 19.65 -37.87 -6.49
C GLU E 330 18.85 -38.55 -7.61
N SER E 331 17.93 -39.41 -7.21
CA SER E 331 17.26 -40.37 -8.11
C SER E 331 15.96 -39.85 -8.72
N LEU E 332 15.78 -38.54 -8.71
CA LEU E 332 14.56 -37.93 -9.26
C LEU E 332 14.57 -37.94 -10.77
N ARG E 333 13.68 -38.72 -11.38
CA ARG E 333 13.59 -38.70 -12.83
C ARG E 333 12.86 -37.45 -13.32
N ILE E 334 13.52 -36.69 -14.16
CA ILE E 334 12.97 -35.44 -14.61
C ILE E 334 12.86 -35.53 -16.13
N GLY E 335 11.64 -35.53 -16.63
CA GLY E 335 11.41 -35.56 -18.06
C GLY E 335 10.29 -34.61 -18.37
N PRO E 336 9.86 -34.53 -19.65
CA PRO E 336 8.69 -33.72 -19.93
C PRO E 336 7.45 -34.49 -19.52
N TYR E 337 6.31 -33.80 -19.52
CA TYR E 337 5.04 -34.42 -19.20
C TYR E 337 4.76 -35.65 -20.09
N THR E 338 5.46 -35.72 -21.21
CA THR E 338 5.13 -36.63 -22.32
C THR E 338 5.62 -38.08 -22.17
N ASP E 339 6.69 -38.30 -21.41
CA ASP E 339 7.25 -39.65 -21.32
C ASP E 339 6.43 -40.58 -20.41
N GLU E 340 5.93 -40.01 -19.31
CA GLU E 340 5.06 -40.67 -18.33
C GLU E 340 5.83 -41.62 -17.40
N LYS E 341 7.06 -41.24 -17.13
CA LYS E 341 7.89 -41.91 -16.13
C LYS E 341 8.69 -40.84 -15.36
N ALA E 342 8.21 -39.60 -15.44
CA ALA E 342 8.94 -38.46 -14.90
C ALA E 342 8.42 -38.13 -13.52
N ASP E 343 9.29 -38.27 -12.51
CA ASP E 343 8.97 -38.00 -11.08
C ASP E 343 8.47 -36.57 -10.84
N MSE E 344 9.06 -35.62 -11.55
CA MSE E 344 8.68 -34.21 -11.51
C MSE E 344 9.28 -33.62 -12.76
O MSE E 344 10.44 -33.87 -13.11
CB MSE E 344 9.14 -33.45 -10.26
CG MSE E 344 10.56 -33.75 -9.73
SE MSE E 344 11.65 -32.14 -9.30
CE MSE E 344 13.42 -32.82 -9.83
N GLY E 345 8.47 -32.83 -13.46
CA GLY E 345 8.90 -32.19 -14.68
C GLY E 345 9.33 -30.77 -14.40
N PRO E 346 9.15 -29.89 -15.40
CA PRO E 346 9.57 -28.47 -15.38
C PRO E 346 8.78 -27.52 -14.45
N VAL E 347 9.17 -26.24 -14.42
CA VAL E 347 8.52 -25.19 -13.63
C VAL E 347 7.88 -24.21 -14.61
N VAL E 348 6.73 -23.64 -14.22
CA VAL E 348 5.79 -22.93 -15.15
C VAL E 348 6.37 -21.88 -16.16
N THR E 349 7.21 -20.98 -15.67
CA THR E 349 7.73 -19.87 -16.51
C THR E 349 9.24 -19.68 -16.39
N LYS E 350 9.81 -18.85 -17.25
CA LYS E 350 11.23 -18.50 -17.10
C LYS E 350 11.40 -17.56 -15.91
N GLU E 351 10.42 -16.68 -15.71
CA GLU E 351 10.40 -15.76 -14.56
C GLU E 351 10.50 -16.54 -13.24
N ALA E 352 9.60 -17.53 -13.10
CA ALA E 352 9.60 -18.44 -11.95
C ALA E 352 10.92 -19.19 -11.84
N GLU E 353 11.40 -19.74 -12.95
CA GLU E 353 12.69 -20.46 -12.99
C GLU E 353 13.86 -19.62 -12.45
N GLN E 354 14.05 -18.40 -12.97
CA GLN E 354 15.20 -17.56 -12.60
C GLN E 354 15.08 -16.98 -11.18
N ARG E 355 13.83 -16.83 -10.71
CA ARG E 355 13.55 -16.38 -9.36
C ARG E 355 14.03 -17.43 -8.33
N ILE E 356 13.86 -18.71 -8.69
CA ILE E 356 14.44 -19.85 -7.97
C ILE E 356 15.99 -19.77 -7.96
N ARG E 357 16.57 -19.39 -9.10
CA ARG E 357 18.02 -19.14 -9.26
C ARG E 357 18.53 -18.15 -8.23
N SER E 358 17.79 -17.05 -8.08
CA SER E 358 18.08 -16.02 -7.09
C SER E 358 18.00 -16.53 -5.64
N LEU E 359 17.06 -17.43 -5.38
CA LEU E 359 16.88 -18.02 -4.05
C LEU E 359 17.99 -18.99 -3.62
N ILE E 360 18.28 -19.97 -4.46
CA ILE E 360 19.32 -20.98 -4.23
C ILE E 360 20.72 -20.40 -4.01
N ASP E 361 21.02 -19.30 -4.71
CA ASP E 361 22.33 -18.69 -4.59
C ASP E 361 22.44 -17.70 -3.43
N SER E 362 21.29 -17.17 -3.00
CA SER E 362 21.23 -16.45 -1.74
C SER E 362 21.56 -17.43 -0.61
N GLY E 363 21.11 -18.67 -0.77
CA GLY E 363 21.37 -19.76 0.16
C GLY E 363 22.82 -20.22 0.27
N ILE E 364 23.53 -20.32 -0.86
CA ILE E 364 24.99 -20.62 -0.82
C ILE E 364 25.67 -19.54 0.03
N GLU E 365 25.32 -18.29 -0.27
CA GLU E 365 25.85 -17.11 0.40
C GLU E 365 25.44 -16.98 1.87
N GLN E 366 24.20 -17.38 2.18
CA GLN E 366 23.62 -17.14 3.50
C GLN E 366 24.14 -18.02 4.64
N GLY E 367 24.84 -19.12 4.30
CA GLY E 367 25.56 -19.93 5.30
C GLY E 367 25.37 -21.45 5.30
N ALA E 368 24.35 -21.91 4.58
CA ALA E 368 23.89 -23.31 4.62
C ALA E 368 24.50 -24.20 3.56
N LYS E 369 24.80 -25.45 3.95
CA LYS E 369 25.27 -26.48 3.00
C LYS E 369 24.24 -26.78 1.87
N LEU E 370 24.71 -27.35 0.77
CA LEU E 370 23.84 -27.77 -0.32
C LEU E 370 24.10 -29.25 -0.58
N VAL E 371 23.44 -30.10 0.18
CA VAL E 371 23.71 -31.55 0.15
C VAL E 371 23.47 -32.21 -1.22
N VAL E 372 22.57 -31.65 -2.03
CA VAL E 372 22.40 -32.06 -3.43
C VAL E 372 22.35 -30.80 -4.28
N ASP E 373 23.34 -30.66 -5.17
CA ASP E 373 23.50 -29.46 -6.01
C ASP E 373 22.86 -29.61 -7.42
N GLY E 374 21.55 -29.40 -7.49
CA GLY E 374 20.81 -29.63 -8.74
C GLY E 374 20.79 -28.50 -9.77
N ARG E 375 21.62 -27.47 -9.58
CA ARG E 375 21.66 -26.31 -10.48
C ARG E 375 22.14 -26.67 -11.87
N ASP E 376 23.16 -27.53 -11.91
CA ASP E 376 23.76 -28.03 -13.15
C ASP E 376 22.95 -29.20 -13.74
N PHE E 377 21.66 -28.99 -14.00
CA PHE E 377 20.84 -29.99 -14.69
C PHE E 377 20.43 -29.43 -16.04
N LYS E 378 20.69 -30.19 -17.09
CA LYS E 378 20.18 -29.91 -18.41
C LYS E 378 19.68 -31.20 -19.02
N LEU E 379 18.45 -31.19 -19.51
CA LEU E 379 17.89 -32.39 -20.13
C LEU E 379 18.06 -32.34 -21.65
N GLN E 380 18.56 -33.44 -22.21
CA GLN E 380 18.79 -33.64 -23.66
C GLN E 380 17.53 -33.32 -24.48
N GLY E 381 17.71 -32.71 -25.65
CA GLY E 381 16.58 -32.39 -26.55
C GLY E 381 15.58 -31.36 -26.03
N TYR E 382 15.78 -30.92 -24.79
CA TYR E 382 14.99 -29.86 -24.19
C TYR E 382 15.94 -28.91 -23.49
N GLU E 383 16.95 -28.47 -24.23
CA GLU E 383 17.97 -27.57 -23.68
C GLU E 383 17.32 -26.32 -23.07
N ASN E 384 16.29 -25.82 -23.75
CA ASN E 384 15.66 -24.56 -23.40
C ASN E 384 14.56 -24.66 -22.34
N GLY E 385 14.20 -25.87 -21.95
CA GLY E 385 13.17 -26.08 -20.94
C GLY E 385 13.51 -25.45 -19.60
N HIS E 386 12.49 -25.19 -18.78
CA HIS E 386 12.70 -24.63 -17.45
C HIS E 386 12.79 -25.75 -16.46
N PHE E 387 13.95 -26.38 -16.41
CA PHE E 387 14.20 -27.54 -15.54
C PHE E 387 15.21 -27.26 -14.42
N ILE E 388 14.88 -27.67 -13.22
CA ILE E 388 15.78 -27.60 -12.08
C ILE E 388 15.71 -28.98 -11.41
N GLY E 389 16.87 -29.54 -11.11
CA GLY E 389 16.95 -30.80 -10.38
C GLY E 389 16.77 -30.58 -8.89
N GLY E 390 16.65 -31.69 -8.17
CA GLY E 390 16.47 -31.65 -6.73
C GLY E 390 17.48 -30.79 -5.99
N CYS E 391 17.01 -30.07 -4.98
CA CYS E 391 17.89 -29.24 -4.16
C CYS E 391 17.60 -29.37 -2.67
N LEU E 392 18.63 -29.71 -1.90
CA LEU E 392 18.50 -29.92 -0.47
C LEU E 392 19.53 -29.07 0.28
N PHE E 393 19.02 -28.13 1.09
CA PHE E 393 19.84 -27.30 1.98
C PHE E 393 19.80 -27.78 3.45
N ASP E 394 20.96 -28.22 3.97
CA ASP E 394 21.13 -28.55 5.40
C ASP E 394 21.57 -27.30 6.16
N ASP E 395 21.44 -27.33 7.48
CA ASP E 395 21.89 -26.24 8.36
C ASP E 395 21.34 -24.88 7.99
N VAL E 396 20.09 -24.84 7.54
CA VAL E 396 19.42 -23.58 7.23
C VAL E 396 18.99 -22.94 8.56
N THR E 397 19.01 -21.62 8.59
CA THR E 397 18.77 -20.85 9.81
C THR E 397 17.54 -19.96 9.67
N PRO E 398 16.78 -19.76 10.76
CA PRO E 398 15.64 -18.82 10.81
C PRO E 398 15.98 -17.42 10.31
N ASP E 399 17.26 -17.05 10.42
CA ASP E 399 17.77 -15.76 9.95
C ASP E 399 17.89 -15.69 8.44
N MSE E 400 17.97 -16.85 7.80
CA MSE E 400 18.26 -16.96 6.36
C MSE E 400 17.10 -16.70 5.43
O MSE E 400 15.97 -17.13 5.69
CB MSE E 400 18.72 -18.39 6.09
CG MSE E 400 20.08 -18.67 6.69
SE MSE E 400 20.88 -20.23 5.78
CE MSE E 400 22.48 -20.34 6.96
N ASP E 401 17.42 -16.01 4.33
CA ASP E 401 16.53 -15.78 3.17
C ASP E 401 15.59 -16.95 2.85
N ILE E 402 16.19 -18.11 2.63
CA ILE E 402 15.51 -19.37 2.37
C ILE E 402 14.33 -19.60 3.34
N TYR E 403 14.65 -19.82 4.62
CA TYR E 403 13.66 -20.08 5.65
C TYR E 403 12.40 -19.20 5.46
N LYS E 404 12.57 -17.87 5.51
CA LYS E 404 11.41 -16.94 5.57
C LYS E 404 10.61 -16.66 4.26
N THR E 405 11.11 -17.15 3.12
CA THR E 405 10.59 -16.78 1.77
C THR E 405 9.89 -17.96 1.06
N GLU E 406 8.82 -17.71 0.32
CA GLU E 406 8.19 -18.81 -0.40
C GLU E 406 8.93 -19.08 -1.72
N ILE E 407 9.69 -20.17 -1.74
CA ILE E 407 10.52 -20.57 -2.91
C ILE E 407 9.67 -21.13 -4.10
N PHE E 408 8.83 -22.12 -3.80
CA PHE E 408 7.89 -22.68 -4.77
C PHE E 408 8.63 -23.55 -5.80
N GLY E 409 9.91 -23.79 -5.54
CA GLY E 409 10.75 -24.61 -6.40
C GLY E 409 11.15 -25.89 -5.69
N PRO E 410 11.85 -26.80 -6.40
CA PRO E 410 12.25 -28.08 -5.81
C PRO E 410 13.46 -27.90 -4.89
N VAL E 411 13.25 -27.12 -3.83
CA VAL E 411 14.26 -26.86 -2.83
C VAL E 411 13.63 -26.98 -1.45
N LEU E 412 13.91 -28.11 -0.81
CA LEU E 412 13.59 -28.30 0.60
C LEU E 412 14.78 -27.84 1.45
N SER E 413 14.47 -27.29 2.63
CA SER E 413 15.52 -26.82 3.55
C SER E 413 15.42 -27.50 4.92
N VAL E 414 16.45 -28.26 5.26
CA VAL E 414 16.51 -28.89 6.58
C VAL E 414 16.96 -27.87 7.63
N VAL E 415 16.19 -27.74 8.70
CA VAL E 415 16.62 -26.95 9.85
C VAL E 415 16.72 -27.86 11.06
N ARG E 416 17.93 -27.94 11.62
CA ARG E 416 18.24 -28.81 12.75
C ARG E 416 17.61 -28.26 14.04
N ALA E 417 16.91 -29.13 14.76
CA ALA E 417 16.23 -28.81 16.02
C ALA E 417 16.90 -29.51 17.19
N ARG E 418 16.88 -28.86 18.36
CA ARG E 418 17.56 -29.36 19.56
C ARG E 418 16.69 -30.24 20.45
N ASN E 419 15.45 -29.82 20.65
CA ASN E 419 14.47 -30.56 21.43
C ASN E 419 13.07 -30.30 20.86
N TYR E 420 12.04 -30.79 21.53
CA TYR E 420 10.65 -30.61 21.09
C TYR E 420 10.20 -29.15 21.14
N GLU E 421 10.29 -28.55 22.32
CA GLU E 421 9.77 -27.20 22.57
C GLU E 421 10.32 -26.13 21.60
N GLU E 422 11.61 -26.27 21.25
CA GLU E 422 12.27 -25.43 20.27
C GLU E 422 11.75 -25.77 18.86
N ALA E 423 11.75 -27.06 18.53
CA ALA E 423 11.29 -27.56 17.22
C ALA E 423 9.93 -27.01 16.83
N LEU E 424 9.05 -26.86 17.83
CA LEU E 424 7.71 -26.33 17.63
C LEU E 424 7.71 -24.84 17.40
N SER E 425 8.70 -24.15 17.95
CA SER E 425 8.78 -22.70 17.83
C SER E 425 8.95 -22.22 16.36
N LEU E 426 9.58 -23.06 15.52
CA LEU E 426 9.89 -22.71 14.13
C LEU E 426 8.66 -22.50 13.21
N PRO E 427 7.66 -23.42 13.27
CA PRO E 427 6.43 -23.09 12.57
C PRO E 427 5.57 -22.07 13.33
N MSE E 428 5.57 -22.14 14.67
CA MSE E 428 4.90 -21.15 15.51
C MSE E 428 5.30 -19.78 15.08
O MSE E 428 4.47 -18.95 14.76
CB MSE E 428 5.32 -21.25 16.97
CG MSE E 428 4.49 -22.18 17.85
SE MSE E 428 2.63 -21.57 18.08
CE MSE E 428 2.95 -19.74 18.78
N LYS E 429 6.62 -19.55 15.04
CA LYS E 429 7.18 -18.21 14.84
C LYS E 429 6.94 -17.62 13.45
N HIS E 430 6.97 -18.47 12.42
CA HIS E 430 6.91 -18.03 10.99
C HIS E 430 5.71 -17.20 10.63
N GLU E 431 5.81 -16.50 9.49
CA GLU E 431 4.70 -15.69 8.99
C GLU E 431 3.56 -16.57 8.43
N TYR E 432 3.89 -17.47 7.50
CA TYR E 432 2.89 -18.35 6.88
C TYR E 432 2.48 -19.48 7.79
N GLY E 433 1.16 -19.67 7.92
CA GLY E 433 0.59 -20.73 8.75
C GLY E 433 -0.37 -21.63 8.00
N ASN E 434 0.04 -22.09 6.84
CA ASN E 434 -0.84 -22.92 6.00
C ASN E 434 -0.91 -24.37 6.50
N GLY E 435 0.16 -25.14 6.27
CA GLY E 435 0.23 -26.54 6.69
C GLY E 435 1.43 -26.90 7.58
N VAL E 436 1.24 -27.88 8.46
CA VAL E 436 2.28 -28.34 9.36
C VAL E 436 2.22 -29.86 9.48
N ALA E 437 3.24 -30.45 10.08
CA ALA E 437 3.25 -31.88 10.27
C ALA E 437 4.19 -32.29 11.40
N ILE E 438 3.72 -33.21 12.23
CA ILE E 438 4.58 -33.82 13.21
C ILE E 438 4.56 -35.32 12.96
N TYR E 439 5.75 -35.89 12.90
CA TYR E 439 5.88 -37.30 12.61
C TYR E 439 6.51 -37.91 13.85
N THR E 440 5.68 -38.67 14.56
CA THR E 440 5.99 -39.15 15.90
C THR E 440 5.17 -40.40 16.20
N ARG E 441 5.54 -41.11 17.24
CA ARG E 441 4.72 -42.20 17.67
C ARG E 441 3.98 -41.88 18.97
N ASP E 442 4.20 -40.69 19.53
CA ASP E 442 3.92 -40.46 20.94
C ASP E 442 2.46 -40.17 21.31
N GLY E 443 1.72 -39.53 20.43
CA GLY E 443 0.31 -39.29 20.77
C GLY E 443 0.12 -38.21 21.82
N ASP E 444 1.01 -38.17 22.81
CA ASP E 444 1.13 -37.03 23.73
C ASP E 444 1.83 -35.88 23.01
N ALA E 445 2.86 -36.19 22.25
CA ALA E 445 3.57 -35.18 21.47
C ALA E 445 2.65 -34.68 20.37
N ALA E 446 2.00 -35.61 19.68
CA ALA E 446 1.07 -35.31 18.59
C ALA E 446 -0.02 -34.34 19.00
N ARG E 447 -0.67 -34.64 20.13
CA ARG E 447 -1.80 -33.84 20.63
C ARG E 447 -1.32 -32.47 21.05
N ASP E 448 -0.36 -32.42 21.97
CA ASP E 448 0.17 -31.16 22.46
C ASP E 448 0.49 -30.23 21.29
N PHE E 449 1.18 -30.79 20.29
CA PHE E 449 1.65 -30.11 19.08
C PHE E 449 0.48 -29.63 18.23
N ALA E 450 -0.36 -30.58 17.83
CA ALA E 450 -1.52 -30.31 17.01
C ALA E 450 -2.49 -29.37 17.75
N SER E 451 -2.45 -29.42 19.06
CA SER E 451 -3.32 -28.59 19.86
C SER E 451 -2.81 -27.16 19.94
N ARG E 452 -1.51 -26.96 19.94
CA ARG E 452 -1.02 -25.64 20.32
C ARG E 452 -0.65 -24.73 19.17
N ILE E 453 -0.44 -25.31 18.00
CA ILE E 453 0.19 -24.59 16.91
C ILE E 453 -0.64 -23.47 16.25
N ASN E 454 0.08 -22.68 15.44
CA ASN E 454 -0.43 -21.51 14.72
C ASN E 454 -0.94 -21.90 13.32
N ILE E 455 -1.32 -23.16 13.13
CA ILE E 455 -1.40 -23.65 11.75
C ILE E 455 -2.71 -24.41 11.39
N GLY E 456 -3.44 -23.83 10.43
CA GLY E 456 -4.76 -24.28 9.99
C GLY E 456 -4.93 -25.75 9.76
N MSE E 457 -4.14 -26.30 8.86
CA MSE E 457 -4.17 -27.74 8.58
C MSE E 457 -2.99 -28.44 9.20
O MSE E 457 -1.86 -28.04 8.96
CB MSE E 457 -4.23 -27.93 7.08
CG MSE E 457 -5.61 -27.43 6.69
SE MSE E 457 -5.49 -26.16 5.19
CE MSE E 457 -4.93 -27.53 3.91
N VAL E 458 -3.25 -29.47 9.99
CA VAL E 458 -2.20 -30.12 10.77
C VAL E 458 -2.09 -31.61 10.44
N GLY E 459 -0.87 -32.09 10.22
CA GLY E 459 -0.68 -33.47 9.84
C GLY E 459 0.08 -34.32 10.84
N VAL E 460 -0.59 -35.30 11.43
CA VAL E 460 0.08 -36.24 12.32
C VAL E 460 0.46 -37.47 11.51
N ASN E 461 1.74 -37.55 11.13
CA ASN E 461 2.27 -38.64 10.29
C ASN E 461 1.71 -38.68 8.84
N VAL E 462 1.13 -37.54 8.42
CA VAL E 462 0.71 -37.28 7.05
C VAL E 462 1.48 -36.05 6.51
N PRO E 463 2.05 -36.16 5.29
CA PRO E 463 2.93 -35.11 4.75
C PRO E 463 2.22 -33.83 4.28
N ILE E 464 1.14 -33.97 3.53
CA ILE E 464 0.37 -32.82 3.05
C ILE E 464 -1.03 -32.82 3.70
N PRO E 465 -1.26 -31.94 4.70
CA PRO E 465 -2.44 -32.01 5.59
C PRO E 465 -3.70 -31.34 5.04
N VAL E 466 -3.88 -31.40 3.73
CA VAL E 466 -5.01 -30.75 3.04
C VAL E 466 -6.30 -31.53 3.21
N PRO E 467 -7.28 -30.96 3.93
CA PRO E 467 -8.55 -31.63 4.22
C PRO E 467 -9.36 -31.91 2.97
N LEU E 468 -10.11 -33.02 3.03
CA LEU E 468 -10.98 -33.44 1.96
C LEU E 468 -12.12 -32.48 1.78
N ALA E 469 -12.77 -32.55 0.61
CA ALA E 469 -13.79 -31.56 0.16
C ALA E 469 -14.98 -31.33 1.11
N TYR E 470 -15.33 -32.34 1.92
CA TYR E 470 -16.33 -32.17 3.01
C TYR E 470 -15.81 -31.44 4.27
N HIS E 471 -14.49 -31.42 4.48
CA HIS E 471 -13.95 -30.52 5.47
C HIS E 471 -13.59 -29.18 4.87
N SER E 472 -12.98 -28.30 5.67
CA SER E 472 -12.61 -26.94 5.24
C SER E 472 -11.12 -26.84 4.95
N PHE E 473 -10.76 -26.22 3.83
CA PHE E 473 -9.37 -25.82 3.62
C PHE E 473 -9.15 -24.38 4.04
N GLY E 474 -8.18 -24.16 4.94
CA GLY E 474 -7.77 -22.82 5.35
C GLY E 474 -6.49 -22.78 6.13
N GLY E 475 -5.71 -21.73 5.90
CA GLY E 475 -4.52 -21.42 6.69
C GLY E 475 -4.80 -20.44 7.83
N TRP E 476 -3.76 -20.13 8.58
CA TRP E 476 -3.88 -19.22 9.67
C TRP E 476 -2.84 -18.18 9.62
N LYS E 477 -3.05 -17.18 10.45
CA LYS E 477 -2.10 -16.13 10.52
C LYS E 477 -2.17 -15.31 9.29
N SER E 478 -1.10 -15.29 8.53
CA SER E 478 -1.01 -14.41 7.41
C SER E 478 -1.30 -15.23 6.21
N SER E 479 -1.92 -16.39 6.36
CA SER E 479 -2.21 -17.25 5.25
C SER E 479 -3.71 -17.33 4.87
N SER E 480 -4.52 -16.43 5.49
CA SER E 480 -5.95 -16.36 5.24
C SER E 480 -6.52 -15.03 5.72
N PHE E 481 -7.53 -14.55 4.99
CA PHE E 481 -8.15 -13.27 5.25
C PHE E 481 -9.60 -13.51 5.00
N GLY E 482 -10.41 -13.19 6.00
CA GLY E 482 -11.80 -13.61 6.00
C GLY E 482 -11.98 -14.56 7.17
N ASP E 483 -13.20 -15.07 7.31
CA ASP E 483 -13.58 -15.87 8.48
C ASP E 483 -14.42 -17.06 8.06
N LEU E 484 -14.25 -17.48 6.81
CA LEU E 484 -14.85 -18.70 6.31
C LEU E 484 -13.89 -19.36 5.34
N ASN E 485 -13.75 -20.67 5.46
CA ASN E 485 -12.77 -21.41 4.67
C ASN E 485 -13.20 -21.77 3.23
N GLN E 486 -12.47 -22.69 2.62
CA GLN E 486 -12.82 -23.25 1.32
C GLN E 486 -13.46 -24.64 1.52
N HIS E 487 -14.39 -25.01 0.67
CA HIS E 487 -15.22 -26.17 0.87
C HIS E 487 -15.86 -26.39 2.22
N GLY E 488 -16.42 -27.58 2.43
CA GLY E 488 -17.16 -27.85 3.66
C GLY E 488 -18.35 -26.93 3.87
N THR E 489 -18.82 -26.86 5.12
CA THR E 489 -19.98 -26.04 5.52
C THR E 489 -19.76 -24.55 5.32
N ASP E 490 -18.49 -24.12 5.44
CA ASP E 490 -18.11 -22.73 5.30
C ASP E 490 -18.34 -22.28 3.87
N SER E 491 -18.04 -23.14 2.91
CA SER E 491 -18.34 -22.84 1.51
C SER E 491 -19.78 -22.39 1.32
N ILE E 492 -20.71 -23.14 1.92
CA ILE E 492 -22.13 -22.77 1.91
C ILE E 492 -22.38 -21.48 2.67
N LYS E 493 -21.64 -21.23 3.75
CA LYS E 493 -21.82 -20.00 4.51
C LYS E 493 -21.38 -18.76 3.69
N PHE E 494 -20.30 -18.92 2.94
CA PHE E 494 -19.81 -17.85 2.10
C PHE E 494 -20.88 -17.40 1.12
N TRP E 495 -21.41 -18.35 0.35
CA TRP E 495 -22.24 -18.09 -0.83
C TRP E 495 -23.70 -17.85 -0.55
N THR E 496 -23.99 -17.64 0.72
CA THR E 496 -25.34 -17.67 1.21
C THR E 496 -25.56 -16.48 2.11
N ARG E 497 -26.74 -15.88 2.02
CA ARG E 497 -27.16 -14.83 2.94
C ARG E 497 -28.29 -15.38 3.82
N THR E 498 -28.35 -14.97 5.07
CA THR E 498 -29.39 -15.48 5.96
C THR E 498 -30.54 -14.52 6.03
N LYS E 499 -31.72 -15.08 5.81
CA LYS E 499 -32.97 -14.38 5.96
C LYS E 499 -33.60 -14.99 7.19
N THR E 500 -34.03 -14.17 8.15
CA THR E 500 -34.81 -14.69 9.28
C THR E 500 -36.21 -14.11 9.31
N ILE E 501 -37.20 -15.01 9.31
CA ILE E 501 -38.62 -14.63 9.34
C ILE E 501 -39.20 -14.88 10.71
N THR E 502 -39.83 -13.86 11.26
CA THR E 502 -40.62 -14.03 12.48
C THR E 502 -42.05 -13.83 12.03
N SER E 503 -42.91 -14.81 12.30
CA SER E 503 -44.30 -14.73 11.87
C SER E 503 -45.31 -15.20 12.91
N ARG E 504 -46.53 -14.66 12.78
CA ARG E 504 -47.67 -14.95 13.65
C ARG E 504 -48.93 -14.54 12.88
N TRP E 505 -50.10 -14.98 13.36
CA TRP E 505 -51.38 -14.74 12.66
C TRP E 505 -52.48 -14.24 13.56
N PRO E 506 -53.15 -13.16 13.10
CA PRO E 506 -54.41 -12.67 13.66
C PRO E 506 -55.53 -13.70 13.51
N SER E 507 -56.53 -13.63 14.38
CA SER E 507 -57.70 -14.52 14.30
C SER E 507 -58.53 -14.25 13.02
N GLY E 508 -59.27 -15.29 12.58
CA GLY E 508 -60.06 -15.26 11.34
C GLY E 508 -61.05 -16.41 11.29
N ILE E 509 -61.30 -16.95 10.09
CA ILE E 509 -62.26 -18.05 9.88
C ILE E 509 -62.22 -19.07 11.05
N LYS E 510 -61.01 -19.54 11.41
CA LYS E 510 -60.67 -20.13 12.72
C LYS E 510 -59.23 -20.62 12.72
N GLU F 26 -16.38 12.20 35.10
CA GLU F 26 -15.46 11.54 36.07
C GLU F 26 -15.20 10.06 35.70
N LEU F 27 -15.87 9.57 34.64
CA LEU F 27 -15.73 8.19 34.18
C LEU F 27 -14.42 8.00 33.41
N GLY F 28 -13.81 6.82 33.55
CA GLY F 28 -12.53 6.51 32.90
C GLY F 28 -12.49 5.28 31.99
N HIS F 29 -11.55 4.38 32.26
CA HIS F 29 -11.46 3.12 31.52
C HIS F 29 -11.67 1.92 32.42
N PHE F 30 -11.65 0.72 31.84
CA PHE F 30 -11.74 -0.55 32.61
C PHE F 30 -10.77 -1.57 32.05
N ILE F 31 -9.55 -1.58 32.58
CA ILE F 31 -8.53 -2.48 32.07
C ILE F 31 -8.09 -3.43 33.19
N ASP F 32 -7.81 -4.68 32.82
CA ASP F 32 -7.14 -5.64 33.70
C ASP F 32 -7.94 -5.86 34.99
N GLY F 33 -9.25 -5.63 34.90
CA GLY F 33 -10.21 -5.97 35.97
C GLY F 33 -10.62 -4.85 36.92
N LYS F 34 -10.20 -3.62 36.60
CA LYS F 34 -10.39 -2.46 37.50
C LYS F 34 -10.93 -1.23 36.77
N ARG F 35 -11.35 -0.24 37.56
CA ARG F 35 -11.79 1.07 37.07
C ARG F 35 -10.66 2.07 37.07
N VAL F 36 -9.64 1.87 36.23
CA VAL F 36 -8.59 2.89 36.12
C VAL F 36 -8.93 3.95 35.06
N ALA F 37 -8.89 5.23 35.46
CA ALA F 37 -8.95 6.36 34.50
C ALA F 37 -7.58 6.55 33.85
N GLY F 38 -7.49 6.14 32.59
CA GLY F 38 -6.25 6.19 31.86
C GLY F 38 -6.04 7.65 31.81
N THR F 39 -4.84 8.10 32.08
CA THR F 39 -4.64 9.47 32.41
C THR F 39 -5.09 10.15 31.19
N SER F 40 -6.02 11.09 31.34
CA SER F 40 -6.55 11.80 30.19
C SER F 40 -6.70 13.31 30.31
N GLY F 41 -5.98 14.02 29.44
CA GLY F 41 -6.04 15.47 29.29
C GLY F 41 -7.12 15.80 28.28
N ARG F 42 -7.37 14.85 27.37
CA ARG F 42 -8.48 14.89 26.42
C ARG F 42 -9.62 14.04 26.94
N VAL F 43 -10.74 14.68 27.25
CA VAL F 43 -11.92 13.97 27.73
C VAL F 43 -13.17 14.43 26.98
N SER F 44 -14.03 13.48 26.64
CA SER F 44 -15.30 13.80 25.98
C SER F 44 -16.37 14.11 27.02
N ASN F 45 -17.33 14.94 26.64
CA ASN F 45 -18.42 15.33 27.51
C ASN F 45 -19.61 14.38 27.47
N ILE F 46 -20.12 14.03 28.65
CA ILE F 46 -21.37 13.28 28.73
C ILE F 46 -22.49 14.25 29.14
N PHE F 47 -23.64 14.13 28.47
CA PHE F 47 -24.82 14.92 28.77
C PHE F 47 -25.87 14.05 29.45
N ASN F 48 -26.82 14.65 30.15
CA ASN F 48 -28.12 13.99 30.38
C ASN F 48 -29.05 14.66 29.38
N PRO F 49 -29.61 13.88 28.44
CA PRO F 49 -30.48 14.38 27.36
C PRO F 49 -31.77 15.08 27.83
N ALA F 50 -32.33 14.66 28.98
CA ALA F 50 -33.55 15.24 29.56
C ALA F 50 -33.42 16.72 29.94
N THR F 51 -32.31 17.10 30.56
CA THR F 51 -32.03 18.48 30.91
C THR F 51 -30.95 19.17 30.12
N GLY F 52 -30.32 18.47 29.21
CA GLY F 52 -29.42 19.11 28.29
C GLY F 52 -28.20 19.58 29.03
N GLU F 53 -28.07 19.12 30.25
CA GLU F 53 -27.11 19.62 31.21
C GLU F 53 -25.81 18.98 30.87
N VAL F 54 -24.84 19.15 31.75
CA VAL F 54 -23.65 18.35 31.68
C VAL F 54 -23.62 17.40 32.86
N GLN F 55 -23.20 16.18 32.54
CA GLN F 55 -23.25 15.00 33.40
C GLN F 55 -22.02 14.87 34.08
N GLY F 56 -20.93 15.13 33.51
CA GLY F 56 -19.59 14.72 33.86
C GLY F 56 -18.85 14.31 32.55
N THR F 57 -17.59 13.59 32.65
CA THR F 57 -16.79 13.18 31.42
C THR F 57 -16.31 11.72 31.26
N VAL F 58 -15.90 11.40 30.04
CA VAL F 58 -15.31 10.10 29.74
C VAL F 58 -13.95 10.27 29.09
N ALA F 59 -12.97 9.57 29.66
CA ALA F 59 -11.65 9.48 29.08
C ALA F 59 -11.69 9.10 27.60
N LEU F 60 -10.87 9.78 26.81
CA LEU F 60 -10.64 9.36 25.44
C LEU F 60 -9.30 8.66 25.41
N ALA F 61 -9.28 7.48 24.77
CA ALA F 61 -8.15 6.57 24.87
C ALA F 61 -6.92 7.07 24.17
N SER F 62 -5.88 7.27 24.96
CA SER F 62 -4.55 7.42 24.43
C SER F 62 -4.27 6.18 23.59
N ASP F 63 -3.27 6.29 22.73
CA ASP F 63 -2.76 5.15 22.00
C ASP F 63 -2.17 4.11 22.96
N ALA F 64 -1.68 4.57 24.12
CA ALA F 64 -1.07 3.70 25.16
C ALA F 64 -2.05 2.99 26.11
N ASP F 65 -3.28 3.48 26.22
CA ASP F 65 -4.31 2.80 27.02
C ASP F 65 -4.72 1.50 26.30
N LEU F 66 -4.84 1.60 24.98
CA LEU F 66 -5.07 0.42 24.15
C LEU F 66 -3.88 -0.52 24.25
N ALA F 67 -2.68 0.06 24.18
CA ALA F 67 -1.45 -0.69 24.37
C ALA F 67 -1.54 -1.54 25.63
N ALA F 68 -2.10 -0.96 26.71
CA ALA F 68 -2.26 -1.65 28.00
C ALA F 68 -3.33 -2.76 28.01
N ALA F 69 -4.41 -2.57 27.25
CA ALA F 69 -5.53 -3.52 27.19
C ALA F 69 -5.17 -4.79 26.40
N VAL F 70 -4.43 -4.60 25.31
CA VAL F 70 -3.89 -5.70 24.50
C VAL F 70 -2.86 -6.50 25.32
N GLU F 71 -2.07 -5.77 26.09
CA GLU F 71 -1.11 -6.36 27.01
C GLU F 71 -1.73 -7.20 28.12
N SER F 72 -2.88 -6.79 28.66
CA SER F 72 -3.65 -7.62 29.61
C SER F 72 -4.31 -8.78 28.87
N ALA F 73 -4.90 -8.49 27.71
CA ALA F 73 -5.48 -9.51 26.86
C ALA F 73 -4.49 -10.67 26.68
N LYS F 74 -3.41 -10.45 25.95
CA LYS F 74 -2.41 -11.51 25.69
C LYS F 74 -1.90 -12.22 26.95
N ALA F 75 -1.95 -11.55 28.09
CA ALA F 75 -1.46 -12.10 29.35
C ALA F 75 -2.44 -13.06 30.03
N ALA F 76 -3.74 -12.74 30.00
CA ALA F 76 -4.75 -13.50 30.76
C ALA F 76 -5.70 -14.44 29.95
N GLN F 77 -5.59 -14.37 28.62
CA GLN F 77 -6.43 -15.15 27.72
C GLN F 77 -6.03 -16.61 27.61
N PRO F 78 -4.72 -16.91 27.45
CA PRO F 78 -4.41 -18.36 27.38
C PRO F 78 -4.99 -19.17 28.57
N LYS F 79 -4.96 -18.56 29.76
CA LYS F 79 -5.62 -19.08 30.96
C LYS F 79 -7.07 -19.35 30.68
N TRP F 80 -7.79 -18.28 30.32
CA TRP F 80 -9.19 -18.36 29.91
C TRP F 80 -9.39 -19.42 28.86
N ALA F 81 -8.71 -19.29 27.72
CA ALA F 81 -8.92 -20.24 26.65
C ALA F 81 -8.78 -21.68 27.13
N ALA F 82 -7.92 -21.90 28.12
CA ALA F 82 -7.65 -23.25 28.65
C ALA F 82 -8.55 -23.69 29.83
N THR F 83 -9.48 -22.83 30.24
CA THR F 83 -10.49 -23.21 31.22
C THR F 83 -11.57 -23.94 30.46
N ASN F 84 -12.01 -25.09 30.98
CA ASN F 84 -12.94 -25.96 30.25
C ASN F 84 -14.33 -25.34 30.02
N PRO F 85 -15.04 -25.82 28.98
CA PRO F 85 -16.13 -25.05 28.41
C PRO F 85 -17.33 -24.86 29.33
N GLN F 86 -17.53 -25.74 30.29
CA GLN F 86 -18.69 -25.62 31.17
C GLN F 86 -18.36 -24.80 32.41
N ARG F 87 -17.07 -24.60 32.66
CA ARG F 87 -16.67 -23.63 33.67
C ARG F 87 -16.86 -22.23 33.11
N ARG F 88 -16.49 -22.04 31.84
CA ARG F 88 -16.77 -20.79 31.17
C ARG F 88 -18.25 -20.49 31.18
N ALA F 89 -19.07 -21.49 30.88
CA ALA F 89 -20.52 -21.34 30.86
C ALA F 89 -21.03 -20.93 32.23
N ARG F 90 -20.51 -21.55 33.29
CA ARG F 90 -20.91 -21.24 34.66
C ARG F 90 -20.71 -19.79 35.06
N VAL F 91 -19.62 -19.18 34.58
CA VAL F 91 -19.42 -17.73 34.72
C VAL F 91 -20.66 -17.05 34.19
N PHE F 92 -20.97 -17.32 32.92
CA PHE F 92 -22.12 -16.75 32.24
C PHE F 92 -23.47 -17.00 32.94
N MSE F 93 -23.65 -18.15 33.56
CA MSE F 93 -24.92 -18.43 34.22
C MSE F 93 -25.08 -17.51 35.39
O MSE F 93 -26.14 -16.91 35.57
CB MSE F 93 -25.01 -19.84 34.76
CG MSE F 93 -24.52 -20.92 33.79
SE MSE F 93 -24.82 -22.67 34.65
CE MSE F 93 -26.33 -22.06 35.79
N LYS F 94 -24.00 -17.40 36.18
CA LYS F 94 -23.97 -16.58 37.39
C LYS F 94 -24.09 -15.10 37.05
N PHE F 95 -23.56 -14.76 35.89
CA PHE F 95 -23.68 -13.45 35.30
C PHE F 95 -25.12 -13.04 34.99
N VAL F 96 -25.90 -13.97 34.46
CA VAL F 96 -27.32 -13.71 34.18
C VAL F 96 -28.03 -13.30 35.46
N GLN F 97 -27.63 -13.92 36.56
CA GLN F 97 -28.11 -13.55 37.87
C GLN F 97 -27.76 -12.13 38.26
N LEU F 98 -26.49 -11.77 38.13
CA LEU F 98 -26.03 -10.44 38.53
C LEU F 98 -26.73 -9.34 37.74
N LEU F 99 -27.18 -9.68 36.54
CA LEU F 99 -27.99 -8.79 35.72
C LEU F 99 -29.38 -8.64 36.33
N ASN F 100 -29.95 -9.76 36.78
CA ASN F 100 -31.29 -9.77 37.35
C ASN F 100 -31.50 -8.76 38.46
N ASP F 101 -30.56 -8.70 39.42
CA ASP F 101 -30.75 -7.86 40.60
C ASP F 101 -29.88 -6.60 40.58
N ASN F 102 -29.31 -6.32 39.41
CA ASN F 102 -28.71 -5.01 39.12
C ASN F 102 -29.47 -4.34 37.98
N MSE F 103 -30.53 -5.00 37.53
CA MSE F 103 -31.39 -4.51 36.46
C MSE F 103 -31.71 -3.05 36.69
O MSE F 103 -31.57 -2.21 35.78
CB MSE F 103 -32.64 -5.40 36.44
CG MSE F 103 -33.53 -5.31 35.20
SE MSE F 103 -32.62 -5.56 33.46
CE MSE F 103 -32.42 -3.64 33.01
N ASN F 104 -32.08 -2.70 37.92
CA ASN F 104 -32.49 -1.35 38.23
C ASN F 104 -31.36 -0.32 38.14
N GLU F 105 -30.25 -0.56 38.85
CA GLU F 105 -29.09 0.38 38.82
C GLU F 105 -28.58 0.62 37.41
N LEU F 106 -28.76 -0.39 36.56
CA LEU F 106 -28.34 -0.36 35.16
C LEU F 106 -29.40 0.33 34.30
N ALA F 107 -30.65 0.30 34.76
CA ALA F 107 -31.75 1.01 34.10
C ALA F 107 -31.65 2.53 34.34
N GLU F 108 -31.54 2.93 35.62
CA GLU F 108 -31.35 4.33 35.95
C GLU F 108 -30.20 4.84 35.08
N MSE F 109 -29.08 4.14 35.16
CA MSE F 109 -27.81 4.53 34.56
C MSE F 109 -27.79 4.66 33.06
O MSE F 109 -27.13 5.54 32.52
CB MSE F 109 -26.84 3.42 34.92
CG MSE F 109 -25.37 3.84 35.01
SE MSE F 109 -24.37 2.15 35.13
CE MSE F 109 -24.85 1.67 36.99
N LEU F 110 -28.49 3.76 32.35
CA LEU F 110 -28.55 3.82 30.90
C LEU F 110 -29.41 5.02 30.48
N SER F 111 -30.65 5.05 30.98
CA SER F 111 -31.63 6.08 30.62
C SER F 111 -31.06 7.47 30.81
N ARG F 112 -30.43 7.68 31.97
CA ARG F 112 -29.82 8.95 32.36
C ARG F 112 -28.84 9.45 31.31
N GLU F 113 -28.33 8.57 30.46
CA GLU F 113 -27.23 8.81 29.50
C GLU F 113 -27.67 8.80 28.03
N HIS F 114 -28.39 7.73 27.61
CA HIS F 114 -29.02 7.68 26.30
C HIS F 114 -30.24 8.56 26.27
N GLY F 115 -31.03 8.51 27.34
CA GLY F 115 -32.22 9.36 27.49
C GLY F 115 -33.52 8.65 27.21
N LYS F 116 -33.45 7.36 26.89
CA LYS F 116 -34.63 6.55 26.64
C LYS F 116 -35.40 6.33 27.96
N THR F 117 -36.53 5.63 27.90
CA THR F 117 -37.29 5.27 29.11
C THR F 117 -36.53 4.25 29.96
N ILE F 118 -37.00 4.03 31.19
CA ILE F 118 -36.57 2.86 31.97
C ILE F 118 -36.97 1.52 31.34
N ASP F 119 -38.22 1.39 30.89
CA ASP F 119 -38.66 0.13 30.29
C ASP F 119 -37.87 -0.29 29.08
N ASP F 120 -37.50 0.68 28.25
CA ASP F 120 -36.69 0.44 27.06
C ASP F 120 -35.23 0.10 27.43
N ALA F 121 -34.69 0.77 28.45
CA ALA F 121 -33.36 0.41 28.99
C ALA F 121 -33.35 -1.02 29.57
N LYS F 122 -34.52 -1.51 29.98
CA LYS F 122 -34.66 -2.88 30.49
C LYS F 122 -34.62 -3.89 29.35
N GLY F 123 -35.36 -3.59 28.28
CA GLY F 123 -35.29 -4.35 27.04
C GLY F 123 -33.91 -4.30 26.42
N ASP F 124 -33.26 -3.13 26.51
CA ASP F 124 -31.88 -2.91 26.01
C ASP F 124 -30.97 -4.02 26.54
N ILE F 125 -31.08 -4.32 27.82
CA ILE F 125 -30.20 -5.31 28.40
C ILE F 125 -30.83 -6.62 28.90
N VAL F 126 -32.15 -6.79 28.71
CA VAL F 126 -32.73 -8.14 28.81
C VAL F 126 -32.42 -8.92 27.54
N ARG F 127 -32.69 -8.30 26.38
CA ARG F 127 -32.32 -8.90 25.10
C ARG F 127 -30.80 -9.12 24.96
N GLY F 128 -30.02 -8.39 25.75
CA GLY F 128 -28.58 -8.63 25.88
C GLY F 128 -28.35 -9.81 26.82
N LEU F 129 -29.11 -9.85 27.91
CA LEU F 129 -29.04 -10.94 28.87
C LEU F 129 -29.29 -12.29 28.23
N GLU F 130 -30.14 -12.29 27.20
CA GLU F 130 -30.54 -13.53 26.51
C GLU F 130 -29.44 -14.11 25.65
N VAL F 131 -28.64 -13.25 25.03
CA VAL F 131 -27.44 -13.71 24.32
C VAL F 131 -26.53 -14.49 25.27
N CYS F 132 -26.46 -14.03 26.52
CA CYS F 132 -25.65 -14.70 27.54
C CYS F 132 -26.22 -16.04 27.91
N GLU F 133 -27.56 -16.16 27.95
CA GLU F 133 -28.20 -17.46 28.13
C GLU F 133 -27.78 -18.35 26.98
N PHE F 134 -27.98 -17.88 25.75
CA PHE F 134 -27.61 -18.65 24.56
C PHE F 134 -26.20 -19.17 24.72
N VAL F 135 -25.33 -18.31 25.25
CA VAL F 135 -23.92 -18.60 25.29
C VAL F 135 -23.56 -19.60 26.39
N ILE F 136 -24.48 -19.83 27.34
CA ILE F 136 -24.33 -20.90 28.32
C ILE F 136 -24.16 -22.28 27.66
N GLY F 137 -24.77 -22.46 26.49
CA GLY F 137 -24.64 -23.69 25.71
C GLY F 137 -23.34 -23.80 24.94
N ILE F 138 -22.37 -22.96 25.29
CA ILE F 138 -21.10 -22.97 24.61
C ILE F 138 -20.48 -24.38 24.45
N PRO F 139 -20.57 -25.25 25.49
CA PRO F 139 -20.00 -26.59 25.28
C PRO F 139 -20.50 -27.31 24.02
N HIS F 140 -21.82 -27.41 23.85
CA HIS F 140 -22.40 -28.01 22.64
C HIS F 140 -22.11 -27.14 21.46
N LEU F 141 -22.46 -25.86 21.61
CA LEU F 141 -22.31 -24.87 20.52
C LEU F 141 -20.93 -24.81 19.90
N GLN F 142 -19.88 -25.18 20.65
CA GLN F 142 -18.50 -25.09 20.16
C GLN F 142 -17.93 -26.40 19.58
N LYS F 143 -18.74 -27.45 19.50
CA LYS F 143 -18.32 -28.73 18.92
C LYS F 143 -17.90 -28.65 17.44
N SER F 144 -16.78 -29.27 17.14
CA SER F 144 -16.31 -29.39 15.77
C SER F 144 -16.60 -30.80 15.25
N GLU F 145 -16.19 -31.09 14.02
CA GLU F 145 -16.62 -32.31 13.33
C GLU F 145 -15.49 -33.33 13.27
N PHE F 146 -15.88 -34.59 13.28
CA PHE F 146 -14.90 -35.67 13.30
C PHE F 146 -15.33 -36.75 12.34
N THR F 147 -14.34 -37.33 11.66
CA THR F 147 -14.58 -38.35 10.64
C THR F 147 -13.58 -39.44 10.88
N GLU F 148 -14.04 -40.69 10.88
CA GLU F 148 -13.12 -41.85 10.94
C GLU F 148 -12.95 -42.46 9.55
N GLY F 149 -11.69 -42.70 9.17
CA GLY F 149 -11.42 -43.43 7.94
C GLY F 149 -11.61 -42.65 6.66
N ALA F 150 -11.30 -41.38 6.66
CA ALA F 150 -11.24 -40.65 5.46
C ALA F 150 -10.18 -41.38 4.74
N GLY F 151 -9.18 -41.82 5.50
CA GLY F 151 -8.00 -42.39 4.96
C GLY F 151 -7.93 -43.80 5.39
N PRO F 152 -7.02 -44.56 4.84
CA PRO F 152 -6.93 -45.95 5.25
C PRO F 152 -6.07 -46.01 6.49
N GLY F 153 -6.75 -45.91 7.62
CA GLY F 153 -6.19 -45.59 8.90
C GLY F 153 -6.15 -44.13 9.23
N ILE F 154 -6.73 -43.31 8.38
CA ILE F 154 -6.57 -41.85 8.46
C ILE F 154 -7.82 -41.17 8.99
N ASP F 155 -7.68 -40.48 10.11
CA ASP F 155 -8.82 -39.78 10.70
C ASP F 155 -8.71 -38.27 10.47
N MSE F 156 -9.86 -37.65 10.26
CA MSE F 156 -9.89 -36.23 10.01
C MSE F 156 -10.87 -35.65 10.97
O MSE F 156 -11.99 -36.16 11.14
CB MSE F 156 -10.40 -36.01 8.58
CG MSE F 156 -10.08 -34.63 8.00
SE MSE F 156 -10.26 -34.80 6.05
CE MSE F 156 -8.51 -35.58 5.59
N TYR F 157 -10.44 -34.58 11.62
CA TYR F 157 -11.28 -33.88 12.55
C TYR F 157 -10.80 -32.47 12.64
N SER F 158 -11.70 -31.57 13.00
CA SER F 158 -11.37 -30.18 13.18
C SER F 158 -11.60 -29.79 14.63
N ILE F 159 -11.01 -28.69 15.06
CA ILE F 159 -11.21 -28.13 16.40
C ILE F 159 -11.51 -26.66 16.25
N ARG F 160 -12.36 -26.15 17.13
CA ARG F 160 -12.79 -24.76 17.00
C ARG F 160 -12.19 -23.92 18.10
N GLN F 161 -10.93 -23.53 17.94
CA GLN F 161 -10.25 -22.76 18.98
C GLN F 161 -10.39 -21.27 18.76
N PRO F 162 -10.08 -20.46 19.78
CA PRO F 162 -10.23 -19.01 19.74
C PRO F 162 -9.34 -18.26 18.73
N VAL F 163 -9.87 -17.17 18.21
CA VAL F 163 -9.25 -16.41 17.12
C VAL F 163 -8.03 -15.60 17.61
N GLY F 164 -7.96 -15.42 18.94
CA GLY F 164 -6.96 -14.59 19.63
C GLY F 164 -7.62 -13.53 20.51
N ILE F 165 -7.38 -12.27 20.16
CA ILE F 165 -7.99 -11.12 20.82
C ILE F 165 -8.99 -10.48 19.86
N GLY F 166 -10.14 -10.08 20.41
CA GLY F 166 -11.22 -9.50 19.62
C GLY F 166 -11.64 -8.16 20.15
N ALA F 167 -12.07 -7.28 19.25
CA ALA F 167 -12.52 -5.95 19.61
C ALA F 167 -13.88 -5.71 18.99
N GLY F 168 -14.63 -4.77 19.57
CA GLY F 168 -15.95 -4.46 19.09
C GLY F 168 -16.32 -3.05 19.44
N ILE F 169 -16.60 -2.26 18.40
CA ILE F 169 -17.18 -0.92 18.54
C ILE F 169 -18.68 -1.05 18.71
N THR F 170 -19.24 -0.33 19.67
CA THR F 170 -20.68 -0.32 19.84
C THR F 170 -21.21 1.10 19.73
N PRO F 171 -22.42 1.25 19.16
CA PRO F 171 -23.02 2.57 19.01
C PRO F 171 -23.87 2.97 20.23
N PHE F 172 -24.40 4.20 20.20
CA PHE F 172 -25.13 4.80 21.31
C PHE F 172 -26.55 4.24 21.54
N ASN F 173 -27.12 3.54 20.54
CA ASN F 173 -28.54 3.15 20.57
C ASN F 173 -28.92 2.18 21.67
N PHE F 174 -28.07 1.18 21.88
CA PHE F 174 -28.30 0.15 22.89
C PHE F 174 -26.91 -0.16 23.48
N PRO F 175 -26.49 0.65 24.47
CA PRO F 175 -25.11 0.61 24.93
C PRO F 175 -24.84 -0.52 25.93
N GLY F 176 -25.79 -1.43 26.08
CA GLY F 176 -25.55 -2.68 26.72
C GLY F 176 -25.76 -3.84 25.78
N MSE F 177 -26.87 -3.83 25.08
CA MSE F 177 -27.21 -4.93 24.26
C MSE F 177 -26.23 -5.16 23.16
O MSE F 177 -25.78 -6.26 23.06
CB MSE F 177 -28.63 -4.72 23.77
CG MSE F 177 -29.01 -5.72 22.69
SE MSE F 177 -30.63 -5.29 21.71
CE MSE F 177 -29.72 -4.57 20.17
N ILE F 178 -25.81 -4.19 22.39
CA ILE F 178 -24.83 -4.54 21.36
C ILE F 178 -23.48 -5.02 21.85
N PRO F 179 -23.00 -4.43 22.93
CA PRO F 179 -21.84 -4.99 23.64
C PRO F 179 -21.99 -6.46 24.09
N MSE F 180 -23.05 -6.77 24.86
CA MSE F 180 -23.32 -8.15 25.29
C MSE F 180 -23.41 -9.05 24.07
O MSE F 180 -22.85 -10.13 24.06
CB MSE F 180 -24.62 -8.25 26.09
CG MSE F 180 -24.52 -7.41 27.34
SE MSE F 180 -25.78 -8.05 28.72
CE MSE F 180 -24.39 -8.55 30.03
N TRP F 181 -24.12 -8.58 23.03
CA TRP F 181 -24.15 -9.21 21.71
C TRP F 181 -22.83 -9.67 21.17
N MSE F 182 -21.76 -8.92 21.46
CA MSE F 182 -20.42 -9.24 20.89
C MSE F 182 -19.53 -9.98 21.86
O MSE F 182 -18.87 -10.95 21.47
CB MSE F 182 -19.68 -8.01 20.34
CG MSE F 182 -20.40 -7.24 19.24
SE MSE F 182 -19.70 -5.39 19.07
CE MSE F 182 -20.62 -4.83 17.41
N PHE F 183 -19.50 -9.53 23.12
CA PHE F 183 -18.58 -10.13 24.10
C PHE F 183 -19.02 -11.50 24.64
N ALA F 184 -20.32 -11.66 24.85
CA ALA F 184 -20.83 -12.91 25.38
C ALA F 184 -20.33 -14.04 24.51
N PRO F 185 -20.55 -13.97 23.18
CA PRO F 185 -19.98 -15.04 22.36
C PRO F 185 -18.43 -15.06 22.26
N ALA F 186 -17.80 -13.92 21.94
CA ALA F 186 -16.34 -13.85 21.84
C ALA F 186 -15.59 -14.40 23.08
N ILE F 187 -16.08 -14.07 24.26
CA ILE F 187 -15.50 -14.57 25.50
C ILE F 187 -15.76 -16.07 25.71
N ALA F 188 -16.98 -16.51 25.42
CA ALA F 188 -17.35 -17.92 25.58
C ALA F 188 -16.48 -18.83 24.73
N CYS F 189 -16.03 -18.34 23.58
CA CYS F 189 -15.19 -19.13 22.70
C CYS F 189 -13.71 -19.14 23.11
N GLY F 190 -13.40 -18.62 24.29
CA GLY F 190 -12.01 -18.53 24.77
C GLY F 190 -11.17 -17.35 24.26
N ASN F 191 -11.82 -16.29 23.76
CA ASN F 191 -11.12 -15.08 23.33
C ASN F 191 -11.12 -13.98 24.38
N ALA F 192 -10.07 -13.19 24.39
CA ALA F 192 -10.07 -11.93 25.11
C ALA F 192 -10.75 -10.85 24.25
N PHE F 193 -11.50 -9.95 24.91
CA PHE F 193 -12.32 -8.99 24.18
C PHE F 193 -12.12 -7.56 24.66
N ILE F 194 -11.57 -6.74 23.79
CA ILE F 194 -11.55 -5.30 24.03
C ILE F 194 -12.87 -4.68 23.57
N LEU F 195 -13.60 -4.11 24.52
CA LEU F 195 -14.83 -3.42 24.22
C LEU F 195 -14.56 -1.92 24.04
N LYS F 196 -15.12 -1.30 23.00
CA LYS F 196 -15.08 0.16 22.89
C LYS F 196 -16.46 0.74 22.60
N PRO F 197 -17.13 1.28 23.63
CA PRO F 197 -18.44 1.91 23.40
C PRO F 197 -18.33 3.36 22.89
N SER F 198 -19.49 4.02 22.73
CA SER F 198 -19.51 5.41 22.28
C SER F 198 -19.27 6.38 23.45
N GLU F 199 -18.86 7.59 23.16
CA GLU F 199 -18.63 8.58 24.16
C GLU F 199 -19.89 8.94 24.93
N ARG F 200 -21.01 8.92 24.26
CA ARG F 200 -22.25 9.42 24.76
C ARG F 200 -22.76 8.74 25.96
N ASP F 201 -22.68 7.43 26.02
CA ASP F 201 -23.31 6.69 27.08
C ASP F 201 -22.53 5.53 27.67
N PRO F 202 -21.38 5.77 28.26
CA PRO F 202 -20.42 4.71 28.52
C PRO F 202 -20.46 4.11 29.89
N SER F 203 -21.43 4.52 30.68
CA SER F 203 -21.55 4.03 32.02
C SER F 203 -21.92 2.57 32.13
N VAL F 204 -22.86 2.13 31.34
CA VAL F 204 -23.40 0.77 31.28
C VAL F 204 -22.33 -0.22 30.89
N PRO F 205 -21.66 0.01 29.74
CA PRO F 205 -20.59 -0.88 29.33
C PRO F 205 -19.53 -1.12 30.44
N ILE F 206 -19.06 -0.07 31.11
CA ILE F 206 -18.12 -0.26 32.22
C ILE F 206 -18.74 -1.09 33.36
N ARG F 207 -19.99 -0.80 33.72
CA ARG F 207 -20.68 -1.50 34.82
C ARG F 207 -20.80 -3.03 34.59
N LEU F 208 -21.20 -3.40 33.38
CA LEU F 208 -21.33 -4.80 32.97
C LEU F 208 -20.03 -5.56 33.16
N ALA F 209 -18.95 -4.98 32.61
CA ALA F 209 -17.59 -5.52 32.72
C ALA F 209 -17.16 -5.79 34.16
N GLU F 210 -17.73 -5.02 35.08
CA GLU F 210 -17.44 -5.14 36.50
C GLU F 210 -18.15 -6.32 37.11
N LEU F 211 -19.41 -6.52 36.74
CA LEU F 211 -20.15 -7.69 37.23
C LEU F 211 -19.72 -8.94 36.47
N MSE F 212 -19.03 -8.74 35.36
CA MSE F 212 -18.34 -9.83 34.66
C MSE F 212 -17.24 -10.40 35.53
O MSE F 212 -17.16 -11.61 35.76
CB MSE F 212 -17.71 -9.27 33.38
CG MSE F 212 -18.51 -9.43 32.08
SE MSE F 212 -19.41 -11.19 31.91
CE MSE F 212 -18.69 -11.94 30.25
N ILE F 213 -16.39 -9.49 36.03
CA ILE F 213 -15.25 -9.79 36.91
C ILE F 213 -15.75 -10.34 38.24
N GLU F 214 -16.97 -9.99 38.58
CA GLU F 214 -17.59 -10.42 39.83
C GLU F 214 -18.29 -11.77 39.66
N ALA F 215 -18.55 -12.15 38.41
CA ALA F 215 -19.16 -13.43 38.09
C ALA F 215 -18.07 -14.49 37.96
N GLY F 216 -16.82 -14.06 38.13
CA GLY F 216 -15.69 -14.99 38.10
C GLY F 216 -14.94 -15.05 36.78
N LEU F 217 -15.03 -13.97 36.00
CA LEU F 217 -14.16 -13.79 34.85
C LEU F 217 -12.78 -13.48 35.35
N PRO F 218 -11.75 -14.08 34.70
CA PRO F 218 -10.37 -13.64 34.91
C PRO F 218 -10.08 -12.22 34.41
N ALA F 219 -9.40 -11.45 35.26
CA ALA F 219 -9.14 -10.06 35.03
C ALA F 219 -8.47 -9.87 33.68
N GLY F 220 -9.03 -8.96 32.89
CA GLY F 220 -8.38 -8.55 31.65
C GLY F 220 -8.85 -9.25 30.40
N ILE F 221 -9.86 -10.13 30.53
CA ILE F 221 -10.47 -10.76 29.34
C ILE F 221 -11.56 -9.86 28.71
N LEU F 222 -12.27 -9.10 29.55
CA LEU F 222 -13.16 -8.02 29.07
C LEU F 222 -12.63 -6.64 29.47
N ASN F 223 -11.87 -6.03 28.57
CA ASN F 223 -11.39 -4.67 28.78
C ASN F 223 -12.21 -3.63 28.00
N VAL F 224 -12.66 -2.59 28.72
CA VAL F 224 -13.48 -1.51 28.17
C VAL F 224 -12.61 -0.27 27.97
N VAL F 225 -12.37 0.09 26.72
CA VAL F 225 -11.49 1.21 26.42
C VAL F 225 -12.29 2.33 25.78
N ASN F 226 -12.59 3.37 26.57
CA ASN F 226 -13.34 4.52 26.09
C ASN F 226 -12.52 5.51 25.27
N GLY F 227 -12.93 5.74 24.01
CA GLY F 227 -12.29 6.71 23.13
C GLY F 227 -13.22 7.12 22.01
N ASP F 228 -12.79 8.08 21.18
CA ASP F 228 -13.54 8.34 19.96
C ASP F 228 -12.74 8.03 18.71
N LYS F 229 -13.06 8.69 17.60
CA LYS F 229 -12.58 8.27 16.27
C LYS F 229 -11.08 7.89 16.28
N GLY F 230 -10.34 8.53 17.19
CA GLY F 230 -8.91 8.30 17.44
C GLY F 230 -8.49 6.93 17.97
N ALA F 231 -9.25 6.38 18.90
CA ALA F 231 -9.00 5.03 19.49
C ALA F 231 -9.43 3.87 18.60
N VAL F 232 -10.36 4.17 17.68
CA VAL F 232 -10.90 3.21 16.74
C VAL F 232 -9.80 2.77 15.77
N ASP F 233 -9.05 3.75 15.26
CA ASP F 233 -7.92 3.52 14.35
C ASP F 233 -6.75 2.79 15.01
N ALA F 234 -6.60 2.97 16.32
CA ALA F 234 -5.66 2.18 17.09
C ALA F 234 -6.12 0.72 17.04
N ILE F 235 -7.40 0.51 17.30
CA ILE F 235 -7.98 -0.84 17.26
C ILE F 235 -7.89 -1.44 15.86
N LEU F 236 -8.11 -0.61 14.85
CA LEU F 236 -8.11 -1.08 13.46
C LEU F 236 -6.70 -1.39 12.94
N THR F 237 -5.70 -0.78 13.57
CA THR F 237 -4.29 -0.91 13.17
C THR F 237 -3.56 -1.96 14.00
N HIS F 238 -3.99 -2.14 15.25
CA HIS F 238 -3.25 -2.94 16.22
C HIS F 238 -3.05 -4.40 15.82
N PRO F 239 -1.78 -4.78 15.56
CA PRO F 239 -1.42 -6.08 15.01
C PRO F 239 -1.88 -7.31 15.81
N ASP F 240 -2.13 -7.16 17.10
CA ASP F 240 -2.56 -8.30 17.95
C ASP F 240 -4.07 -8.56 17.98
N ILE F 241 -4.88 -7.57 17.62
CA ILE F 241 -6.32 -7.80 17.47
C ILE F 241 -6.63 -8.48 16.13
N ALA F 242 -7.28 -9.65 16.20
CA ALA F 242 -7.54 -10.49 15.03
C ALA F 242 -8.95 -10.30 14.40
N ALA F 243 -9.95 -9.95 15.21
CA ALA F 243 -11.30 -9.78 14.72
C ALA F 243 -11.94 -8.56 15.36
N VAL F 244 -12.78 -7.87 14.59
CA VAL F 244 -13.52 -6.72 15.10
C VAL F 244 -14.93 -6.68 14.50
N SER F 245 -15.91 -6.33 15.33
CA SER F 245 -17.26 -6.13 14.83
C SER F 245 -17.70 -4.70 15.10
N PHE F 246 -18.78 -4.28 14.44
CA PHE F 246 -19.20 -2.87 14.46
C PHE F 246 -20.69 -2.76 14.25
N VAL F 247 -21.33 -1.93 15.06
CA VAL F 247 -22.64 -1.40 14.72
C VAL F 247 -22.51 0.14 14.73
N GLY F 248 -23.30 0.80 13.89
CA GLY F 248 -23.20 2.24 13.70
C GLY F 248 -23.81 2.68 12.37
N SER F 249 -23.39 3.84 11.87
CA SER F 249 -23.88 4.31 10.58
C SER F 249 -23.38 3.40 9.47
N THR F 250 -24.05 3.45 8.32
CA THR F 250 -23.52 2.84 7.11
C THR F 250 -22.16 3.47 6.69
N PRO F 251 -22.06 4.84 6.71
CA PRO F 251 -20.79 5.41 6.27
C PRO F 251 -19.59 5.10 7.17
N ILE F 252 -19.78 5.08 8.49
CA ILE F 252 -18.66 4.71 9.37
C ILE F 252 -18.35 3.21 9.30
N ALA F 253 -19.35 2.42 8.92
CA ALA F 253 -19.22 0.97 8.78
C ALA F 253 -18.25 0.51 7.68
N ARG F 254 -18.43 1.04 6.45
CA ARG F 254 -17.57 0.66 5.32
C ARG F 254 -16.12 1.08 5.55
N TYR F 255 -15.93 2.15 6.31
CA TYR F 255 -14.60 2.53 6.76
C TYR F 255 -14.11 1.46 7.75
N VAL F 256 -14.94 1.13 8.74
CA VAL F 256 -14.57 0.18 9.77
C VAL F 256 -14.27 -1.16 9.12
N TYR F 257 -15.12 -1.53 8.19
CA TYR F 257 -15.02 -2.79 7.48
C TYR F 257 -13.77 -2.79 6.60
N GLY F 258 -13.70 -1.82 5.69
CA GLY F 258 -12.67 -1.76 4.65
C GLY F 258 -11.28 -1.49 5.19
N THR F 259 -11.19 -0.66 6.21
CA THR F 259 -9.93 -0.39 6.87
C THR F 259 -9.47 -1.57 7.73
N ALA F 260 -10.40 -2.28 8.35
CA ALA F 260 -10.05 -3.49 9.10
C ALA F 260 -9.56 -4.54 8.12
N ALA F 261 -10.12 -4.50 6.91
CA ALA F 261 -9.79 -5.43 5.82
C ALA F 261 -8.39 -5.21 5.23
N MSE F 262 -8.04 -3.95 4.94
CA MSE F 262 -6.69 -3.61 4.47
C MSE F 262 -5.68 -4.02 5.51
O MSE F 262 -4.55 -4.40 5.18
CB MSE F 262 -6.57 -2.11 4.13
CG MSE F 262 -6.40 -1.87 2.63
SE MSE F 262 -7.61 -0.46 1.93
CE MSE F 262 -7.20 -0.57 0.00
N ASN F 263 -6.08 -3.96 6.78
CA ASN F 263 -5.27 -4.37 7.93
C ASN F 263 -5.15 -5.88 8.17
N GLY F 264 -5.83 -6.66 7.33
CA GLY F 264 -5.72 -8.11 7.37
C GLY F 264 -6.72 -8.79 8.28
N LYS F 265 -7.45 -7.99 9.07
CA LYS F 265 -8.37 -8.47 10.10
C LYS F 265 -9.68 -9.09 9.60
N ARG F 266 -10.28 -9.93 10.45
CA ARG F 266 -11.67 -10.31 10.39
C ARG F 266 -12.57 -9.15 10.80
N ALA F 267 -13.59 -8.91 9.98
CA ALA F 267 -14.59 -7.87 10.27
C ALA F 267 -16.03 -8.29 9.99
N GLN F 268 -16.92 -7.79 10.84
CA GLN F 268 -18.37 -7.85 10.62
C GLN F 268 -19.00 -6.53 11.06
N CYS F 269 -19.65 -5.86 10.11
CA CYS F 269 -20.22 -4.52 10.32
C CYS F 269 -21.69 -4.40 9.90
N PHE F 270 -22.47 -3.70 10.73
CA PHE F 270 -23.91 -3.55 10.54
C PHE F 270 -24.21 -2.07 10.69
N GLY F 271 -25.28 -1.57 10.06
CA GLY F 271 -25.43 -0.13 9.88
C GLY F 271 -26.81 0.53 9.89
N GLY F 272 -27.11 1.19 8.78
CA GLY F 272 -28.29 1.98 8.57
C GLY F 272 -29.57 1.26 8.29
N ALA F 273 -30.71 1.94 8.45
CA ALA F 273 -32.00 1.41 8.09
C ALA F 273 -32.95 2.44 7.53
N LYS F 274 -33.72 2.10 6.47
CA LYS F 274 -34.99 2.75 6.21
C LYS F 274 -35.98 1.61 6.17
N ASN F 275 -36.82 1.47 7.20
CA ASN F 275 -37.58 0.23 7.30
C ASN F 275 -39.03 0.43 7.12
N HIS F 276 -39.62 -0.36 6.23
CA HIS F 276 -41.02 -0.20 5.86
C HIS F 276 -41.84 -1.31 6.47
N MSE F 277 -43.13 -1.05 6.63
CA MSE F 277 -44.11 -2.09 6.83
C MSE F 277 -45.18 -1.93 5.78
O MSE F 277 -45.46 -0.82 5.32
CB MSE F 277 -44.69 -1.90 8.19
CG MSE F 277 -46.18 -2.17 8.15
SE MSE F 277 -46.69 -2.14 10.03
CE MSE F 277 -48.62 -2.47 9.88
N ILE F 278 -45.79 -3.04 5.40
CA ILE F 278 -46.88 -3.05 4.42
C ILE F 278 -48.14 -3.57 5.09
N ILE F 279 -49.25 -2.88 4.89
CA ILE F 279 -50.55 -3.31 5.45
C ILE F 279 -51.47 -3.65 4.29
N MSE F 280 -52.08 -4.83 4.36
CA MSE F 280 -52.85 -5.36 3.25
C MSE F 280 -54.30 -5.32 3.62
O MSE F 280 -54.64 -5.46 4.78
CB MSE F 280 -52.41 -6.79 2.99
CG MSE F 280 -51.02 -6.82 2.36
SE MSE F 280 -51.18 -6.98 0.40
CE MSE F 280 -49.60 -5.94 -0.10
N PRO F 281 -55.18 -5.14 2.62
CA PRO F 281 -56.61 -4.94 2.86
C PRO F 281 -57.27 -6.01 3.71
N ASP F 282 -56.85 -7.27 3.55
CA ASP F 282 -57.37 -8.40 4.34
C ASP F 282 -56.98 -8.32 5.83
N ALA F 283 -55.93 -7.54 6.11
CA ALA F 283 -55.19 -7.56 7.38
C ALA F 283 -55.98 -7.21 8.65
N ASP F 284 -55.35 -7.42 9.80
CA ASP F 284 -55.90 -6.94 11.04
C ASP F 284 -55.49 -5.49 11.23
N LEU F 285 -56.47 -4.63 10.96
CA LEU F 285 -56.32 -3.18 10.86
C LEU F 285 -55.73 -2.59 12.15
N ASP F 286 -56.18 -3.13 13.28
CA ASP F 286 -55.90 -2.58 14.62
C ASP F 286 -54.55 -3.02 15.15
N GLN F 287 -54.30 -4.33 15.10
CA GLN F 287 -53.02 -4.88 15.48
C GLN F 287 -51.88 -4.14 14.76
N ALA F 288 -52.08 -3.82 13.48
CA ALA F 288 -51.12 -3.05 12.69
C ALA F 288 -50.95 -1.62 13.19
N ALA F 289 -52.05 -1.03 13.63
CA ALA F 289 -52.06 0.33 14.17
C ALA F 289 -51.10 0.51 15.34
N ASN F 290 -51.25 -0.34 16.37
CA ASN F 290 -50.40 -0.28 17.55
C ASN F 290 -48.98 -0.46 17.10
N ALA F 291 -48.73 -1.60 16.46
CA ALA F 291 -47.40 -1.98 16.02
C ALA F 291 -46.65 -0.82 15.36
N LEU F 292 -47.37 -0.07 14.50
CA LEU F 292 -46.86 1.15 13.86
C LEU F 292 -46.44 2.20 14.88
N ILE F 293 -47.28 2.42 15.88
CA ILE F 293 -46.97 3.40 16.94
C ILE F 293 -45.81 2.93 17.82
N GLY F 294 -45.81 1.64 18.17
CA GLY F 294 -44.80 1.06 19.04
C GLY F 294 -43.44 1.19 18.41
N ALA F 295 -43.33 0.67 17.19
CA ALA F 295 -42.06 0.55 16.47
C ALA F 295 -41.53 1.86 15.91
N GLY F 296 -42.41 2.69 15.36
CA GLY F 296 -42.02 3.97 14.81
C GLY F 296 -41.49 5.02 15.76
N TYR F 297 -42.13 5.11 16.91
CA TYR F 297 -41.87 6.17 17.84
C TYR F 297 -41.11 5.85 19.12
N GLY F 298 -41.53 4.85 19.85
CA GLY F 298 -41.18 4.71 21.23
C GLY F 298 -39.71 4.63 21.07
N SER F 299 -38.97 5.05 22.10
CA SER F 299 -37.53 5.16 22.05
C SER F 299 -37.09 6.32 21.21
N ALA F 300 -37.98 7.29 21.07
CA ALA F 300 -37.74 8.42 20.15
C ALA F 300 -37.48 8.03 18.68
N GLY F 301 -37.61 6.73 18.40
CA GLY F 301 -37.40 6.21 17.05
C GLY F 301 -35.95 6.11 16.63
N GLU F 302 -35.02 6.23 17.59
CA GLU F 302 -33.59 6.07 17.27
C GLU F 302 -33.26 4.59 17.38
N ARG F 303 -33.35 3.91 16.25
CA ARG F 303 -33.31 2.47 16.25
C ARG F 303 -33.04 1.94 14.84
N CYS F 304 -32.14 0.98 14.76
CA CYS F 304 -31.89 0.26 13.52
C CYS F 304 -33.12 -0.57 13.10
N MSE F 305 -33.95 -1.00 14.07
CA MSE F 305 -35.12 -1.87 13.79
C MSE F 305 -36.48 -1.25 14.03
O MSE F 305 -37.48 -1.96 14.15
CB MSE F 305 -34.99 -3.19 14.56
CG MSE F 305 -35.36 -4.43 13.73
SE MSE F 305 -34.17 -4.78 12.17
CE MSE F 305 -32.48 -4.01 12.82
N ALA F 306 -36.54 0.07 14.09
CA ALA F 306 -37.81 0.81 14.20
C ALA F 306 -38.34 1.22 12.81
N ILE F 307 -39.63 0.99 12.55
CA ILE F 307 -40.23 1.30 11.22
C ILE F 307 -40.44 2.80 10.92
N SER F 308 -39.82 3.22 9.82
CA SER F 308 -39.73 4.63 9.43
C SER F 308 -40.78 4.98 8.40
N VAL F 309 -41.05 4.03 7.49
CA VAL F 309 -42.04 4.19 6.44
C VAL F 309 -43.20 3.22 6.71
N ALA F 310 -44.43 3.68 6.48
CA ALA F 310 -45.60 2.81 6.57
C ALA F 310 -46.25 2.78 5.20
N VAL F 311 -46.52 1.57 4.68
CA VAL F 311 -47.05 1.40 3.32
C VAL F 311 -48.38 0.63 3.31
N PRO F 312 -49.52 1.34 3.23
CA PRO F 312 -50.75 0.57 3.16
C PRO F 312 -51.28 0.49 1.71
N VAL F 313 -51.80 -0.68 1.34
CA VAL F 313 -52.29 -0.90 -0.02
C VAL F 313 -53.80 -0.68 -0.12
N GLY F 314 -54.21 0.08 -1.14
CA GLY F 314 -55.57 0.56 -1.25
C GLY F 314 -55.66 1.96 -0.66
N GLU F 315 -56.61 2.76 -1.14
CA GLU F 315 -56.88 4.06 -0.55
C GLU F 315 -57.66 3.90 0.73
N GLU F 316 -58.43 2.82 0.85
CA GLU F 316 -59.25 2.56 2.03
C GLU F 316 -58.43 2.15 3.26
N THR F 317 -57.49 1.21 3.06
CA THR F 317 -56.54 0.83 4.12
C THR F 317 -55.78 2.10 4.54
N ALA F 318 -55.22 2.81 3.57
CA ALA F 318 -54.45 4.03 3.83
C ALA F 318 -55.19 5.05 4.72
N ASN F 319 -56.42 5.41 4.33
CA ASN F 319 -57.22 6.36 5.11
C ASN F 319 -57.65 5.77 6.45
N ARG F 320 -58.38 4.67 6.40
CA ARG F 320 -58.92 4.04 7.60
C ARG F 320 -57.80 3.77 8.63
N LEU F 321 -56.58 3.59 8.15
CA LEU F 321 -55.39 3.45 9.00
C LEU F 321 -54.97 4.78 9.64
N ILE F 322 -54.89 5.84 8.83
CA ILE F 322 -54.59 7.20 9.32
C ILE F 322 -55.65 7.65 10.34
N ASP F 323 -56.84 7.08 10.23
CA ASP F 323 -57.89 7.28 11.22
C ASP F 323 -57.45 6.70 12.55
N LYS F 324 -57.05 5.43 12.56
CA LYS F 324 -56.58 4.74 13.76
C LYS F 324 -55.47 5.55 14.44
N LEU F 325 -54.50 5.97 13.63
CA LEU F 325 -53.21 6.49 14.10
C LEU F 325 -53.17 7.92 14.62
N VAL F 326 -53.98 8.82 14.05
CA VAL F 326 -53.82 10.26 14.38
C VAL F 326 -54.19 10.70 15.81
N PRO F 327 -55.31 10.17 16.37
CA PRO F 327 -55.45 10.36 17.83
C PRO F 327 -54.24 9.79 18.61
N MSE F 328 -53.71 8.65 18.16
CA MSE F 328 -52.68 7.92 18.90
C MSE F 328 -51.32 8.57 18.87
O MSE F 328 -50.67 8.63 19.90
CB MSE F 328 -52.59 6.51 18.37
CG MSE F 328 -53.27 5.58 19.39
SE MSE F 328 -53.45 3.74 18.66
CE MSE F 328 -51.88 2.96 19.59
N VAL F 329 -50.89 9.04 17.70
CA VAL F 329 -49.54 9.64 17.55
C VAL F 329 -49.29 10.79 18.55
N GLU F 330 -50.36 11.43 19.01
CA GLU F 330 -50.21 12.54 19.95
C GLU F 330 -50.81 12.32 21.35
N SER F 331 -51.41 11.15 21.60
CA SER F 331 -51.95 10.82 22.93
C SER F 331 -50.86 10.36 23.90
N LEU F 332 -49.60 10.38 23.43
CA LEU F 332 -48.50 9.85 24.23
C LEU F 332 -47.83 10.90 25.13
N ARG F 333 -47.54 10.57 26.37
CA ARG F 333 -46.77 11.44 27.20
C ARG F 333 -45.38 11.43 26.66
N ILE F 334 -44.70 12.56 26.72
CA ILE F 334 -43.29 12.64 26.43
C ILE F 334 -42.62 13.19 27.66
N GLY F 335 -41.53 12.61 28.07
CA GLY F 335 -41.05 12.88 29.40
C GLY F 335 -39.59 12.61 29.56
N PRO F 336 -39.18 12.64 30.81
CA PRO F 336 -37.83 12.30 31.21
C PRO F 336 -37.90 10.96 31.88
N TYR F 337 -36.80 10.26 31.85
CA TYR F 337 -36.81 8.82 32.17
C TYR F 337 -37.49 8.45 33.51
N THR F 338 -37.52 9.39 34.46
CA THR F 338 -38.18 9.19 35.74
C THR F 338 -39.69 9.38 35.64
N ASP F 339 -40.12 10.21 34.69
CA ASP F 339 -41.53 10.28 34.28
C ASP F 339 -41.79 8.96 33.59
N GLU F 340 -42.33 8.00 34.33
CA GLU F 340 -42.36 6.61 33.87
C GLU F 340 -43.60 6.20 33.08
N LYS F 341 -44.66 7.01 33.13
CA LYS F 341 -45.85 6.77 32.30
C LYS F 341 -45.66 7.35 30.90
N ALA F 342 -44.54 8.05 30.70
CA ALA F 342 -44.18 8.67 29.41
C ALA F 342 -43.84 7.63 28.35
N ASP F 343 -44.67 7.54 27.33
CA ASP F 343 -44.51 6.51 26.31
C ASP F 343 -43.31 6.83 25.40
N MSE F 344 -42.72 8.02 25.61
CA MSE F 344 -41.52 8.45 24.87
C MSE F 344 -40.65 9.35 25.73
O MSE F 344 -41.03 9.74 26.84
CB MSE F 344 -41.97 9.19 23.60
CG MSE F 344 -41.11 8.86 22.38
SE MSE F 344 -41.71 9.84 20.77
CE MSE F 344 -40.43 11.34 20.84
N GLY F 345 -39.47 9.68 25.21
CA GLY F 345 -38.50 10.53 25.91
C GLY F 345 -37.80 11.45 24.93
N PRO F 346 -36.60 11.93 25.29
CA PRO F 346 -35.88 12.89 24.46
C PRO F 346 -34.90 12.26 23.50
N VAL F 347 -34.58 13.01 22.44
CA VAL F 347 -33.44 12.70 21.58
C VAL F 347 -32.19 12.88 22.48
N VAL F 348 -31.03 12.59 21.93
CA VAL F 348 -29.84 12.37 22.74
C VAL F 348 -28.83 13.54 22.69
N THR F 349 -28.59 14.10 21.49
CA THR F 349 -27.83 15.35 21.39
C THR F 349 -28.57 16.47 20.64
N LYS F 350 -28.14 17.71 20.91
CA LYS F 350 -28.59 18.84 20.16
C LYS F 350 -28.11 18.62 18.72
N GLU F 351 -26.87 18.15 18.58
CA GLU F 351 -26.33 17.81 17.27
C GLU F 351 -27.36 16.97 16.53
N ALA F 352 -27.84 15.91 17.19
CA ALA F 352 -28.78 14.97 16.58
C ALA F 352 -30.16 15.55 16.31
N GLU F 353 -30.68 16.33 17.27
CA GLU F 353 -32.02 16.92 17.14
C GLU F 353 -32.14 17.91 15.98
N GLN F 354 -31.05 18.63 15.70
CA GLN F 354 -30.99 19.56 14.57
C GLN F 354 -30.88 18.90 13.20
N ARG F 355 -30.54 17.61 13.18
CA ARG F 355 -30.75 16.79 11.98
C ARG F 355 -32.23 16.56 11.83
N ILE F 356 -32.91 16.32 12.96
CA ILE F 356 -34.32 15.89 12.98
C ILE F 356 -35.32 16.99 12.63
N ARG F 357 -35.31 18.10 13.36
CA ARG F 357 -36.18 19.25 13.06
C ARG F 357 -35.94 19.73 11.63
N SER F 358 -34.69 19.57 11.17
CA SER F 358 -34.24 20.01 9.85
C SER F 358 -34.60 19.02 8.74
N LEU F 359 -34.80 17.75 9.10
CA LEU F 359 -35.32 16.79 8.14
C LEU F 359 -36.85 16.90 7.99
N ILE F 360 -37.55 17.21 9.08
CA ILE F 360 -38.97 17.58 9.01
C ILE F 360 -39.12 18.80 8.10
N ASP F 361 -38.20 19.77 8.26
CA ASP F 361 -38.14 20.97 7.40
C ASP F 361 -38.07 20.67 5.91
N SER F 362 -37.26 19.69 5.52
CA SER F 362 -37.10 19.30 4.13
C SER F 362 -38.30 18.51 3.60
N GLY F 363 -39.12 17.99 4.51
CA GLY F 363 -40.31 17.20 4.15
C GLY F 363 -41.52 18.01 3.75
N ILE F 364 -41.75 19.12 4.45
CA ILE F 364 -42.94 19.97 4.28
C ILE F 364 -43.00 20.71 2.93
N GLU F 365 -41.89 21.36 2.56
CA GLU F 365 -41.85 22.16 1.33
C GLU F 365 -41.39 21.38 0.09
N GLN F 366 -40.94 20.14 0.30
CA GLN F 366 -40.90 19.15 -0.78
C GLN F 366 -42.33 18.59 -1.00
N GLY F 367 -43.26 18.97 -0.11
CA GLY F 367 -44.71 18.90 -0.37
C GLY F 367 -45.49 17.71 0.14
N ALA F 368 -45.36 17.40 1.42
CA ALA F 368 -46.03 16.21 2.02
C ALA F 368 -46.88 16.54 3.26
N LYS F 369 -48.16 16.18 3.21
CA LYS F 369 -49.09 16.40 4.33
C LYS F 369 -48.44 16.00 5.63
N LEU F 370 -48.49 16.89 6.62
CA LEU F 370 -47.98 16.60 7.97
C LEU F 370 -49.16 16.63 8.96
N VAL F 371 -49.93 15.55 8.96
CA VAL F 371 -51.23 15.51 9.61
C VAL F 371 -51.16 15.40 11.14
N VAL F 372 -50.01 15.02 11.68
CA VAL F 372 -49.82 14.93 13.14
C VAL F 372 -49.94 16.30 13.82
N ASP F 373 -50.44 16.31 15.07
CA ASP F 373 -50.65 17.55 15.83
C ASP F 373 -49.54 17.75 16.87
N GLY F 374 -48.46 17.02 16.68
CA GLY F 374 -47.36 16.89 17.61
C GLY F 374 -46.33 17.92 18.03
N ARG F 375 -45.78 18.66 17.07
CA ARG F 375 -44.49 19.34 17.27
C ARG F 375 -44.67 20.60 18.04
N ASP F 376 -43.63 21.43 18.05
CA ASP F 376 -43.61 22.67 18.79
C ASP F 376 -43.85 22.25 20.19
N PHE F 377 -43.30 21.10 20.49
CA PHE F 377 -43.43 20.50 21.82
C PHE F 377 -42.38 21.05 22.79
N LYS F 378 -42.84 21.52 23.94
CA LYS F 378 -41.97 21.94 25.05
C LYS F 378 -42.37 21.24 26.36
N LEU F 379 -41.41 21.08 27.26
CA LEU F 379 -41.70 20.39 28.50
C LEU F 379 -41.62 21.30 29.75
N GLN F 380 -42.61 21.13 30.63
CA GLN F 380 -42.82 21.95 31.83
C GLN F 380 -41.54 22.45 32.49
N GLY F 381 -40.57 21.55 32.66
CA GLY F 381 -39.31 21.90 33.30
C GLY F 381 -38.07 21.46 32.54
N TYR F 382 -38.26 20.82 31.39
CA TYR F 382 -37.16 20.25 30.62
C TYR F 382 -37.11 20.86 29.23
N GLU F 383 -37.31 22.18 29.13
CA GLU F 383 -37.19 22.89 27.84
C GLU F 383 -35.74 22.85 27.32
N ASN F 384 -34.82 22.55 28.25
CA ASN F 384 -33.38 22.46 27.96
C ASN F 384 -33.03 21.24 27.12
N GLY F 385 -33.85 20.20 27.21
CA GLY F 385 -33.61 18.93 26.56
C GLY F 385 -33.99 18.93 25.10
N HIS F 386 -33.46 17.99 24.33
CA HIS F 386 -33.88 17.89 22.96
C HIS F 386 -35.06 17.05 22.71
N PHE F 387 -36.25 17.48 23.05
CA PHE F 387 -37.43 16.71 22.68
C PHE F 387 -38.19 17.28 21.53
N ILE F 388 -38.78 16.39 20.75
CA ILE F 388 -39.64 16.71 19.62
C ILE F 388 -40.89 15.85 19.71
N GLY F 389 -42.08 16.40 19.61
CA GLY F 389 -43.31 15.58 19.62
C GLY F 389 -43.41 14.58 18.48
N GLY F 390 -44.45 13.74 18.51
CA GLY F 390 -44.71 12.79 17.43
C GLY F 390 -44.96 13.52 16.13
N CYS F 391 -44.23 13.12 15.08
CA CYS F 391 -44.33 13.72 13.73
C CYS F 391 -44.81 12.66 12.72
N LEU F 392 -45.81 13.01 11.91
CA LEU F 392 -46.44 12.06 10.98
C LEU F 392 -46.66 12.65 9.57
N PHE F 393 -45.95 12.07 8.59
CA PHE F 393 -45.99 12.54 7.20
C PHE F 393 -46.87 11.67 6.29
N ASP F 394 -47.91 12.24 5.71
CA ASP F 394 -48.74 11.47 4.80
C ASP F 394 -48.36 11.70 3.39
N ASP F 395 -48.63 10.80 2.49
CA ASP F 395 -48.37 11.22 1.17
C ASP F 395 -46.93 11.54 1.01
N VAL F 396 -46.12 10.52 0.86
CA VAL F 396 -44.71 10.70 0.68
C VAL F 396 -44.23 9.98 -0.55
N THR F 397 -43.08 10.36 -1.04
CA THR F 397 -42.58 9.83 -2.27
C THR F 397 -41.17 9.35 -2.15
N PRO F 398 -40.85 8.31 -2.89
CA PRO F 398 -39.53 7.69 -2.76
C PRO F 398 -38.34 8.62 -3.05
N ASP F 399 -38.58 9.75 -3.74
CA ASP F 399 -37.50 10.66 -4.18
C ASP F 399 -37.21 11.82 -3.21
N MSE F 400 -37.96 11.88 -2.11
CA MSE F 400 -37.78 12.88 -1.06
C MSE F 400 -36.56 12.63 -0.21
O MSE F 400 -36.06 11.49 -0.16
CB MSE F 400 -39.00 12.73 -0.15
CG MSE F 400 -39.85 14.00 -0.08
SE MSE F 400 -41.73 13.49 0.16
CE MSE F 400 -41.89 13.60 2.12
N ASP F 401 -36.10 13.68 0.47
CA ASP F 401 -34.99 13.58 1.44
C ASP F 401 -35.37 12.69 2.62
N ILE F 402 -36.60 12.86 3.10
CA ILE F 402 -37.14 12.16 4.27
C ILE F 402 -37.46 10.66 4.01
N TYR F 403 -37.71 10.31 2.75
CA TYR F 403 -37.82 8.89 2.43
C TYR F 403 -36.45 8.22 2.35
N LYS F 404 -35.47 8.95 1.81
CA LYS F 404 -34.19 8.37 1.41
C LYS F 404 -33.23 8.07 2.57
N THR F 405 -33.06 9.05 3.45
CA THR F 405 -32.09 8.96 4.58
C THR F 405 -32.73 8.44 5.86
N GLU F 406 -31.93 7.73 6.65
CA GLU F 406 -32.36 7.28 7.96
C GLU F 406 -32.47 8.49 8.87
N ILE F 407 -33.71 8.82 9.27
CA ILE F 407 -33.95 10.01 10.09
C ILE F 407 -33.54 9.81 11.56
N PHE F 408 -33.76 8.61 12.07
CA PHE F 408 -33.32 8.25 13.43
C PHE F 408 -34.10 9.06 14.50
N GLY F 409 -35.32 9.47 14.17
CA GLY F 409 -36.14 10.25 15.09
C GLY F 409 -37.58 9.77 15.09
N PRO F 410 -38.48 10.49 15.80
CA PRO F 410 -39.91 10.17 15.90
C PRO F 410 -40.71 10.68 14.69
N VAL F 411 -40.16 10.39 13.51
CA VAL F 411 -40.75 10.74 12.24
C VAL F 411 -41.22 9.44 11.57
N LEU F 412 -42.53 9.35 11.30
CA LEU F 412 -43.13 8.22 10.58
C LEU F 412 -43.82 8.69 9.30
N SER F 413 -43.20 8.45 8.15
CA SER F 413 -43.80 8.72 6.83
C SER F 413 -44.93 7.72 6.47
N VAL F 414 -45.86 8.14 5.60
CA VAL F 414 -46.83 7.22 4.95
C VAL F 414 -46.80 7.33 3.41
N VAL F 415 -46.29 6.27 2.78
CA VAL F 415 -46.21 6.19 1.32
C VAL F 415 -47.31 5.25 0.87
N ARG F 416 -48.38 5.81 0.29
CA ARG F 416 -49.51 4.99 -0.15
C ARG F 416 -49.17 4.21 -1.42
N ALA F 417 -49.72 3.00 -1.55
CA ALA F 417 -49.43 2.15 -2.70
C ALA F 417 -50.70 1.60 -3.34
N ARG F 418 -50.74 1.63 -4.68
CA ARG F 418 -51.95 1.23 -5.42
C ARG F 418 -52.22 -0.29 -5.35
N ASN F 419 -51.15 -1.08 -5.35
CA ASN F 419 -51.27 -2.54 -5.31
C ASN F 419 -50.09 -3.24 -4.60
N TYR F 420 -50.22 -4.55 -4.41
CA TYR F 420 -49.19 -5.36 -3.75
C TYR F 420 -47.83 -5.19 -4.43
N GLU F 421 -47.79 -5.46 -5.73
CA GLU F 421 -46.55 -5.45 -6.52
C GLU F 421 -45.74 -4.15 -6.34
N GLU F 422 -46.44 -3.01 -6.23
CA GLU F 422 -45.82 -1.72 -5.92
C GLU F 422 -45.34 -1.58 -4.46
N ALA F 423 -46.15 -2.01 -3.51
CA ALA F 423 -45.80 -1.90 -2.08
C ALA F 423 -44.50 -2.66 -1.75
N LEU F 424 -44.32 -3.82 -2.39
CA LEU F 424 -43.10 -4.60 -2.31
C LEU F 424 -41.90 -3.89 -2.96
N SER F 425 -42.17 -3.12 -4.02
CA SER F 425 -41.16 -2.37 -4.79
C SER F 425 -40.45 -1.25 -3.98
N LEU F 426 -41.16 -0.69 -3.01
CA LEU F 426 -40.61 0.35 -2.15
C LEU F 426 -39.37 -0.10 -1.31
N PRO F 427 -39.51 -1.16 -0.47
CA PRO F 427 -38.34 -1.60 0.30
C PRO F 427 -37.21 -2.18 -0.55
N MSE F 428 -37.55 -2.63 -1.76
CA MSE F 428 -36.59 -3.31 -2.64
C MSE F 428 -35.56 -2.36 -3.23
O MSE F 428 -34.36 -2.57 -3.08
CB MSE F 428 -37.36 -4.06 -3.72
CG MSE F 428 -36.47 -5.01 -4.50
SE MSE F 428 -36.88 -6.85 -3.92
CE MSE F 428 -35.37 -7.82 -4.74
N LYS F 429 -36.04 -1.30 -3.89
CA LYS F 429 -35.14 -0.38 -4.60
C LYS F 429 -34.48 0.60 -3.63
N HIS F 430 -34.74 0.37 -2.34
CA HIS F 430 -34.12 1.12 -1.26
C HIS F 430 -32.75 0.57 -0.94
N GLU F 431 -31.82 1.49 -0.64
CA GLU F 431 -30.43 1.15 -0.30
C GLU F 431 -30.31 0.42 1.04
N TYR F 432 -31.28 0.62 1.94
CA TYR F 432 -31.27 0.00 3.27
C TYR F 432 -32.13 -1.27 3.38
N GLY F 433 -31.46 -2.41 3.41
CA GLY F 433 -32.12 -3.69 3.61
C GLY F 433 -31.98 -4.22 5.04
N ASN F 434 -32.60 -3.53 5.98
CA ASN F 434 -32.50 -3.94 7.40
C ASN F 434 -33.69 -4.75 7.90
N GLY F 435 -34.86 -4.13 7.99
CA GLY F 435 -36.09 -4.81 8.43
C GLY F 435 -37.30 -4.56 7.54
N VAL F 436 -38.26 -5.46 7.58
CA VAL F 436 -39.57 -5.21 6.97
C VAL F 436 -40.66 -5.96 7.73
N ALA F 437 -41.85 -5.41 7.66
CA ALA F 437 -43.03 -6.09 8.14
C ALA F 437 -44.07 -6.06 7.02
N ILE F 438 -44.79 -7.17 6.91
CA ILE F 438 -45.93 -7.31 6.01
C ILE F 438 -47.08 -7.72 6.95
N TYR F 439 -48.21 -7.02 6.88
CA TYR F 439 -49.34 -7.47 7.65
C TYR F 439 -50.33 -7.96 6.65
N THR F 440 -50.91 -9.15 6.92
CA THR F 440 -51.84 -9.89 6.02
C THR F 440 -52.60 -10.97 6.81
N ARG F 441 -53.69 -11.46 6.25
CA ARG F 441 -54.25 -12.70 6.73
C ARG F 441 -54.03 -13.77 5.67
N ASP F 442 -53.39 -13.36 4.58
CA ASP F 442 -53.27 -14.19 3.39
C ASP F 442 -51.97 -14.97 3.43
N GLY F 443 -52.05 -16.29 3.51
CA GLY F 443 -50.85 -17.12 3.47
C GLY F 443 -50.04 -17.02 2.19
N ASP F 444 -50.71 -16.70 1.07
CA ASP F 444 -50.07 -16.46 -0.23
C ASP F 444 -49.16 -15.23 -0.21
N ALA F 445 -49.72 -14.10 0.19
CA ALA F 445 -48.99 -12.85 0.24
C ALA F 445 -47.78 -12.89 1.17
N ALA F 446 -47.94 -13.57 2.31
CA ALA F 446 -46.90 -13.59 3.34
C ALA F 446 -45.68 -14.34 2.84
N ARG F 447 -45.89 -15.55 2.33
CA ARG F 447 -44.79 -16.34 1.80
C ARG F 447 -44.11 -15.64 0.64
N ASP F 448 -44.91 -15.09 -0.27
CA ASP F 448 -44.35 -14.49 -1.48
C ASP F 448 -43.42 -13.33 -1.07
N PHE F 449 -43.94 -12.41 -0.26
CA PHE F 449 -43.18 -11.25 0.19
C PHE F 449 -41.92 -11.68 0.95
N ALA F 450 -42.10 -12.40 2.05
CA ALA F 450 -40.99 -12.84 2.87
C ALA F 450 -39.91 -13.54 2.03
N SER F 451 -40.33 -14.19 0.94
CA SER F 451 -39.43 -14.95 0.09
C SER F 451 -38.65 -14.06 -0.85
N ARG F 452 -39.28 -13.00 -1.32
CA ARG F 452 -38.68 -12.19 -2.40
C ARG F 452 -37.85 -10.99 -1.99
N ILE F 453 -38.12 -10.36 -0.85
CA ILE F 453 -37.42 -9.11 -0.56
C ILE F 453 -35.93 -9.32 -0.37
N ASN F 454 -35.19 -8.29 -0.76
CA ASN F 454 -33.77 -8.17 -0.45
C ASN F 454 -33.53 -7.62 0.96
N ILE F 455 -34.44 -7.96 1.88
CA ILE F 455 -34.22 -7.66 3.29
C ILE F 455 -33.68 -8.90 4.00
N GLY F 456 -32.75 -8.68 4.93
CA GLY F 456 -32.19 -9.75 5.77
C GLY F 456 -33.19 -10.29 6.79
N MSE F 457 -33.92 -9.37 7.43
CA MSE F 457 -34.87 -9.71 8.50
C MSE F 457 -36.29 -9.31 8.17
O MSE F 457 -36.61 -8.11 8.05
CB MSE F 457 -34.35 -9.12 9.81
CG MSE F 457 -32.94 -9.60 10.18
SE MSE F 457 -32.16 -8.51 11.64
CE MSE F 457 -31.36 -7.03 10.58
N VAL F 458 -37.15 -10.31 8.02
CA VAL F 458 -38.58 -10.17 7.67
C VAL F 458 -39.50 -10.52 8.85
N GLY F 459 -40.62 -9.82 8.94
CA GLY F 459 -41.64 -10.06 9.96
C GLY F 459 -43.04 -10.07 9.36
N VAL F 460 -43.77 -11.16 9.62
CA VAL F 460 -45.12 -11.33 9.10
C VAL F 460 -46.10 -11.12 10.25
N ASN F 461 -46.68 -9.93 10.32
CA ASN F 461 -47.61 -9.58 11.42
C ASN F 461 -46.92 -9.35 12.78
N VAL F 462 -45.65 -9.00 12.70
CA VAL F 462 -44.94 -8.42 13.81
C VAL F 462 -44.19 -7.18 13.32
N PRO F 463 -44.13 -6.13 14.16
CA PRO F 463 -43.47 -4.89 13.76
C PRO F 463 -41.95 -5.00 13.78
N ILE F 464 -41.44 -5.79 14.72
CA ILE F 464 -40.02 -5.83 14.95
C ILE F 464 -39.51 -7.24 14.63
N PRO F 465 -39.07 -7.45 13.38
CA PRO F 465 -38.58 -8.76 12.92
C PRO F 465 -37.19 -9.09 13.47
N VAL F 466 -36.98 -8.80 14.76
CA VAL F 466 -35.69 -9.01 15.44
C VAL F 466 -35.64 -10.42 16.04
N PRO F 467 -34.72 -11.25 15.53
CA PRO F 467 -34.74 -12.63 15.98
C PRO F 467 -34.22 -12.69 17.40
N LEU F 468 -34.47 -13.82 18.06
CA LEU F 468 -33.98 -14.05 19.40
C LEU F 468 -32.49 -14.41 19.37
N ALA F 469 -31.84 -14.36 20.53
CA ALA F 469 -30.39 -14.59 20.69
C ALA F 469 -29.85 -15.82 19.95
N TYR F 470 -30.58 -16.93 20.09
CA TYR F 470 -30.28 -18.20 19.40
C TYR F 470 -30.57 -18.26 17.88
N HIS F 471 -31.02 -17.16 17.30
CA HIS F 471 -31.06 -17.00 15.88
C HIS F 471 -30.14 -15.87 15.48
N SER F 472 -29.91 -15.67 14.19
CA SER F 472 -28.94 -14.69 13.72
C SER F 472 -29.54 -13.28 13.61
N PHE F 473 -28.68 -12.25 13.66
CA PHE F 473 -29.09 -10.87 13.35
C PHE F 473 -28.15 -10.30 12.31
N GLY F 474 -28.71 -9.73 11.24
CA GLY F 474 -27.94 -9.16 10.11
C GLY F 474 -28.78 -8.70 8.91
N GLY F 475 -28.54 -7.46 8.47
CA GLY F 475 -29.26 -6.89 7.33
C GLY F 475 -28.63 -7.18 5.98
N TRP F 476 -29.30 -6.78 4.90
CA TRP F 476 -28.75 -6.90 3.55
C TRP F 476 -28.46 -5.53 3.00
N LYS F 477 -27.92 -5.51 1.78
CA LYS F 477 -27.51 -4.28 1.09
C LYS F 477 -26.60 -3.40 1.98
N SER F 478 -27.04 -2.17 2.27
CA SER F 478 -26.22 -1.20 3.02
C SER F 478 -26.23 -1.36 4.56
N SER F 479 -27.10 -2.22 5.07
CA SER F 479 -27.27 -2.35 6.52
C SER F 479 -26.39 -3.44 7.14
N SER F 480 -25.50 -4.03 6.35
CA SER F 480 -24.52 -4.97 6.88
C SER F 480 -23.33 -5.22 5.94
N PHE F 481 -22.22 -5.66 6.53
CA PHE F 481 -20.98 -5.90 5.79
C PHE F 481 -20.25 -7.13 6.30
N GLY F 482 -19.57 -7.80 5.37
CA GLY F 482 -18.82 -9.00 5.70
C GLY F 482 -19.54 -10.28 5.42
N ASP F 483 -19.29 -11.25 6.29
CA ASP F 483 -19.55 -12.66 6.08
C ASP F 483 -20.68 -13.13 6.96
N LEU F 484 -20.56 -12.89 8.27
CA LEU F 484 -21.44 -13.53 9.27
C LEU F 484 -22.28 -12.53 10.09
N ASN F 485 -23.35 -13.04 10.70
CA ASN F 485 -24.28 -12.19 11.41
C ASN F 485 -23.86 -11.98 12.83
N GLN F 486 -24.73 -11.31 13.59
CA GLN F 486 -24.50 -11.10 15.01
C GLN F 486 -25.30 -12.15 15.76
N HIS F 487 -24.78 -12.59 16.91
CA HIS F 487 -25.30 -13.72 17.70
C HIS F 487 -25.71 -14.95 16.93
N GLY F 488 -26.50 -15.83 17.58
CA GLY F 488 -26.74 -17.19 17.06
C GLY F 488 -25.47 -17.95 16.72
N THR F 489 -25.62 -19.10 16.06
CA THR F 489 -24.48 -19.93 15.66
C THR F 489 -23.41 -19.17 14.89
N ASP F 490 -23.83 -18.10 14.20
CA ASP F 490 -22.96 -17.28 13.36
C ASP F 490 -21.88 -16.51 14.15
N SER F 491 -22.27 -15.91 15.26
CA SER F 491 -21.32 -15.23 16.14
C SER F 491 -20.22 -16.22 16.56
N ILE F 492 -20.64 -17.42 16.95
CA ILE F 492 -19.74 -18.50 17.31
C ILE F 492 -18.75 -18.78 16.16
N LYS F 493 -19.20 -18.57 14.94
CA LYS F 493 -18.34 -18.83 13.79
C LYS F 493 -17.35 -17.67 13.54
N PHE F 494 -17.76 -16.45 13.87
CA PHE F 494 -16.91 -15.26 13.79
C PHE F 494 -15.73 -15.32 14.75
N TRP F 495 -16.05 -15.60 16.01
CA TRP F 495 -15.12 -15.60 17.15
C TRP F 495 -14.34 -16.85 17.28
N THR F 496 -14.12 -17.55 16.18
CA THR F 496 -13.48 -18.83 16.25
C THR F 496 -12.71 -19.07 14.99
N ARG F 497 -11.57 -19.72 15.11
CA ARG F 497 -10.81 -20.14 13.94
C ARG F 497 -10.67 -21.69 13.94
N THR F 498 -10.69 -22.29 12.76
CA THR F 498 -10.79 -23.75 12.62
C THR F 498 -9.42 -24.39 12.37
N LYS F 499 -9.08 -25.39 13.16
CA LYS F 499 -7.99 -26.30 12.83
C LYS F 499 -8.56 -27.52 12.10
N THR F 500 -7.78 -28.13 11.22
CA THR F 500 -8.15 -29.46 10.72
C THR F 500 -6.96 -30.38 10.89
N ILE F 501 -7.12 -31.33 11.81
CA ILE F 501 -6.09 -32.32 12.00
C ILE F 501 -6.37 -33.50 11.07
N THR F 502 -5.35 -33.91 10.33
CA THR F 502 -5.44 -35.13 9.57
C THR F 502 -4.39 -36.04 10.17
N SER F 503 -4.82 -37.21 10.62
CA SER F 503 -4.04 -38.02 11.53
C SER F 503 -3.95 -39.49 11.11
N ARG F 504 -2.77 -40.06 11.34
CA ARG F 504 -2.44 -41.41 10.92
C ARG F 504 -1.30 -41.84 11.83
N TRP F 505 -0.90 -43.11 11.75
CA TRP F 505 0.08 -43.68 12.67
C TRP F 505 0.89 -44.80 12.04
N PRO F 506 2.21 -44.86 12.34
CA PRO F 506 3.04 -46.01 11.96
C PRO F 506 3.00 -47.15 12.99
N SER F 507 3.29 -48.37 12.56
CA SER F 507 3.29 -49.54 13.47
C SER F 507 4.22 -49.40 14.71
N GLY F 508 3.93 -50.20 15.74
CA GLY F 508 4.68 -50.21 17.00
C GLY F 508 4.25 -51.32 17.96
N ILE F 509 3.91 -52.50 17.41
CA ILE F 509 3.62 -53.72 18.20
C ILE F 509 3.96 -55.02 17.45
N MSE G 23 -44.86 -68.60 -21.24
CA MSE G 23 -44.08 -67.65 -20.49
C MSE G 23 -44.50 -67.68 -19.05
O MSE G 23 -45.50 -67.06 -18.68
CB MSE G 23 -44.36 -66.26 -21.02
CG MSE G 23 -43.35 -65.72 -22.01
SE MSE G 23 -42.31 -64.27 -21.18
CE MSE G 23 -42.43 -64.96 -19.35
N MSE G 24 -43.78 -68.42 -18.25
CA MSE G 24 -43.92 -68.35 -16.84
C MSE G 24 -42.56 -68.17 -16.29
O MSE G 24 -41.79 -69.09 -16.47
CB MSE G 24 -44.30 -69.75 -16.52
CG MSE G 24 -44.80 -69.80 -15.11
SE MSE G 24 -46.72 -69.67 -15.28
CE MSE G 24 -47.06 -69.97 -13.39
N TYR G 25 -42.26 -67.10 -15.57
CA TYR G 25 -40.91 -66.95 -15.04
C TYR G 25 -40.83 -67.48 -13.66
N GLU G 26 -39.62 -67.71 -13.20
CA GLU G 26 -39.48 -68.29 -11.83
C GLU G 26 -38.40 -67.60 -11.01
N LEU G 27 -38.82 -66.82 -10.02
CA LEU G 27 -37.90 -65.99 -9.23
C LEU G 27 -37.36 -66.69 -7.98
N GLY G 28 -36.11 -66.39 -7.65
CA GLY G 28 -35.44 -66.94 -6.48
C GLY G 28 -34.96 -65.87 -5.52
N HIS G 29 -33.66 -65.93 -5.19
CA HIS G 29 -33.08 -64.97 -4.26
C HIS G 29 -31.92 -64.29 -4.94
N PHE G 30 -31.25 -63.41 -4.19
CA PHE G 30 -30.02 -62.78 -4.63
C PHE G 30 -29.07 -62.83 -3.43
N ILE G 31 -28.03 -63.64 -3.54
CA ILE G 31 -27.04 -63.79 -2.49
C ILE G 31 -25.67 -63.68 -3.17
N ASP G 32 -24.69 -63.10 -2.49
CA ASP G 32 -23.30 -63.08 -2.96
C ASP G 32 -23.10 -62.50 -4.34
N GLY G 33 -24.09 -61.74 -4.81
CA GLY G 33 -23.98 -61.04 -6.08
C GLY G 33 -24.55 -61.80 -7.27
N LYS G 34 -25.37 -62.81 -6.99
CA LYS G 34 -25.93 -63.67 -8.04
C LYS G 34 -27.37 -64.05 -7.72
N ARG G 35 -28.16 -64.25 -8.77
CA ARG G 35 -29.49 -64.83 -8.59
C ARG G 35 -29.30 -66.28 -8.19
N VAL G 36 -29.99 -66.70 -7.13
CA VAL G 36 -29.97 -68.12 -6.71
C VAL G 36 -31.38 -68.64 -6.47
N ALA G 37 -31.56 -69.97 -6.54
CA ALA G 37 -32.85 -70.57 -6.32
C ALA G 37 -33.01 -71.02 -4.87
N GLY G 38 -34.26 -71.10 -4.42
CA GLY G 38 -34.58 -71.46 -3.03
C GLY G 38 -34.60 -72.96 -2.78
N THR G 39 -33.94 -73.39 -1.70
CA THR G 39 -33.80 -74.81 -1.36
C THR G 39 -35.04 -75.42 -0.68
N SER G 40 -35.96 -74.58 -0.24
CA SER G 40 -37.22 -75.06 0.32
C SER G 40 -38.17 -75.60 -0.76
N GLY G 41 -39.14 -76.42 -0.34
CA GLY G 41 -40.12 -76.96 -1.26
C GLY G 41 -41.30 -76.05 -1.53
N ARG G 42 -41.25 -74.83 -0.97
CA ARG G 42 -42.34 -73.87 -1.08
C ARG G 42 -42.12 -72.77 -2.15
N VAL G 43 -43.22 -72.38 -2.79
CA VAL G 43 -43.22 -71.36 -3.84
C VAL G 43 -44.54 -70.58 -3.87
N SER G 44 -44.49 -69.27 -4.06
CA SER G 44 -45.70 -68.47 -4.13
C SER G 44 -46.00 -67.94 -5.55
N ASN G 45 -47.27 -67.85 -5.93
CA ASN G 45 -47.64 -67.39 -7.26
C ASN G 45 -47.56 -65.86 -7.47
N ILE G 46 -47.05 -65.44 -8.64
CA ILE G 46 -47.06 -64.05 -9.04
C ILE G 46 -48.16 -63.88 -10.07
N PHE G 47 -48.89 -62.76 -9.96
CA PHE G 47 -50.01 -62.50 -10.84
C PHE G 47 -49.80 -61.34 -11.78
N ASN G 48 -50.56 -61.33 -12.87
CA ASN G 48 -50.78 -60.13 -13.62
C ASN G 48 -52.14 -59.67 -13.18
N PRO G 49 -52.20 -58.57 -12.43
CA PRO G 49 -53.49 -58.24 -11.88
C PRO G 49 -54.44 -57.72 -12.95
N ALA G 50 -53.91 -57.37 -14.11
CA ALA G 50 -54.76 -56.89 -15.20
C ALA G 50 -55.60 -58.04 -15.74
N THR G 51 -54.98 -59.21 -15.85
CA THR G 51 -55.60 -60.39 -16.47
C THR G 51 -56.11 -61.43 -15.47
N GLY G 52 -55.70 -61.29 -14.21
CA GLY G 52 -55.96 -62.29 -13.19
C GLY G 52 -55.09 -63.55 -13.37
N GLU G 53 -54.37 -63.63 -14.50
CA GLU G 53 -53.57 -64.83 -14.83
C GLU G 53 -52.29 -64.93 -13.99
N VAL G 54 -51.97 -66.14 -13.53
CA VAL G 54 -50.67 -66.35 -12.91
C VAL G 54 -49.62 -66.10 -13.98
N GLN G 55 -48.60 -65.30 -13.68
CA GLN G 55 -47.56 -65.07 -14.67
C GLN G 55 -46.18 -65.62 -14.26
N GLY G 56 -46.00 -65.97 -12.98
CA GLY G 56 -44.72 -66.48 -12.43
C GLY G 56 -44.76 -66.98 -10.98
N THR G 57 -43.60 -67.29 -10.39
CA THR G 57 -43.58 -67.76 -9.01
C THR G 57 -42.34 -67.33 -8.24
N VAL G 58 -42.51 -67.13 -6.93
CA VAL G 58 -41.42 -66.71 -6.03
C VAL G 58 -40.97 -67.83 -5.09
N ALA G 59 -39.66 -68.02 -5.01
CA ALA G 59 -39.05 -68.76 -3.93
C ALA G 59 -39.50 -68.18 -2.60
N LEU G 60 -40.11 -69.01 -1.77
CA LEU G 60 -40.31 -68.66 -0.38
C LEU G 60 -39.15 -69.31 0.41
N ALA G 61 -38.17 -68.51 0.80
CA ALA G 61 -36.95 -68.98 1.49
C ALA G 61 -37.18 -69.59 2.87
N SER G 62 -36.40 -70.64 3.17
CA SER G 62 -36.36 -71.27 4.50
C SER G 62 -35.26 -70.64 5.37
N ASP G 63 -35.10 -71.17 6.58
CA ASP G 63 -34.05 -70.70 7.50
C ASP G 63 -32.66 -71.02 6.98
N ALA G 64 -32.54 -72.12 6.25
CA ALA G 64 -31.29 -72.48 5.59
C ALA G 64 -30.95 -71.41 4.55
N ASP G 65 -31.96 -70.97 3.80
CA ASP G 65 -31.81 -69.91 2.83
C ASP G 65 -31.43 -68.58 3.48
N LEU G 66 -32.16 -68.19 4.53
CA LEU G 66 -31.89 -66.95 5.22
C LEU G 66 -30.55 -66.94 5.95
N ALA G 67 -30.11 -68.08 6.46
CA ALA G 67 -28.86 -68.13 7.18
C ALA G 67 -27.71 -68.00 6.18
N ALA G 68 -27.95 -68.48 4.96
CA ALA G 68 -26.96 -68.39 3.88
C ALA G 68 -26.68 -66.93 3.51
N ALA G 69 -27.72 -66.10 3.53
CA ALA G 69 -27.59 -64.68 3.21
C ALA G 69 -26.96 -63.90 4.37
N VAL G 70 -27.25 -64.31 5.60
CA VAL G 70 -26.61 -63.74 6.77
C VAL G 70 -25.11 -64.09 6.78
N GLU G 71 -24.77 -65.33 6.41
CA GLU G 71 -23.35 -65.70 6.31
C GLU G 71 -22.56 -64.94 5.25
N SER G 72 -23.23 -64.43 4.21
CA SER G 72 -22.55 -63.63 3.18
C SER G 72 -22.33 -62.23 3.69
N ALA G 73 -23.30 -61.72 4.43
CA ALA G 73 -23.23 -60.39 5.01
C ALA G 73 -22.05 -60.27 5.96
N LYS G 74 -21.92 -61.26 6.86
CA LYS G 74 -20.82 -61.31 7.82
C LYS G 74 -19.49 -61.27 7.08
N ALA G 75 -19.36 -62.10 6.04
CA ALA G 75 -18.18 -62.14 5.17
C ALA G 75 -17.79 -60.78 4.56
N ALA G 76 -18.77 -60.11 3.97
CA ALA G 76 -18.53 -58.89 3.20
C ALA G 76 -18.44 -57.62 4.03
N GLN G 77 -19.16 -57.54 5.14
CA GLN G 77 -19.32 -56.23 5.82
C GLN G 77 -18.03 -55.60 6.34
N PRO G 78 -17.14 -56.37 7.02
CA PRO G 78 -15.85 -55.80 7.42
C PRO G 78 -15.19 -54.96 6.31
N LYS G 79 -14.93 -55.58 5.15
CA LYS G 79 -14.31 -54.91 4.01
C LYS G 79 -15.05 -53.67 3.51
N TRP G 80 -16.37 -53.69 3.56
CA TRP G 80 -17.18 -52.60 3.05
C TRP G 80 -17.27 -51.47 4.04
N ALA G 81 -17.21 -51.78 5.33
CA ALA G 81 -17.15 -50.73 6.37
C ALA G 81 -15.78 -50.09 6.32
N ALA G 82 -14.81 -50.87 5.83
CA ALA G 82 -13.44 -50.46 5.71
C ALA G 82 -13.16 -49.53 4.52
N THR G 83 -14.15 -49.33 3.64
CA THR G 83 -13.97 -48.47 2.46
C THR G 83 -14.44 -47.03 2.72
N ASN G 84 -13.54 -46.06 2.55
CA ASN G 84 -13.76 -44.67 2.98
C ASN G 84 -15.01 -44.05 2.42
N PRO G 85 -15.66 -43.19 3.21
CA PRO G 85 -17.00 -42.71 2.88
C PRO G 85 -17.20 -42.30 1.39
N GLN G 86 -16.36 -41.40 0.88
CA GLN G 86 -16.58 -40.87 -0.47
C GLN G 86 -16.62 -41.97 -1.52
N ARG G 87 -15.79 -42.99 -1.29
CA ARG G 87 -15.70 -44.16 -2.16
C ARG G 87 -16.99 -44.98 -2.11
N ARG G 88 -17.56 -45.13 -0.91
CA ARG G 88 -18.89 -45.77 -0.76
C ARG G 88 -19.96 -44.99 -1.49
N ALA G 89 -19.84 -43.67 -1.49
CA ALA G 89 -20.84 -42.81 -2.10
C ALA G 89 -20.76 -42.87 -3.61
N ARG G 90 -19.53 -43.02 -4.12
CA ARG G 90 -19.30 -43.21 -5.53
C ARG G 90 -20.13 -44.34 -6.14
N VAL G 91 -20.33 -45.42 -5.38
CA VAL G 91 -21.16 -46.55 -5.83
C VAL G 91 -22.61 -46.10 -6.04
N PHE G 92 -23.09 -45.23 -5.13
CA PHE G 92 -24.43 -44.69 -5.20
C PHE G 92 -24.64 -43.71 -6.35
N MSE G 93 -23.61 -42.99 -6.76
CA MSE G 93 -23.71 -42.12 -7.92
C MSE G 93 -23.92 -42.94 -9.16
O MSE G 93 -24.77 -42.62 -10.03
CB MSE G 93 -22.38 -41.45 -8.06
CG MSE G 93 -22.27 -40.33 -7.06
SE MSE G 93 -20.82 -39.13 -7.62
CE MSE G 93 -19.47 -39.68 -6.28
N LYS G 94 -23.13 -44.00 -9.24
CA LYS G 94 -23.20 -44.92 -10.35
C LYS G 94 -24.52 -45.70 -10.34
N PHE G 95 -25.05 -46.03 -9.16
CA PHE G 95 -26.37 -46.71 -9.03
C PHE G 95 -27.51 -45.80 -9.48
N VAL G 96 -27.40 -44.53 -9.13
CA VAL G 96 -28.37 -43.52 -9.57
C VAL G 96 -28.30 -43.45 -11.08
N GLN G 97 -27.08 -43.41 -11.60
CA GLN G 97 -26.88 -43.37 -13.03
C GLN G 97 -27.65 -44.49 -13.70
N LEU G 98 -27.56 -45.67 -13.08
CA LEU G 98 -28.01 -46.92 -13.71
C LEU G 98 -29.53 -47.08 -13.67
N LEU G 99 -30.17 -46.45 -12.69
CA LEU G 99 -31.61 -46.46 -12.58
C LEU G 99 -32.20 -45.68 -13.73
N ASN G 100 -31.75 -44.45 -13.93
CA ASN G 100 -32.19 -43.72 -15.11
C ASN G 100 -32.03 -44.62 -16.34
N ASP G 101 -30.84 -45.16 -16.52
CA ASP G 101 -30.53 -45.99 -17.67
C ASP G 101 -31.54 -47.14 -17.81
N ASN G 102 -31.96 -47.73 -16.70
CA ASN G 102 -32.93 -48.83 -16.75
C ASN G 102 -34.32 -48.45 -16.23
N MSE G 103 -34.59 -47.15 -16.26
CA MSE G 103 -35.89 -46.59 -15.86
C MSE G 103 -37.00 -47.33 -16.55
O MSE G 103 -37.82 -47.98 -15.89
CB MSE G 103 -35.86 -45.07 -16.13
CG MSE G 103 -37.10 -44.31 -15.67
SE MSE G 103 -37.51 -44.64 -13.76
CE MSE G 103 -36.27 -43.34 -12.94
N ASN G 104 -37.05 -47.27 -17.88
CA ASN G 104 -38.12 -47.90 -18.64
C ASN G 104 -38.30 -49.36 -18.32
N GLU G 105 -37.21 -50.12 -18.34
CA GLU G 105 -37.28 -51.56 -18.12
C GLU G 105 -37.83 -51.89 -16.74
N LEU G 106 -37.35 -51.16 -15.74
CA LEU G 106 -37.77 -51.34 -14.35
C LEU G 106 -39.22 -50.99 -14.11
N ALA G 107 -39.68 -49.92 -14.76
CA ALA G 107 -41.04 -49.44 -14.57
C ALA G 107 -42.01 -50.53 -15.06
N GLU G 108 -41.68 -51.11 -16.20
CA GLU G 108 -42.48 -52.15 -16.83
C GLU G 108 -42.71 -53.33 -15.88
N MSE G 109 -41.63 -53.85 -15.30
CA MSE G 109 -41.74 -55.12 -14.56
C MSE G 109 -42.43 -54.86 -13.26
O MSE G 109 -43.11 -55.75 -12.73
CB MSE G 109 -40.40 -55.84 -14.39
CG MSE G 109 -39.19 -54.93 -14.39
SE MSE G 109 -37.81 -55.75 -13.24
CE MSE G 109 -36.78 -56.78 -14.57
N LEU G 110 -42.30 -53.64 -12.75
CA LEU G 110 -43.05 -53.19 -11.58
C LEU G 110 -44.53 -53.12 -11.92
N SER G 111 -44.86 -52.43 -13.00
CA SER G 111 -46.26 -52.23 -13.39
C SER G 111 -46.91 -53.57 -13.66
N ARG G 112 -46.12 -54.46 -14.27
CA ARG G 112 -46.59 -55.77 -14.72
C ARG G 112 -47.15 -56.62 -13.59
N GLU G 113 -46.57 -56.49 -12.41
CA GLU G 113 -46.93 -57.34 -11.27
C GLU G 113 -47.80 -56.58 -10.24
N HIS G 114 -47.69 -55.26 -10.21
CA HIS G 114 -48.42 -54.47 -9.22
C HIS G 114 -49.70 -53.77 -9.70
N GLY G 115 -49.80 -53.54 -11.02
CA GLY G 115 -51.02 -53.02 -11.64
C GLY G 115 -51.01 -51.54 -11.92
N LYS G 116 -50.34 -50.78 -11.05
CA LYS G 116 -50.19 -49.32 -11.15
C LYS G 116 -49.62 -48.86 -12.49
N THR G 117 -50.01 -47.65 -12.91
CA THR G 117 -49.57 -47.07 -14.19
C THR G 117 -48.06 -47.03 -14.32
N ILE G 118 -47.57 -47.08 -15.56
CA ILE G 118 -46.15 -46.91 -15.82
C ILE G 118 -45.58 -45.60 -15.23
N ASP G 119 -46.32 -44.51 -15.36
CA ASP G 119 -45.87 -43.27 -14.74
C ASP G 119 -45.80 -43.37 -13.23
N ASP G 120 -46.73 -44.11 -12.61
CA ASP G 120 -46.68 -44.36 -11.16
C ASP G 120 -45.46 -45.18 -10.82
N ALA G 121 -45.14 -46.13 -11.68
CA ALA G 121 -43.98 -46.99 -11.52
C ALA G 121 -42.70 -46.15 -11.51
N LYS G 122 -42.59 -45.22 -12.47
CA LYS G 122 -41.45 -44.28 -12.56
C LYS G 122 -41.39 -43.37 -11.33
N GLY G 123 -42.56 -42.83 -10.97
CA GLY G 123 -42.75 -42.09 -9.73
C GLY G 123 -42.26 -42.90 -8.56
N ASP G 124 -42.61 -44.18 -8.51
CA ASP G 124 -42.16 -45.04 -7.44
C ASP G 124 -40.64 -45.00 -7.41
N ILE G 125 -40.02 -45.52 -8.47
CA ILE G 125 -38.56 -45.67 -8.56
C ILE G 125 -37.78 -44.37 -8.33
N VAL G 126 -38.20 -43.28 -8.96
CA VAL G 126 -37.58 -41.96 -8.79
C VAL G 126 -37.47 -41.57 -7.32
N ARG G 127 -38.57 -41.72 -6.58
CA ARG G 127 -38.61 -41.34 -5.17
C ARG G 127 -37.50 -42.12 -4.45
N GLY G 128 -37.47 -43.43 -4.65
CA GLY G 128 -36.38 -44.25 -4.14
C GLY G 128 -35.04 -43.71 -4.60
N LEU G 129 -34.92 -43.50 -5.91
CA LEU G 129 -33.71 -42.95 -6.51
C LEU G 129 -33.27 -41.70 -5.76
N GLU G 130 -34.24 -40.88 -5.36
CA GLU G 130 -33.98 -39.64 -4.65
C GLU G 130 -33.33 -39.83 -3.28
N VAL G 131 -33.56 -40.96 -2.63
CA VAL G 131 -32.86 -41.19 -1.36
C VAL G 131 -31.42 -41.62 -1.66
N CYS G 132 -31.23 -42.29 -2.78
CA CYS G 132 -29.88 -42.66 -3.21
C CYS G 132 -29.03 -41.43 -3.42
N GLU G 133 -29.63 -40.39 -4.01
CA GLU G 133 -28.94 -39.12 -4.19
C GLU G 133 -28.57 -38.49 -2.84
N PHE G 134 -29.51 -38.50 -1.90
CA PHE G 134 -29.31 -37.96 -0.58
C PHE G 134 -28.06 -38.54 0.05
N VAL G 135 -27.91 -39.83 -0.20
CA VAL G 135 -27.00 -40.66 0.57
C VAL G 135 -25.58 -40.57 0.03
N ILE G 136 -25.47 -40.04 -1.19
CA ILE G 136 -24.19 -39.68 -1.80
C ILE G 136 -23.36 -38.82 -0.86
N GLY G 137 -24.05 -38.13 0.05
CA GLY G 137 -23.39 -37.22 0.96
C GLY G 137 -23.05 -37.85 2.30
N ILE G 138 -22.94 -39.16 2.32
CA ILE G 138 -22.66 -39.84 3.56
C ILE G 138 -21.44 -39.26 4.32
N PRO G 139 -20.40 -38.82 3.60
CA PRO G 139 -19.27 -38.29 4.34
C PRO G 139 -19.62 -37.11 5.24
N HIS G 140 -20.46 -36.19 4.76
CA HIS G 140 -20.88 -35.09 5.62
C HIS G 140 -21.85 -35.60 6.64
N LEU G 141 -22.71 -36.52 6.19
CA LEU G 141 -23.80 -37.04 6.99
C LEU G 141 -23.37 -37.90 8.19
N GLN G 142 -22.20 -38.55 8.07
CA GLN G 142 -21.70 -39.48 9.10
C GLN G 142 -20.67 -38.87 10.09
N LYS G 143 -20.41 -37.57 9.95
CA LYS G 143 -19.58 -36.79 10.87
C LYS G 143 -20.11 -36.85 12.29
N SER G 144 -19.21 -36.59 13.21
CA SER G 144 -19.44 -36.84 14.60
C SER G 144 -18.94 -35.59 15.27
N GLU G 145 -19.12 -35.46 16.58
CA GLU G 145 -18.67 -34.27 17.27
C GLU G 145 -17.31 -34.43 17.92
N PHE G 146 -16.50 -33.38 17.87
CA PHE G 146 -15.20 -33.35 18.55
C PHE G 146 -15.21 -32.20 19.53
N THR G 147 -14.46 -32.37 20.62
CA THR G 147 -14.36 -31.38 21.68
C THR G 147 -12.94 -31.36 22.24
N GLU G 148 -12.31 -30.19 22.19
CA GLU G 148 -11.01 -30.07 22.81
C GLU G 148 -11.10 -29.50 24.21
N GLY G 149 -10.32 -30.07 25.11
CA GLY G 149 -10.22 -29.58 26.48
C GLY G 149 -11.43 -29.79 27.36
N ALA G 150 -12.11 -30.94 27.17
CA ALA G 150 -13.27 -31.32 27.98
C ALA G 150 -12.91 -31.28 29.46
N GLY G 151 -11.73 -31.80 29.77
CA GLY G 151 -11.13 -31.63 31.07
C GLY G 151 -9.83 -30.88 30.86
N PRO G 152 -8.90 -30.95 31.86
CA PRO G 152 -7.59 -30.34 31.67
C PRO G 152 -6.69 -31.20 30.77
N GLY G 153 -6.67 -30.88 29.47
CA GLY G 153 -5.97 -31.71 28.49
C GLY G 153 -6.67 -33.04 28.20
N ILE G 154 -8.01 -33.01 28.15
CA ILE G 154 -8.78 -34.19 27.78
C ILE G 154 -9.66 -33.88 26.56
N ASP G 155 -9.59 -34.74 25.55
CA ASP G 155 -10.36 -34.57 24.33
C ASP G 155 -11.49 -35.59 24.29
N MSE G 156 -12.68 -35.11 23.93
CA MSE G 156 -13.89 -35.93 23.89
C MSE G 156 -14.51 -35.92 22.51
O MSE G 156 -14.82 -34.85 21.94
CB MSE G 156 -14.85 -35.39 24.94
CG MSE G 156 -15.77 -36.50 25.41
SE MSE G 156 -16.87 -35.94 26.95
CE MSE G 156 -15.61 -36.39 28.41
N TYR G 157 -14.72 -37.11 21.95
CA TYR G 157 -15.27 -37.22 20.60
C TYR G 157 -15.92 -38.55 20.27
N SER G 158 -17.00 -38.45 19.52
CA SER G 158 -17.72 -39.60 19.03
C SER G 158 -17.32 -40.01 17.59
N ILE G 159 -17.52 -41.29 17.32
CA ILE G 159 -17.36 -41.86 16.01
C ILE G 159 -18.67 -42.59 15.71
N ARG G 160 -19.20 -42.39 14.50
CA ARG G 160 -20.39 -43.11 14.06
C ARG G 160 -20.02 -44.33 13.22
N GLN G 161 -20.19 -45.50 13.81
CA GLN G 161 -19.77 -46.74 13.17
C GLN G 161 -20.97 -47.56 12.70
N PRO G 162 -20.76 -48.39 11.67
CA PRO G 162 -21.76 -49.35 11.21
C PRO G 162 -22.44 -50.09 12.34
N VAL G 163 -23.71 -50.36 12.14
CA VAL G 163 -24.47 -51.14 13.09
C VAL G 163 -24.17 -52.64 13.02
N GLY G 164 -23.76 -53.10 11.82
CA GLY G 164 -23.43 -54.50 11.56
C GLY G 164 -24.15 -54.98 10.32
N ILE G 165 -25.15 -55.83 10.52
CA ILE G 165 -26.04 -56.31 9.46
C ILE G 165 -27.46 -55.86 9.79
N GLY G 166 -28.09 -55.17 8.87
CA GLY G 166 -29.49 -54.78 9.03
C GLY G 166 -30.41 -55.62 8.16
N ALA G 167 -31.71 -55.56 8.46
CA ALA G 167 -32.77 -56.17 7.63
C ALA G 167 -33.92 -55.22 7.45
N GLY G 168 -34.58 -55.30 6.31
CA GLY G 168 -35.75 -54.46 6.04
C GLY G 168 -36.82 -55.30 5.37
N ILE G 169 -38.08 -55.03 5.69
CA ILE G 169 -39.23 -55.74 5.12
C ILE G 169 -40.15 -54.71 4.50
N THR G 170 -40.51 -54.95 3.24
CA THR G 170 -41.30 -53.98 2.50
C THR G 170 -42.60 -54.58 2.00
N PRO G 171 -43.62 -53.72 1.81
CA PRO G 171 -44.90 -54.11 1.25
C PRO G 171 -44.92 -54.25 -0.29
N PHE G 172 -46.10 -54.54 -0.84
CA PHE G 172 -46.28 -54.77 -2.27
C PHE G 172 -46.38 -53.39 -2.87
N ASN G 173 -46.91 -52.49 -2.04
CA ASN G 173 -47.21 -51.12 -2.36
C ASN G 173 -46.21 -50.45 -3.27
N PHE G 174 -44.97 -50.41 -2.81
CA PHE G 174 -43.89 -49.77 -3.52
C PHE G 174 -42.70 -50.69 -3.46
N PRO G 175 -42.51 -51.50 -4.50
CA PRO G 175 -41.37 -52.43 -4.55
C PRO G 175 -40.05 -51.74 -4.94
N GLY G 176 -40.09 -50.47 -5.31
CA GLY G 176 -38.86 -49.75 -5.65
C GLY G 176 -38.47 -48.78 -4.56
N MSE G 177 -39.40 -47.93 -4.19
CA MSE G 177 -39.13 -46.82 -3.30
C MSE G 177 -38.76 -47.26 -1.91
O MSE G 177 -37.74 -46.83 -1.37
CB MSE G 177 -40.42 -46.01 -3.30
CG MSE G 177 -40.14 -44.56 -2.96
SE MSE G 177 -41.79 -43.73 -2.25
CE MSE G 177 -42.44 -45.16 -1.04
N ILE G 178 -39.56 -48.14 -1.32
CA ILE G 178 -39.38 -48.48 0.11
C ILE G 178 -38.08 -49.24 0.41
N PRO G 179 -37.74 -50.29 -0.41
CA PRO G 179 -36.44 -50.94 -0.28
C PRO G 179 -35.29 -49.95 -0.29
N MSE G 180 -35.26 -49.13 -1.34
CA MSE G 180 -34.23 -48.11 -1.52
C MSE G 180 -34.21 -47.19 -0.32
O MSE G 180 -33.13 -46.86 0.19
CB MSE G 180 -34.45 -47.37 -2.82
CG MSE G 180 -34.14 -48.29 -3.99
SE MSE G 180 -33.92 -47.26 -5.66
CE MSE G 180 -35.70 -47.55 -6.47
N TRP G 181 -35.38 -46.77 0.13
CA TRP G 181 -35.53 -46.04 1.39
C TRP G 181 -34.70 -46.66 2.47
N MSE G 182 -34.77 -47.98 2.58
CA MSE G 182 -34.09 -48.67 3.67
C MSE G 182 -32.66 -48.96 3.37
O MSE G 182 -31.78 -48.57 4.15
CB MSE G 182 -34.81 -49.95 4.01
CG MSE G 182 -36.21 -49.61 4.47
SE MSE G 182 -37.07 -51.35 4.75
CE MSE G 182 -38.72 -50.72 5.63
N PHE G 183 -32.37 -49.63 2.25
CA PHE G 183 -30.99 -50.05 2.02
C PHE G 183 -29.96 -48.96 1.67
N ALA G 184 -30.40 -47.86 1.08
CA ALA G 184 -29.47 -46.77 0.78
C ALA G 184 -28.75 -46.20 2.02
N PRO G 185 -29.49 -45.68 3.03
CA PRO G 185 -28.78 -45.19 4.22
C PRO G 185 -28.05 -46.35 4.91
N ALA G 186 -28.75 -47.47 5.09
CA ALA G 186 -28.15 -48.68 5.64
C ALA G 186 -26.76 -48.94 5.04
N ILE G 187 -26.69 -49.02 3.72
CA ILE G 187 -25.46 -49.44 3.04
C ILE G 187 -24.41 -48.35 3.04
N ALA G 188 -24.78 -47.14 2.61
CA ALA G 188 -23.92 -45.98 2.77
C ALA G 188 -23.24 -45.94 4.14
N CYS G 189 -23.88 -46.50 5.15
CA CYS G 189 -23.39 -46.36 6.52
C CYS G 189 -22.33 -47.37 6.94
N GLY G 190 -21.98 -48.27 6.03
CA GLY G 190 -20.98 -49.32 6.34
C GLY G 190 -21.60 -50.70 6.52
N ASN G 191 -22.92 -50.74 6.63
CA ASN G 191 -23.65 -51.97 6.87
C ASN G 191 -23.80 -52.81 5.60
N ALA G 192 -24.22 -54.05 5.81
CA ALA G 192 -24.76 -54.88 4.76
C ALA G 192 -26.21 -55.14 5.12
N PHE G 193 -27.05 -55.25 4.09
CA PHE G 193 -28.48 -55.24 4.23
C PHE G 193 -29.11 -56.52 3.66
N ILE G 194 -30.17 -56.97 4.31
CA ILE G 194 -30.96 -58.05 3.77
C ILE G 194 -32.37 -57.53 3.51
N LEU G 195 -32.79 -57.58 2.26
CA LEU G 195 -34.11 -57.15 1.96
C LEU G 195 -35.01 -58.37 1.87
N LYS G 196 -36.09 -58.39 2.66
CA LYS G 196 -37.20 -59.29 2.41
C LYS G 196 -38.42 -58.52 1.90
N PRO G 197 -38.54 -58.40 0.56
CA PRO G 197 -39.61 -57.61 -0.05
C PRO G 197 -40.89 -58.38 -0.12
N SER G 198 -41.93 -57.74 -0.66
CA SER G 198 -43.23 -58.40 -0.80
C SER G 198 -43.15 -59.37 -1.93
N GLU G 199 -43.77 -60.52 -1.72
CA GLU G 199 -43.71 -61.64 -2.65
C GLU G 199 -44.92 -61.63 -3.57
N ARG G 200 -45.52 -60.47 -3.73
CA ARG G 200 -46.50 -60.28 -4.77
C ARG G 200 -45.77 -59.88 -6.05
N ASP G 201 -44.83 -58.93 -5.91
CA ASP G 201 -44.17 -58.26 -7.03
C ASP G 201 -42.66 -58.09 -6.84
N PRO G 202 -41.89 -59.21 -6.90
CA PRO G 202 -40.51 -59.24 -6.42
C PRO G 202 -39.41 -59.06 -7.47
N SER G 203 -39.80 -58.91 -8.73
CA SER G 203 -38.82 -58.76 -9.80
C SER G 203 -37.98 -57.50 -9.62
N VAL G 204 -38.62 -56.43 -9.15
CA VAL G 204 -37.96 -55.13 -8.96
C VAL G 204 -36.78 -55.22 -7.96
N PRO G 205 -37.06 -55.54 -6.70
CA PRO G 205 -36.00 -55.68 -5.71
C PRO G 205 -34.82 -56.53 -6.15
N ILE G 206 -35.04 -57.54 -7.01
CA ILE G 206 -33.91 -58.39 -7.43
C ILE G 206 -33.06 -57.67 -8.47
N ARG G 207 -33.72 -57.09 -9.47
CA ARG G 207 -33.04 -56.26 -10.44
C ARG G 207 -32.28 -55.12 -9.74
N LEU G 208 -32.92 -54.43 -8.79
CA LEU G 208 -32.29 -53.39 -7.95
C LEU G 208 -30.97 -53.88 -7.36
N ALA G 209 -31.00 -55.05 -6.73
CA ALA G 209 -29.82 -55.63 -6.13
C ALA G 209 -28.72 -55.85 -7.15
N GLU G 210 -29.12 -56.38 -8.30
CA GLU G 210 -28.20 -56.76 -9.37
C GLU G 210 -27.57 -55.53 -10.02
N LEU G 211 -28.32 -54.43 -10.09
CA LEU G 211 -27.84 -53.17 -10.67
C LEU G 211 -26.94 -52.45 -9.69
N MSE G 212 -27.15 -52.70 -8.41
CA MSE G 212 -26.25 -52.25 -7.36
C MSE G 212 -24.91 -52.91 -7.54
O MSE G 212 -23.88 -52.24 -7.51
CB MSE G 212 -26.92 -52.66 -6.05
CG MSE G 212 -26.35 -51.91 -4.89
SE MSE G 212 -26.78 -49.99 -5.00
CE MSE G 212 -25.49 -49.41 -3.63
N ILE G 213 -24.91 -54.23 -7.73
CA ILE G 213 -23.67 -54.96 -7.99
C ILE G 213 -22.98 -54.32 -9.19
N GLU G 214 -23.75 -54.10 -10.26
CA GLU G 214 -23.23 -53.50 -11.47
C GLU G 214 -22.55 -52.17 -11.22
N ALA G 215 -23.14 -51.38 -10.32
CA ALA G 215 -22.60 -50.08 -9.91
C ALA G 215 -21.33 -50.20 -9.06
N GLY G 216 -21.02 -51.41 -8.59
CA GLY G 216 -19.76 -51.67 -7.92
C GLY G 216 -19.85 -52.05 -6.45
N LEU G 217 -21.05 -52.36 -5.97
CA LEU G 217 -21.21 -52.80 -4.59
C LEU G 217 -20.70 -54.23 -4.46
N PRO G 218 -19.83 -54.48 -3.47
CA PRO G 218 -19.29 -55.82 -3.20
C PRO G 218 -20.39 -56.88 -2.98
N ALA G 219 -20.10 -58.11 -3.40
CA ALA G 219 -21.01 -59.23 -3.22
C ALA G 219 -21.41 -59.44 -1.75
N GLY G 220 -22.71 -59.63 -1.50
CA GLY G 220 -23.23 -59.91 -0.15
C GLY G 220 -23.61 -58.68 0.66
N ILE G 221 -23.22 -57.51 0.18
CA ILE G 221 -23.61 -56.27 0.83
C ILE G 221 -25.09 -55.92 0.64
N LEU G 222 -25.65 -56.21 -0.54
CA LEU G 222 -27.10 -56.06 -0.75
C LEU G 222 -27.73 -57.37 -1.17
N ASN G 223 -28.15 -58.15 -0.17
CA ASN G 223 -28.77 -59.46 -0.41
C ASN G 223 -30.28 -59.42 -0.33
N VAL G 224 -30.93 -60.33 -1.04
CA VAL G 224 -32.39 -60.29 -1.20
C VAL G 224 -32.95 -61.68 -1.05
N VAL G 225 -33.66 -61.88 0.07
CA VAL G 225 -34.27 -63.15 0.35
C VAL G 225 -35.78 -63.01 0.27
N ASN G 226 -36.42 -63.77 -0.61
CA ASN G 226 -37.87 -63.76 -0.72
C ASN G 226 -38.55 -64.73 0.20
N GLY G 227 -39.79 -64.45 0.56
CA GLY G 227 -40.53 -65.34 1.44
C GLY G 227 -41.75 -64.73 2.11
N ASP G 228 -42.30 -65.47 3.08
CA ASP G 228 -43.49 -65.07 3.84
C ASP G 228 -43.17 -64.87 5.33
N LYS G 229 -44.16 -65.17 6.19
CA LYS G 229 -44.03 -64.99 7.64
C LYS G 229 -42.89 -65.84 8.15
N GLY G 230 -42.66 -66.97 7.51
CA GLY G 230 -41.53 -67.82 7.83
C GLY G 230 -40.23 -67.02 7.77
N ALA G 231 -39.97 -66.44 6.61
CA ALA G 231 -38.76 -65.65 6.43
C ALA G 231 -38.67 -64.56 7.50
N VAL G 232 -39.71 -63.75 7.64
CA VAL G 232 -39.73 -62.62 8.59
C VAL G 232 -39.26 -63.03 9.99
N ASP G 233 -39.83 -64.12 10.52
CA ASP G 233 -39.49 -64.58 11.84
C ASP G 233 -38.07 -65.08 11.92
N ALA G 234 -37.56 -65.61 10.82
CA ALA G 234 -36.14 -66.03 10.74
C ALA G 234 -35.26 -64.80 10.91
N ILE G 235 -35.64 -63.72 10.24
CA ILE G 235 -34.98 -62.43 10.40
C ILE G 235 -35.06 -61.99 11.85
N LEU G 236 -36.27 -61.96 12.41
CA LEU G 236 -36.52 -61.32 13.74
C LEU G 236 -35.78 -62.04 14.86
N THR G 237 -35.31 -63.23 14.51
CA THR G 237 -34.74 -64.18 15.44
C THR G 237 -33.23 -64.24 15.34
N HIS G 238 -32.71 -63.83 14.19
CA HIS G 238 -31.30 -64.05 13.88
C HIS G 238 -30.35 -63.15 14.63
N PRO G 239 -29.56 -63.76 15.54
CA PRO G 239 -28.68 -63.07 16.49
C PRO G 239 -27.62 -62.17 15.84
N ASP G 240 -27.40 -62.33 14.54
CA ASP G 240 -26.46 -61.50 13.78
C ASP G 240 -27.07 -60.28 13.06
N ILE G 241 -28.40 -60.21 13.05
CA ILE G 241 -29.09 -59.05 12.50
C ILE G 241 -29.39 -58.09 13.65
N ALA G 242 -28.84 -56.88 13.52
CA ALA G 242 -28.82 -55.88 14.57
C ALA G 242 -30.04 -54.95 14.57
N ALA G 243 -30.60 -54.68 13.38
CA ALA G 243 -31.64 -53.68 13.20
C ALA G 243 -32.70 -54.12 12.19
N VAL G 244 -33.94 -53.70 12.40
CA VAL G 244 -35.03 -54.12 11.52
C VAL G 244 -35.97 -52.95 11.22
N SER G 245 -36.26 -52.78 9.95
CA SER G 245 -37.03 -51.66 9.46
C SER G 245 -38.20 -52.24 8.71
N PHE G 246 -39.40 -51.81 9.07
CA PHE G 246 -40.60 -52.41 8.50
C PHE G 246 -41.58 -51.34 8.02
N VAL G 247 -42.11 -51.53 6.82
CA VAL G 247 -43.28 -50.79 6.37
C VAL G 247 -44.30 -51.78 5.86
N GLY G 248 -45.52 -51.66 6.34
CA GLY G 248 -46.59 -52.55 5.95
C GLY G 248 -47.81 -52.03 6.66
N SER G 249 -48.63 -52.94 7.18
CA SER G 249 -49.77 -52.50 7.94
C SER G 249 -49.45 -52.43 9.42
N THR G 250 -50.41 -51.94 10.18
CA THR G 250 -50.19 -51.60 11.56
C THR G 250 -50.35 -52.80 12.52
N PRO G 251 -51.20 -53.79 12.20
CA PRO G 251 -50.99 -55.00 12.97
C PRO G 251 -49.63 -55.65 12.70
N ILE G 252 -49.18 -55.72 11.44
CA ILE G 252 -47.97 -56.49 11.21
C ILE G 252 -46.80 -55.71 11.80
N ALA G 253 -46.77 -54.41 11.52
CA ALA G 253 -45.79 -53.48 12.07
C ALA G 253 -45.67 -53.58 13.58
N ARG G 254 -46.83 -53.62 14.25
CA ARG G 254 -46.88 -53.74 15.71
C ARG G 254 -46.24 -55.06 16.22
N TYR G 255 -46.31 -56.10 15.39
CA TYR G 255 -45.76 -57.41 15.73
C TYR G 255 -44.25 -57.46 15.50
N VAL G 256 -43.82 -56.94 14.36
CA VAL G 256 -42.41 -56.90 13.99
C VAL G 256 -41.66 -56.02 14.98
N TYR G 257 -42.30 -54.95 15.42
CA TYR G 257 -41.68 -54.06 16.39
C TYR G 257 -41.44 -54.81 17.69
N GLY G 258 -42.52 -55.33 18.27
CA GLY G 258 -42.43 -56.03 19.56
C GLY G 258 -41.52 -57.24 19.53
N THR G 259 -41.64 -58.06 18.49
CA THR G 259 -40.77 -59.22 18.35
C THR G 259 -39.30 -58.81 18.22
N ALA G 260 -39.05 -57.75 17.46
CA ALA G 260 -37.71 -57.25 17.24
C ALA G 260 -37.04 -56.90 18.56
N ALA G 261 -37.69 -56.03 19.32
CA ALA G 261 -37.21 -55.61 20.63
C ALA G 261 -37.03 -56.79 21.60
N MSE G 262 -37.96 -57.75 21.52
CA MSE G 262 -37.95 -58.93 22.35
C MSE G 262 -36.66 -59.68 22.18
O MSE G 262 -36.17 -60.30 23.12
CB MSE G 262 -39.07 -59.74 21.76
CG MSE G 262 -39.51 -60.87 22.66
SE MSE G 262 -40.95 -60.13 23.77
CE MSE G 262 -41.79 -61.85 24.25
N ASN G 263 -36.12 -59.63 20.97
CA ASN G 263 -34.87 -60.29 20.60
C ASN G 263 -33.69 -59.33 20.67
N GLY G 264 -33.92 -58.19 21.27
CA GLY G 264 -32.85 -57.29 21.63
C GLY G 264 -32.35 -56.36 20.56
N LYS G 265 -32.90 -56.43 19.36
CA LYS G 265 -32.40 -55.60 18.27
C LYS G 265 -33.18 -54.29 18.14
N ARG G 266 -32.65 -53.30 17.42
CA ARG G 266 -33.37 -52.06 17.20
C ARG G 266 -34.36 -52.13 16.02
N ALA G 267 -35.50 -51.45 16.17
CA ALA G 267 -36.59 -51.52 15.21
C ALA G 267 -37.19 -50.15 14.86
N GLN G 268 -37.71 -50.02 13.66
CA GLN G 268 -38.55 -48.91 13.27
C GLN G 268 -39.60 -49.51 12.37
N CYS G 269 -40.87 -49.21 12.60
CA CYS G 269 -41.95 -49.84 11.85
C CYS G 269 -42.99 -48.82 11.50
N PHE G 270 -43.51 -48.90 10.28
CA PHE G 270 -44.44 -47.90 9.80
C PHE G 270 -45.74 -48.49 9.24
N GLY G 271 -46.87 -47.96 9.68
CA GLY G 271 -48.11 -48.69 9.58
C GLY G 271 -49.21 -48.14 8.70
N GLY G 272 -50.43 -48.21 9.23
CA GLY G 272 -51.64 -47.85 8.50
C GLY G 272 -51.94 -46.37 8.45
N ALA G 273 -53.10 -46.03 7.90
CA ALA G 273 -53.40 -44.65 7.56
C ALA G 273 -54.86 -44.43 7.20
N LYS G 274 -55.38 -43.29 7.62
CA LYS G 274 -56.66 -42.79 7.14
C LYS G 274 -56.54 -41.30 6.89
N ASN G 275 -55.86 -40.95 5.81
CA ASN G 275 -55.51 -39.57 5.57
C ASN G 275 -56.73 -38.68 5.30
N HIS G 276 -56.95 -37.68 6.17
CA HIS G 276 -58.07 -36.75 6.05
C HIS G 276 -57.62 -35.50 5.32
N MSE G 277 -58.41 -35.01 4.36
CA MSE G 277 -58.18 -33.68 3.80
C MSE G 277 -59.30 -32.78 4.20
O MSE G 277 -60.47 -33.03 3.92
CB MSE G 277 -58.08 -33.69 2.28
CG MSE G 277 -58.03 -32.26 1.74
SE MSE G 277 -57.94 -32.30 -0.24
CE MSE G 277 -58.77 -30.55 -0.59
N ILE G 278 -58.94 -31.70 4.89
CA ILE G 278 -59.89 -30.71 5.37
C ILE G 278 -59.92 -29.54 4.41
N ILE G 279 -61.12 -29.06 4.10
CA ILE G 279 -61.27 -27.98 3.14
C ILE G 279 -62.12 -26.88 3.74
N MSE G 280 -61.54 -25.70 3.77
CA MSE G 280 -62.14 -24.57 4.47
C MSE G 280 -63.01 -23.82 3.49
O MSE G 280 -62.89 -24.03 2.28
CB MSE G 280 -60.95 -23.73 4.94
CG MSE G 280 -61.17 -23.07 6.30
SE MSE G 280 -61.29 -24.43 7.74
CE MSE G 280 -59.57 -25.25 7.27
N PRO G 281 -63.94 -22.97 3.99
CA PRO G 281 -64.80 -22.26 3.05
C PRO G 281 -64.02 -21.33 2.15
N ASP G 282 -62.91 -20.83 2.64
CA ASP G 282 -62.06 -19.92 1.87
C ASP G 282 -61.11 -20.62 0.88
N ALA G 283 -61.17 -21.95 0.81
CA ALA G 283 -60.18 -22.69 0.02
C ALA G 283 -60.46 -22.49 -1.46
N ASP G 284 -59.41 -22.67 -2.27
CA ASP G 284 -59.58 -22.79 -3.71
C ASP G 284 -60.20 -24.15 -3.92
N LEU G 285 -61.50 -24.12 -4.22
CA LEU G 285 -62.30 -25.34 -4.21
C LEU G 285 -61.93 -26.25 -5.35
N ASP G 286 -61.54 -25.65 -6.48
CA ASP G 286 -61.20 -26.41 -7.69
C ASP G 286 -59.90 -27.16 -7.52
N GLN G 287 -58.84 -26.45 -7.17
CA GLN G 287 -57.54 -27.07 -6.90
C GLN G 287 -57.67 -28.20 -5.88
N ALA G 288 -58.52 -27.98 -4.89
CA ALA G 288 -58.93 -28.98 -3.91
C ALA G 288 -59.61 -30.19 -4.56
N ALA G 289 -60.68 -29.93 -5.31
CA ALA G 289 -61.40 -31.00 -6.00
C ALA G 289 -60.44 -31.77 -6.90
N ASN G 290 -59.62 -31.04 -7.63
CA ASN G 290 -58.67 -31.68 -8.52
C ASN G 290 -57.58 -32.45 -7.83
N ALA G 291 -57.09 -31.93 -6.70
CA ALA G 291 -56.00 -32.60 -5.95
C ALA G 291 -56.57 -33.87 -5.38
N LEU G 292 -57.82 -33.77 -4.94
CA LEU G 292 -58.53 -34.85 -4.27
C LEU G 292 -58.75 -36.07 -5.17
N ILE G 293 -59.16 -35.86 -6.43
CA ILE G 293 -59.38 -37.06 -7.26
C ILE G 293 -58.04 -37.70 -7.60
N GLY G 294 -57.02 -36.87 -7.79
CA GLY G 294 -55.67 -37.35 -7.97
C GLY G 294 -55.28 -38.21 -6.78
N ALA G 295 -55.25 -37.59 -5.60
CA ALA G 295 -54.72 -38.23 -4.38
C ALA G 295 -55.58 -39.36 -3.85
N GLY G 296 -56.87 -39.36 -4.19
CA GLY G 296 -57.79 -40.41 -3.78
C GLY G 296 -57.83 -41.62 -4.69
N TYR G 297 -57.71 -41.40 -6.01
CA TYR G 297 -57.83 -42.49 -6.97
C TYR G 297 -56.52 -42.85 -7.69
N GLY G 298 -55.45 -42.13 -7.38
CA GLY G 298 -54.11 -42.47 -7.87
C GLY G 298 -53.71 -43.85 -7.43
N SER G 299 -53.09 -44.62 -8.32
CA SER G 299 -52.69 -45.99 -7.99
C SER G 299 -53.85 -46.80 -7.40
N ALA G 300 -55.08 -46.39 -7.71
CA ALA G 300 -56.30 -46.98 -7.13
C ALA G 300 -56.33 -46.99 -5.58
N GLY G 301 -55.80 -45.94 -4.97
CA GLY G 301 -55.81 -45.82 -3.52
C GLY G 301 -54.93 -46.81 -2.76
N GLU G 302 -54.07 -47.55 -3.45
CA GLU G 302 -53.15 -48.46 -2.74
C GLU G 302 -51.93 -47.68 -2.25
N ARG G 303 -52.18 -46.77 -1.30
CA ARG G 303 -51.11 -45.90 -0.76
C ARG G 303 -51.36 -45.51 0.71
N CYS G 304 -50.28 -45.53 1.50
CA CYS G 304 -50.33 -45.05 2.87
C CYS G 304 -50.47 -43.53 2.94
N MSE G 305 -50.50 -42.88 1.76
CA MSE G 305 -50.56 -41.42 1.67
C MSE G 305 -51.61 -40.97 0.68
O MSE G 305 -51.58 -39.83 0.18
CB MSE G 305 -49.20 -40.83 1.34
CG MSE G 305 -48.14 -41.08 2.42
SE MSE G 305 -48.44 -40.05 4.09
CE MSE G 305 -47.32 -38.47 3.73
N ALA G 306 -52.53 -41.85 0.36
CA ALA G 306 -53.71 -41.45 -0.39
C ALA G 306 -54.71 -40.83 0.59
N ILE G 307 -55.43 -39.84 0.10
CA ILE G 307 -56.52 -39.23 0.85
C ILE G 307 -57.73 -40.15 0.74
N SER G 308 -58.29 -40.51 1.88
CA SER G 308 -59.42 -41.42 1.88
C SER G 308 -60.63 -40.75 2.49
N VAL G 309 -60.41 -39.72 3.31
CA VAL G 309 -61.53 -38.95 3.79
C VAL G 309 -61.36 -37.53 3.34
N ALA G 310 -62.42 -36.99 2.76
CA ALA G 310 -62.45 -35.59 2.42
C ALA G 310 -63.44 -34.94 3.38
N VAL G 311 -62.97 -33.91 4.09
CA VAL G 311 -63.77 -33.20 5.08
C VAL G 311 -63.98 -31.74 4.65
N PRO G 312 -65.07 -31.49 3.92
CA PRO G 312 -65.49 -30.12 3.63
C PRO G 312 -66.00 -29.45 4.91
N VAL G 313 -65.63 -28.20 5.16
CA VAL G 313 -66.08 -27.56 6.37
C VAL G 313 -67.48 -26.97 6.17
N GLY G 314 -67.63 -26.00 5.27
CA GLY G 314 -68.95 -25.45 4.99
C GLY G 314 -70.08 -26.44 4.62
N GLU G 315 -71.31 -25.95 4.68
CA GLU G 315 -72.45 -26.63 4.07
C GLU G 315 -72.45 -26.45 2.53
N GLU G 316 -72.34 -25.21 2.05
CA GLU G 316 -72.04 -24.91 0.65
C GLU G 316 -70.83 -25.78 0.24
N THR G 317 -69.67 -25.53 0.85
CA THR G 317 -68.42 -26.23 0.51
C THR G 317 -68.62 -27.72 0.28
N ALA G 318 -69.39 -28.35 1.17
CA ALA G 318 -69.70 -29.79 1.05
C ALA G 318 -70.49 -30.06 -0.21
N ASN G 319 -71.62 -29.39 -0.37
CA ASN G 319 -72.42 -29.54 -1.59
C ASN G 319 -71.64 -29.24 -2.87
N ARG G 320 -70.84 -28.16 -2.89
CA ARG G 320 -70.10 -27.78 -4.10
C ARG G 320 -68.88 -28.68 -4.36
N LEU G 321 -68.31 -29.24 -3.29
CA LEU G 321 -67.21 -30.18 -3.45
C LEU G 321 -67.70 -31.43 -4.15
N ILE G 322 -68.87 -31.92 -3.74
CA ILE G 322 -69.45 -33.13 -4.31
C ILE G 322 -69.73 -32.96 -5.78
N ASP G 323 -70.41 -31.86 -6.11
CA ASP G 323 -70.82 -31.61 -7.47
C ASP G 323 -69.66 -31.51 -8.47
N LYS G 324 -68.44 -31.27 -7.96
CA LYS G 324 -67.24 -31.15 -8.79
C LYS G 324 -66.59 -32.51 -8.91
N LEU G 325 -66.76 -33.27 -7.84
CA LEU G 325 -66.12 -34.56 -7.66
C LEU G 325 -66.72 -35.63 -8.54
N VAL G 326 -68.05 -35.69 -8.54
CA VAL G 326 -68.81 -36.71 -9.27
C VAL G 326 -68.36 -36.92 -10.75
N PRO G 327 -68.38 -35.86 -11.58
CA PRO G 327 -68.05 -36.12 -12.97
C PRO G 327 -66.62 -36.60 -13.17
N MSE G 328 -65.75 -36.28 -12.21
CA MSE G 328 -64.33 -36.51 -12.39
C MSE G 328 -64.00 -37.95 -12.08
O MSE G 328 -63.21 -38.55 -12.83
CB MSE G 328 -63.55 -35.54 -11.53
CG MSE G 328 -63.66 -34.15 -12.16
SE MSE G 328 -62.12 -33.04 -11.65
CE MSE G 328 -62.65 -32.73 -9.76
N VAL G 329 -64.59 -38.49 -10.99
CA VAL G 329 -64.54 -39.93 -10.67
C VAL G 329 -65.25 -40.78 -11.75
N GLU G 330 -66.26 -40.19 -12.38
CA GLU G 330 -67.02 -40.92 -13.37
C GLU G 330 -66.24 -41.00 -14.69
N SER G 331 -65.53 -39.95 -15.04
CA SER G 331 -64.71 -39.96 -16.23
C SER G 331 -63.34 -40.61 -16.02
N LEU G 332 -63.03 -41.04 -14.80
CA LEU G 332 -61.75 -41.69 -14.56
C LEU G 332 -61.48 -42.72 -15.66
N ARG G 333 -60.26 -42.74 -16.20
CA ARG G 333 -59.94 -43.68 -17.23
C ARG G 333 -59.25 -44.90 -16.61
N ILE G 334 -59.88 -46.07 -16.72
CA ILE G 334 -59.34 -47.32 -16.12
C ILE G 334 -58.82 -48.29 -17.18
N GLY G 335 -57.61 -48.81 -16.96
CA GLY G 335 -57.04 -49.82 -17.85
C GLY G 335 -55.84 -50.53 -17.26
N PRO G 336 -55.14 -51.34 -18.07
CA PRO G 336 -53.87 -51.97 -17.70
C PRO G 336 -52.67 -51.05 -17.97
N TYR G 337 -51.47 -51.44 -17.53
CA TYR G 337 -50.28 -50.60 -17.72
C TYR G 337 -49.96 -50.44 -19.21
N THR G 338 -50.65 -51.24 -20.02
CA THR G 338 -50.55 -51.24 -21.47
C THR G 338 -51.21 -49.99 -22.09
N ASP G 339 -52.34 -49.58 -21.53
CA ASP G 339 -53.04 -48.37 -21.97
C ASP G 339 -52.43 -47.17 -21.23
N GLU G 340 -51.42 -46.57 -21.83
CA GLU G 340 -50.62 -45.55 -21.13
C GLU G 340 -51.38 -44.25 -20.91
N LYS G 341 -52.59 -44.20 -21.48
CA LYS G 341 -53.48 -43.04 -21.37
C LYS G 341 -54.32 -43.15 -20.09
N ALA G 342 -54.44 -44.37 -19.59
CA ALA G 342 -55.18 -44.65 -18.35
C ALA G 342 -54.50 -44.07 -17.13
N ASP G 343 -55.31 -43.60 -16.19
CA ASP G 343 -54.83 -43.08 -14.93
C ASP G 343 -55.18 -43.93 -13.72
N MSE G 344 -55.63 -45.16 -13.94
CA MSE G 344 -55.91 -46.05 -12.81
C MSE G 344 -55.81 -47.48 -13.22
O MSE G 344 -56.32 -47.86 -14.29
CB MSE G 344 -57.29 -45.79 -12.21
CG MSE G 344 -57.38 -46.24 -10.77
SE MSE G 344 -59.17 -45.89 -10.01
CE MSE G 344 -60.01 -47.63 -10.41
N GLY G 345 -55.18 -48.29 -12.39
CA GLY G 345 -54.99 -49.70 -12.70
C GLY G 345 -55.81 -50.67 -11.86
N PRO G 346 -55.48 -51.95 -11.94
CA PRO G 346 -56.10 -52.97 -11.12
C PRO G 346 -55.58 -53.04 -9.70
N VAL G 347 -56.39 -53.56 -8.82
CA VAL G 347 -55.97 -53.79 -7.50
C VAL G 347 -55.10 -54.94 -7.69
N VAL G 348 -54.38 -55.36 -6.69
CA VAL G 348 -53.30 -56.30 -6.91
C VAL G 348 -53.54 -57.78 -6.68
N THR G 349 -54.74 -58.14 -6.25
CA THR G 349 -54.99 -59.43 -5.76
C THR G 349 -56.50 -59.57 -5.79
N LYS G 350 -57.04 -60.79 -5.86
CA LYS G 350 -58.48 -61.02 -5.77
C LYS G 350 -58.95 -60.85 -4.38
N GLU G 351 -58.15 -61.33 -3.46
CA GLU G 351 -58.43 -61.15 -2.03
C GLU G 351 -58.64 -59.65 -1.73
N ALA G 352 -57.66 -58.84 -2.16
CA ALA G 352 -57.64 -57.38 -1.96
C ALA G 352 -58.88 -56.75 -2.56
N GLU G 353 -59.21 -57.17 -3.78
CA GLU G 353 -60.42 -56.72 -4.45
C GLU G 353 -61.62 -57.14 -3.60
N GLN G 354 -61.68 -58.41 -3.23
CA GLN G 354 -62.80 -58.95 -2.47
C GLN G 354 -62.97 -58.26 -1.08
N ARG G 355 -61.91 -57.62 -0.58
CA ARG G 355 -61.99 -56.91 0.70
C ARG G 355 -62.52 -55.50 0.53
N ILE G 356 -62.01 -54.81 -0.50
CA ILE G 356 -62.58 -53.53 -0.96
C ILE G 356 -64.10 -53.69 -1.16
N ARG G 357 -64.50 -54.68 -1.96
CA ARG G 357 -65.89 -54.80 -2.33
C ARG G 357 -66.73 -54.92 -1.06
N SER G 358 -66.31 -55.80 -0.13
CA SER G 358 -67.00 -55.99 1.16
C SER G 358 -67.25 -54.67 1.88
N LEU G 359 -66.20 -53.86 1.96
CA LEU G 359 -66.30 -52.58 2.63
C LEU G 359 -67.20 -51.58 1.91
N ILE G 360 -67.25 -51.63 0.57
CA ILE G 360 -68.20 -50.80 -0.18
C ILE G 360 -69.60 -51.25 0.16
N ASP G 361 -69.79 -52.57 0.30
CA ASP G 361 -71.08 -53.09 0.74
C ASP G 361 -71.53 -52.48 2.07
N SER G 362 -70.63 -52.46 3.06
CA SER G 362 -70.94 -51.99 4.40
C SER G 362 -71.28 -50.51 4.40
N GLY G 363 -70.60 -49.74 3.55
CA GLY G 363 -70.81 -48.29 3.45
C GLY G 363 -72.23 -47.98 3.06
N ILE G 364 -72.72 -48.73 2.08
CA ILE G 364 -74.12 -48.68 1.70
C ILE G 364 -74.91 -49.18 2.90
N GLU G 365 -74.57 -50.38 3.36
CA GLU G 365 -75.27 -51.05 4.43
C GLU G 365 -75.41 -50.22 5.69
N GLN G 366 -74.42 -49.40 6.01
CA GLN G 366 -74.48 -48.59 7.24
C GLN G 366 -75.06 -47.19 7.01
N GLY G 367 -75.48 -46.92 5.78
CA GLY G 367 -76.29 -45.73 5.51
C GLY G 367 -75.65 -44.59 4.75
N ALA G 368 -74.37 -44.70 4.42
CA ALA G 368 -73.73 -43.64 3.65
C ALA G 368 -74.29 -43.63 2.24
N LYS G 369 -74.27 -42.45 1.62
CA LYS G 369 -74.78 -42.26 0.28
C LYS G 369 -73.67 -42.55 -0.75
N LEU G 370 -73.86 -43.57 -1.60
CA LEU G 370 -72.86 -43.97 -2.62
C LEU G 370 -73.01 -43.19 -3.93
N VAL G 371 -72.64 -41.92 -3.91
CA VAL G 371 -72.82 -40.97 -5.03
C VAL G 371 -72.20 -41.39 -6.38
N VAL G 372 -71.06 -42.05 -6.34
CA VAL G 372 -70.52 -42.69 -7.53
C VAL G 372 -70.26 -44.16 -7.19
N ASP G 373 -70.90 -45.04 -7.98
CA ASP G 373 -70.90 -46.48 -7.73
C ASP G 373 -70.08 -47.22 -8.81
N GLY G 374 -68.81 -47.49 -8.51
CA GLY G 374 -67.93 -48.20 -9.45
C GLY G 374 -67.97 -49.71 -9.29
N ARG G 375 -69.02 -50.21 -8.63
CA ARG G 375 -69.19 -51.62 -8.28
C ARG G 375 -69.29 -52.57 -9.47
N ASP G 376 -69.82 -52.09 -10.59
CA ASP G 376 -70.07 -52.98 -11.70
C ASP G 376 -69.30 -52.57 -12.91
N PHE G 377 -68.32 -51.68 -12.74
CA PHE G 377 -67.39 -51.45 -13.83
C PHE G 377 -66.78 -52.79 -14.17
N LYS G 378 -66.70 -53.12 -15.46
CA LYS G 378 -65.90 -54.25 -15.94
C LYS G 378 -65.25 -53.89 -17.27
N LEU G 379 -64.00 -54.29 -17.41
CA LEU G 379 -63.18 -53.91 -18.56
C LEU G 379 -63.15 -55.04 -19.58
N GLN G 380 -63.50 -54.71 -20.83
CA GLN G 380 -63.60 -55.73 -21.87
C GLN G 380 -62.24 -56.35 -22.14
N GLY G 381 -62.18 -57.67 -22.13
CA GLY G 381 -60.95 -58.37 -22.45
C GLY G 381 -60.08 -58.52 -21.23
N TYR G 382 -60.58 -58.06 -20.09
CA TYR G 382 -59.90 -58.24 -18.81
C TYR G 382 -60.89 -58.58 -17.69
N GLU G 383 -61.85 -59.43 -18.05
CA GLU G 383 -62.99 -59.79 -17.20
C GLU G 383 -62.64 -60.36 -15.81
N ASN G 384 -61.49 -61.03 -15.68
CA ASN G 384 -61.06 -61.65 -14.41
C ASN G 384 -59.97 -60.83 -13.70
N GLY G 385 -59.50 -59.79 -14.40
CA GLY G 385 -58.61 -58.79 -13.84
C GLY G 385 -59.26 -58.07 -12.69
N HIS G 386 -58.49 -57.79 -11.65
CA HIS G 386 -59.03 -57.28 -10.39
C HIS G 386 -59.33 -55.83 -10.49
N PHE G 387 -60.24 -55.49 -11.40
CA PHE G 387 -60.61 -54.11 -11.63
C PHE G 387 -61.83 -53.70 -10.81
N ILE G 388 -61.78 -52.49 -10.25
CA ILE G 388 -62.93 -51.87 -9.60
C ILE G 388 -62.98 -50.41 -10.03
N GLY G 389 -64.17 -49.91 -10.33
CA GLY G 389 -64.36 -48.50 -10.63
C GLY G 389 -64.38 -47.59 -9.41
N GLY G 390 -63.99 -46.33 -9.61
CA GLY G 390 -63.98 -45.37 -8.52
C GLY G 390 -65.28 -45.31 -7.72
N CYS G 391 -65.15 -45.27 -6.40
CA CYS G 391 -66.32 -45.08 -5.56
C CYS G 391 -66.22 -43.80 -4.76
N LEU G 392 -67.36 -43.16 -4.58
CA LEU G 392 -67.41 -41.97 -3.77
C LEU G 392 -68.62 -42.03 -2.85
N PHE G 393 -68.38 -41.79 -1.56
CA PHE G 393 -69.46 -41.75 -0.56
C PHE G 393 -69.67 -40.36 0.00
N ASP G 394 -70.93 -39.98 0.21
CA ASP G 394 -71.28 -38.75 0.93
C ASP G 394 -71.98 -39.18 2.22
N ASP G 395 -71.97 -38.29 3.23
CA ASP G 395 -72.66 -38.50 4.51
C ASP G 395 -72.06 -39.60 5.36
N VAL G 396 -70.76 -39.80 5.26
CA VAL G 396 -70.11 -40.80 6.12
C VAL G 396 -69.82 -40.19 7.50
N THR G 397 -69.80 -41.04 8.53
CA THR G 397 -69.61 -40.57 9.90
C THR G 397 -68.68 -41.48 10.70
N PRO G 398 -68.12 -40.98 11.82
CA PRO G 398 -67.07 -41.66 12.58
C PRO G 398 -67.31 -43.12 12.99
N ASP G 399 -68.54 -43.61 12.87
CA ASP G 399 -68.83 -44.97 13.34
C ASP G 399 -68.95 -46.00 12.23
N MSE G 400 -68.99 -45.52 11.00
CA MSE G 400 -69.06 -46.36 9.81
C MSE G 400 -67.77 -47.10 9.64
O MSE G 400 -66.70 -46.58 9.98
CB MSE G 400 -69.25 -45.39 8.66
CG MSE G 400 -70.46 -44.48 8.89
SE MSE G 400 -71.50 -44.27 7.22
CE MSE G 400 -71.03 -45.95 6.30
N ASP G 401 -67.83 -48.33 9.11
CA ASP G 401 -66.62 -49.13 8.87
C ASP G 401 -65.75 -48.56 7.74
N ILE G 402 -66.39 -47.94 6.75
CA ILE G 402 -65.66 -47.25 5.66
C ILE G 402 -64.85 -46.03 6.12
N TYR G 403 -65.18 -45.50 7.30
CA TYR G 403 -64.42 -44.40 7.89
C TYR G 403 -63.29 -44.96 8.78
N LYS G 404 -63.61 -45.94 9.59
CA LYS G 404 -62.70 -46.46 10.60
C LYS G 404 -61.50 -47.18 9.98
N THR G 405 -61.77 -47.88 8.88
CA THR G 405 -60.82 -48.81 8.25
C THR G 405 -60.01 -48.21 7.10
N GLU G 406 -58.75 -48.63 6.99
CA GLU G 406 -57.97 -48.42 5.79
C GLU G 406 -58.54 -49.31 4.69
N ILE G 407 -59.13 -48.72 3.65
CA ILE G 407 -59.71 -49.51 2.56
C ILE G 407 -58.64 -50.04 1.58
N PHE G 408 -57.59 -49.25 1.34
CA PHE G 408 -56.58 -49.59 0.32
C PHE G 408 -57.21 -49.91 -1.04
N GLY G 409 -58.03 -48.99 -1.55
CA GLY G 409 -58.70 -49.15 -2.85
C GLY G 409 -59.36 -47.86 -3.29
N PRO G 410 -59.89 -47.83 -4.54
CA PRO G 410 -60.44 -46.60 -5.16
C PRO G 410 -61.79 -46.13 -4.57
N VAL G 411 -61.78 -45.85 -3.26
CA VAL G 411 -62.98 -45.46 -2.48
C VAL G 411 -62.70 -44.23 -1.61
N LEU G 412 -63.33 -43.11 -1.95
CA LEU G 412 -63.20 -41.92 -1.18
C LEU G 412 -64.47 -41.72 -0.36
N SER G 413 -64.31 -41.27 0.89
CA SER G 413 -65.44 -40.96 1.78
C SER G 413 -65.46 -39.46 2.06
N VAL G 414 -66.65 -38.87 2.06
CA VAL G 414 -66.82 -37.45 2.40
C VAL G 414 -67.50 -37.34 3.77
N VAL G 415 -66.79 -36.78 4.75
CA VAL G 415 -67.41 -36.51 6.05
C VAL G 415 -67.70 -35.03 6.10
N ARG G 416 -68.96 -34.67 6.38
CA ARG G 416 -69.38 -33.26 6.52
C ARG G 416 -69.15 -32.69 7.92
N ALA G 417 -68.31 -31.67 8.02
CA ALA G 417 -68.00 -31.01 9.29
C ALA G 417 -68.76 -29.69 9.42
N ARG G 418 -69.12 -29.32 10.64
CA ARG G 418 -69.88 -28.11 10.90
C ARG G 418 -69.00 -26.85 10.81
N ASN G 419 -67.80 -26.96 11.33
CA ASN G 419 -66.84 -25.86 11.35
C ASN G 419 -65.41 -26.39 11.52
N TYR G 420 -64.47 -25.46 11.71
CA TYR G 420 -63.05 -25.76 11.93
C TYR G 420 -62.85 -26.81 13.03
N GLU G 421 -63.39 -26.56 14.22
CA GLU G 421 -63.17 -27.43 15.37
C GLU G 421 -63.60 -28.89 15.16
N GLU G 422 -64.89 -29.09 14.87
CA GLU G 422 -65.34 -30.43 14.49
C GLU G 422 -64.45 -31.07 13.40
N ALA G 423 -64.10 -30.27 12.39
CA ALA G 423 -63.30 -30.76 11.27
C ALA G 423 -61.91 -31.14 11.72
N LEU G 424 -61.28 -30.27 12.50
CA LEU G 424 -59.96 -30.58 13.02
C LEU G 424 -60.03 -31.80 13.95
N SER G 425 -61.20 -32.05 14.54
CA SER G 425 -61.32 -33.18 15.45
C SER G 425 -61.31 -34.56 14.77
N LEU G 426 -61.81 -34.65 13.54
CA LEU G 426 -61.91 -35.96 12.91
C LEU G 426 -60.58 -36.74 12.83
N PRO G 427 -59.55 -36.16 12.16
CA PRO G 427 -58.26 -36.83 12.13
C PRO G 427 -57.56 -36.82 13.48
N MSE G 428 -57.86 -35.84 14.33
CA MSE G 428 -57.24 -35.74 15.65
C MSE G 428 -57.61 -36.97 16.44
O MSE G 428 -56.78 -37.53 17.15
CB MSE G 428 -57.67 -34.46 16.35
CG MSE G 428 -57.08 -34.36 17.75
SE MSE G 428 -55.36 -33.41 17.74
CE MSE G 428 -54.96 -33.48 19.69
N LYS G 429 -58.86 -37.40 16.27
CA LYS G 429 -59.49 -38.47 17.06
C LYS G 429 -59.28 -39.82 16.40
N HIS G 430 -58.71 -39.83 15.21
CA HIS G 430 -58.56 -41.09 14.48
C HIS G 430 -57.43 -41.87 15.00
N GLU G 431 -57.56 -43.18 14.91
CA GLU G 431 -56.54 -44.08 15.35
C GLU G 431 -55.23 -43.79 14.60
N TYR G 432 -55.29 -43.64 13.27
CA TYR G 432 -54.09 -43.46 12.44
C TYR G 432 -53.68 -42.02 12.33
N GLY G 433 -52.37 -41.79 12.17
CA GLY G 433 -51.84 -40.45 12.00
C GLY G 433 -50.67 -40.38 11.05
N ASN G 434 -50.88 -40.81 9.82
CA ASN G 434 -49.83 -40.76 8.81
C ASN G 434 -49.73 -39.35 8.20
N GLY G 435 -50.64 -39.00 7.29
CA GLY G 435 -50.68 -37.67 6.67
C GLY G 435 -52.04 -37.00 6.72
N VAL G 436 -52.05 -35.68 6.64
CA VAL G 436 -53.29 -34.91 6.51
C VAL G 436 -53.00 -33.62 5.77
N ALA G 437 -54.06 -32.91 5.39
CA ALA G 437 -53.93 -31.73 4.54
C ALA G 437 -55.02 -30.70 4.82
N ILE G 438 -54.62 -29.46 5.05
CA ILE G 438 -55.57 -28.39 5.26
C ILE G 438 -55.57 -27.56 3.98
N TYR G 439 -56.76 -27.31 3.43
CA TYR G 439 -56.87 -26.47 2.24
C TYR G 439 -57.50 -25.17 2.62
N THR G 440 -56.76 -24.08 2.41
CA THR G 440 -57.14 -22.80 2.98
C THR G 440 -56.23 -21.68 2.47
N ARG G 441 -56.71 -20.44 2.53
CA ARG G 441 -55.93 -19.29 2.12
C ARG G 441 -55.47 -18.53 3.34
N ASP G 442 -56.03 -18.95 4.48
CA ASP G 442 -55.83 -18.32 5.78
C ASP G 442 -54.56 -18.84 6.49
N GLY G 443 -53.64 -17.93 6.85
CA GLY G 443 -52.41 -18.32 7.55
C GLY G 443 -52.65 -18.83 8.96
N ASP G 444 -53.67 -18.27 9.60
CA ASP G 444 -54.17 -18.70 10.91
C ASP G 444 -54.67 -20.13 10.86
N ALA G 445 -55.45 -20.46 9.83
CA ALA G 445 -55.96 -21.83 9.69
C ALA G 445 -54.85 -22.84 9.46
N ALA G 446 -54.01 -22.61 8.46
CA ALA G 446 -52.85 -23.46 8.23
C ALA G 446 -51.91 -23.60 9.46
N ARG G 447 -51.33 -22.51 9.98
CA ARG G 447 -50.44 -22.68 11.15
C ARG G 447 -51.07 -23.43 12.34
N ASP G 448 -52.31 -23.07 12.66
CA ASP G 448 -52.95 -23.57 13.87
C ASP G 448 -53.25 -25.05 13.73
N PHE G 449 -53.70 -25.44 12.54
CA PHE G 449 -54.04 -26.84 12.27
C PHE G 449 -52.76 -27.66 12.25
N ALA G 450 -51.76 -27.19 11.51
CA ALA G 450 -50.46 -27.85 11.43
C ALA G 450 -49.75 -27.95 12.81
N SER G 451 -49.91 -26.91 13.64
CA SER G 451 -49.36 -26.92 14.98
C SER G 451 -50.02 -28.01 15.79
N ARG G 452 -51.33 -27.94 15.88
CA ARG G 452 -52.07 -28.70 16.87
C ARG G 452 -52.30 -30.18 16.52
N ILE G 453 -52.52 -30.51 15.23
CA ILE G 453 -52.86 -31.88 14.81
C ILE G 453 -51.79 -32.90 15.16
N ASN G 454 -52.23 -34.07 15.61
CA ASN G 454 -51.31 -35.10 16.07
C ASN G 454 -50.94 -36.12 14.99
N ILE G 455 -50.22 -35.67 13.96
CA ILE G 455 -50.00 -36.43 12.74
C ILE G 455 -48.65 -36.03 12.15
N GLY G 456 -47.87 -37.03 11.76
CA GLY G 456 -46.50 -36.81 11.38
C GLY G 456 -46.28 -35.90 10.20
N MSE G 457 -47.15 -36.03 9.21
CA MSE G 457 -46.91 -35.38 7.92
C MSE G 457 -48.10 -34.56 7.55
O MSE G 457 -49.19 -35.08 7.33
CB MSE G 457 -46.57 -36.44 6.89
CG MSE G 457 -45.15 -36.88 7.14
SE MSE G 457 -44.88 -38.69 6.42
CE MSE G 457 -46.31 -39.72 7.31
N VAL G 458 -47.89 -33.26 7.47
CA VAL G 458 -48.98 -32.34 7.23
C VAL G 458 -48.74 -31.61 5.90
N GLY G 459 -49.81 -31.44 5.13
CA GLY G 459 -49.75 -30.64 3.92
C GLY G 459 -50.60 -29.37 4.02
N VAL G 460 -50.09 -28.25 3.51
CA VAL G 460 -50.90 -27.04 3.46
C VAL G 460 -51.16 -26.70 2.00
N ASN G 461 -52.33 -27.09 1.51
CA ASN G 461 -52.67 -26.97 0.11
C ASN G 461 -51.84 -27.94 -0.72
N VAL G 462 -51.24 -28.90 0.00
CA VAL G 462 -50.52 -30.02 -0.59
C VAL G 462 -51.29 -31.29 -0.25
N PRO G 463 -51.77 -32.02 -1.28
CA PRO G 463 -52.58 -33.23 -1.07
C PRO G 463 -51.82 -34.41 -0.44
N ILE G 464 -50.68 -34.77 -0.99
CA ILE G 464 -49.90 -35.88 -0.48
C ILE G 464 -48.62 -35.30 0.09
N PRO G 465 -48.57 -35.12 1.41
CA PRO G 465 -47.43 -34.46 1.97
C PRO G 465 -46.26 -35.37 2.32
N VAL G 466 -45.81 -36.24 1.42
CA VAL G 466 -44.62 -37.10 1.71
C VAL G 466 -43.34 -36.27 1.65
N PRO G 467 -42.58 -36.25 2.75
CA PRO G 467 -41.33 -35.50 2.72
C PRO G 467 -40.30 -36.09 1.75
N LEU G 468 -39.37 -35.24 1.33
CA LEU G 468 -38.40 -35.59 0.33
C LEU G 468 -37.24 -36.31 0.99
N ALA G 469 -36.37 -36.88 0.17
CA ALA G 469 -35.30 -37.75 0.66
C ALA G 469 -34.43 -37.13 1.74
N TYR G 470 -34.28 -35.84 1.75
CA TYR G 470 -33.48 -35.21 2.77
C TYR G 470 -34.20 -34.82 4.00
N HIS G 471 -35.50 -34.93 3.98
CA HIS G 471 -36.26 -34.78 5.17
C HIS G 471 -36.59 -36.13 5.65
N SER G 472 -37.58 -36.30 6.49
CA SER G 472 -37.91 -37.64 6.89
C SER G 472 -39.37 -38.00 6.89
N PHE G 473 -39.65 -39.28 6.79
CA PHE G 473 -41.03 -39.75 6.71
C PHE G 473 -41.41 -40.57 7.94
N GLY G 474 -42.56 -40.26 8.52
CA GLY G 474 -43.02 -40.98 9.68
C GLY G 474 -44.35 -40.47 10.17
N GLY G 475 -45.24 -41.41 10.45
CA GLY G 475 -46.52 -41.06 11.00
C GLY G 475 -46.44 -41.04 12.50
N TRP G 476 -47.54 -40.61 13.10
CA TRP G 476 -47.76 -40.63 14.53
C TRP G 476 -48.88 -41.57 14.88
N LYS G 477 -49.24 -41.57 16.16
CA LYS G 477 -50.24 -42.46 16.72
C LYS G 477 -49.96 -43.91 16.31
N SER G 478 -50.93 -44.60 15.72
CA SER G 478 -50.82 -46.02 15.42
C SER G 478 -50.00 -46.25 14.16
N SER G 479 -49.62 -45.18 13.49
CA SER G 479 -49.00 -45.34 12.21
C SER G 479 -47.52 -45.55 12.29
N SER G 480 -46.98 -45.70 13.49
CA SER G 480 -45.54 -45.65 13.66
C SER G 480 -45.06 -46.20 14.99
N PHE G 481 -43.87 -46.79 14.98
CA PHE G 481 -43.25 -47.38 16.18
C PHE G 481 -41.73 -47.24 16.15
N GLY G 482 -41.18 -46.90 17.31
CA GLY G 482 -39.77 -46.61 17.43
C GLY G 482 -39.62 -45.13 17.57
N ASP G 483 -38.40 -44.64 17.40
CA ASP G 483 -38.06 -43.25 17.70
C ASP G 483 -37.35 -42.57 16.55
N LEU G 484 -37.16 -43.27 15.45
CA LEU G 484 -36.48 -42.68 14.29
C LEU G 484 -37.27 -42.94 13.03
N ASN G 485 -37.25 -41.96 12.14
CA ASN G 485 -38.03 -42.02 10.92
C ASN G 485 -37.28 -42.70 9.82
N GLN G 486 -37.79 -42.49 8.62
CA GLN G 486 -37.35 -43.13 7.41
C GLN G 486 -36.65 -42.05 6.51
N HIS G 487 -35.54 -42.43 5.89
CA HIS G 487 -34.62 -41.49 5.23
C HIS G 487 -34.28 -40.26 6.02
N GLY G 488 -33.77 -39.23 5.35
CA GLY G 488 -33.27 -38.02 6.03
C GLY G 488 -32.22 -38.30 7.10
N THR G 489 -31.84 -37.29 7.88
CA THR G 489 -30.82 -37.50 8.91
C THR G 489 -31.18 -38.63 9.88
N ASP G 490 -32.46 -38.81 10.12
CA ASP G 490 -32.95 -39.89 10.99
C ASP G 490 -32.46 -41.24 10.55
N SER G 491 -32.65 -41.55 9.27
CA SER G 491 -32.18 -42.84 8.78
C SER G 491 -30.71 -43.06 9.11
N ILE G 492 -29.88 -42.04 8.92
CA ILE G 492 -28.47 -42.16 9.26
C ILE G 492 -28.25 -42.46 10.75
N LYS G 493 -29.09 -41.87 11.59
CA LYS G 493 -29.10 -42.04 13.05
C LYS G 493 -29.48 -43.48 13.45
N PHE G 494 -30.32 -44.11 12.63
CA PHE G 494 -30.76 -45.51 12.85
C PHE G 494 -29.83 -46.62 12.33
N TRP G 495 -28.97 -46.31 11.36
CA TRP G 495 -28.07 -47.31 10.77
C TRP G 495 -26.68 -47.20 11.27
N THR G 496 -26.54 -46.72 12.51
CA THR G 496 -25.26 -46.29 13.00
C THR G 496 -25.23 -46.50 14.50
N ARG G 497 -24.08 -46.82 15.09
CA ARG G 497 -23.94 -46.69 16.54
C ARG G 497 -22.91 -45.64 16.89
N THR G 498 -23.16 -44.91 17.96
CA THR G 498 -22.21 -43.97 18.53
C THR G 498 -21.24 -44.67 19.45
N LYS G 499 -19.95 -44.42 19.23
CA LYS G 499 -18.94 -44.70 20.22
C LYS G 499 -18.43 -43.34 20.71
N THR G 500 -18.10 -43.22 21.99
CA THR G 500 -17.50 -41.95 22.48
C THR G 500 -16.15 -42.15 23.15
N ILE G 501 -15.16 -41.37 22.69
CA ILE G 501 -13.78 -41.47 23.15
C ILE G 501 -13.40 -40.28 24.02
N THR G 502 -12.85 -40.62 25.20
CA THR G 502 -12.25 -39.66 26.13
C THR G 502 -10.75 -39.97 26.24
N SER G 503 -9.97 -38.95 25.89
CA SER G 503 -8.59 -39.09 25.46
C SER G 503 -7.65 -38.24 26.32
N ARG G 504 -6.55 -38.83 26.75
CA ARG G 504 -5.57 -38.17 27.58
C ARG G 504 -4.20 -38.81 27.42
N TRP G 505 -3.15 -38.06 27.71
CA TRP G 505 -1.81 -38.55 27.52
C TRP G 505 -0.94 -38.29 28.72
N PRO G 506 -0.15 -39.29 29.18
CA PRO G 506 0.65 -39.15 30.40
C PRO G 506 1.87 -38.25 30.23
N SER G 507 2.74 -38.62 29.28
CA SER G 507 3.98 -37.90 28.96
C SER G 507 4.63 -38.51 27.72
N GLU H 26 -43.30 -42.98 56.64
CA GLU H 26 -42.20 -42.02 56.27
C GLU H 26 -42.24 -41.46 54.82
N LEU H 27 -41.59 -42.13 53.88
CA LEU H 27 -41.53 -41.65 52.50
C LEU H 27 -42.71 -42.10 51.64
N GLY H 28 -43.18 -41.20 50.78
CA GLY H 28 -44.29 -41.52 49.91
C GLY H 28 -44.02 -41.24 48.45
N HIS H 29 -45.06 -40.79 47.77
CA HIS H 29 -44.92 -40.37 46.38
C HIS H 29 -44.87 -38.89 46.35
N PHE H 30 -44.65 -38.33 45.18
CA PHE H 30 -44.64 -36.89 45.06
C PHE H 30 -45.46 -36.59 43.83
N ILE H 31 -46.74 -36.28 44.05
CA ILE H 31 -47.65 -36.06 42.94
C ILE H 31 -48.24 -34.66 43.00
N ASP H 32 -48.25 -34.00 41.85
CA ASP H 32 -48.98 -32.75 41.67
C ASP H 32 -48.41 -31.69 42.60
N GLY H 33 -47.10 -31.47 42.54
CA GLY H 33 -46.40 -30.47 43.36
C GLY H 33 -46.29 -30.73 44.86
N LYS H 34 -46.98 -31.78 45.34
CA LYS H 34 -47.11 -32.12 46.76
C LYS H 34 -46.48 -33.47 47.05
N ARG H 35 -46.04 -33.66 48.29
CA ARG H 35 -45.69 -34.96 48.84
C ARG H 35 -46.97 -35.65 49.25
N VAL H 36 -47.21 -36.86 48.78
CA VAL H 36 -48.46 -37.57 49.07
C VAL H 36 -48.20 -39.01 49.53
N ALA H 37 -49.12 -39.60 50.28
CA ALA H 37 -48.98 -41.00 50.69
C ALA H 37 -49.66 -41.99 49.72
N GLY H 38 -49.29 -43.27 49.79
CA GLY H 38 -49.86 -44.31 48.92
C GLY H 38 -51.27 -44.75 49.28
N THR H 39 -52.02 -45.25 48.28
CA THR H 39 -53.39 -45.77 48.50
C THR H 39 -53.32 -47.21 49.00
N SER H 40 -52.21 -47.88 48.71
CA SER H 40 -52.01 -49.25 49.17
C SER H 40 -51.70 -49.29 50.67
N GLY H 41 -51.38 -50.47 51.14
CA GLY H 41 -50.87 -50.65 52.50
C GLY H 41 -49.47 -51.24 52.39
N ARG H 42 -48.99 -51.30 51.15
CA ARG H 42 -47.69 -51.87 50.81
C ARG H 42 -46.55 -50.90 51.04
N VAL H 43 -45.47 -51.42 51.59
CA VAL H 43 -44.35 -50.62 52.00
C VAL H 43 -43.13 -51.52 52.03
N SER H 44 -42.01 -50.94 51.68
CA SER H 44 -40.75 -51.62 51.77
C SER H 44 -39.85 -50.70 52.53
N ASN H 45 -38.83 -51.21 53.18
CA ASN H 45 -38.01 -50.34 53.99
C ASN H 45 -36.57 -50.07 53.60
N ILE H 46 -36.12 -48.92 54.02
CA ILE H 46 -34.85 -48.38 53.71
C ILE H 46 -33.85 -48.67 54.79
N PHE H 47 -32.61 -48.93 54.43
CA PHE H 47 -31.57 -49.31 55.39
C PHE H 47 -30.48 -48.25 55.56
N ASN H 48 -29.69 -48.40 56.62
CA ASN H 48 -28.40 -47.72 56.68
C ASN H 48 -27.36 -48.79 56.43
N PRO H 49 -26.75 -48.80 55.24
CA PRO H 49 -25.83 -49.87 54.84
C PRO H 49 -24.65 -50.07 55.79
N ALA H 50 -24.24 -49.00 56.48
CA ALA H 50 -23.14 -49.10 57.44
C ALA H 50 -23.61 -49.74 58.74
N THR H 51 -24.91 -49.65 58.99
CA THR H 51 -25.51 -50.05 60.25
C THR H 51 -26.16 -51.42 60.14
N GLY H 52 -26.85 -51.64 59.03
CA GLY H 52 -27.67 -52.83 58.84
C GLY H 52 -29.12 -52.65 59.29
N GLU H 53 -29.38 -51.55 60.00
CA GLU H 53 -30.71 -51.27 60.54
C GLU H 53 -31.62 -50.55 59.55
N VAL H 54 -32.91 -50.47 59.87
CA VAL H 54 -33.88 -49.75 59.05
C VAL H 54 -33.94 -48.33 59.58
N GLN H 55 -33.93 -47.35 58.70
CA GLN H 55 -34.06 -45.96 59.12
C GLN H 55 -35.38 -45.33 58.65
N GLY H 56 -36.01 -45.92 57.64
CA GLY H 56 -37.22 -45.37 57.03
C GLY H 56 -37.97 -46.36 56.15
N THR H 57 -39.18 -45.98 55.72
CA THR H 57 -39.94 -46.84 54.81
C THR H 57 -40.52 -46.05 53.66
N VAL H 58 -40.34 -46.57 52.46
CA VAL H 58 -40.94 -46.04 51.22
C VAL H 58 -42.32 -46.62 50.84
N ALA H 59 -43.22 -45.74 50.43
CA ALA H 59 -44.51 -46.13 49.82
C ALA H 59 -44.30 -46.97 48.56
N LEU H 60 -45.02 -48.05 48.42
CA LEU H 60 -44.88 -48.88 47.25
C LEU H 60 -46.13 -48.88 46.44
N ALA H 61 -46.04 -48.44 45.20
CA ALA H 61 -47.14 -47.95 44.41
C ALA H 61 -48.19 -48.95 44.01
N SER H 62 -49.36 -48.43 43.68
CA SER H 62 -50.53 -49.21 43.33
C SER H 62 -50.86 -48.78 41.95
N ASP H 63 -51.46 -49.64 41.14
CA ASP H 63 -51.74 -49.24 39.79
C ASP H 63 -52.58 -48.04 39.92
N ALA H 64 -53.54 -48.13 40.82
CA ALA H 64 -54.31 -46.99 41.27
C ALA H 64 -53.45 -45.74 41.42
N ASP H 65 -52.33 -45.87 42.15
CA ASP H 65 -51.38 -44.78 42.39
C ASP H 65 -50.68 -44.19 41.13
N LEU H 66 -50.36 -45.04 40.18
CA LEU H 66 -49.70 -44.60 38.96
C LEU H 66 -50.65 -43.77 38.09
N ALA H 67 -51.90 -44.19 38.03
CA ALA H 67 -52.89 -43.49 37.23
C ALA H 67 -53.03 -42.03 37.68
N ALA H 68 -53.09 -41.81 39.00
CA ALA H 68 -53.12 -40.47 39.61
C ALA H 68 -52.02 -39.60 39.03
N ALA H 69 -50.81 -40.16 38.95
CA ALA H 69 -49.63 -39.49 38.43
C ALA H 69 -49.79 -39.13 36.96
N VAL H 70 -50.34 -40.07 36.18
CA VAL H 70 -50.60 -39.85 34.76
C VAL H 70 -51.64 -38.76 34.55
N GLU H 71 -52.77 -38.86 35.24
CA GLU H 71 -53.78 -37.80 35.16
C GLU H 71 -53.22 -36.41 35.49
N SER H 72 -52.36 -36.29 36.51
CA SER H 72 -51.72 -35.00 36.80
C SER H 72 -50.88 -34.56 35.61
N ALA H 73 -50.05 -35.47 35.13
CA ALA H 73 -49.20 -35.23 33.98
C ALA H 73 -50.02 -34.93 32.73
N LYS H 74 -51.20 -35.55 32.62
CA LYS H 74 -52.03 -35.28 31.46
C LYS H 74 -52.56 -33.88 31.59
N ALA H 75 -53.07 -33.54 32.78
CA ALA H 75 -53.59 -32.20 33.06
C ALA H 75 -52.53 -31.08 32.90
N ALA H 76 -51.36 -31.31 33.47
CA ALA H 76 -50.26 -30.35 33.43
C ALA H 76 -49.61 -30.17 32.04
N GLN H 77 -49.39 -31.31 31.36
CA GLN H 77 -48.52 -31.39 30.18
C GLN H 77 -48.69 -30.25 29.18
N PRO H 78 -49.92 -30.06 28.63
CA PRO H 78 -50.12 -29.18 27.47
C PRO H 78 -49.68 -27.73 27.75
N LYS H 79 -50.08 -27.21 28.91
CA LYS H 79 -49.81 -25.83 29.24
C LYS H 79 -48.30 -25.57 29.30
N TRP H 80 -47.53 -26.62 29.57
CA TRP H 80 -46.07 -26.52 29.61
C TRP H 80 -45.44 -26.57 28.24
N ALA H 81 -45.89 -27.48 27.38
CA ALA H 81 -45.49 -27.45 25.97
C ALA H 81 -45.86 -26.10 25.33
N ALA H 82 -46.88 -25.46 25.89
CA ALA H 82 -47.26 -24.11 25.47
C ALA H 82 -46.20 -23.03 25.84
N THR H 83 -45.52 -23.21 26.98
CA THR H 83 -44.51 -22.26 27.49
C THR H 83 -43.33 -22.22 26.53
N ASN H 84 -42.82 -21.03 26.21
CA ASN H 84 -41.75 -21.01 25.20
C ASN H 84 -40.42 -21.65 25.66
N PRO H 85 -39.56 -22.01 24.68
CA PRO H 85 -38.27 -22.68 24.94
C PRO H 85 -37.37 -21.89 25.89
N GLN H 86 -37.51 -20.56 25.90
CA GLN H 86 -36.67 -19.74 26.76
C GLN H 86 -37.15 -19.81 28.21
N ARG H 87 -38.45 -19.63 28.44
CA ARG H 87 -39.01 -19.65 29.80
C ARG H 87 -38.83 -21.03 30.45
N ARG H 88 -38.69 -22.05 29.61
CA ARG H 88 -38.44 -23.40 30.09
C ARG H 88 -36.97 -23.55 30.52
N ALA H 89 -36.06 -22.94 29.77
CA ALA H 89 -34.64 -22.97 30.10
C ALA H 89 -34.40 -22.30 31.44
N ARG H 90 -35.13 -21.24 31.69
CA ARG H 90 -34.99 -20.49 32.92
C ARG H 90 -35.35 -21.33 34.14
N VAL H 91 -36.30 -22.26 33.99
CA VAL H 91 -36.63 -23.18 35.09
C VAL H 91 -35.43 -24.05 35.48
N PHE H 92 -34.73 -24.61 34.50
CA PHE H 92 -33.58 -25.47 34.79
C PHE H 92 -32.38 -24.71 35.31
N MSE H 93 -32.20 -23.50 34.79
CA MSE H 93 -31.11 -22.66 35.23
C MSE H 93 -31.30 -22.16 36.66
O MSE H 93 -30.33 -21.91 37.35
CB MSE H 93 -30.98 -21.60 34.16
CG MSE H 93 -31.73 -20.33 34.45
SE MSE H 93 -30.79 -19.07 33.28
CE MSE H 93 -29.16 -18.81 34.40
N LYS H 94 -32.55 -22.02 37.10
CA LYS H 94 -32.83 -21.76 38.51
C LYS H 94 -32.67 -23.05 39.32
N PHE H 95 -32.96 -24.18 38.70
CA PHE H 95 -32.83 -25.48 39.36
C PHE H 95 -31.38 -25.76 39.68
N VAL H 96 -30.48 -25.39 38.77
CA VAL H 96 -29.02 -25.53 38.98
C VAL H 96 -28.56 -24.75 40.23
N GLN H 97 -29.10 -23.55 40.38
CA GLN H 97 -28.75 -22.70 41.49
C GLN H 97 -29.10 -23.42 42.77
N LEU H 98 -30.36 -23.83 42.91
CA LEU H 98 -30.79 -24.38 44.20
C LEU H 98 -30.38 -25.83 44.39
N LEU H 99 -29.85 -26.43 43.33
CA LEU H 99 -29.18 -27.71 43.42
C LEU H 99 -27.78 -27.50 44.04
N ASN H 100 -27.12 -26.41 43.64
CA ASN H 100 -25.82 -26.00 44.18
C ASN H 100 -25.93 -25.52 45.62
N ASP H 101 -27.02 -24.83 45.92
CA ASP H 101 -27.35 -24.34 47.27
C ASP H 101 -27.65 -25.46 48.25
N ASN H 102 -28.23 -26.55 47.75
CA ASN H 102 -28.60 -27.72 48.56
C ASN H 102 -27.66 -28.91 48.38
N MSE H 103 -26.46 -28.64 47.91
CA MSE H 103 -25.45 -29.68 47.75
C MSE H 103 -25.31 -30.50 49.01
O MSE H 103 -25.53 -31.70 48.99
CB MSE H 103 -24.14 -28.98 47.39
CG MSE H 103 -23.07 -29.98 46.96
SE MSE H 103 -23.70 -30.89 45.34
CE MSE H 103 -23.74 -32.70 46.10
N ASN H 104 -25.00 -29.84 50.12
CA ASN H 104 -24.64 -30.57 51.34
C ASN H 104 -25.72 -31.51 51.87
N GLU H 105 -26.96 -31.00 51.97
CA GLU H 105 -28.09 -31.76 52.50
C GLU H 105 -28.36 -32.95 51.60
N LEU H 106 -28.24 -32.69 50.30
CA LEU H 106 -28.61 -33.61 49.24
C LEU H 106 -27.60 -34.76 49.19
N ALA H 107 -26.32 -34.45 49.38
CA ALA H 107 -25.31 -35.48 49.47
C ALA H 107 -25.51 -36.36 50.73
N GLU H 108 -25.77 -35.72 51.87
CA GLU H 108 -25.94 -36.43 53.14
C GLU H 108 -27.10 -37.43 53.11
N MSE H 109 -28.22 -37.00 52.51
CA MSE H 109 -29.40 -37.83 52.34
C MSE H 109 -29.02 -39.05 51.59
O MSE H 109 -29.42 -40.16 51.94
CB MSE H 109 -30.22 -37.05 51.34
CG MSE H 109 -31.72 -37.14 51.54
SE MSE H 109 -32.43 -35.65 50.45
CE MSE H 109 -33.70 -34.99 51.83
N LEU H 110 -28.23 -38.83 50.53
CA LEU H 110 -27.87 -39.89 49.59
C LEU H 110 -26.96 -40.90 50.27
N SER H 111 -25.83 -40.42 50.74
CA SER H 111 -24.87 -41.28 51.37
C SER H 111 -25.46 -42.14 52.49
N ARG H 112 -26.44 -41.59 53.21
CA ARG H 112 -27.08 -42.26 54.37
C ARG H 112 -27.82 -43.52 53.95
N GLU H 113 -28.29 -43.53 52.70
CA GLU H 113 -29.11 -44.62 52.20
C GLU H 113 -28.31 -45.51 51.26
N HIS H 114 -27.49 -44.91 50.42
CA HIS H 114 -26.76 -45.67 49.43
C HIS H 114 -25.54 -46.31 50.01
N GLY H 115 -24.76 -45.52 50.74
CA GLY H 115 -23.53 -45.99 51.35
C GLY H 115 -22.25 -45.33 50.86
N LYS H 116 -22.28 -44.76 49.66
CA LYS H 116 -21.11 -44.07 49.07
C LYS H 116 -20.62 -42.88 49.92
N THR H 117 -19.38 -42.43 49.69
CA THR H 117 -18.81 -41.28 50.40
C THR H 117 -19.61 -39.99 50.15
N ILE H 118 -19.55 -39.04 51.08
CA ILE H 118 -20.12 -37.71 50.83
C ILE H 118 -19.60 -37.15 49.50
N ASP H 119 -18.30 -37.31 49.26
CA ASP H 119 -17.71 -36.87 48.00
C ASP H 119 -18.31 -37.50 46.73
N ASP H 120 -18.57 -38.80 46.74
CA ASP H 120 -19.26 -39.45 45.62
C ASP H 120 -20.66 -38.91 45.46
N ALA H 121 -21.44 -38.91 46.53
CA ALA H 121 -22.74 -38.25 46.51
C ALA H 121 -22.66 -36.91 45.78
N LYS H 122 -21.64 -36.14 46.13
CA LYS H 122 -21.41 -34.86 45.48
C LYS H 122 -21.25 -35.02 43.96
N GLY H 123 -20.36 -35.91 43.52
CA GLY H 123 -20.14 -36.17 42.10
C GLY H 123 -21.41 -36.63 41.39
N ASP H 124 -22.07 -37.63 41.98
CA ASP H 124 -23.40 -38.12 41.60
C ASP H 124 -24.33 -36.92 41.36
N ILE H 125 -24.37 -36.00 42.31
CA ILE H 125 -25.22 -34.85 42.13
C ILE H 125 -24.72 -33.90 41.06
N VAL H 126 -23.41 -33.61 41.08
CA VAL H 126 -22.84 -32.73 40.05
C VAL H 126 -23.05 -33.30 38.64
N ARG H 127 -22.98 -34.62 38.48
CA ARG H 127 -23.06 -35.19 37.13
C ARG H 127 -24.44 -35.02 36.51
N GLY H 128 -25.48 -35.31 37.31
CA GLY H 128 -26.86 -34.98 36.93
C GLY H 128 -27.11 -33.49 36.86
N LEU H 129 -26.46 -32.74 37.76
CA LEU H 129 -26.58 -31.29 37.75
C LEU H 129 -26.24 -30.70 36.37
N GLU H 130 -25.16 -31.23 35.77
CA GLU H 130 -24.58 -30.73 34.54
C GLU H 130 -25.42 -31.03 33.31
N VAL H 131 -26.26 -32.06 33.40
CA VAL H 131 -27.14 -32.41 32.29
C VAL H 131 -28.24 -31.37 32.24
N CYS H 132 -28.62 -30.87 33.40
CA CYS H 132 -29.55 -29.75 33.52
C CYS H 132 -29.01 -28.50 32.86
N GLU H 133 -27.69 -28.31 32.95
CA GLU H 133 -26.99 -27.21 32.28
C GLU H 133 -27.12 -27.27 30.76
N PHE H 134 -26.77 -28.43 30.18
CA PHE H 134 -27.01 -28.78 28.77
C PHE H 134 -28.40 -28.34 28.30
N VAL H 135 -29.42 -28.64 29.10
CA VAL H 135 -30.81 -28.38 28.79
C VAL H 135 -31.19 -26.88 28.80
N ILE H 136 -30.33 -26.06 29.39
CA ILE H 136 -30.53 -24.62 29.34
C ILE H 136 -30.56 -24.15 27.89
N GLY H 137 -29.69 -24.71 27.06
CA GLY H 137 -29.65 -24.39 25.66
C GLY H 137 -30.75 -25.02 24.83
N ILE H 138 -31.87 -25.42 25.44
CA ILE H 138 -32.98 -26.04 24.68
C ILE H 138 -33.55 -25.21 23.51
N PRO H 139 -33.55 -23.87 23.64
CA PRO H 139 -33.95 -23.12 22.45
C PRO H 139 -33.14 -23.51 21.18
N HIS H 140 -31.81 -23.69 21.29
CA HIS H 140 -31.00 -24.01 20.13
C HIS H 140 -31.18 -25.46 19.82
N LEU H 141 -31.25 -26.25 20.90
CA LEU H 141 -31.31 -27.69 20.82
C LEU H 141 -32.60 -28.16 20.19
N GLN H 142 -33.70 -27.47 20.41
CA GLN H 142 -34.94 -27.98 19.84
C GLN H 142 -35.20 -27.54 18.39
N LYS H 143 -34.25 -26.86 17.75
CA LYS H 143 -34.47 -26.44 16.36
C LYS H 143 -34.64 -27.62 15.41
N SER H 144 -35.37 -27.33 14.34
CA SER H 144 -35.71 -28.26 13.29
C SER H 144 -35.26 -27.68 11.97
N GLU H 145 -35.66 -28.31 10.87
CA GLU H 145 -35.08 -28.01 9.59
C GLU H 145 -36.09 -27.34 8.65
N PHE H 146 -35.64 -26.38 7.85
CA PHE H 146 -36.53 -25.67 6.93
C PHE H 146 -35.90 -25.58 5.55
N THR H 147 -36.68 -25.90 4.52
CA THR H 147 -36.23 -25.86 3.13
C THR H 147 -37.17 -24.95 2.35
N GLU H 148 -36.61 -23.98 1.64
CA GLU H 148 -37.40 -23.06 0.79
C GLU H 148 -37.37 -23.41 -0.69
N GLY H 149 -38.51 -23.79 -1.24
CA GLY H 149 -38.59 -24.07 -2.65
C GLY H 149 -38.16 -25.50 -2.88
N ALA H 150 -38.43 -26.35 -1.89
CA ALA H 150 -38.29 -27.80 -2.09
C ALA H 150 -38.92 -28.15 -3.44
N GLY H 151 -40.08 -27.58 -3.72
CA GLY H 151 -40.70 -27.64 -5.02
C GLY H 151 -41.12 -26.25 -5.45
N PRO H 152 -41.74 -26.12 -6.63
CA PRO H 152 -42.02 -24.79 -7.19
C PRO H 152 -43.03 -23.98 -6.35
N GLY H 153 -42.53 -23.09 -5.51
CA GLY H 153 -43.41 -22.33 -4.63
C GLY H 153 -43.78 -23.09 -3.38
N ILE H 154 -43.11 -24.22 -3.14
CA ILE H 154 -43.38 -25.10 -1.99
C ILE H 154 -42.22 -25.02 -0.99
N ASP H 155 -42.57 -24.92 0.28
CA ASP H 155 -41.60 -24.90 1.34
C ASP H 155 -41.84 -26.13 2.20
N MSE H 156 -40.77 -26.77 2.64
CA MSE H 156 -40.90 -27.94 3.45
C MSE H 156 -40.15 -27.73 4.72
O MSE H 156 -39.06 -27.11 4.71
CB MSE H 156 -40.27 -29.03 2.60
CG MSE H 156 -40.88 -30.36 2.99
SE MSE H 156 -39.82 -31.72 2.05
CE MSE H 156 -41.15 -32.06 0.62
N TYR H 157 -40.71 -28.21 5.84
CA TYR H 157 -40.08 -27.99 7.15
C TYR H 157 -40.55 -28.84 8.32
N SER H 158 -39.62 -29.07 9.24
CA SER H 158 -39.84 -29.89 10.40
C SER H 158 -40.19 -29.06 11.61
N ILE H 159 -40.88 -29.70 12.56
CA ILE H 159 -41.04 -29.24 13.93
C ILE H 159 -40.93 -30.48 14.80
N ARG H 160 -40.17 -30.36 15.88
CA ARG H 160 -40.05 -31.39 16.91
C ARG H 160 -40.97 -30.99 18.03
N GLN H 161 -42.02 -31.76 18.27
CA GLN H 161 -42.88 -31.49 19.42
C GLN H 161 -42.73 -32.57 20.47
N PRO H 162 -43.23 -32.32 21.69
CA PRO H 162 -43.07 -33.31 22.77
C PRO H 162 -43.75 -34.58 22.37
N VAL H 163 -43.35 -35.67 23.01
CA VAL H 163 -43.89 -36.98 22.71
C VAL H 163 -45.13 -37.22 23.59
N GLY H 164 -45.29 -36.37 24.60
CA GLY H 164 -46.42 -36.44 25.51
C GLY H 164 -45.93 -36.62 26.92
N ILE H 165 -46.24 -37.78 27.47
CA ILE H 165 -45.82 -38.18 28.80
C ILE H 165 -44.78 -39.29 28.72
N GLY H 166 -43.66 -39.05 29.39
CA GLY H 166 -42.58 -40.01 29.43
C GLY H 166 -42.46 -40.57 30.82
N ALA H 167 -41.83 -41.73 30.93
CA ALA H 167 -41.52 -42.35 32.20
C ALA H 167 -40.07 -42.79 32.21
N GLY H 168 -39.43 -42.72 33.37
CA GLY H 168 -38.09 -43.23 33.54
C GLY H 168 -37.95 -44.07 34.80
N ILE H 169 -37.29 -45.20 34.67
CA ILE H 169 -37.07 -46.11 35.78
C ILE H 169 -35.58 -46.10 36.09
N THR H 170 -35.20 -45.75 37.33
CA THR H 170 -33.78 -45.64 37.72
C THR H 170 -33.33 -46.73 38.71
N PRO H 171 -32.03 -46.86 38.90
CA PRO H 171 -31.43 -47.82 39.80
C PRO H 171 -30.76 -47.15 40.98
N PHE H 172 -30.37 -47.95 41.95
CA PHE H 172 -29.81 -47.49 43.19
C PHE H 172 -28.51 -46.80 43.01
N ASN H 173 -27.85 -47.18 41.94
CA ASN H 173 -26.46 -46.91 41.68
C ASN H 173 -26.24 -45.42 41.68
N PHE H 174 -27.09 -44.65 41.04
CA PHE H 174 -27.01 -43.20 41.15
C PHE H 174 -28.40 -42.68 41.31
N PRO H 175 -28.79 -42.29 42.48
CA PRO H 175 -30.16 -41.77 42.65
C PRO H 175 -30.31 -40.28 42.31
N GLY H 176 -29.20 -39.62 41.97
CA GLY H 176 -29.23 -38.22 41.58
C GLY H 176 -29.02 -38.05 40.10
N MSE H 177 -27.85 -38.47 39.64
CA MSE H 177 -27.44 -38.26 38.26
C MSE H 177 -28.38 -38.89 37.29
O MSE H 177 -28.81 -38.22 36.32
CB MSE H 177 -26.08 -38.87 38.13
CG MSE H 177 -25.51 -38.65 36.75
SE MSE H 177 -23.99 -39.89 36.71
CE MSE H 177 -24.88 -41.60 36.30
N ILE H 178 -28.74 -40.17 37.51
CA ILE H 178 -29.52 -40.90 36.49
C ILE H 178 -30.93 -40.37 36.33
N PRO H 179 -31.61 -39.99 37.43
CA PRO H 179 -32.94 -39.39 37.23
C PRO H 179 -32.88 -38.11 36.43
N MSE H 180 -31.94 -37.22 36.77
CA MSE H 180 -31.78 -35.95 36.04
C MSE H 180 -31.38 -36.19 34.60
O MSE H 180 -31.87 -35.49 33.71
CB MSE H 180 -30.80 -35.00 36.74
CG MSE H 180 -31.27 -34.72 38.15
SE MSE H 180 -30.07 -33.39 38.97
CE MSE H 180 -29.13 -34.52 40.28
N TRP H 181 -30.48 -37.16 34.37
CA TRP H 181 -30.16 -37.63 33.03
C TRP H 181 -31.39 -37.69 32.20
N MSE H 182 -32.42 -38.29 32.76
CA MSE H 182 -33.60 -38.63 32.01
C MSE H 182 -34.59 -37.50 32.03
O MSE H 182 -35.03 -37.06 30.96
CB MSE H 182 -34.21 -39.88 32.63
CG MSE H 182 -33.42 -41.13 32.30
SE MSE H 182 -34.26 -42.64 33.24
CE MSE H 182 -35.09 -41.55 34.66
N PHE H 183 -34.95 -37.01 33.23
CA PHE H 183 -36.04 -36.03 33.29
C PHE H 183 -35.64 -34.63 32.80
N ALA H 184 -34.35 -34.33 32.80
CA ALA H 184 -33.85 -33.04 32.35
C ALA H 184 -34.31 -32.81 30.92
N PRO H 185 -33.84 -33.64 29.95
CA PRO H 185 -34.24 -33.48 28.56
C PRO H 185 -35.72 -33.76 28.35
N ALA H 186 -36.25 -34.76 29.04
CA ALA H 186 -37.68 -35.04 28.94
C ALA H 186 -38.47 -33.73 29.10
N ILE H 187 -38.19 -33.00 30.19
CA ILE H 187 -38.91 -31.78 30.54
C ILE H 187 -38.47 -30.54 29.74
N ALA H 188 -37.21 -30.49 29.33
CA ALA H 188 -36.75 -29.41 28.47
C ALA H 188 -37.43 -29.44 27.11
N CYS H 189 -37.80 -30.63 26.65
CA CYS H 189 -38.44 -30.78 25.34
C CYS H 189 -39.93 -30.45 25.42
N GLY H 190 -40.44 -30.33 26.64
CA GLY H 190 -41.84 -30.01 26.84
C GLY H 190 -42.73 -31.19 27.14
N ASN H 191 -42.16 -32.32 27.53
CA ASN H 191 -42.96 -33.45 27.97
C ASN H 191 -43.30 -33.31 29.44
N ALA H 192 -44.10 -34.23 29.96
CA ALA H 192 -44.28 -34.42 31.39
C ALA H 192 -43.73 -35.78 31.72
N PHE H 193 -43.03 -35.87 32.86
CA PHE H 193 -42.22 -37.04 33.17
C PHE H 193 -42.62 -37.73 34.47
N ILE H 194 -42.66 -39.05 34.43
CA ILE H 194 -42.96 -39.84 35.60
C ILE H 194 -41.70 -40.62 35.90
N LEU H 195 -41.23 -40.53 37.14
CA LEU H 195 -39.98 -41.15 37.54
C LEU H 195 -40.27 -42.31 38.50
N LYS H 196 -39.74 -43.49 38.21
CA LYS H 196 -39.81 -44.58 39.20
C LYS H 196 -38.43 -44.94 39.67
N PRO H 197 -37.97 -44.32 40.76
CA PRO H 197 -36.61 -44.53 41.22
C PRO H 197 -36.40 -45.89 41.93
N SER H 198 -35.19 -46.12 42.44
CA SER H 198 -34.95 -47.32 43.24
C SER H 198 -35.36 -47.08 44.67
N GLU H 199 -36.14 -48.01 45.19
CA GLU H 199 -36.71 -47.89 46.53
C GLU H 199 -35.71 -48.28 47.62
N ARG H 200 -34.50 -48.57 47.24
CA ARG H 200 -33.46 -48.69 48.19
C ARG H 200 -33.12 -47.37 48.82
N ASP H 201 -33.11 -46.32 48.02
CA ASP H 201 -32.71 -45.02 48.45
C ASP H 201 -33.55 -43.96 47.82
N PRO H 202 -34.78 -43.82 48.21
CA PRO H 202 -35.71 -43.04 47.41
C PRO H 202 -35.76 -41.58 47.68
N SER H 203 -35.04 -41.11 48.66
CA SER H 203 -35.14 -39.73 49.20
C SER H 203 -34.72 -38.62 48.23
N VAL H 204 -33.61 -38.84 47.51
CA VAL H 204 -33.00 -37.83 46.65
C VAL H 204 -33.95 -37.40 45.56
N PRO H 205 -34.55 -38.37 44.84
CA PRO H 205 -35.53 -38.06 43.82
C PRO H 205 -36.71 -37.23 44.34
N ILE H 206 -37.30 -37.66 45.45
CA ILE H 206 -38.39 -36.92 46.08
C ILE H 206 -38.02 -35.46 46.39
N ARG H 207 -36.81 -35.24 46.90
CA ARG H 207 -36.32 -33.89 47.14
C ARG H 207 -36.04 -33.17 45.82
N LEU H 208 -35.56 -33.93 44.83
CA LEU H 208 -35.29 -33.38 43.51
C LEU H 208 -36.59 -32.88 42.90
N ALA H 209 -37.64 -33.70 43.01
CA ALA H 209 -38.96 -33.33 42.52
C ALA H 209 -39.41 -32.02 43.17
N GLU H 210 -39.28 -31.98 44.49
CA GLU H 210 -39.62 -30.86 45.37
C GLU H 210 -38.91 -29.56 44.98
N LEU H 211 -37.72 -29.71 44.43
CA LEU H 211 -36.86 -28.57 44.15
C LEU H 211 -37.26 -27.96 42.79
N MSE H 212 -37.58 -28.82 41.83
CA MSE H 212 -38.06 -28.42 40.49
C MSE H 212 -39.21 -27.47 40.64
O MSE H 212 -39.18 -26.38 40.07
CB MSE H 212 -38.53 -29.62 39.67
CG MSE H 212 -37.39 -30.41 39.04
SE MSE H 212 -36.37 -29.34 37.72
CE MSE H 212 -37.57 -29.50 36.16
N ILE H 213 -40.24 -27.87 41.40
CA ILE H 213 -41.40 -27.03 41.70
C ILE H 213 -40.92 -25.65 42.11
N GLU H 214 -39.93 -25.64 43.00
CA GLU H 214 -39.43 -24.43 43.61
C GLU H 214 -38.59 -23.58 42.66
N ALA H 215 -38.04 -24.20 41.63
CA ALA H 215 -37.33 -23.47 40.58
C ALA H 215 -38.31 -22.92 39.53
N GLY H 216 -39.61 -23.13 39.77
CA GLY H 216 -40.67 -22.61 38.91
C GLY H 216 -41.29 -23.59 37.91
N LEU H 217 -41.23 -24.89 38.23
CA LEU H 217 -41.83 -25.91 37.37
C LEU H 217 -43.25 -26.26 37.80
N PRO H 218 -44.23 -26.10 36.90
CA PRO H 218 -45.62 -26.44 37.19
C PRO H 218 -45.75 -27.80 37.87
N ALA H 219 -46.69 -27.87 38.81
CA ALA H 219 -47.07 -29.11 39.45
C ALA H 219 -47.46 -30.13 38.38
N GLY H 220 -47.19 -31.40 38.60
CA GLY H 220 -47.71 -32.46 37.74
C GLY H 220 -46.80 -32.79 36.56
N ILE H 221 -45.87 -31.89 36.26
CA ILE H 221 -44.93 -32.16 35.17
C ILE H 221 -43.82 -33.12 35.56
N LEU H 222 -43.34 -33.03 36.80
CA LEU H 222 -42.40 -34.04 37.32
C LEU H 222 -42.90 -34.75 38.57
N ASN H 223 -43.46 -35.94 38.39
CA ASN H 223 -44.00 -36.74 39.47
C ASN H 223 -43.08 -37.90 39.81
N VAL H 224 -42.88 -38.15 41.10
CA VAL H 224 -42.07 -39.28 41.53
C VAL H 224 -42.95 -40.36 42.15
N VAL H 225 -43.15 -41.45 41.43
CA VAL H 225 -43.94 -42.55 41.93
C VAL H 225 -42.99 -43.66 42.37
N ASN H 226 -42.96 -43.93 43.65
CA ASN H 226 -42.06 -44.93 44.21
C ASN H 226 -42.66 -46.31 44.19
N GLY H 227 -41.86 -47.35 44.01
CA GLY H 227 -42.42 -48.69 43.98
C GLY H 227 -41.58 -49.89 43.56
N ASP H 228 -42.27 -50.86 42.99
CA ASP H 228 -41.78 -52.24 42.92
C ASP H 228 -41.59 -52.69 41.48
N LYS H 229 -41.64 -54.01 41.26
CA LYS H 229 -41.86 -54.56 39.92
C LYS H 229 -43.29 -54.21 39.45
N GLY H 230 -44.21 -54.03 40.40
CA GLY H 230 -45.58 -53.65 40.12
C GLY H 230 -45.73 -52.29 39.44
N ALA H 231 -44.92 -51.33 39.91
CA ALA H 231 -44.94 -49.98 39.39
C ALA H 231 -44.38 -49.97 37.98
N VAL H 232 -43.32 -50.76 37.77
CA VAL H 232 -42.69 -50.90 36.48
C VAL H 232 -43.70 -51.49 35.49
N ASP H 233 -44.40 -52.55 35.90
CA ASP H 233 -45.39 -53.13 35.02
C ASP H 233 -46.56 -52.15 34.74
N ALA H 234 -46.96 -51.40 35.77
CA ALA H 234 -47.95 -50.31 35.64
C ALA H 234 -47.54 -49.27 34.59
N ILE H 235 -46.26 -48.89 34.64
CA ILE H 235 -45.73 -47.94 33.71
C ILE H 235 -45.73 -48.58 32.32
N LEU H 236 -45.20 -49.78 32.20
CA LEU H 236 -45.08 -50.36 30.86
C LEU H 236 -46.41 -50.60 30.13
N THR H 237 -47.48 -50.83 30.89
CA THR H 237 -48.75 -51.22 30.32
C THR H 237 -49.74 -50.05 30.23
N HIS H 238 -49.35 -48.90 30.78
CA HIS H 238 -50.20 -47.71 30.70
C HIS H 238 -50.17 -47.01 29.36
N PRO H 239 -51.36 -46.87 28.74
CA PRO H 239 -51.50 -46.34 27.37
C PRO H 239 -51.17 -44.87 27.21
N ASP H 240 -51.17 -44.10 28.30
CA ASP H 240 -50.97 -42.65 28.17
C ASP H 240 -49.49 -42.22 28.29
N ILE H 241 -48.64 -43.17 28.71
CA ILE H 241 -47.19 -43.00 28.66
C ILE H 241 -46.62 -43.41 27.29
N ALA H 242 -45.87 -42.52 26.66
CA ALA H 242 -45.44 -42.75 25.29
C ALA H 242 -43.98 -43.25 25.11
N ALA H 243 -43.20 -43.17 26.19
CA ALA H 243 -41.74 -43.39 26.09
C ALA H 243 -41.11 -43.77 27.43
N VAL H 244 -40.28 -44.80 27.41
CA VAL H 244 -39.75 -45.34 28.66
C VAL H 244 -38.22 -45.37 28.68
N SER H 245 -37.64 -44.80 29.73
CA SER H 245 -36.19 -44.85 29.84
C SER H 245 -35.86 -45.68 31.03
N PHE H 246 -34.86 -46.55 30.90
CA PHE H 246 -34.49 -47.49 31.96
C PHE H 246 -32.98 -47.61 32.07
N VAL H 247 -32.45 -47.58 33.29
CA VAL H 247 -31.05 -47.96 33.52
C VAL H 247 -31.08 -48.96 34.66
N GLY H 248 -30.24 -49.98 34.57
CA GLY H 248 -30.30 -51.12 35.47
C GLY H 248 -29.51 -52.31 34.96
N SER H 249 -29.87 -53.51 35.43
CA SER H 249 -29.19 -54.73 34.97
C SER H 249 -29.73 -55.20 33.62
N THR H 250 -28.84 -55.74 32.78
CA THR H 250 -29.20 -56.36 31.50
C THR H 250 -30.49 -57.18 31.56
N PRO H 251 -30.51 -58.23 32.40
CA PRO H 251 -31.67 -59.12 32.37
C PRO H 251 -32.99 -58.34 32.47
N ILE H 252 -33.03 -57.34 33.35
CA ILE H 252 -34.20 -56.45 33.52
C ILE H 252 -34.35 -55.45 32.36
N ALA H 253 -33.22 -54.91 31.90
CA ALA H 253 -33.19 -53.98 30.77
C ALA H 253 -33.92 -54.59 29.59
N ARG H 254 -33.49 -55.80 29.22
CA ARG H 254 -34.00 -56.55 28.11
C ARG H 254 -35.47 -56.87 28.28
N TYR H 255 -35.85 -57.13 29.54
CA TYR H 255 -37.25 -57.32 29.90
C TYR H 255 -38.03 -56.06 29.59
N VAL H 256 -37.64 -54.97 30.24
CA VAL H 256 -38.32 -53.69 30.14
C VAL H 256 -38.33 -53.18 28.68
N TYR H 257 -37.26 -53.46 27.92
CA TYR H 257 -37.19 -52.97 26.56
C TYR H 257 -38.20 -53.73 25.72
N GLY H 258 -38.22 -55.05 25.88
CA GLY H 258 -39.13 -55.88 25.11
C GLY H 258 -40.56 -55.51 25.37
N THR H 259 -40.91 -55.40 26.65
CA THR H 259 -42.26 -55.20 27.11
C THR H 259 -42.79 -53.86 26.61
N ALA H 260 -41.94 -52.83 26.72
CA ALA H 260 -42.27 -51.48 26.27
C ALA H 260 -42.63 -51.49 24.80
N ALA H 261 -41.82 -52.18 23.99
CA ALA H 261 -42.06 -52.28 22.54
C ALA H 261 -43.40 -52.92 22.19
N MSE H 262 -43.81 -53.87 23.02
CA MSE H 262 -45.00 -54.67 22.77
C MSE H 262 -46.19 -53.96 23.27
O MSE H 262 -47.30 -54.43 23.10
CB MSE H 262 -44.88 -55.98 23.53
CG MSE H 262 -45.45 -57.07 22.64
SE MSE H 262 -44.28 -58.64 22.79
CE MSE H 262 -44.47 -59.02 24.72
N ASN H 263 -45.96 -52.84 23.91
CA ASN H 263 -47.03 -51.92 24.24
C ASN H 263 -46.90 -50.70 23.36
N GLY H 264 -46.15 -50.84 22.27
CA GLY H 264 -46.02 -49.79 21.27
C GLY H 264 -45.29 -48.51 21.64
N LYS H 265 -44.58 -48.52 22.77
CA LYS H 265 -43.80 -47.36 23.22
C LYS H 265 -42.42 -47.34 22.58
N ARG H 266 -41.78 -46.18 22.58
CA ARG H 266 -40.38 -46.14 22.19
C ARG H 266 -39.65 -46.37 23.49
N ALA H 267 -38.42 -46.87 23.44
CA ALA H 267 -37.70 -47.24 24.64
C ALA H 267 -36.20 -47.09 24.49
N GLN H 268 -35.55 -46.76 25.59
CA GLN H 268 -34.10 -46.82 25.65
C GLN H 268 -33.71 -47.44 26.98
N CYS H 269 -32.94 -48.53 26.91
CA CYS H 269 -32.52 -49.25 28.12
C CYS H 269 -31.01 -49.48 28.17
N PHE H 270 -30.41 -49.10 29.29
CA PHE H 270 -28.98 -49.19 29.45
C PHE H 270 -28.68 -50.24 30.53
N GLY H 271 -27.85 -51.22 30.15
CA GLY H 271 -27.67 -52.43 30.95
C GLY H 271 -26.35 -52.56 31.69
N GLY H 272 -25.97 -53.80 31.99
CA GLY H 272 -24.77 -54.10 32.79
C GLY H 272 -23.42 -53.88 32.11
N ALA H 273 -22.37 -54.39 32.72
CA ALA H 273 -21.01 -54.16 32.22
C ALA H 273 -20.00 -55.03 32.91
N LYS H 274 -18.93 -55.34 32.19
CA LYS H 274 -17.71 -55.86 32.79
C LYS H 274 -16.58 -55.17 32.05
N ASN H 275 -16.17 -54.03 32.61
CA ASN H 275 -15.19 -53.15 32.00
C ASN H 275 -13.77 -53.63 32.16
N HIS H 276 -13.06 -53.71 31.04
CA HIS H 276 -11.63 -54.06 31.03
C HIS H 276 -10.79 -52.81 30.97
N MSE H 277 -9.66 -52.83 31.67
CA MSE H 277 -8.59 -51.83 31.45
C MSE H 277 -7.42 -52.58 30.88
O MSE H 277 -6.97 -53.59 31.45
CB MSE H 277 -8.13 -51.11 32.72
CG MSE H 277 -6.99 -50.11 32.43
SE MSE H 277 -6.41 -48.98 33.97
CE MSE H 277 -8.18 -48.47 34.63
N ILE H 278 -6.89 -52.11 29.76
CA ILE H 278 -5.71 -52.72 29.12
C ILE H 278 -4.46 -51.87 29.36
N ILE H 279 -3.49 -52.43 30.08
CA ILE H 279 -2.26 -51.69 30.38
C ILE H 279 -1.11 -52.14 29.49
N MSE H 280 -0.92 -51.39 28.41
CA MSE H 280 0.20 -51.59 27.47
C MSE H 280 1.56 -51.48 28.16
O MSE H 280 1.69 -50.76 29.15
CB MSE H 280 -0.03 -50.52 26.40
CG MSE H 280 0.28 -50.96 24.98
SE MSE H 280 -0.72 -52.58 24.49
CE MSE H 280 0.67 -53.41 23.36
N PRO H 281 2.57 -52.21 27.66
CA PRO H 281 3.92 -52.24 28.29
C PRO H 281 4.61 -50.90 28.39
N ASP H 282 4.18 -49.96 27.57
CA ASP H 282 4.82 -48.67 27.50
C ASP H 282 4.12 -47.62 28.35
N ALA H 283 3.07 -48.02 29.08
CA ALA H 283 2.26 -47.07 29.85
C ALA H 283 2.97 -46.56 31.11
N ASP H 284 2.46 -45.45 31.66
CA ASP H 284 2.90 -45.01 32.96
C ASP H 284 2.28 -45.96 33.93
N LEU H 285 3.12 -46.65 34.70
CA LEU H 285 2.61 -47.72 35.54
C LEU H 285 2.11 -47.23 36.88
N ASP H 286 2.59 -46.07 37.31
CA ASP H 286 2.02 -45.45 38.50
C ASP H 286 0.59 -45.07 38.17
N GLN H 287 0.41 -44.20 37.18
CA GLN H 287 -0.88 -43.60 36.93
C GLN H 287 -1.97 -44.62 36.64
N ALA H 288 -1.57 -45.72 36.02
CA ALA H 288 -2.45 -46.86 35.77
C ALA H 288 -2.98 -47.53 37.06
N ALA H 289 -2.05 -47.90 37.93
CA ALA H 289 -2.38 -48.49 39.23
C ALA H 289 -3.35 -47.66 40.08
N ASN H 290 -3.06 -46.35 40.22
CA ASN H 290 -3.92 -45.44 41.01
C ASN H 290 -5.27 -45.34 40.36
N ALA H 291 -5.28 -45.31 39.03
CA ALA H 291 -6.50 -45.29 38.28
C ALA H 291 -7.27 -46.58 38.55
N LEU H 292 -6.57 -47.72 38.51
CA LEU H 292 -7.19 -49.00 38.81
C LEU H 292 -7.73 -49.10 40.22
N ILE H 293 -7.04 -48.51 41.20
CA ILE H 293 -7.56 -48.44 42.58
C ILE H 293 -8.78 -47.52 42.66
N GLY H 294 -8.66 -46.35 42.06
CA GLY H 294 -9.76 -45.43 42.01
C GLY H 294 -10.97 -46.06 41.34
N ALA H 295 -10.78 -46.60 40.14
CA ALA H 295 -11.89 -47.08 39.30
C ALA H 295 -12.37 -48.46 39.70
N GLY H 296 -11.51 -49.20 40.38
CA GLY H 296 -11.79 -50.58 40.64
C GLY H 296 -12.60 -50.66 41.90
N TYR H 297 -12.33 -49.72 42.81
CA TYR H 297 -12.83 -49.81 44.17
C TYR H 297 -13.70 -48.64 44.58
N GLY H 298 -14.01 -47.77 43.62
CA GLY H 298 -14.63 -46.47 43.83
C GLY H 298 -15.80 -46.44 44.79
N SER H 299 -16.98 -46.82 44.30
CA SER H 299 -18.14 -46.81 45.17
C SER H 299 -18.40 -48.20 45.74
N ALA H 300 -17.31 -48.83 46.19
CA ALA H 300 -17.28 -50.26 46.51
C ALA H 300 -17.51 -51.09 45.27
N GLY H 301 -17.16 -50.53 44.11
CA GLY H 301 -17.31 -51.21 42.83
C GLY H 301 -18.74 -51.18 42.33
N GLU H 302 -19.60 -50.48 43.06
CA GLU H 302 -21.01 -50.43 42.72
C GLU H 302 -21.31 -49.45 41.56
N ARG H 303 -20.63 -49.62 40.43
CA ARG H 303 -20.83 -48.77 39.24
C ARG H 303 -20.94 -49.59 37.95
N CYS H 304 -21.68 -49.06 36.98
CA CYS H 304 -21.74 -49.68 35.67
C CYS H 304 -20.50 -49.31 34.87
N MSE H 305 -19.62 -48.52 35.46
CA MSE H 305 -18.45 -48.11 34.79
C MSE H 305 -17.33 -48.24 35.74
O MSE H 305 -16.51 -47.37 35.87
CB MSE H 305 -18.58 -46.67 34.35
CG MSE H 305 -19.66 -46.54 33.29
SE MSE H 305 -18.99 -46.88 31.51
CE MSE H 305 -20.35 -48.13 31.01
N ALA H 306 -17.26 -49.37 36.41
CA ALA H 306 -16.11 -49.69 37.18
C ALA H 306 -15.35 -50.75 36.45
N ILE H 307 -14.04 -50.60 36.49
CA ILE H 307 -13.08 -51.55 36.02
C ILE H 307 -13.15 -52.82 36.86
N SER H 308 -13.60 -53.88 36.23
CA SER H 308 -13.85 -55.12 36.85
C SER H 308 -12.63 -55.97 36.60
N VAL H 309 -12.08 -55.77 35.43
CA VAL H 309 -10.94 -56.52 34.89
C VAL H 309 -9.78 -55.63 34.43
N ALA H 310 -8.57 -55.95 34.89
CA ALA H 310 -7.38 -55.31 34.39
C ALA H 310 -6.66 -56.33 33.52
N VAL H 311 -6.32 -55.91 32.30
CA VAL H 311 -5.59 -56.76 31.36
C VAL H 311 -4.19 -56.16 31.09
N PRO H 312 -3.19 -56.61 31.87
CA PRO H 312 -1.83 -56.15 31.61
C PRO H 312 -1.19 -57.05 30.57
N VAL H 313 -0.97 -56.50 29.39
CA VAL H 313 -0.32 -57.22 28.32
C VAL H 313 1.18 -57.30 28.60
N GLY H 314 1.70 -58.52 28.66
CA GLY H 314 3.13 -58.74 28.88
C GLY H 314 3.39 -59.26 30.27
N GLU H 315 4.33 -60.21 30.36
CA GLU H 315 4.68 -60.88 31.60
C GLU H 315 5.20 -59.90 32.64
N GLU H 316 6.14 -59.07 32.21
CA GLU H 316 6.82 -58.13 33.09
C GLU H 316 5.84 -57.09 33.62
N THR H 317 5.01 -56.57 32.71
CA THR H 317 4.02 -55.55 33.01
C THR H 317 3.10 -56.05 34.12
N ALA H 318 2.70 -57.32 34.01
CA ALA H 318 1.83 -57.99 34.98
C ALA H 318 2.41 -57.98 36.40
N ASN H 319 3.55 -58.65 36.61
CA ASN H 319 4.21 -58.70 37.92
C ASN H 319 4.26 -57.33 38.61
N ARG H 320 4.87 -56.36 37.94
CA ARG H 320 5.01 -55.00 38.47
C ARG H 320 3.68 -54.32 38.79
N LEU H 321 2.66 -54.55 37.96
CA LEU H 321 1.32 -54.07 38.24
C LEU H 321 0.82 -54.62 39.58
N ILE H 322 0.72 -55.94 39.71
CA ILE H 322 0.29 -56.55 40.99
C ILE H 322 1.21 -56.21 42.17
N ASP H 323 2.42 -55.71 41.92
CA ASP H 323 3.28 -55.27 43.02
C ASP H 323 2.89 -53.89 43.50
N LYS H 324 2.62 -52.99 42.56
CA LYS H 324 2.09 -51.65 42.86
C LYS H 324 0.65 -51.71 43.39
N LEU H 325 -0.07 -52.77 43.02
CA LEU H 325 -1.49 -52.90 43.34
C LEU H 325 -1.78 -53.42 44.76
N VAL H 326 -1.22 -54.54 45.17
CA VAL H 326 -1.62 -55.09 46.45
C VAL H 326 -1.39 -54.28 47.70
N PRO H 327 -0.38 -53.45 47.77
CA PRO H 327 -0.31 -52.50 48.88
C PRO H 327 -1.49 -51.52 48.93
N MSE H 328 -1.80 -50.93 47.78
CA MSE H 328 -2.88 -49.95 47.68
C MSE H 328 -4.24 -50.53 47.94
O MSE H 328 -5.09 -49.82 48.46
CB MSE H 328 -2.91 -49.42 46.26
CG MSE H 328 -1.54 -48.94 45.80
SE MSE H 328 -1.91 -47.38 44.66
CE MSE H 328 -2.21 -46.10 46.14
N VAL H 329 -4.48 -51.79 47.57
CA VAL H 329 -5.76 -52.45 47.84
C VAL H 329 -5.91 -52.79 49.31
N GLU H 330 -4.79 -53.20 49.93
CA GLU H 330 -4.79 -53.56 51.35
C GLU H 330 -5.04 -52.32 52.21
N SER H 331 -4.37 -51.22 51.87
CA SER H 331 -4.41 -49.99 52.66
C SER H 331 -5.60 -49.05 52.36
N LEU H 332 -6.56 -49.51 51.54
CA LEU H 332 -7.82 -48.79 51.32
C LEU H 332 -8.50 -48.47 52.66
N ARG H 333 -9.01 -47.25 52.81
CA ARG H 333 -9.76 -46.86 54.02
C ARG H 333 -11.26 -47.17 53.88
N ILE H 334 -11.81 -47.89 54.87
CA ILE H 334 -13.19 -48.36 54.79
C ILE H 334 -13.99 -47.91 56.02
N GLY H 335 -15.05 -47.15 55.80
CA GLY H 335 -15.89 -46.70 56.89
C GLY H 335 -17.22 -46.17 56.37
N PRO H 336 -18.04 -45.60 57.26
CA PRO H 336 -19.36 -45.01 56.96
C PRO H 336 -19.23 -43.70 56.18
N TYR H 337 -20.32 -43.19 55.61
CA TYR H 337 -20.32 -41.88 54.93
C TYR H 337 -20.00 -40.79 55.95
N THR H 338 -20.06 -41.21 57.21
CA THR H 338 -19.84 -40.40 58.39
C THR H 338 -18.36 -40.07 58.54
N ASP H 339 -17.53 -41.10 58.46
CA ASP H 339 -16.06 -41.02 58.46
C ASP H 339 -15.62 -40.31 57.20
N GLU H 340 -15.23 -39.05 57.33
CA GLU H 340 -14.84 -38.22 56.19
C GLU H 340 -13.52 -38.65 55.54
N LYS H 341 -12.75 -39.47 56.24
CA LYS H 341 -11.43 -39.91 55.76
C LYS H 341 -11.49 -41.14 54.81
N ALA H 342 -12.60 -41.89 54.87
CA ALA H 342 -12.77 -43.13 54.08
C ALA H 342 -12.62 -42.96 52.56
N ASP H 343 -12.24 -44.04 51.89
CA ASP H 343 -12.16 -44.04 50.44
C ASP H 343 -13.35 -44.78 49.85
N MSE H 344 -13.82 -45.81 50.58
CA MSE H 344 -14.94 -46.62 50.14
C MSE H 344 -15.76 -47.00 51.35
O MSE H 344 -15.23 -47.17 52.47
CB MSE H 344 -14.33 -47.81 49.40
CG MSE H 344 -15.21 -49.04 49.22
SE MSE H 344 -14.07 -50.59 48.76
CE MSE H 344 -14.21 -51.53 50.48
N GLY H 345 -17.07 -47.12 51.15
CA GLY H 345 -17.99 -47.55 52.21
C GLY H 345 -18.61 -48.90 51.89
N PRO H 346 -19.74 -49.22 52.54
CA PRO H 346 -20.38 -50.56 52.43
C PRO H 346 -21.15 -50.70 51.12
N VAL H 347 -21.61 -51.92 50.81
CA VAL H 347 -22.53 -52.11 49.67
C VAL H 347 -23.99 -51.88 50.11
N VAL H 348 -24.93 -51.93 49.19
CA VAL H 348 -26.30 -51.49 49.48
C VAL H 348 -27.13 -52.41 50.32
N THR H 349 -27.12 -53.71 50.02
CA THR H 349 -28.00 -54.62 50.77
C THR H 349 -27.32 -55.88 51.24
N LYS H 350 -27.90 -56.49 52.26
CA LYS H 350 -27.44 -57.78 52.73
C LYS H 350 -27.47 -58.78 51.57
N GLU H 351 -28.57 -58.80 50.81
CA GLU H 351 -28.71 -59.79 49.75
C GLU H 351 -27.71 -59.49 48.67
N ALA H 352 -27.44 -58.21 48.45
CA ALA H 352 -26.34 -57.77 47.57
C ALA H 352 -24.99 -58.22 48.10
N GLU H 353 -24.81 -58.10 49.42
CA GLU H 353 -23.55 -58.43 50.07
C GLU H 353 -23.20 -59.91 49.92
N GLN H 354 -24.19 -60.80 50.05
CA GLN H 354 -23.97 -62.25 49.93
C GLN H 354 -23.81 -62.69 48.47
N ARG H 355 -24.37 -61.91 47.54
CA ARG H 355 -24.14 -62.14 46.10
C ARG H 355 -22.65 -62.03 45.74
N ILE H 356 -22.01 -60.96 46.22
CA ILE H 356 -20.56 -60.71 46.06
C ILE H 356 -19.72 -61.77 46.79
N ARG H 357 -19.99 -62.00 48.07
CA ARG H 357 -19.21 -62.96 48.84
C ARG H 357 -19.19 -64.34 48.18
N SER H 358 -20.34 -64.71 47.61
CA SER H 358 -20.54 -65.99 46.94
C SER H 358 -19.70 -66.06 45.66
N LEU H 359 -19.68 -64.93 44.95
CA LEU H 359 -18.86 -64.74 43.76
C LEU H 359 -17.39 -64.85 44.09
N ILE H 360 -16.96 -64.20 45.17
CA ILE H 360 -15.55 -64.22 45.58
C ILE H 360 -15.11 -65.68 45.81
N ASP H 361 -15.99 -66.48 46.39
CA ASP H 361 -15.67 -67.86 46.71
C ASP H 361 -15.52 -68.73 45.47
N SER H 362 -16.35 -68.53 44.47
CA SER H 362 -16.26 -69.31 43.25
C SER H 362 -14.90 -69.13 42.54
N GLY H 363 -14.37 -67.90 42.54
CA GLY H 363 -13.07 -67.63 41.93
C GLY H 363 -11.88 -68.26 42.65
N ILE H 364 -11.94 -68.25 43.98
CA ILE H 364 -11.05 -69.06 44.84
C ILE H 364 -11.13 -70.53 44.44
N GLU H 365 -12.36 -71.03 44.35
CA GLU H 365 -12.66 -72.43 44.04
C GLU H 365 -12.40 -72.79 42.56
N GLN H 366 -12.40 -71.78 41.68
CA GLN H 366 -12.13 -72.01 40.26
C GLN H 366 -10.64 -71.86 39.88
N GLY H 367 -9.82 -71.55 40.88
CA GLY H 367 -8.39 -71.68 40.73
C GLY H 367 -7.69 -70.40 40.39
N ALA H 368 -8.40 -69.28 40.51
CA ALA H 368 -7.77 -67.97 40.46
C ALA H 368 -7.05 -67.72 41.80
N LYS H 369 -6.11 -66.78 41.80
CA LYS H 369 -5.23 -66.55 42.93
C LYS H 369 -5.63 -65.29 43.70
N LEU H 370 -6.15 -65.45 44.92
CA LEU H 370 -6.53 -64.29 45.74
C LEU H 370 -5.32 -63.59 46.39
N VAL H 371 -4.74 -62.60 45.71
CA VAL H 371 -3.57 -61.87 46.22
C VAL H 371 -3.93 -60.88 47.32
N VAL H 372 -5.12 -60.29 47.24
CA VAL H 372 -5.67 -59.53 48.37
C VAL H 372 -7.03 -60.07 48.74
N ASP H 373 -7.11 -60.68 49.93
CA ASP H 373 -8.34 -61.24 50.51
C ASP H 373 -9.02 -60.24 51.47
N GLY H 374 -10.21 -59.76 51.11
CA GLY H 374 -10.89 -58.78 51.95
C GLY H 374 -12.16 -59.29 52.64
N ARG H 375 -12.27 -60.61 52.71
CA ARG H 375 -13.43 -61.25 53.32
C ARG H 375 -13.35 -61.11 54.84
N ASP H 376 -12.18 -61.38 55.40
CA ASP H 376 -11.92 -61.24 56.85
C ASP H 376 -12.49 -59.96 57.45
N PHE H 377 -12.49 -58.90 56.66
CA PHE H 377 -12.71 -57.54 57.15
C PHE H 377 -13.96 -57.38 58.02
N LYS H 378 -13.74 -56.98 59.26
CA LYS H 378 -14.85 -56.65 60.17
C LYS H 378 -14.58 -55.30 60.81
N LEU H 379 -15.46 -54.33 60.57
CA LEU H 379 -15.26 -52.99 61.12
C LEU H 379 -15.88 -52.86 62.49
N GLN H 380 -15.02 -52.73 63.50
CA GLN H 380 -15.43 -52.48 64.89
C GLN H 380 -16.52 -51.40 64.99
N GLY H 381 -17.65 -51.75 65.60
CA GLY H 381 -18.74 -50.81 65.82
C GLY H 381 -19.75 -50.69 64.70
N TYR H 382 -19.58 -51.47 63.64
CA TYR H 382 -20.56 -51.54 62.56
C TYR H 382 -20.66 -52.99 62.13
N GLU H 383 -20.58 -53.87 63.12
CA GLU H 383 -20.36 -55.29 62.91
C GLU H 383 -21.34 -55.99 61.94
N ASN H 384 -22.50 -55.38 61.69
CA ASN H 384 -23.40 -55.90 60.64
C ASN H 384 -23.83 -54.86 59.59
N GLY H 385 -22.89 -53.99 59.26
CA GLY H 385 -22.99 -53.17 58.06
C GLY H 385 -22.56 -54.01 56.87
N HIS H 386 -22.92 -53.57 55.68
CA HIS H 386 -22.67 -54.35 54.49
C HIS H 386 -21.27 -54.17 53.91
N PHE H 387 -20.27 -54.23 54.80
CA PHE H 387 -18.86 -53.93 54.47
C PHE H 387 -18.12 -55.15 53.93
N ILE H 388 -17.39 -54.97 52.83
CA ILE H 388 -16.43 -55.99 52.35
C ILE H 388 -15.07 -55.33 52.18
N GLY H 389 -14.02 -56.05 52.55
CA GLY H 389 -12.67 -55.56 52.26
C GLY H 389 -12.37 -55.73 50.79
N GLY H 390 -11.56 -54.83 50.23
CA GLY H 390 -11.07 -54.99 48.87
C GLY H 390 -10.56 -56.39 48.56
N CYS H 391 -10.97 -56.93 47.41
CA CYS H 391 -10.41 -58.20 46.91
C CYS H 391 -9.78 -57.97 45.56
N LEU H 392 -8.63 -58.61 45.34
CA LEU H 392 -7.88 -58.49 44.09
C LEU H 392 -7.47 -59.88 43.65
N PHE H 393 -7.89 -60.26 42.44
CA PHE H 393 -7.57 -61.59 41.94
C PHE H 393 -6.48 -61.51 40.88
N ASP H 394 -5.66 -62.55 40.83
CA ASP H 394 -4.61 -62.70 39.82
C ASP H 394 -4.76 -64.07 39.14
N ASP H 395 -4.31 -64.13 37.90
CA ASP H 395 -4.45 -65.33 37.09
C ASP H 395 -5.91 -65.76 36.92
N VAL H 396 -6.76 -64.79 36.62
CA VAL H 396 -8.17 -65.04 36.31
C VAL H 396 -8.25 -65.34 34.82
N THR H 397 -9.16 -66.20 34.40
CA THR H 397 -9.30 -66.52 32.97
C THR H 397 -10.75 -66.44 32.45
N PRO H 398 -10.94 -66.43 31.13
CA PRO H 398 -12.23 -66.21 30.45
C PRO H 398 -13.38 -67.13 30.84
N ASP H 399 -13.10 -68.37 31.19
CA ASP H 399 -14.19 -69.29 31.56
C ASP H 399 -14.51 -69.32 33.06
N MSE H 400 -14.01 -68.34 33.80
CA MSE H 400 -14.33 -68.21 35.22
C MSE H 400 -15.47 -67.27 35.41
O MSE H 400 -15.52 -66.21 34.78
CB MSE H 400 -13.12 -67.60 35.90
CG MSE H 400 -11.89 -68.49 35.75
SE MSE H 400 -10.67 -68.10 37.24
CE MSE H 400 -12.01 -67.28 38.42
N ASP H 401 -16.37 -67.62 36.33
CA ASP H 401 -17.56 -66.82 36.66
C ASP H 401 -17.21 -65.44 37.19
N ILE H 402 -16.20 -65.39 38.04
CA ILE H 402 -15.61 -64.14 38.47
C ILE H 402 -15.39 -63.17 37.29
N TYR H 403 -15.08 -63.70 36.10
CA TYR H 403 -14.74 -62.88 34.93
C TYR H 403 -15.92 -62.65 33.97
N LYS H 404 -16.81 -63.63 33.89
CA LYS H 404 -17.99 -63.58 33.02
C LYS H 404 -19.16 -62.79 33.61
N THR H 405 -19.31 -62.90 34.94
CA THR H 405 -20.44 -62.32 35.68
C THR H 405 -20.11 -60.96 36.29
N GLU H 406 -21.07 -60.04 36.28
CA GLU H 406 -20.83 -58.67 36.73
C GLU H 406 -20.87 -58.57 38.25
N ILE H 407 -19.70 -58.54 38.87
CA ILE H 407 -19.59 -58.71 40.33
C ILE H 407 -20.30 -57.63 41.16
N PHE H 408 -20.10 -56.36 40.76
CA PHE H 408 -20.75 -55.16 41.35
C PHE H 408 -20.33 -54.85 42.78
N GLY H 409 -19.09 -55.22 43.09
CA GLY H 409 -18.52 -55.09 44.44
C GLY H 409 -17.03 -54.82 44.35
N PRO H 410 -16.35 -54.78 45.50
CA PRO H 410 -14.97 -54.36 45.51
C PRO H 410 -14.03 -55.54 45.21
N VAL H 411 -14.23 -56.14 44.03
CA VAL H 411 -13.44 -57.25 43.53
C VAL H 411 -12.90 -56.89 42.15
N LEU H 412 -11.58 -56.82 42.02
CA LEU H 412 -10.94 -56.57 40.72
C LEU H 412 -10.17 -57.81 40.26
N SER H 413 -10.41 -58.23 39.02
CA SER H 413 -9.76 -59.43 38.46
C SER H 413 -8.63 -59.09 37.48
N VAL H 414 -7.45 -59.67 37.66
CA VAL H 414 -6.37 -59.45 36.68
C VAL H 414 -6.33 -60.60 35.67
N VAL H 415 -6.28 -60.27 34.39
CA VAL H 415 -6.19 -61.31 33.38
C VAL H 415 -4.95 -61.07 32.54
N ARG H 416 -3.99 -61.97 32.68
CA ARG H 416 -2.68 -61.84 32.06
C ARG H 416 -2.71 -62.17 30.57
N ALA H 417 -2.69 -61.12 29.75
CA ALA H 417 -2.63 -61.22 28.29
C ALA H 417 -1.21 -61.10 27.78
N ARG H 418 -0.85 -62.02 26.89
CA ARG H 418 0.50 -62.15 26.34
C ARG H 418 0.88 -61.00 25.41
N ASN H 419 -0.08 -60.55 24.60
CA ASN H 419 0.15 -59.55 23.54
C ASN H 419 -1.08 -58.70 23.24
N TYR H 420 -0.92 -57.70 22.39
CA TYR H 420 -2.00 -56.73 22.08
C TYR H 420 -3.28 -57.39 21.55
N GLU H 421 -3.16 -58.16 20.47
CA GLU H 421 -4.33 -58.78 19.85
C GLU H 421 -5.15 -59.61 20.85
N GLU H 422 -4.43 -60.40 21.68
CA GLU H 422 -5.01 -61.22 22.76
C GLU H 422 -5.62 -60.36 23.88
N ALA H 423 -4.98 -59.24 24.19
CA ALA H 423 -5.52 -58.32 25.19
C ALA H 423 -6.83 -57.76 24.66
N LEU H 424 -6.82 -57.21 23.45
CA LEU H 424 -8.02 -56.60 22.88
C LEU H 424 -9.12 -57.63 22.67
N SER H 425 -8.77 -58.85 22.26
CA SER H 425 -9.74 -59.93 22.11
C SER H 425 -10.62 -60.10 23.36
N LEU H 426 -10.05 -59.95 24.56
CA LEU H 426 -10.82 -60.14 25.78
C LEU H 426 -12.06 -59.24 25.83
N PRO H 427 -11.88 -57.90 25.91
CA PRO H 427 -13.10 -57.11 25.95
C PRO H 427 -13.95 -57.25 24.68
N MSE H 428 -13.32 -57.66 23.57
CA MSE H 428 -14.06 -57.77 22.30
C MSE H 428 -15.11 -58.83 22.46
O MSE H 428 -16.30 -58.59 22.23
CB MSE H 428 -13.13 -58.11 21.14
CG MSE H 428 -13.83 -57.93 19.79
SE MSE H 428 -13.61 -56.10 19.05
CE MSE H 428 -14.40 -56.58 17.30
N LYS H 429 -14.65 -60.00 22.92
CA LYS H 429 -15.46 -61.22 23.07
C LYS H 429 -16.48 -61.22 24.21
N HIS H 430 -16.33 -60.33 25.21
CA HIS H 430 -17.19 -60.40 26.40
C HIS H 430 -18.57 -59.88 26.19
N GLU H 431 -19.58 -60.62 26.64
CA GLU H 431 -20.97 -60.28 26.31
C GLU H 431 -21.36 -58.83 26.67
N TYR H 432 -20.65 -58.18 27.60
CA TYR H 432 -20.93 -56.79 27.93
C TYR H 432 -20.04 -55.86 27.17
N GLY H 433 -20.53 -54.67 26.88
CA GLY H 433 -19.77 -53.72 26.04
C GLY H 433 -20.10 -52.28 26.30
N ASN H 434 -19.95 -51.87 27.55
CA ASN H 434 -20.36 -50.57 28.03
C ASN H 434 -19.16 -49.66 28.04
N GLY H 435 -18.13 -50.00 28.81
CA GLY H 435 -16.95 -49.17 28.93
C GLY H 435 -15.66 -49.97 28.82
N VAL H 436 -14.62 -49.33 28.30
CA VAL H 436 -13.32 -49.94 28.13
C VAL H 436 -12.26 -48.84 28.11
N ALA H 437 -11.02 -49.19 28.41
CA ALA H 437 -9.97 -48.21 28.47
C ALA H 437 -8.67 -48.83 27.97
N ILE H 438 -7.75 -47.99 27.53
CA ILE H 438 -6.41 -48.48 27.21
C ILE H 438 -5.37 -47.47 27.70
N TYR H 439 -4.33 -48.00 28.33
CA TYR H 439 -3.24 -47.19 28.83
C TYR H 439 -2.01 -47.48 28.00
N THR H 440 -1.49 -46.43 27.36
CA THR H 440 -0.36 -46.54 26.44
C THR H 440 0.15 -45.15 26.03
N ARG H 441 1.37 -45.12 25.52
CA ARG H 441 1.88 -43.90 24.93
C ARG H 441 1.95 -44.01 23.39
N ASP H 442 1.41 -45.09 22.82
CA ASP H 442 1.66 -45.43 21.41
C ASP H 442 0.78 -44.76 20.35
N GLY H 443 -0.40 -44.28 20.72
CA GLY H 443 -1.21 -43.47 19.78
C GLY H 443 -1.73 -44.23 18.58
N ASP H 444 -0.83 -44.92 17.89
CA ASP H 444 -1.15 -46.06 17.03
C ASP H 444 -1.83 -47.20 17.80
N ALA H 445 -1.29 -47.59 18.95
CA ALA H 445 -1.97 -48.56 19.78
C ALA H 445 -3.36 -48.04 20.12
N ALA H 446 -3.43 -46.79 20.58
CA ALA H 446 -4.67 -46.19 21.03
C ALA H 446 -5.74 -46.12 19.92
N ARG H 447 -5.44 -45.39 18.84
CA ARG H 447 -6.36 -45.22 17.74
C ARG H 447 -6.87 -46.56 17.18
N ASP H 448 -5.98 -47.56 17.13
CA ASP H 448 -6.35 -48.88 16.62
C ASP H 448 -7.39 -49.59 17.50
N PHE H 449 -7.20 -49.45 18.80
CA PHE H 449 -7.98 -50.12 19.82
C PHE H 449 -9.32 -49.44 19.93
N ALA H 450 -9.26 -48.17 20.31
CA ALA H 450 -10.44 -47.34 20.40
C ALA H 450 -11.23 -47.27 19.09
N SER H 451 -10.61 -47.59 17.95
CA SER H 451 -11.38 -47.74 16.70
C SER H 451 -12.09 -49.10 16.57
N ARG H 452 -11.40 -50.22 16.77
CA ARG H 452 -11.95 -51.56 16.46
C ARG H 452 -12.89 -52.12 17.52
N ILE H 453 -12.67 -51.75 18.77
CA ILE H 453 -13.34 -52.36 19.91
C ILE H 453 -14.83 -52.10 19.80
N ASN H 454 -15.63 -53.11 20.13
CA ASN H 454 -17.08 -52.99 20.06
C ASN H 454 -17.64 -52.61 21.43
N ILE H 455 -17.49 -51.34 21.77
CA ILE H 455 -17.82 -50.84 23.11
C ILE H 455 -18.15 -49.35 23.02
N GLY H 456 -19.32 -48.97 23.55
CA GLY H 456 -19.86 -47.63 23.38
C GLY H 456 -18.93 -46.55 23.88
N MSE H 457 -18.25 -46.82 24.98
CA MSE H 457 -17.44 -45.81 25.65
C MSE H 457 -16.03 -46.27 25.83
O MSE H 457 -15.76 -47.28 26.47
CB MSE H 457 -18.09 -45.48 26.99
CG MSE H 457 -19.28 -44.60 26.63
SE MSE H 457 -20.59 -44.44 28.09
CE MSE H 457 -21.34 -46.28 28.10
N VAL H 458 -15.10 -45.50 25.26
CA VAL H 458 -13.71 -45.90 25.23
C VAL H 458 -12.89 -44.80 25.87
N GLY H 459 -12.01 -45.20 26.80
CA GLY H 459 -11.04 -44.29 27.44
C GLY H 459 -9.62 -44.58 27.00
N VAL H 460 -8.84 -43.53 26.78
CA VAL H 460 -7.43 -43.65 26.41
C VAL H 460 -6.63 -42.93 27.49
N ASN H 461 -6.07 -43.72 28.40
CA ASN H 461 -5.49 -43.21 29.65
C ASN H 461 -6.50 -42.41 30.47
N VAL H 462 -7.74 -42.91 30.43
CA VAL H 462 -8.85 -42.43 31.25
C VAL H 462 -9.61 -43.69 31.63
N PRO H 463 -9.70 -43.99 32.93
CA PRO H 463 -10.36 -45.23 33.41
C PRO H 463 -11.89 -45.26 33.36
N ILE H 464 -12.55 -44.13 33.64
CA ILE H 464 -14.01 -44.07 33.61
C ILE H 464 -14.45 -43.07 32.54
N PRO H 465 -14.50 -43.53 31.28
CA PRO H 465 -14.67 -42.64 30.18
C PRO H 465 -16.13 -42.37 29.90
N VAL H 466 -16.90 -42.06 30.96
CA VAL H 466 -18.27 -41.57 30.82
C VAL H 466 -18.24 -40.18 30.21
N PRO H 467 -19.07 -39.96 29.19
CA PRO H 467 -19.07 -38.67 28.53
C PRO H 467 -19.86 -37.65 29.30
N LEU H 468 -19.44 -36.39 29.21
CA LEU H 468 -20.12 -35.28 29.89
C LEU H 468 -21.49 -35.03 29.26
N ALA H 469 -22.32 -34.27 29.97
CA ALA H 469 -23.73 -34.11 29.65
C ALA H 469 -24.00 -33.72 28.20
N TYR H 470 -23.05 -33.03 27.57
CA TYR H 470 -23.26 -32.57 26.21
C TYR H 470 -22.87 -33.57 25.12
N HIS H 471 -22.29 -34.68 25.53
CA HIS H 471 -22.06 -35.81 24.64
C HIS H 471 -23.01 -36.90 25.04
N SER H 472 -22.82 -38.11 24.50
CA SER H 472 -23.85 -39.12 24.65
C SER H 472 -23.32 -40.25 25.46
N PHE H 473 -24.20 -40.89 26.25
CA PHE H 473 -23.85 -42.10 27.03
C PHE H 473 -24.66 -43.36 26.62
N GLY H 474 -23.95 -44.45 26.32
CA GLY H 474 -24.58 -45.72 25.95
C GLY H 474 -23.62 -46.87 25.71
N GLY H 475 -24.04 -48.07 26.06
CA GLY H 475 -23.20 -49.26 25.88
C GLY H 475 -23.43 -49.86 24.51
N TRP H 476 -22.66 -50.90 24.19
CA TRP H 476 -22.91 -51.70 22.98
C TRP H 476 -23.13 -53.11 23.41
N LYS H 477 -23.46 -53.96 22.43
CA LYS H 477 -23.84 -55.34 22.70
C LYS H 477 -24.92 -55.40 23.79
N SER H 478 -24.66 -56.16 24.85
CA SER H 478 -25.67 -56.39 25.87
C SER H 478 -25.85 -55.28 26.88
N SER H 479 -25.14 -54.17 26.71
CA SER H 479 -25.22 -53.15 27.73
C SER H 479 -26.19 -52.02 27.35
N SER H 480 -26.95 -52.18 26.26
CA SER H 480 -27.90 -51.15 25.84
C SER H 480 -28.80 -51.65 24.76
N PHE H 481 -30.05 -51.19 24.82
CA PHE H 481 -31.06 -51.56 23.84
C PHE H 481 -31.71 -50.32 23.30
N GLY H 482 -32.15 -50.39 22.05
CA GLY H 482 -32.70 -49.22 21.38
C GLY H 482 -31.60 -48.49 20.63
N ASP H 483 -31.91 -47.33 20.07
CA ASP H 483 -31.02 -46.71 19.10
C ASP H 483 -30.69 -45.26 19.41
N LEU H 484 -31.01 -44.84 20.63
CA LEU H 484 -30.72 -43.50 21.05
C LEU H 484 -30.08 -43.52 22.40
N ASN H 485 -29.01 -42.74 22.55
CA ASN H 485 -28.26 -42.71 23.79
C ASN H 485 -28.91 -41.91 24.90
N GLN H 486 -28.25 -41.88 26.03
CA GLN H 486 -28.66 -41.17 27.20
C GLN H 486 -28.02 -39.81 27.14
N HIS H 487 -28.63 -38.79 27.70
CA HIS H 487 -28.19 -37.42 27.51
C HIS H 487 -27.64 -37.10 26.16
N GLY H 488 -27.10 -35.93 25.95
CA GLY H 488 -26.61 -35.54 24.65
C GLY H 488 -27.64 -35.00 23.74
N THR H 489 -27.40 -34.93 22.45
CA THR H 489 -28.41 -34.45 21.54
C THR H 489 -29.29 -35.57 21.16
N ASP H 490 -28.84 -36.76 21.44
CA ASP H 490 -29.62 -37.97 21.31
C ASP H 490 -30.87 -37.92 22.17
N SER H 491 -30.75 -37.46 23.40
CA SER H 491 -31.89 -37.46 24.32
C SER H 491 -32.99 -36.52 23.86
N ILE H 492 -32.61 -35.37 23.31
CA ILE H 492 -33.56 -34.44 22.70
C ILE H 492 -34.32 -35.18 21.60
N LYS H 493 -33.58 -36.00 20.85
CA LYS H 493 -34.19 -36.75 19.78
C LYS H 493 -35.19 -37.72 20.38
N PHE H 494 -34.77 -38.38 21.47
CA PHE H 494 -35.59 -39.43 22.09
C PHE H 494 -36.90 -38.91 22.69
N TRP H 495 -36.86 -37.72 23.25
CA TRP H 495 -38.01 -37.14 23.96
C TRP H 495 -38.79 -36.22 23.11
N THR H 496 -38.68 -36.39 21.80
CA THR H 496 -39.25 -35.47 20.89
C THR H 496 -39.78 -36.30 19.75
N ARG H 497 -40.86 -35.84 19.12
CA ARG H 497 -41.30 -36.50 17.88
C ARG H 497 -41.45 -35.49 16.74
N THR H 498 -41.26 -35.98 15.51
CA THR H 498 -41.15 -35.11 14.33
C THR H 498 -42.42 -34.96 13.48
N LYS H 499 -42.80 -33.72 13.26
CA LYS H 499 -43.86 -33.37 12.35
C LYS H 499 -43.13 -32.78 11.16
N THR H 500 -43.62 -33.01 9.94
CA THR H 500 -43.09 -32.32 8.74
C THR H 500 -44.20 -31.67 7.94
N ILE H 501 -43.98 -30.42 7.57
CA ILE H 501 -45.02 -29.64 6.94
C ILE H 501 -44.58 -29.31 5.53
N THR H 502 -45.47 -29.59 4.58
CA THR H 502 -45.28 -29.18 3.18
C THR H 502 -46.29 -28.11 2.81
N SER H 503 -45.80 -26.97 2.33
CA SER H 503 -46.62 -25.76 2.27
C SER H 503 -46.72 -25.13 0.88
N ARG H 504 -47.92 -24.65 0.54
CA ARG H 504 -48.20 -24.15 -0.79
C ARG H 504 -49.31 -23.14 -0.60
N TRP H 505 -49.35 -22.12 -1.47
CA TRP H 505 -50.47 -21.18 -1.46
C TRP H 505 -51.00 -20.90 -2.85
N PRO H 506 -52.34 -21.00 -3.03
CA PRO H 506 -52.88 -20.54 -4.31
C PRO H 506 -52.93 -19.01 -4.36
N SER H 507 -53.09 -18.44 -5.55
CA SER H 507 -53.36 -16.99 -5.63
C SER H 507 -54.42 -16.58 -4.58
N GLY H 508 -54.03 -15.66 -3.70
CA GLY H 508 -54.87 -15.27 -2.56
C GLY H 508 -55.56 -13.93 -2.76
N ILE H 509 -54.87 -12.87 -2.36
CA ILE H 509 -55.43 -11.51 -2.45
C ILE H 509 -54.41 -10.61 -3.19
N LYS H 510 -53.87 -11.12 -4.29
CA LYS H 510 -52.61 -10.62 -4.89
C LYS H 510 -51.47 -10.54 -3.86
#